data_8TP1
#
_entry.id   8TP1
#
_cell.length_a   1.00
_cell.length_b   1.00
_cell.length_c   1.00
_cell.angle_alpha   90.00
_cell.angle_beta   90.00
_cell.angle_gamma   90.00
#
_symmetry.space_group_name_H-M   'P 1'
#
loop_
_entity.id
_entity.type
_entity.pdbx_description
1 polymer 'Mitochondrial chaperone BCS1'
2 non-polymer "ADENOSINE-5'-TRIPHOSPHATE"
3 non-polymer 'MAGNESIUM ION'
#
_entity_poly.entity_id   1
_entity_poly.type   'polypeptide(L)'
_entity_poly.pdbx_seq_one_letter_code
;MPFSDFVLALKDNPYFGAGFGLVGVGTALAMARKGAQLGLVAFRRHYMITLEVPARDRSYAWLLSWLTRHSTRTQHLSVE
TSYLQHESGRISTKFEFIPSPGNHFIWYQGKWIRVERNRDMQMVDLQTGTPWESVTFTALGTDRKVFFNILEEARALALQ
QEEGKTVMYTAVGSEWRTFGYPRRRRPLDSVVLQQGLADRIVKDIREFIDNPKWYIDRGIPYRRGYLLYGPPGCGKSSFI
TALAGELEHSICLLSLTDSSLSDDRLNHLLSVAPQQSLVLLEDVDAAFLSRDLAVENPIKYQGLGRLTFSGLLNALDGVA
STEARIVFMTTNYIDRLDPALIRPGRVDLKEYVGYCSHWQLTQMFQRFYPGQAPSLAENFAEHVLKATSEISPAQVQGYF
MLYKNDPMGAVHNIESLRPRDHHHHHH
;
_entity_poly.pdbx_strand_id   A,B,C,D,E,F,G
#
loop_
_chem_comp.id
_chem_comp.type
_chem_comp.name
_chem_comp.formula
ATP non-polymer ADENOSINE-5'-TRIPHOSPHATE 'C10 H16 N5 O13 P3'
MG non-polymer 'MAGNESIUM ION' 'Mg 2'
#
# COMPACT_ATOMS: atom_id res chain seq x y z
N MET A 1 36.07 56.24 -14.47
CA MET A 1 37.20 55.46 -15.01
C MET A 1 36.77 54.20 -15.79
N PRO A 2 35.76 53.46 -15.31
CA PRO A 2 35.37 52.25 -16.06
C PRO A 2 34.99 52.51 -17.52
N PHE A 3 34.42 53.68 -17.82
CA PHE A 3 34.06 53.99 -19.19
C PHE A 3 35.29 54.32 -20.03
N SER A 4 36.06 55.33 -19.62
CA SER A 4 37.17 55.79 -20.43
C SER A 4 38.34 54.82 -20.42
N ASP A 5 38.71 54.30 -19.25
CA ASP A 5 39.89 53.44 -19.16
C ASP A 5 39.71 52.14 -19.92
N PHE A 6 38.53 51.53 -19.82
CA PHE A 6 38.29 50.28 -20.53
C PHE A 6 38.32 50.49 -22.04
N VAL A 7 37.72 51.58 -22.52
CA VAL A 7 37.68 51.84 -23.95
C VAL A 7 39.10 51.91 -24.52
N LEU A 8 40.00 52.61 -23.83
CA LEU A 8 41.40 52.58 -24.22
C LEU A 8 41.99 51.18 -24.03
N ALA A 9 41.65 50.52 -22.92
CA ALA A 9 42.18 49.18 -22.66
C ALA A 9 41.70 48.18 -23.70
N LEU A 10 40.41 48.23 -24.06
CA LEU A 10 39.91 47.36 -25.11
C LEU A 10 40.57 47.68 -26.45
N LYS A 11 40.67 48.97 -26.79
CA LYS A 11 41.26 49.36 -28.07
C LYS A 11 42.73 48.98 -28.15
N ASP A 12 43.39 48.81 -26.99
CA ASP A 12 44.80 48.42 -26.99
C ASP A 12 45.00 47.05 -27.60
N ASN A 13 44.13 46.09 -27.25
CA ASN A 13 44.28 44.71 -27.70
C ASN A 13 43.61 44.52 -29.05
N PRO A 14 44.33 44.15 -30.10
CA PRO A 14 43.65 43.77 -31.36
C PRO A 14 42.76 42.55 -31.21
N TYR A 15 43.06 41.69 -30.23
CA TYR A 15 42.19 40.53 -29.97
C TYR A 15 40.82 40.97 -29.49
N PHE A 16 40.71 42.17 -28.92
CA PHE A 16 39.41 42.71 -28.55
C PHE A 16 38.52 42.91 -29.77
N GLY A 17 39.08 43.38 -30.87
CA GLY A 17 38.29 43.53 -32.09
C GLY A 17 37.70 42.22 -32.55
N ALA A 18 38.49 41.15 -32.54
CA ALA A 18 37.97 39.84 -32.87
C ALA A 18 36.95 39.37 -31.84
N GLY A 19 37.15 39.73 -30.57
CA GLY A 19 36.20 39.33 -29.54
C GLY A 19 34.84 39.96 -29.74
N PHE A 20 34.80 41.27 -30.02
CA PHE A 20 33.53 41.92 -30.30
C PHE A 20 33.00 41.51 -31.67
N GLY A 21 33.87 41.06 -32.57
CA GLY A 21 33.40 40.34 -33.74
C GLY A 21 32.71 39.05 -33.36
N LEU A 22 33.25 38.35 -32.36
CA LEU A 22 32.60 37.15 -31.83
C LEU A 22 31.38 37.50 -30.99
N VAL A 23 31.38 38.68 -30.36
CA VAL A 23 30.21 39.12 -29.59
C VAL A 23 29.01 39.27 -30.50
N GLY A 24 29.20 39.87 -31.67
CA GLY A 24 28.13 39.94 -32.65
C GLY A 24 27.70 38.58 -33.13
N VAL A 25 28.64 37.64 -33.22
CA VAL A 25 28.31 36.26 -33.60
C VAL A 25 27.38 35.64 -32.56
N GLY A 26 27.69 35.83 -31.28
CA GLY A 26 26.84 35.29 -30.24
C GLY A 26 25.46 35.93 -30.22
N THR A 27 25.40 37.25 -30.43
CA THR A 27 24.11 37.93 -30.48
C THR A 27 23.27 37.44 -31.65
N ALA A 28 23.90 37.27 -32.82
CA ALA A 28 23.19 36.75 -33.98
C ALA A 28 22.74 35.32 -33.76
N LEU A 29 23.57 34.51 -33.10
CA LEU A 29 23.21 33.12 -32.84
C LEU A 29 21.98 33.05 -31.93
N ALA A 30 21.94 33.89 -30.90
CA ALA A 30 20.78 33.94 -30.02
C ALA A 30 19.55 34.43 -30.77
N MET A 31 19.73 35.43 -31.63
CA MET A 31 18.61 35.92 -32.44
C MET A 31 18.10 34.84 -33.38
N ALA A 32 19.03 34.11 -34.02
CA ALA A 32 18.63 33.05 -34.94
C ALA A 32 17.84 31.96 -34.23
N ARG A 33 18.25 31.60 -33.02
CA ARG A 33 17.49 30.62 -32.24
C ARG A 33 16.10 31.16 -31.92
N LYS A 34 16.02 32.43 -31.53
CA LYS A 34 14.71 33.04 -31.27
C LYS A 34 13.88 33.11 -32.54
N GLY A 35 14.50 33.41 -33.68
CA GLY A 35 13.77 33.46 -34.93
C GLY A 35 13.15 32.12 -35.29
N ALA A 36 13.84 31.03 -34.97
CA ALA A 36 13.32 29.70 -35.26
C ALA A 36 12.03 29.43 -34.47
N GLN A 37 12.05 29.68 -33.17
CA GLN A 37 10.90 29.36 -32.34
C GLN A 37 9.67 30.17 -32.75
N LEU A 38 9.84 31.47 -32.98
CA LEU A 38 8.70 32.30 -33.37
C LEU A 38 8.16 31.87 -34.73
N GLY A 39 9.05 31.53 -35.67
CA GLY A 39 8.60 31.06 -36.96
C GLY A 39 7.81 29.78 -36.86
N LEU A 40 8.31 28.81 -36.09
CA LEU A 40 7.60 27.55 -35.89
C LEU A 40 6.23 27.81 -35.27
N VAL A 41 6.19 28.64 -34.22
CA VAL A 41 4.94 28.89 -33.52
C VAL A 41 3.92 29.55 -34.45
N ALA A 42 4.36 30.54 -35.22
CA ALA A 42 3.47 31.22 -36.13
C ALA A 42 2.95 30.27 -37.21
N PHE A 43 3.83 29.42 -37.75
CA PHE A 43 3.42 28.48 -38.78
C PHE A 43 2.40 27.48 -38.24
N ARG A 44 2.65 26.96 -37.04
CA ARG A 44 1.70 26.04 -36.42
C ARG A 44 0.36 26.72 -36.17
N ARG A 45 0.40 27.96 -35.69
CA ARG A 45 -0.83 28.66 -35.33
C ARG A 45 -1.64 29.02 -36.56
N HIS A 46 -1.00 29.29 -37.70
CA HIS A 46 -1.70 29.85 -38.84
C HIS A 46 -1.96 28.87 -39.98
N TYR A 47 -1.15 27.82 -40.15
CA TYR A 47 -1.27 26.98 -41.33
C TYR A 47 -1.30 25.48 -41.03
N MET A 48 -1.44 25.07 -39.77
CA MET A 48 -1.55 23.65 -39.44
C MET A 48 -2.72 23.41 -38.50
N ILE A 49 -3.26 22.20 -38.59
CA ILE A 49 -4.38 21.76 -37.76
C ILE A 49 -3.94 20.53 -36.98
N THR A 50 -4.31 20.49 -35.69
CA THR A 50 -3.93 19.39 -34.82
C THR A 50 -5.14 18.93 -34.03
N LEU A 51 -5.32 17.62 -33.92
CA LEU A 51 -6.43 17.04 -33.17
C LEU A 51 -5.88 15.92 -32.30
N GLU A 52 -5.71 16.20 -31.00
CA GLU A 52 -5.27 15.20 -30.05
C GLU A 52 -6.45 14.44 -29.49
N VAL A 53 -6.30 13.12 -29.34
CA VAL A 53 -7.33 12.27 -28.76
C VAL A 53 -6.74 11.53 -27.57
N PRO A 54 -7.27 11.71 -26.37
CA PRO A 54 -6.77 10.96 -25.20
C PRO A 54 -7.30 9.54 -25.25
N ALA A 55 -6.90 8.76 -24.25
CA ALA A 55 -7.40 7.39 -24.10
C ALA A 55 -8.61 7.32 -23.18
N ARG A 56 -9.10 8.45 -22.70
CA ARG A 56 -10.23 8.50 -21.79
C ARG A 56 -11.57 8.63 -22.50
N ASP A 57 -11.57 8.60 -23.83
CA ASP A 57 -12.79 8.80 -24.61
C ASP A 57 -13.07 7.59 -25.49
N ARG A 58 -14.36 7.31 -25.68
CA ARG A 58 -14.77 6.32 -26.67
C ARG A 58 -14.34 6.74 -28.07
N SER A 59 -14.17 8.05 -28.30
CA SER A 59 -13.60 8.52 -29.54
C SER A 59 -12.24 7.87 -29.80
N TYR A 60 -11.47 7.64 -28.73
CA TYR A 60 -10.20 6.95 -28.89
C TYR A 60 -10.41 5.56 -29.46
N ALA A 61 -11.38 4.82 -28.94
CA ALA A 61 -11.63 3.47 -29.43
C ALA A 61 -12.04 3.50 -30.91
N TRP A 62 -13.00 4.36 -31.24
CA TRP A 62 -13.47 4.42 -32.62
C TRP A 62 -12.35 4.85 -33.58
N LEU A 63 -11.56 5.85 -33.18
CA LEU A 63 -10.49 6.33 -34.04
C LEU A 63 -9.37 5.31 -34.17
N LEU A 64 -9.07 4.58 -33.11
CA LEU A 64 -8.09 3.50 -33.19
C LEU A 64 -8.57 2.42 -34.15
N SER A 65 -9.85 2.05 -34.07
CA SER A 65 -10.38 1.07 -35.01
C SER A 65 -10.31 1.57 -36.44
N TRP A 66 -10.65 2.84 -36.67
CA TRP A 66 -10.58 3.39 -38.02
C TRP A 66 -9.15 3.47 -38.52
N LEU A 67 -8.20 3.73 -37.63
CA LEU A 67 -6.79 3.73 -38.03
C LEU A 67 -6.33 2.31 -38.38
N THR A 68 -6.81 1.31 -37.64
CA THR A 68 -6.51 -0.07 -38.00
C THR A 68 -7.05 -0.40 -39.39
N ARG A 69 -8.28 0.02 -39.68
CA ARG A 69 -8.86 -0.31 -40.99
C ARG A 69 -8.19 0.48 -42.10
N HIS A 70 -8.30 1.80 -42.07
CA HIS A 70 -7.76 2.66 -43.12
C HIS A 70 -6.36 3.07 -42.71
N SER A 71 -5.37 2.30 -43.18
CA SER A 71 -3.96 2.63 -42.98
C SER A 71 -3.17 2.55 -44.28
N THR A 72 -3.86 2.41 -45.41
CA THR A 72 -3.24 2.21 -46.73
C THR A 72 -2.31 1.00 -46.62
N ARG A 73 -1.08 1.06 -47.11
CA ARG A 73 -0.12 -0.04 -47.03
C ARG A 73 0.93 0.20 -45.97
N THR A 74 0.53 0.76 -44.83
CA THR A 74 1.47 1.10 -43.76
C THR A 74 2.28 -0.13 -43.36
N GLN A 75 3.59 0.07 -43.20
CA GLN A 75 4.53 -1.01 -42.93
C GLN A 75 5.22 -0.83 -41.58
N HIS A 76 4.51 -0.22 -40.63
CA HIS A 76 5.00 -0.04 -39.27
C HIS A 76 3.96 -0.53 -38.28
N LEU A 77 3.47 -1.74 -38.51
CA LEU A 77 2.32 -2.28 -37.81
C LEU A 77 2.75 -3.01 -36.54
N SER A 78 1.76 -3.34 -35.72
CA SER A 78 1.94 -4.22 -34.57
C SER A 78 0.83 -5.26 -34.56
N VAL A 79 1.16 -6.43 -34.01
CA VAL A 79 0.24 -7.57 -34.08
C VAL A 79 -0.81 -7.46 -32.98
N GLU A 80 -1.95 -8.12 -33.22
CA GLU A 80 -3.01 -8.22 -32.21
C GLU A 80 -3.77 -9.51 -32.47
N THR A 81 -3.53 -10.51 -31.63
CA THR A 81 -4.13 -11.82 -31.81
C THR A 81 -5.53 -11.84 -31.18
N SER A 82 -6.50 -12.39 -31.90
CA SER A 82 -7.85 -12.51 -31.41
C SER A 82 -8.49 -13.76 -31.99
N TYR A 83 -9.48 -14.28 -31.30
CA TYR A 83 -10.19 -15.47 -31.73
C TYR A 83 -11.42 -15.05 -32.52
N LEU A 84 -11.51 -15.50 -33.77
CA LEU A 84 -12.60 -15.14 -34.67
C LEU A 84 -13.45 -16.38 -34.90
N GLN A 85 -14.74 -16.29 -34.58
CA GLN A 85 -15.65 -17.41 -34.76
C GLN A 85 -16.12 -17.47 -36.20
N HIS A 86 -15.76 -18.54 -36.89
CA HIS A 86 -16.19 -18.70 -38.27
C HIS A 86 -17.67 -19.04 -38.33
N GLU A 87 -18.27 -18.85 -39.51
CA GLU A 87 -19.66 -19.20 -39.71
C GLU A 87 -19.88 -20.70 -39.67
N SER A 88 -18.83 -21.50 -39.83
CA SER A 88 -18.96 -22.95 -39.77
C SER A 88 -19.26 -23.45 -38.37
N GLY A 89 -19.04 -22.62 -37.34
CA GLY A 89 -19.30 -22.99 -35.97
C GLY A 89 -18.06 -23.09 -35.11
N ARG A 90 -16.87 -23.10 -35.71
CA ARG A 90 -15.63 -23.21 -34.96
C ARG A 90 -14.94 -21.86 -34.89
N ILE A 91 -13.88 -21.80 -34.09
CA ILE A 91 -13.13 -20.58 -33.84
C ILE A 91 -11.69 -20.80 -34.23
N SER A 92 -11.10 -19.83 -34.92
CA SER A 92 -9.71 -19.88 -35.35
C SER A 92 -9.03 -18.57 -34.98
N THR A 93 -7.71 -18.63 -34.85
CA THR A 93 -6.93 -17.45 -34.49
C THR A 93 -6.95 -16.45 -35.63
N LYS A 94 -7.16 -15.18 -35.30
CA LYS A 94 -7.17 -14.09 -36.27
C LYS A 94 -5.97 -13.18 -36.01
N PHE A 95 -5.12 -13.03 -37.01
CA PHE A 95 -3.94 -12.18 -36.91
C PHE A 95 -4.30 -10.80 -37.44
N GLU A 96 -4.51 -9.85 -36.53
CA GLU A 96 -4.86 -8.49 -36.90
C GLU A 96 -3.69 -7.56 -36.64
N PHE A 97 -3.44 -6.66 -37.58
CA PHE A 97 -2.31 -5.74 -37.52
C PHE A 97 -2.79 -4.33 -37.27
N ILE A 98 -2.25 -3.71 -36.22
CA ILE A 98 -2.56 -2.32 -35.88
C ILE A 98 -1.28 -1.52 -36.06
N PRO A 99 -1.34 -0.31 -36.62
CA PRO A 99 -0.12 0.50 -36.79
C PRO A 99 0.60 0.71 -35.46
N SER A 100 1.85 0.28 -35.41
CA SER A 100 2.66 0.42 -34.22
C SER A 100 2.98 1.89 -33.97
N PRO A 101 3.36 2.24 -32.75
CA PRO A 101 3.65 3.65 -32.44
C PRO A 101 4.70 4.23 -33.38
N GLY A 102 4.46 5.45 -33.82
CA GLY A 102 5.31 6.08 -34.80
C GLY A 102 4.52 7.11 -35.59
N ASN A 103 5.16 7.62 -36.63
CA ASN A 103 4.56 8.64 -37.50
C ASN A 103 4.14 7.97 -38.80
N HIS A 104 2.84 7.96 -39.07
CA HIS A 104 2.28 7.40 -40.29
C HIS A 104 1.61 8.48 -41.10
N PHE A 105 1.60 8.30 -42.42
CA PHE A 105 1.10 9.30 -43.35
C PHE A 105 -0.01 8.70 -44.20
N ILE A 106 -1.12 9.43 -44.32
CA ILE A 106 -2.27 9.00 -45.09
C ILE A 106 -2.58 10.11 -46.10
N TRP A 107 -3.41 9.79 -47.09
CA TRP A 107 -3.80 10.71 -48.15
C TRP A 107 -5.32 10.88 -48.18
N TYR A 108 -5.90 11.13 -47.01
CA TYR A 108 -7.35 11.30 -46.93
C TYR A 108 -7.78 12.62 -47.54
N GLN A 109 -8.73 12.55 -48.47
CA GLN A 109 -9.37 13.74 -49.05
C GLN A 109 -8.36 14.72 -49.64
N GLY A 110 -7.34 14.17 -50.29
CA GLY A 110 -6.38 15.01 -51.00
C GLY A 110 -5.38 15.72 -50.11
N LYS A 111 -5.37 15.47 -48.82
CA LYS A 111 -4.40 16.04 -47.90
C LYS A 111 -3.40 14.97 -47.50
N TRP A 112 -2.43 15.35 -46.67
CA TRP A 112 -1.42 14.42 -46.18
C TRP A 112 -1.42 14.50 -44.66
N ILE A 113 -2.29 13.71 -44.04
CA ILE A 113 -2.44 13.70 -42.59
C ILE A 113 -1.24 12.99 -41.98
N ARG A 114 -0.84 13.43 -40.78
CA ARG A 114 0.40 12.96 -40.15
C ARG A 114 0.14 12.29 -38.82
N VAL A 115 -0.80 11.32 -38.79
CA VAL A 115 -1.16 10.64 -37.55
C VAL A 115 0.09 10.16 -36.82
N GLU A 116 0.02 10.15 -35.50
CA GLU A 116 1.13 9.70 -34.66
C GLU A 116 0.56 8.95 -33.48
N ARG A 117 0.93 7.68 -33.35
CA ARG A 117 0.46 6.85 -32.24
C ARG A 117 1.35 7.13 -31.03
N ASN A 118 0.86 7.98 -30.13
CA ASN A 118 1.60 8.28 -28.92
C ASN A 118 1.69 7.04 -28.03
N ARG A 119 2.84 6.88 -27.37
CA ARG A 119 3.12 5.70 -26.59
C ARG A 119 2.76 5.96 -25.13
N ASP A 120 3.20 5.08 -24.23
CA ASP A 120 3.00 5.25 -22.81
C ASP A 120 4.17 6.03 -22.18
N MET A 121 3.82 7.06 -21.39
CA MET A 121 4.81 7.88 -20.71
C MET A 121 5.05 7.43 -19.27
N GLN A 122 4.01 7.46 -18.44
CA GLN A 122 4.18 7.18 -17.02
C GLN A 122 3.19 6.14 -16.50
N MET A 123 2.42 5.50 -17.39
CA MET A 123 1.52 4.42 -17.00
C MET A 123 0.53 4.86 -15.94
N VAL A 124 -0.06 6.04 -16.15
CA VAL A 124 -1.09 6.59 -15.28
C VAL A 124 -2.27 7.00 -16.14
N ASP A 125 -3.44 6.46 -15.82
CA ASP A 125 -4.70 6.81 -16.49
C ASP A 125 -5.83 6.18 -15.70
N LEU A 126 -7.06 6.44 -16.13
CA LEU A 126 -8.25 5.89 -15.49
C LEU A 126 -9.18 5.34 -16.56
N GLN A 127 -10.05 4.43 -16.14
CA GLN A 127 -11.06 3.79 -16.99
C GLN A 127 -10.43 2.96 -18.11
N THR A 128 -9.16 2.59 -17.96
CA THR A 128 -8.46 1.76 -18.95
C THR A 128 -7.38 0.98 -18.22
N GLY A 129 -6.44 0.42 -18.99
CA GLY A 129 -5.28 -0.24 -18.45
C GLY A 129 -4.18 0.71 -18.03
N THR A 130 -4.49 2.00 -17.94
CA THR A 130 -3.55 3.04 -17.58
C THR A 130 -2.26 3.05 -18.43
N PRO A 131 -2.38 3.07 -19.77
CA PRO A 131 -1.17 3.28 -20.58
C PRO A 131 -0.98 4.72 -21.04
N TRP A 132 -2.01 5.55 -20.89
CA TRP A 132 -2.04 6.90 -21.45
C TRP A 132 -1.49 6.92 -22.87
N GLU A 133 -2.19 6.23 -23.75
CA GLU A 133 -1.90 6.25 -25.18
C GLU A 133 -2.79 7.26 -25.87
N SER A 134 -2.26 7.85 -26.96
CA SER A 134 -2.98 8.92 -27.64
C SER A 134 -2.60 8.91 -29.11
N VAL A 135 -3.41 9.62 -29.91
CA VAL A 135 -3.14 9.84 -31.32
C VAL A 135 -3.26 11.33 -31.58
N THR A 136 -2.41 11.85 -32.46
CA THR A 136 -2.41 13.27 -32.81
C THR A 136 -2.50 13.38 -34.33
N PHE A 137 -3.60 13.93 -34.82
CA PHE A 137 -3.81 14.11 -36.26
C PHE A 137 -3.30 15.49 -36.64
N THR A 138 -2.20 15.53 -37.37
CA THR A 138 -1.61 16.79 -37.83
C THR A 138 -1.68 16.84 -39.35
N ALA A 139 -2.09 18.00 -39.88
CA ALA A 139 -2.19 18.17 -41.31
C ALA A 139 -1.94 19.63 -41.66
N LEU A 140 -1.58 19.85 -42.92
CA LEU A 140 -1.33 21.20 -43.41
C LEU A 140 -2.61 21.78 -43.99
N GLY A 141 -2.99 22.95 -43.51
CA GLY A 141 -4.18 23.60 -44.00
C GLY A 141 -4.82 24.42 -42.90
N THR A 142 -5.97 25.03 -43.25
CA THR A 142 -6.71 25.84 -42.31
C THR A 142 -8.11 25.33 -41.99
N ASP A 143 -8.64 24.41 -42.80
CA ASP A 143 -9.98 23.89 -42.55
C ASP A 143 -9.95 22.83 -41.46
N ARG A 144 -10.98 22.85 -40.62
CA ARG A 144 -11.12 21.88 -39.55
C ARG A 144 -12.07 20.74 -39.90
N LYS A 145 -12.81 20.84 -41.01
CA LYS A 145 -13.82 19.85 -41.34
C LYS A 145 -13.20 18.49 -41.66
N VAL A 146 -11.91 18.43 -41.98
CA VAL A 146 -11.30 17.15 -42.32
C VAL A 146 -11.31 16.22 -41.11
N PHE A 147 -10.94 16.75 -39.95
CA PHE A 147 -10.91 15.91 -38.75
C PHE A 147 -12.30 15.53 -38.29
N PHE A 148 -13.27 16.43 -38.45
CA PHE A 148 -14.65 16.09 -38.13
C PHE A 148 -15.15 14.98 -39.05
N ASN A 149 -14.81 15.05 -40.34
CA ASN A 149 -15.17 13.98 -41.26
C ASN A 149 -14.52 12.67 -40.87
N ILE A 150 -13.25 12.73 -40.44
CA ILE A 150 -12.55 11.52 -40.02
C ILE A 150 -13.25 10.90 -38.82
N LEU A 151 -13.63 11.73 -37.84
CA LEU A 151 -14.31 11.21 -36.65
C LEU A 151 -15.67 10.61 -37.01
N GLU A 152 -16.43 11.29 -37.86
CA GLU A 152 -17.74 10.76 -38.25
C GLU A 152 -17.60 9.46 -39.01
N GLU A 153 -16.62 9.36 -39.91
CA GLU A 153 -16.40 8.12 -40.62
C GLU A 153 -15.94 7.01 -39.69
N ALA A 154 -15.14 7.35 -38.68
CA ALA A 154 -14.75 6.35 -37.69
C ALA A 154 -15.96 5.83 -36.93
N ARG A 155 -16.87 6.73 -36.53
CA ARG A 155 -18.09 6.28 -35.86
C ARG A 155 -18.93 5.40 -36.77
N ALA A 156 -19.06 5.79 -38.04
CA ALA A 156 -19.85 4.99 -38.98
C ALA A 156 -19.23 3.60 -39.17
N LEU A 157 -17.90 3.53 -39.27
CA LEU A 157 -17.25 2.24 -39.41
C LEU A 157 -17.40 1.40 -38.15
N ALA A 158 -17.37 2.04 -36.99
CA ALA A 158 -17.60 1.31 -35.75
C ALA A 158 -19.01 0.74 -35.72
N LEU A 159 -20.00 1.50 -36.18
CA LEU A 159 -21.36 1.00 -36.29
C LEU A 159 -21.53 0.04 -37.46
N GLN A 160 -20.53 -0.09 -38.32
CA GLN A 160 -20.52 -1.05 -39.41
C GLN A 160 -19.71 -2.27 -38.99
N GLN A 161 -19.72 -3.29 -39.86
CA GLN A 161 -19.06 -4.59 -39.70
C GLN A 161 -19.51 -5.32 -38.43
N GLU A 162 -20.49 -4.79 -37.72
CA GLU A 162 -21.09 -5.43 -36.56
C GLU A 162 -22.54 -5.81 -36.81
N GLU A 163 -23.02 -5.69 -38.04
CA GLU A 163 -24.40 -6.00 -38.38
C GLU A 163 -24.55 -7.48 -38.69
N GLY A 164 -25.71 -8.02 -38.32
CA GLY A 164 -25.91 -9.46 -38.35
C GLY A 164 -25.40 -10.18 -37.13
N LYS A 165 -24.76 -9.46 -36.20
CA LYS A 165 -24.23 -10.03 -34.97
C LYS A 165 -24.66 -9.15 -33.80
N THR A 166 -24.42 -9.63 -32.59
CA THR A 166 -24.77 -8.92 -31.37
C THR A 166 -23.49 -8.52 -30.64
N VAL A 167 -23.36 -7.24 -30.33
CA VAL A 167 -22.22 -6.72 -29.59
C VAL A 167 -22.55 -6.78 -28.10
N MET A 168 -21.56 -7.14 -27.29
CA MET A 168 -21.73 -7.24 -25.85
C MET A 168 -20.65 -6.39 -25.17
N TYR A 169 -21.08 -5.32 -24.51
CA TYR A 169 -20.17 -4.44 -23.79
C TYR A 169 -20.00 -4.92 -22.35
N THR A 170 -19.03 -4.32 -21.67
CA THR A 170 -18.78 -4.64 -20.27
C THR A 170 -18.15 -3.43 -19.60
N ALA A 171 -18.22 -3.42 -18.28
CA ALA A 171 -17.74 -2.29 -17.50
C ALA A 171 -16.23 -2.43 -17.29
N VAL A 172 -15.47 -1.51 -17.86
CA VAL A 172 -14.02 -1.45 -17.65
C VAL A 172 -13.74 -0.11 -16.97
N GLY A 173 -13.66 -0.14 -15.65
CA GLY A 173 -13.49 1.09 -14.91
C GLY A 173 -14.79 1.86 -14.80
N SER A 174 -14.89 2.96 -15.53
CA SER A 174 -16.11 3.75 -15.57
C SER A 174 -16.61 3.96 -17.00
N GLU A 175 -16.25 3.07 -17.91
CA GLU A 175 -16.67 3.15 -19.31
C GLU A 175 -17.11 1.78 -19.80
N TRP A 176 -17.97 1.79 -20.81
CA TRP A 176 -18.44 0.56 -21.43
C TRP A 176 -17.55 0.22 -22.61
N ARG A 177 -16.83 -0.89 -22.52
CA ARG A 177 -15.93 -1.33 -23.57
C ARG A 177 -16.39 -2.68 -24.09
N THR A 178 -16.25 -2.89 -25.40
CA THR A 178 -16.72 -4.12 -26.02
C THR A 178 -15.98 -5.32 -25.43
N PHE A 179 -16.72 -6.40 -25.23
CA PHE A 179 -16.19 -7.62 -24.63
C PHE A 179 -16.09 -8.68 -25.72
N GLY A 180 -14.86 -9.07 -26.05
CA GLY A 180 -14.67 -10.08 -27.07
C GLY A 180 -15.10 -9.61 -28.45
N TYR A 181 -15.59 -10.55 -29.25
CA TYR A 181 -16.02 -10.30 -30.61
C TYR A 181 -17.55 -10.30 -30.68
N PRO A 182 -18.12 -9.66 -31.71
CA PRO A 182 -19.58 -9.69 -31.86
C PRO A 182 -20.14 -11.10 -31.97
N ARG A 183 -20.94 -11.50 -30.98
CA ARG A 183 -21.52 -12.83 -30.98
C ARG A 183 -22.57 -12.95 -32.08
N ARG A 184 -22.72 -14.16 -32.60
CA ARG A 184 -23.72 -14.42 -33.63
C ARG A 184 -25.12 -14.32 -33.04
N ARG A 185 -26.05 -13.79 -33.81
CA ARG A 185 -27.40 -13.59 -33.32
C ARG A 185 -28.11 -14.91 -33.10
N ARG A 186 -28.86 -15.00 -32.01
CA ARG A 186 -29.73 -16.13 -31.76
C ARG A 186 -31.10 -15.86 -32.35
N PRO A 187 -31.61 -16.69 -33.25
CA PRO A 187 -32.93 -16.43 -33.83
C PRO A 187 -34.00 -16.37 -32.76
N LEU A 188 -34.95 -15.45 -32.93
CA LEU A 188 -35.99 -15.26 -31.93
C LEU A 188 -36.89 -16.48 -31.82
N ASP A 189 -37.20 -17.12 -32.95
CA ASP A 189 -38.05 -18.31 -32.91
C ASP A 189 -37.33 -19.51 -32.32
N SER A 190 -36.01 -19.45 -32.14
CA SER A 190 -35.28 -20.53 -31.50
C SER A 190 -35.54 -20.61 -30.01
N VAL A 191 -36.17 -19.59 -29.42
CA VAL A 191 -36.54 -19.58 -28.02
C VAL A 191 -38.05 -19.72 -27.95
N VAL A 192 -38.52 -20.80 -27.34
CA VAL A 192 -39.94 -21.09 -27.23
C VAL A 192 -40.39 -20.76 -25.82
N LEU A 193 -41.15 -19.68 -25.67
CA LEU A 193 -41.71 -19.29 -24.40
C LEU A 193 -43.18 -19.66 -24.34
N GLN A 194 -43.84 -19.27 -23.26
CA GLN A 194 -45.27 -19.49 -23.14
C GLN A 194 -46.01 -18.73 -24.22
N GLN A 195 -47.18 -19.24 -24.61
CA GLN A 195 -47.91 -18.71 -25.75
C GLN A 195 -48.21 -17.22 -25.60
N GLY A 196 -47.65 -16.41 -26.49
CA GLY A 196 -47.91 -14.99 -26.51
C GLY A 196 -46.98 -14.15 -25.66
N LEU A 197 -46.12 -14.77 -24.84
CA LEU A 197 -45.24 -14.01 -23.97
C LEU A 197 -44.21 -13.23 -24.78
N ALA A 198 -43.55 -13.89 -25.72
CA ALA A 198 -42.51 -13.23 -26.51
C ALA A 198 -43.11 -12.09 -27.33
N ASP A 199 -44.27 -12.32 -27.95
CA ASP A 199 -44.92 -11.26 -28.71
C ASP A 199 -45.29 -10.09 -27.81
N ARG A 200 -45.82 -10.37 -26.62
CA ARG A 200 -46.18 -9.30 -25.71
C ARG A 200 -44.97 -8.46 -25.32
N ILE A 201 -43.87 -9.11 -24.95
CA ILE A 201 -42.69 -8.36 -24.53
C ILE A 201 -42.12 -7.56 -25.69
N VAL A 202 -42.06 -8.16 -26.89
CA VAL A 202 -41.54 -7.45 -28.05
C VAL A 202 -42.40 -6.24 -28.38
N LYS A 203 -43.73 -6.41 -28.35
CA LYS A 203 -44.61 -5.29 -28.64
C LYS A 203 -44.45 -4.19 -27.60
N ASP A 204 -44.33 -4.56 -26.33
CA ASP A 204 -44.18 -3.55 -25.28
C ASP A 204 -42.88 -2.76 -25.48
N ILE A 205 -41.78 -3.45 -25.71
CA ILE A 205 -40.50 -2.76 -25.83
C ILE A 205 -40.47 -1.91 -27.10
N ARG A 206 -41.07 -2.39 -28.19
CA ARG A 206 -41.08 -1.58 -29.40
C ARG A 206 -42.01 -0.39 -29.28
N GLU A 207 -43.11 -0.53 -28.54
CA GLU A 207 -43.96 0.61 -28.24
C GLU A 207 -43.21 1.65 -27.42
N PHE A 208 -42.43 1.20 -26.44
CA PHE A 208 -41.63 2.13 -25.66
C PHE A 208 -40.61 2.84 -26.54
N ILE A 209 -39.95 2.12 -27.44
CA ILE A 209 -38.94 2.73 -28.28
C ILE A 209 -39.56 3.72 -29.24
N ASP A 210 -40.73 3.39 -29.81
CA ASP A 210 -41.30 4.18 -30.89
C ASP A 210 -41.98 5.45 -30.41
N ASN A 211 -42.24 5.61 -29.11
CA ASN A 211 -43.03 6.72 -28.59
C ASN A 211 -42.25 7.46 -27.51
N PRO A 212 -41.32 8.33 -27.89
CA PRO A 212 -40.70 9.20 -26.88
C PRO A 212 -41.50 10.47 -26.65
N LYS A 213 -42.30 10.86 -27.66
CA LYS A 213 -43.11 12.06 -27.52
C LYS A 213 -44.18 11.88 -26.46
N TRP A 214 -44.77 10.69 -26.38
CA TRP A 214 -45.78 10.44 -25.35
C TRP A 214 -45.19 10.58 -23.96
N TYR A 215 -43.90 10.30 -23.80
CA TYR A 215 -43.26 10.48 -22.50
C TYR A 215 -42.90 11.94 -22.26
N ILE A 216 -42.38 12.62 -23.29
CA ILE A 216 -41.94 14.00 -23.12
C ILE A 216 -43.13 14.90 -22.82
N ASP A 217 -44.24 14.71 -23.54
CA ASP A 217 -45.39 15.59 -23.38
C ASP A 217 -46.06 15.47 -22.02
N ARG A 218 -45.72 14.45 -21.24
CA ARG A 218 -46.32 14.26 -19.93
C ARG A 218 -45.31 14.32 -18.80
N GLY A 219 -44.04 14.56 -19.10
CA GLY A 219 -43.03 14.70 -18.08
C GLY A 219 -42.50 13.40 -17.53
N ILE A 220 -43.03 12.27 -17.96
CA ILE A 220 -42.57 10.97 -17.46
C ILE A 220 -41.12 10.75 -17.91
N PRO A 221 -40.23 10.28 -17.04
CA PRO A 221 -38.88 9.94 -17.50
C PRO A 221 -38.93 8.88 -18.58
N TYR A 222 -38.07 9.03 -19.59
CA TYR A 222 -38.05 8.13 -20.72
C TYR A 222 -37.15 6.93 -20.42
N ARG A 223 -37.64 6.09 -19.52
CA ARG A 223 -36.92 4.88 -19.12
C ARG A 223 -37.92 3.74 -19.01
N ARG A 224 -37.41 2.52 -19.12
CA ARG A 224 -38.22 1.34 -18.89
C ARG A 224 -37.34 0.23 -18.34
N GLY A 225 -37.95 -0.66 -17.58
CA GLY A 225 -37.24 -1.80 -17.01
C GLY A 225 -38.12 -3.03 -17.05
N TYR A 226 -37.46 -4.18 -17.19
CA TYR A 226 -38.16 -5.45 -17.29
C TYR A 226 -37.55 -6.44 -16.31
N LEU A 227 -38.39 -7.36 -15.83
CA LEU A 227 -37.95 -8.40 -14.91
C LEU A 227 -38.48 -9.73 -15.42
N LEU A 228 -37.57 -10.69 -15.61
CA LEU A 228 -37.93 -12.05 -15.97
C LEU A 228 -37.53 -12.96 -14.81
N TYR A 229 -38.50 -13.68 -14.25
CA TYR A 229 -38.27 -14.52 -13.10
C TYR A 229 -38.89 -15.90 -13.32
N GLY A 230 -38.24 -16.91 -12.76
CA GLY A 230 -38.71 -18.26 -12.89
C GLY A 230 -37.65 -19.26 -12.49
N PRO A 231 -38.00 -20.55 -12.50
CA PRO A 231 -37.02 -21.58 -12.15
C PRO A 231 -35.91 -21.62 -13.17
N PRO A 232 -34.70 -22.04 -12.77
CA PRO A 232 -33.56 -21.96 -13.68
C PRO A 232 -33.74 -22.85 -14.90
N GLY A 233 -33.17 -22.40 -16.01
CA GLY A 233 -33.16 -23.16 -17.24
C GLY A 233 -34.41 -23.06 -18.09
N CYS A 234 -35.29 -22.11 -17.81
CA CYS A 234 -36.53 -22.00 -18.56
C CYS A 234 -36.47 -21.00 -19.70
N GLY A 235 -35.39 -20.25 -19.86
CA GLY A 235 -35.23 -19.44 -21.05
C GLY A 235 -35.15 -17.94 -20.84
N LYS A 236 -34.61 -17.49 -19.71
CA LYS A 236 -34.50 -16.06 -19.46
C LYS A 236 -33.35 -15.46 -20.27
N SER A 237 -32.14 -15.94 -20.05
CA SER A 237 -30.97 -15.38 -20.75
C SER A 237 -31.06 -15.61 -22.25
N SER A 238 -31.53 -16.78 -22.67
CA SER A 238 -31.68 -17.03 -24.10
C SER A 238 -32.69 -16.09 -24.72
N PHE A 239 -33.79 -15.82 -24.03
CA PHE A 239 -34.77 -14.88 -24.57
C PHE A 239 -34.20 -13.47 -24.62
N ILE A 240 -33.40 -13.08 -23.62
CA ILE A 240 -32.79 -11.75 -23.68
C ILE A 240 -31.85 -11.63 -24.87
N THR A 241 -31.05 -12.68 -25.11
CA THR A 241 -30.17 -12.65 -26.27
C THR A 241 -30.97 -12.57 -27.57
N ALA A 242 -32.03 -13.36 -27.68
CA ALA A 242 -32.84 -13.34 -28.89
C ALA A 242 -33.50 -11.98 -29.08
N LEU A 243 -33.96 -11.37 -27.99
CA LEU A 243 -34.59 -10.05 -28.08
C LEU A 243 -33.58 -8.99 -28.50
N ALA A 244 -32.36 -9.05 -27.97
CA ALA A 244 -31.34 -8.10 -28.38
C ALA A 244 -31.00 -8.28 -29.85
N GLY A 245 -30.99 -9.52 -30.33
CA GLY A 245 -30.79 -9.74 -31.75
C GLY A 245 -31.93 -9.20 -32.59
N GLU A 246 -33.16 -9.41 -32.14
CA GLU A 246 -34.33 -8.95 -32.90
C GLU A 246 -34.38 -7.43 -32.98
N LEU A 247 -34.11 -6.75 -31.87
CA LEU A 247 -34.17 -5.29 -31.83
C LEU A 247 -32.92 -4.63 -32.37
N GLU A 248 -31.92 -5.40 -32.79
CA GLU A 248 -30.66 -4.88 -33.28
C GLU A 248 -29.97 -4.01 -32.23
N HIS A 249 -30.17 -4.34 -30.95
CA HIS A 249 -29.52 -3.65 -29.87
C HIS A 249 -28.26 -4.40 -29.45
N SER A 250 -27.51 -3.81 -28.53
CA SER A 250 -26.38 -4.47 -27.89
C SER A 250 -26.71 -4.69 -26.42
N ILE A 251 -25.89 -5.49 -25.76
CA ILE A 251 -26.10 -5.86 -24.37
C ILE A 251 -24.94 -5.36 -23.55
N CYS A 252 -25.24 -4.62 -22.49
CA CYS A 252 -24.24 -4.12 -21.56
C CYS A 252 -24.36 -4.94 -20.28
N LEU A 253 -23.45 -5.88 -20.09
CA LEU A 253 -23.50 -6.76 -18.93
C LEU A 253 -22.94 -6.04 -17.72
N LEU A 254 -23.77 -5.89 -16.69
CA LEU A 254 -23.38 -5.24 -15.45
C LEU A 254 -23.43 -6.25 -14.32
N SER A 255 -22.34 -6.33 -13.55
CA SER A 255 -22.25 -7.24 -12.42
C SER A 255 -22.35 -6.38 -11.15
N LEU A 256 -23.52 -6.44 -10.50
CA LEU A 256 -23.72 -5.64 -9.30
C LEU A 256 -22.76 -6.07 -8.18
N THR A 257 -22.56 -7.37 -8.02
CA THR A 257 -21.70 -7.89 -6.96
C THR A 257 -20.23 -7.91 -7.38
N ASP A 258 -19.74 -6.76 -7.83
CA ASP A 258 -18.34 -6.58 -8.19
C ASP A 258 -17.60 -5.97 -7.01
N SER A 259 -16.29 -5.77 -7.20
CA SER A 259 -15.46 -5.16 -6.16
C SER A 259 -15.17 -3.69 -6.41
N SER A 260 -15.10 -3.27 -7.66
CA SER A 260 -14.80 -1.89 -7.99
C SER A 260 -16.05 -1.03 -8.18
N LEU A 261 -17.23 -1.59 -7.95
CA LEU A 261 -18.48 -0.89 -8.22
C LEU A 261 -18.91 -0.10 -7.00
N SER A 262 -19.07 1.20 -7.17
CA SER A 262 -19.60 2.10 -6.14
C SER A 262 -20.86 2.77 -6.66
N ASP A 263 -21.54 3.49 -5.76
CA ASP A 263 -22.79 4.15 -6.13
C ASP A 263 -22.55 5.19 -7.21
N ASP A 264 -21.52 6.03 -7.03
CA ASP A 264 -21.20 7.03 -8.04
C ASP A 264 -20.77 6.38 -9.34
N ARG A 265 -19.97 5.31 -9.26
CA ARG A 265 -19.57 4.61 -10.46
C ARG A 265 -20.75 3.95 -11.14
N LEU A 266 -21.70 3.42 -10.36
CA LEU A 266 -22.89 2.82 -10.95
C LEU A 266 -23.73 3.88 -11.66
N ASN A 267 -23.90 5.05 -11.06
CA ASN A 267 -24.62 6.12 -11.72
C ASN A 267 -23.93 6.54 -13.01
N HIS A 268 -22.61 6.68 -12.97
CA HIS A 268 -21.89 7.07 -14.18
C HIS A 268 -22.03 6.00 -15.26
N LEU A 269 -21.89 4.73 -14.89
CA LEU A 269 -21.99 3.65 -15.87
C LEU A 269 -23.38 3.61 -16.50
N LEU A 270 -24.42 3.77 -15.69
CA LEU A 270 -25.76 3.81 -16.24
C LEU A 270 -26.03 5.07 -17.04
N SER A 271 -25.24 6.12 -16.83
CA SER A 271 -25.43 7.36 -17.56
C SER A 271 -24.67 7.41 -18.89
N VAL A 272 -23.71 6.52 -19.10
CA VAL A 272 -22.91 6.53 -20.32
C VAL A 272 -23.06 5.22 -21.10
N ALA A 273 -24.17 4.52 -20.91
CA ALA A 273 -24.39 3.30 -21.66
C ALA A 273 -24.51 3.63 -23.15
N PRO A 274 -24.00 2.78 -24.03
CA PRO A 274 -24.10 3.05 -25.46
C PRO A 274 -25.56 3.15 -25.89
N GLN A 275 -25.83 4.03 -26.84
CA GLN A 275 -27.18 4.19 -27.34
C GLN A 275 -27.63 2.93 -28.06
N GLN A 276 -28.93 2.65 -27.95
CA GLN A 276 -29.53 1.43 -28.50
C GLN A 276 -28.88 0.19 -27.90
N SER A 277 -28.94 0.11 -26.58
CA SER A 277 -28.37 -1.00 -25.84
C SER A 277 -29.27 -1.35 -24.67
N LEU A 278 -29.18 -2.60 -24.24
CA LEU A 278 -29.95 -3.11 -23.11
C LEU A 278 -28.99 -3.37 -21.95
N VAL A 279 -29.22 -2.69 -20.83
CA VAL A 279 -28.45 -2.96 -19.62
C VAL A 279 -29.02 -4.19 -18.95
N LEU A 280 -28.16 -5.14 -18.60
CA LEU A 280 -28.60 -6.44 -18.10
C LEU A 280 -28.00 -6.67 -16.72
N LEU A 281 -28.86 -6.65 -15.69
CA LEU A 281 -28.47 -6.97 -14.32
C LEU A 281 -29.00 -8.36 -14.03
N GLU A 282 -28.16 -9.38 -14.20
CA GLU A 282 -28.59 -10.76 -14.05
C GLU A 282 -28.39 -11.23 -12.61
N ASP A 283 -29.37 -11.97 -12.10
CA ASP A 283 -29.35 -12.49 -10.73
C ASP A 283 -29.23 -11.35 -9.72
N VAL A 284 -30.26 -10.51 -9.68
CA VAL A 284 -30.27 -9.36 -8.79
C VAL A 284 -30.36 -9.79 -7.34
N ASP A 285 -31.05 -10.91 -7.07
CA ASP A 285 -31.26 -11.35 -5.70
C ASP A 285 -29.97 -11.69 -4.97
N ALA A 286 -28.88 -11.95 -5.68
CA ALA A 286 -27.61 -12.26 -5.05
C ALA A 286 -26.85 -11.01 -4.61
N ALA A 287 -27.26 -9.83 -5.05
CA ALA A 287 -26.54 -8.61 -4.69
C ALA A 287 -26.74 -8.26 -3.22
N PHE A 288 -27.98 -8.39 -2.73
CA PHE A 288 -28.33 -7.96 -1.38
C PHE A 288 -29.04 -9.06 -0.63
N LEU A 289 -28.92 -9.02 0.70
CA LEU A 289 -29.62 -9.95 1.56
C LEU A 289 -31.12 -9.73 1.45
N SER A 290 -31.89 -10.76 1.81
CA SER A 290 -33.28 -10.81 1.40
C SER A 290 -34.13 -11.51 2.45
N ARG A 291 -35.44 -11.53 2.19
CA ARG A 291 -36.44 -12.23 3.00
C ARG A 291 -36.40 -11.84 4.47
N ASP A 292 -35.74 -12.66 5.31
CA ASP A 292 -35.66 -12.33 6.72
C ASP A 292 -34.88 -11.04 6.94
N LEU A 293 -33.86 -10.79 6.12
CA LEU A 293 -33.15 -9.51 6.21
C LEU A 293 -34.00 -8.37 5.64
N ALA A 294 -34.80 -8.65 4.60
CA ALA A 294 -35.71 -7.62 4.09
C ALA A 294 -36.71 -7.20 5.15
N VAL A 295 -37.19 -8.16 5.95
CA VAL A 295 -37.99 -7.84 7.12
C VAL A 295 -37.16 -7.08 8.15
N GLU A 296 -35.91 -7.49 8.32
CA GLU A 296 -35.00 -6.79 9.22
C GLU A 296 -34.75 -5.36 8.71
N ASN A 297 -34.29 -4.51 9.62
CA ASN A 297 -34.15 -3.08 9.35
C ASN A 297 -33.22 -2.80 8.17
N PRO A 298 -31.99 -3.35 8.12
CA PRO A 298 -31.12 -3.04 6.98
C PRO A 298 -31.20 -4.06 5.86
N ILE A 299 -31.14 -3.59 4.62
CA ILE A 299 -30.96 -4.48 3.48
C ILE A 299 -29.48 -4.59 3.20
N LYS A 300 -28.82 -5.54 3.87
CA LYS A 300 -27.37 -5.61 3.85
C LYS A 300 -26.86 -5.99 2.46
N TYR A 301 -25.73 -5.41 2.09
CA TYR A 301 -25.08 -5.70 0.81
C TYR A 301 -24.18 -6.91 1.00
N GLN A 302 -24.65 -8.08 0.53
CA GLN A 302 -23.85 -9.29 0.62
C GLN A 302 -22.91 -9.39 -0.58
N GLY A 303 -22.14 -8.35 -0.82
CA GLY A 303 -21.29 -8.32 -2.00
C GLY A 303 -19.83 -8.06 -1.67
N LEU A 304 -19.09 -7.58 -2.66
CA LEU A 304 -17.64 -7.41 -2.57
C LEU A 304 -17.20 -5.96 -2.65
N GLY A 305 -17.91 -5.12 -3.39
CA GLY A 305 -17.56 -3.73 -3.58
C GLY A 305 -18.20 -2.82 -2.56
N ARG A 306 -18.38 -1.57 -2.97
CA ARG A 306 -18.92 -0.52 -2.11
C ARG A 306 -20.27 -0.04 -2.62
N LEU A 307 -21.11 -0.97 -3.04
CA LEU A 307 -22.45 -0.66 -3.51
C LEU A 307 -23.45 -0.83 -2.38
N THR A 308 -24.48 -0.01 -2.38
CA THR A 308 -25.52 -0.05 -1.37
C THR A 308 -26.88 -0.17 -2.02
N PHE A 309 -27.86 -0.64 -1.25
CA PHE A 309 -29.21 -0.78 -1.77
C PHE A 309 -29.77 0.56 -2.22
N SER A 310 -29.57 1.60 -1.43
CA SER A 310 -30.06 2.93 -1.81
C SER A 310 -29.38 3.41 -3.08
N GLY A 311 -28.09 3.11 -3.23
CA GLY A 311 -27.39 3.52 -4.44
C GLY A 311 -27.99 2.88 -5.68
N LEU A 312 -28.25 1.57 -5.63
CA LEU A 312 -28.87 0.90 -6.75
C LEU A 312 -30.27 1.43 -7.01
N LEU A 313 -31.04 1.65 -5.94
CA LEU A 313 -32.40 2.17 -6.11
C LEU A 313 -32.39 3.53 -6.78
N ASN A 314 -31.48 4.41 -6.38
CA ASN A 314 -31.44 5.74 -6.97
C ASN A 314 -30.86 5.72 -8.37
N ALA A 315 -29.97 4.76 -8.67
CA ALA A 315 -29.44 4.65 -10.02
C ALA A 315 -30.50 4.14 -10.99
N LEU A 316 -31.29 3.15 -10.58
CA LEU A 316 -32.30 2.60 -11.47
C LEU A 316 -33.39 3.62 -11.76
N ASP A 317 -33.88 4.31 -10.73
CA ASP A 317 -34.90 5.35 -10.91
C ASP A 317 -34.72 6.36 -9.78
N GLY A 318 -34.02 7.45 -10.07
CA GLY A 318 -33.80 8.48 -9.09
C GLY A 318 -33.92 9.86 -9.69
N VAL A 319 -33.14 10.80 -9.17
CA VAL A 319 -33.16 12.17 -9.70
C VAL A 319 -32.20 12.33 -10.86
N ALA A 320 -31.02 11.73 -10.77
CA ALA A 320 -29.99 11.86 -11.80
C ALA A 320 -30.04 10.75 -12.85
N SER A 321 -31.00 9.85 -12.76
CA SER A 321 -31.07 8.74 -13.72
C SER A 321 -31.27 9.27 -15.14
N THR A 322 -30.53 8.69 -16.08
CA THR A 322 -30.53 9.18 -17.45
C THR A 322 -31.68 8.58 -18.24
N GLU A 323 -32.24 9.38 -19.16
CA GLU A 323 -33.35 8.95 -19.98
C GLU A 323 -32.86 8.06 -21.13
N ALA A 324 -33.83 7.53 -21.89
CA ALA A 324 -33.55 6.65 -23.03
C ALA A 324 -32.69 5.46 -22.61
N ARG A 325 -33.27 4.64 -21.73
CA ARG A 325 -32.53 3.54 -21.12
C ARG A 325 -33.47 2.37 -20.87
N ILE A 326 -33.04 1.17 -21.28
CA ILE A 326 -33.79 -0.05 -21.03
C ILE A 326 -32.93 -0.96 -20.17
N VAL A 327 -33.49 -1.40 -19.04
CA VAL A 327 -32.79 -2.23 -18.07
C VAL A 327 -33.51 -3.57 -17.97
N PHE A 328 -32.79 -4.65 -18.20
CA PHE A 328 -33.31 -6.00 -18.03
C PHE A 328 -32.67 -6.64 -16.81
N MET A 329 -33.49 -7.15 -15.91
CA MET A 329 -33.00 -7.85 -14.74
C MET A 329 -33.71 -9.20 -14.63
N THR A 330 -32.95 -10.23 -14.21
CA THR A 330 -33.49 -11.57 -14.08
C THR A 330 -33.19 -12.11 -12.69
N THR A 331 -34.01 -13.05 -12.25
CA THR A 331 -33.80 -13.71 -10.97
C THR A 331 -34.55 -15.04 -10.99
N ASN A 332 -34.12 -15.94 -10.10
CA ASN A 332 -34.82 -17.21 -9.92
C ASN A 332 -35.73 -17.21 -8.70
N TYR A 333 -35.48 -16.34 -7.73
CA TYR A 333 -36.26 -16.24 -6.50
C TYR A 333 -36.80 -14.82 -6.41
N ILE A 334 -37.99 -14.60 -6.98
CA ILE A 334 -38.58 -13.27 -6.94
C ILE A 334 -38.95 -12.87 -5.52
N ASP A 335 -39.21 -13.86 -4.65
CA ASP A 335 -39.56 -13.55 -3.27
C ASP A 335 -38.41 -12.91 -2.51
N ARG A 336 -37.19 -13.02 -3.01
CA ARG A 336 -36.02 -12.41 -2.38
C ARG A 336 -35.80 -10.98 -2.82
N LEU A 337 -36.65 -10.43 -3.67
CA LEU A 337 -36.48 -9.07 -4.15
C LEU A 337 -37.31 -8.12 -3.31
N ASP A 338 -36.69 -7.06 -2.81
CA ASP A 338 -37.41 -6.07 -2.03
C ASP A 338 -38.46 -5.40 -2.90
N PRO A 339 -39.66 -5.16 -2.38
CA PRO A 339 -40.71 -4.54 -3.20
C PRO A 339 -40.35 -3.16 -3.70
N ALA A 340 -39.43 -2.47 -3.04
CA ALA A 340 -39.00 -1.16 -3.52
C ALA A 340 -38.12 -1.29 -4.77
N LEU A 341 -37.41 -2.40 -4.91
CA LEU A 341 -36.56 -2.59 -6.07
C LEU A 341 -37.39 -2.85 -7.32
N ILE A 342 -38.48 -3.59 -7.20
CA ILE A 342 -39.35 -3.87 -8.34
C ILE A 342 -40.69 -3.18 -8.13
N ARG A 343 -40.81 -1.95 -8.62
CA ARG A 343 -42.01 -1.16 -8.48
C ARG A 343 -42.32 -0.50 -9.80
N PRO A 344 -43.56 -0.10 -10.03
CA PRO A 344 -43.94 0.42 -11.35
C PRO A 344 -43.31 1.77 -11.66
N GLY A 345 -42.09 1.75 -12.17
CA GLY A 345 -41.31 2.95 -12.40
C GLY A 345 -39.84 2.65 -12.26
N ARG A 346 -39.54 1.54 -11.59
CA ARG A 346 -38.23 0.90 -11.66
C ARG A 346 -38.24 -0.36 -12.49
N VAL A 347 -39.36 -1.10 -12.48
CA VAL A 347 -39.57 -2.27 -13.32
C VAL A 347 -40.99 -2.17 -13.85
N ASP A 348 -41.14 -1.84 -15.12
CA ASP A 348 -42.45 -1.58 -15.71
C ASP A 348 -43.13 -2.84 -16.23
N LEU A 349 -42.47 -3.99 -16.20
CA LEU A 349 -43.08 -5.22 -16.66
C LEU A 349 -42.41 -6.41 -15.99
N LYS A 350 -43.19 -7.22 -15.29
CA LYS A 350 -42.71 -8.44 -14.66
C LYS A 350 -43.39 -9.62 -15.34
N GLU A 351 -42.59 -10.57 -15.82
CA GLU A 351 -43.12 -11.73 -16.53
C GLU A 351 -42.52 -13.00 -15.95
N TYR A 352 -43.33 -14.05 -15.93
CA TYR A 352 -42.92 -15.34 -15.37
C TYR A 352 -42.54 -16.28 -16.50
N VAL A 353 -41.32 -16.78 -16.47
CA VAL A 353 -40.83 -17.75 -17.44
C VAL A 353 -40.73 -19.07 -16.69
N GLY A 354 -41.76 -19.91 -16.82
CA GLY A 354 -41.89 -21.12 -16.04
C GLY A 354 -41.56 -22.36 -16.82
N TYR A 355 -42.03 -23.50 -16.30
CA TYR A 355 -41.74 -24.79 -16.90
C TYR A 355 -42.51 -24.95 -18.21
N CYS A 356 -42.28 -26.08 -18.87
CA CYS A 356 -42.88 -26.32 -20.17
C CYS A 356 -44.38 -26.58 -20.04
N SER A 357 -45.09 -26.31 -21.12
CA SER A 357 -46.51 -26.63 -21.25
C SER A 357 -46.70 -27.47 -22.50
N HIS A 358 -47.93 -27.91 -22.73
CA HIS A 358 -48.21 -28.76 -23.88
C HIS A 358 -47.84 -28.07 -25.18
N TRP A 359 -48.29 -26.83 -25.36
CA TRP A 359 -47.97 -26.10 -26.57
C TRP A 359 -46.47 -25.85 -26.68
N GLN A 360 -45.82 -25.52 -25.56
CA GLN A 360 -44.38 -25.28 -25.58
C GLN A 360 -43.62 -26.54 -25.98
N LEU A 361 -44.00 -27.69 -25.44
CA LEU A 361 -43.36 -28.94 -25.83
C LEU A 361 -43.59 -29.25 -27.30
N THR A 362 -44.81 -29.02 -27.78
CA THR A 362 -45.10 -29.26 -29.19
C THR A 362 -44.22 -28.41 -30.09
N GLN A 363 -44.10 -27.12 -29.76
CA GLN A 363 -43.28 -26.23 -30.58
C GLN A 363 -41.82 -26.61 -30.50
N MET A 364 -41.34 -27.01 -29.32
CA MET A 364 -39.94 -27.43 -29.19
C MET A 364 -39.66 -28.66 -30.04
N PHE A 365 -40.58 -29.64 -30.01
CA PHE A 365 -40.41 -30.82 -30.84
C PHE A 365 -40.41 -30.48 -32.31
N GLN A 366 -41.34 -29.61 -32.73
CA GLN A 366 -41.39 -29.25 -34.15
C GLN A 366 -40.14 -28.50 -34.58
N ARG A 367 -39.56 -27.68 -33.71
CA ARG A 367 -38.34 -26.96 -34.06
C ARG A 367 -37.12 -27.87 -34.07
N PHE A 368 -37.07 -28.87 -33.20
CA PHE A 368 -35.90 -29.73 -33.15
C PHE A 368 -35.90 -30.78 -34.25
N TYR A 369 -37.08 -31.25 -34.68
CA TYR A 369 -37.20 -32.25 -35.73
C TYR A 369 -38.12 -31.69 -36.81
N PRO A 370 -37.62 -30.78 -37.65
CA PRO A 370 -38.46 -30.18 -38.69
C PRO A 370 -38.76 -31.18 -39.79
N GLY A 371 -40.05 -31.33 -40.11
CA GLY A 371 -40.45 -32.22 -41.19
C GLY A 371 -41.43 -33.29 -40.76
N GLN A 372 -41.38 -33.67 -39.49
CA GLN A 372 -42.26 -34.73 -38.99
C GLN A 372 -43.70 -34.26 -38.96
N ALA A 373 -44.61 -35.22 -38.97
CA ALA A 373 -46.02 -34.91 -38.92
C ALA A 373 -46.38 -34.26 -37.58
N PRO A 374 -47.36 -33.35 -37.56
CA PRO A 374 -47.72 -32.67 -36.31
C PRO A 374 -48.27 -33.60 -35.24
N SER A 375 -48.74 -34.80 -35.61
CA SER A 375 -49.25 -35.73 -34.62
C SER A 375 -48.14 -36.26 -33.71
N LEU A 376 -46.93 -36.43 -34.26
CA LEU A 376 -45.82 -36.90 -33.43
C LEU A 376 -45.49 -35.90 -32.33
N ALA A 377 -45.52 -34.61 -32.65
CA ALA A 377 -45.25 -33.60 -31.63
C ALA A 377 -46.29 -33.64 -30.52
N GLU A 378 -47.56 -33.78 -30.88
CA GLU A 378 -48.61 -33.88 -29.86
C GLU A 378 -48.43 -35.12 -29.01
N ASN A 379 -48.10 -36.25 -29.64
CA ASN A 379 -47.87 -37.48 -28.88
C ASN A 379 -46.71 -37.32 -27.92
N PHE A 380 -45.62 -36.71 -28.38
CA PHE A 380 -44.46 -36.49 -27.53
C PHE A 380 -44.80 -35.60 -26.35
N ALA A 381 -45.53 -34.51 -26.61
CA ALA A 381 -45.89 -33.59 -25.54
C ALA A 381 -46.78 -34.27 -24.51
N GLU A 382 -47.77 -35.03 -24.97
CA GLU A 382 -48.66 -35.72 -24.05
C GLU A 382 -47.91 -36.73 -23.21
N HIS A 383 -47.02 -37.51 -23.84
CA HIS A 383 -46.26 -38.50 -23.09
C HIS A 383 -45.33 -37.86 -22.07
N VAL A 384 -44.68 -36.75 -22.45
CA VAL A 384 -43.80 -36.07 -21.50
C VAL A 384 -44.59 -35.54 -20.32
N LEU A 385 -45.74 -34.91 -20.59
CA LEU A 385 -46.55 -34.38 -19.50
C LEU A 385 -47.09 -35.49 -18.61
N LYS A 386 -47.36 -36.66 -19.18
CA LYS A 386 -47.82 -37.78 -18.37
C LYS A 386 -46.70 -38.35 -17.51
N ALA A 387 -45.47 -38.41 -18.05
CA ALA A 387 -44.36 -39.00 -17.32
C ALA A 387 -43.90 -38.10 -16.19
N THR A 388 -43.43 -36.91 -16.53
CA THR A 388 -42.98 -35.93 -15.55
C THR A 388 -43.98 -34.79 -15.44
N SER A 389 -43.98 -34.13 -14.29
CA SER A 389 -44.93 -33.05 -14.03
C SER A 389 -44.33 -31.66 -14.17
N GLU A 390 -43.01 -31.52 -13.98
CA GLU A 390 -42.34 -30.22 -14.09
C GLU A 390 -41.08 -30.43 -14.91
N ILE A 391 -41.16 -30.14 -16.21
CA ILE A 391 -40.06 -30.33 -17.13
C ILE A 391 -39.63 -28.96 -17.66
N SER A 392 -38.39 -28.65 -17.51
CA SER A 392 -37.91 -27.37 -18.00
C SER A 392 -37.48 -27.49 -19.47
N PRO A 393 -37.55 -26.40 -20.23
CA PRO A 393 -37.12 -26.47 -21.64
C PRO A 393 -35.68 -26.89 -21.82
N ALA A 394 -34.81 -26.59 -20.85
CA ALA A 394 -33.42 -27.04 -20.92
C ALA A 394 -33.32 -28.56 -20.89
N GLN A 395 -34.12 -29.21 -20.04
CA GLN A 395 -34.11 -30.66 -20.00
C GLN A 395 -34.61 -31.26 -21.31
N VAL A 396 -35.63 -30.64 -21.90
CA VAL A 396 -36.12 -31.11 -23.20
C VAL A 396 -35.04 -30.94 -24.27
N GLN A 397 -34.32 -29.82 -24.22
CA GLN A 397 -33.24 -29.61 -25.19
C GLN A 397 -32.16 -30.67 -25.02
N GLY A 398 -31.80 -30.99 -23.79
CA GLY A 398 -30.82 -32.05 -23.56
C GLY A 398 -31.31 -33.41 -24.04
N TYR A 399 -32.58 -33.71 -23.78
CA TYR A 399 -33.15 -34.97 -24.23
C TYR A 399 -33.11 -35.09 -25.74
N PHE A 400 -33.45 -34.01 -26.45
CA PHE A 400 -33.30 -34.02 -27.89
C PHE A 400 -31.84 -34.11 -28.30
N MET A 401 -30.95 -33.49 -27.53
CA MET A 401 -29.52 -33.57 -27.80
C MET A 401 -29.05 -35.02 -27.81
N LEU A 402 -29.65 -35.85 -26.94
CA LEU A 402 -29.32 -37.27 -26.94
C LEU A 402 -29.70 -37.93 -28.26
N TYR A 403 -30.94 -37.71 -28.70
CA TYR A 403 -31.46 -38.37 -29.91
C TYR A 403 -31.42 -37.40 -31.08
N LYS A 404 -30.22 -37.23 -31.63
CA LYS A 404 -30.05 -36.37 -32.80
C LYS A 404 -30.51 -37.09 -34.06
N ASN A 405 -31.32 -36.39 -34.86
CA ASN A 405 -31.79 -36.92 -36.14
C ASN A 405 -32.50 -38.26 -35.98
N ASP A 406 -33.21 -38.42 -34.87
CA ASP A 406 -33.95 -39.66 -34.59
C ASP A 406 -35.24 -39.30 -33.87
N PRO A 407 -36.22 -38.76 -34.60
CA PRO A 407 -37.50 -38.41 -33.95
C PRO A 407 -38.18 -39.58 -33.29
N MET A 408 -38.15 -40.76 -33.92
CA MET A 408 -38.85 -41.91 -33.36
C MET A 408 -38.23 -42.35 -32.04
N GLY A 409 -36.92 -42.26 -31.92
CA GLY A 409 -36.29 -42.55 -30.64
C GLY A 409 -36.73 -41.60 -29.56
N ALA A 410 -36.85 -40.32 -29.89
CA ALA A 410 -37.33 -39.34 -28.93
C ALA A 410 -38.75 -39.65 -28.49
N VAL A 411 -39.64 -39.95 -29.45
CA VAL A 411 -41.01 -40.30 -29.12
C VAL A 411 -41.12 -41.64 -28.40
N HIS A 412 -40.10 -42.48 -28.50
CA HIS A 412 -40.14 -43.78 -27.84
C HIS A 412 -39.66 -43.70 -26.40
N ASN A 413 -38.50 -43.07 -26.16
CA ASN A 413 -37.87 -43.12 -24.85
C ASN A 413 -38.26 -41.91 -23.99
N ILE A 414 -39.57 -41.74 -23.78
CA ILE A 414 -40.03 -40.73 -22.84
C ILE A 414 -39.69 -41.13 -21.41
N GLU A 415 -39.79 -42.42 -21.10
CA GLU A 415 -39.67 -42.87 -19.72
C GLU A 415 -38.32 -42.52 -19.09
N SER A 416 -37.29 -42.28 -19.92
CA SER A 416 -36.00 -41.89 -19.36
C SER A 416 -36.04 -40.51 -18.73
N LEU A 417 -37.08 -39.73 -18.99
CA LEU A 417 -37.24 -38.40 -18.40
C LEU A 417 -37.91 -38.43 -17.05
N ARG A 418 -38.38 -39.59 -16.60
CA ARG A 418 -39.06 -39.67 -15.31
C ARG A 418 -38.09 -39.32 -14.19
N PRO A 419 -38.48 -38.47 -13.23
CA PRO A 419 -37.61 -38.09 -12.13
C PRO A 419 -37.31 -39.26 -11.19
N MET B 1 17.33 54.19 -37.78
CA MET B 1 18.75 54.05 -37.46
C MET B 1 19.23 52.59 -37.35
N PRO B 2 18.41 51.68 -36.78
CA PRO B 2 18.88 50.28 -36.69
C PRO B 2 19.27 49.67 -38.03
N PHE B 3 18.59 50.03 -39.11
CA PHE B 3 18.92 49.46 -40.42
C PHE B 3 20.22 50.05 -40.96
N SER B 4 20.28 51.38 -41.09
CA SER B 4 21.42 52.01 -41.75
C SER B 4 22.67 51.98 -40.87
N ASP B 5 22.54 52.31 -39.59
CA ASP B 5 23.70 52.41 -38.72
C ASP B 5 24.38 51.06 -38.53
N PHE B 6 23.59 50.00 -38.32
CA PHE B 6 24.17 48.67 -38.13
C PHE B 6 24.91 48.21 -39.38
N VAL B 7 24.32 48.45 -40.55
CA VAL B 7 24.94 48.01 -41.80
C VAL B 7 26.33 48.62 -41.95
N LEU B 8 26.46 49.92 -41.66
CA LEU B 8 27.79 50.53 -41.61
C LEU B 8 28.60 49.95 -40.47
N ALA B 9 27.98 49.73 -39.31
CA ALA B 9 28.71 49.20 -38.16
C ALA B 9 29.21 47.79 -38.43
N LEU B 10 28.37 46.93 -39.00
CA LEU B 10 28.81 45.59 -39.36
C LEU B 10 29.91 45.64 -40.41
N LYS B 11 29.74 46.47 -41.45
CA LYS B 11 30.73 46.56 -42.51
C LYS B 11 32.05 47.10 -41.99
N ASP B 12 32.04 47.84 -40.88
CA ASP B 12 33.28 48.37 -40.32
C ASP B 12 34.20 47.25 -39.85
N ASN B 13 33.65 46.23 -39.21
CA ASN B 13 34.45 45.16 -38.65
C ASN B 13 34.67 44.06 -39.68
N PRO B 14 35.91 43.79 -40.09
CA PRO B 14 36.14 42.62 -40.95
C PRO B 14 35.80 41.30 -40.27
N TYR B 15 35.82 41.26 -38.94
CA TYR B 15 35.41 40.06 -38.21
C TYR B 15 33.93 39.77 -38.43
N PHE B 16 33.14 40.80 -38.75
CA PHE B 16 31.74 40.58 -39.10
C PHE B 16 31.59 39.73 -40.35
N GLY B 17 32.45 39.95 -41.35
CA GLY B 17 32.40 39.13 -42.55
C GLY B 17 32.59 37.66 -42.25
N ALA B 18 33.57 37.34 -41.41
CA ALA B 18 33.72 35.98 -40.93
C ALA B 18 32.53 35.57 -40.07
N GLY B 19 31.89 36.53 -39.39
CA GLY B 19 30.75 36.21 -38.57
C GLY B 19 29.56 35.73 -39.39
N PHE B 20 29.22 36.47 -40.45
CA PHE B 20 28.15 36.00 -41.33
C PHE B 20 28.57 34.78 -42.14
N GLY B 21 29.88 34.61 -42.36
CA GLY B 21 30.37 33.34 -42.87
C GLY B 21 30.06 32.20 -41.92
N LEU B 22 30.22 32.44 -40.61
CA LEU B 22 29.82 31.46 -39.62
C LEU B 22 28.31 31.36 -39.49
N VAL B 23 27.59 32.45 -39.76
CA VAL B 23 26.13 32.41 -39.74
C VAL B 23 25.61 31.45 -40.79
N GLY B 24 26.18 31.51 -41.99
CA GLY B 24 25.82 30.54 -43.02
C GLY B 24 26.16 29.12 -42.62
N VAL B 25 27.27 28.96 -41.88
CA VAL B 25 27.65 27.62 -41.39
C VAL B 25 26.58 27.09 -40.44
N GLY B 26 26.11 27.94 -39.52
CA GLY B 26 25.07 27.52 -38.60
C GLY B 26 23.76 27.20 -39.30
N THR B 27 23.38 28.02 -40.28
CA THR B 27 22.16 27.75 -41.04
C THR B 27 22.28 26.44 -41.82
N ALA B 28 23.45 26.22 -42.44
CA ALA B 28 23.66 24.96 -43.16
C ALA B 28 23.67 23.78 -42.20
N LEU B 29 24.26 23.95 -41.02
CA LEU B 29 24.29 22.88 -40.03
C LEU B 29 22.89 22.51 -39.60
N ALA B 30 22.04 23.50 -39.33
CA ALA B 30 20.66 23.21 -38.95
C ALA B 30 19.90 22.55 -40.08
N MET B 31 20.14 22.98 -41.32
CA MET B 31 19.51 22.35 -42.47
C MET B 31 19.97 20.89 -42.58
N ALA B 32 21.26 20.64 -42.36
CA ALA B 32 21.79 19.28 -42.48
C ALA B 32 21.13 18.34 -41.48
N ARG B 33 20.94 18.79 -40.24
CA ARG B 33 20.23 17.97 -39.26
C ARG B 33 18.80 17.71 -39.70
N LYS B 34 18.12 18.74 -40.20
CA LYS B 34 16.75 18.57 -40.70
C LYS B 34 16.72 17.61 -41.88
N GLY B 35 17.69 17.72 -42.78
CA GLY B 35 17.75 16.81 -43.91
C GLY B 35 17.89 15.37 -43.49
N ALA B 36 18.62 15.12 -42.40
CA ALA B 36 18.80 13.77 -41.91
C ALA B 36 17.48 13.17 -41.44
N GLN B 37 16.74 13.90 -40.62
CA GLN B 37 15.50 13.36 -40.06
C GLN B 37 14.48 13.05 -41.14
N LEU B 38 14.29 13.99 -42.09
CA LEU B 38 13.32 13.75 -43.15
C LEU B 38 13.74 12.58 -44.03
N GLY B 39 15.04 12.45 -44.31
CA GLY B 39 15.50 11.32 -45.09
C GLY B 39 15.26 10.00 -44.39
N LEU B 40 15.58 9.94 -43.10
CA LEU B 40 15.32 8.72 -42.32
C LEU B 40 13.83 8.37 -42.31
N VAL B 41 12.99 9.38 -42.07
CA VAL B 41 11.55 9.14 -41.99
C VAL B 41 11.02 8.64 -43.32
N ALA B 42 11.43 9.27 -44.42
CA ALA B 42 10.97 8.85 -45.74
C ALA B 42 11.43 7.44 -46.05
N PHE B 43 12.69 7.12 -45.73
CA PHE B 43 13.20 5.79 -46.01
C PHE B 43 12.45 4.73 -45.22
N ARG B 44 12.21 4.99 -43.94
CA ARG B 44 11.45 4.05 -43.13
C ARG B 44 10.04 3.89 -43.66
N ARG B 45 9.41 4.99 -44.05
CA ARG B 45 8.02 4.93 -44.50
C ARG B 45 7.88 4.21 -45.84
N HIS B 46 8.89 4.29 -46.70
CA HIS B 46 8.73 3.81 -48.06
C HIS B 46 9.43 2.49 -48.36
N TYR B 47 10.52 2.14 -47.65
CA TYR B 47 11.30 0.97 -48.03
C TYR B 47 11.61 0.03 -46.87
N MET B 48 10.98 0.20 -45.72
CA MET B 48 11.21 -0.70 -44.59
C MET B 48 9.89 -1.16 -43.99
N ILE B 49 9.91 -2.36 -43.43
CA ILE B 49 8.75 -2.97 -42.79
C ILE B 49 9.11 -3.26 -41.33
N THR B 50 8.16 -2.98 -40.43
CA THR B 50 8.38 -3.17 -39.01
C THR B 50 7.16 -3.85 -38.40
N LEU B 51 7.40 -4.84 -37.55
CA LEU B 51 6.34 -5.57 -36.87
C LEU B 51 6.69 -5.68 -35.39
N GLU B 52 6.04 -4.86 -34.57
CA GLU B 52 6.24 -4.92 -33.13
C GLU B 52 5.27 -5.90 -32.51
N VAL B 53 5.75 -6.67 -31.54
CA VAL B 53 4.93 -7.62 -30.80
C VAL B 53 5.00 -7.29 -29.31
N PRO B 54 3.91 -6.94 -28.66
CA PRO B 54 3.91 -6.69 -27.23
C PRO B 54 3.98 -8.01 -26.46
N ALA B 55 4.07 -7.91 -25.15
CA ALA B 55 4.05 -9.09 -24.29
C ALA B 55 2.65 -9.45 -23.82
N ARG B 56 1.63 -8.72 -24.27
CA ARG B 56 0.25 -8.96 -23.85
C ARG B 56 -0.48 -9.92 -24.77
N ASP B 57 0.19 -10.50 -25.75
CA ASP B 57 -0.44 -11.36 -26.75
C ASP B 57 0.20 -12.74 -26.75
N ARG B 58 -0.62 -13.76 -27.04
CA ARG B 58 -0.11 -15.11 -27.22
C ARG B 58 0.84 -15.19 -28.42
N SER B 59 0.64 -14.32 -29.42
CA SER B 59 1.58 -14.23 -30.52
C SER B 59 2.98 -13.97 -30.02
N TYR B 60 3.10 -13.22 -28.92
CA TYR B 60 4.42 -13.03 -28.31
C TYR B 60 5.04 -14.35 -27.89
N ALA B 61 4.24 -15.21 -27.25
CA ALA B 61 4.76 -16.51 -26.81
C ALA B 61 5.18 -17.36 -28.02
N TRP B 62 4.32 -17.43 -29.03
CA TRP B 62 4.65 -18.24 -30.20
C TRP B 62 5.87 -17.71 -30.93
N LEU B 63 5.97 -16.38 -31.07
CA LEU B 63 7.09 -15.78 -31.77
C LEU B 63 8.38 -15.95 -30.98
N LEU B 64 8.31 -15.85 -29.65
CA LEU B 64 9.48 -16.08 -28.82
C LEU B 64 9.96 -17.53 -28.97
N SER B 65 9.03 -18.48 -28.98
CA SER B 65 9.41 -19.88 -29.18
C SER B 65 10.04 -20.08 -30.55
N TRP B 66 9.47 -19.47 -31.58
CA TRP B 66 10.04 -19.61 -32.92
C TRP B 66 11.41 -18.95 -33.01
N LEU B 67 11.62 -17.86 -32.28
CA LEU B 67 12.93 -17.24 -32.25
C LEU B 67 13.94 -18.12 -31.52
N THR B 68 13.50 -18.81 -30.46
CA THR B 68 14.37 -19.78 -29.81
C THR B 68 14.78 -20.88 -30.78
N ARG B 69 13.82 -21.41 -31.53
CA ARG B 69 14.14 -22.51 -32.45
C ARG B 69 14.98 -22.02 -33.62
N HIS B 70 14.42 -21.14 -34.44
CA HIS B 70 15.11 -20.65 -35.64
C HIS B 70 15.88 -19.39 -35.26
N SER B 71 17.16 -19.56 -34.94
CA SER B 71 18.06 -18.46 -34.67
C SER B 71 19.39 -18.61 -35.39
N THR B 72 19.47 -19.58 -36.31
CA THR B 72 20.71 -19.92 -37.03
C THR B 72 21.78 -20.20 -35.98
N ARG B 73 22.99 -19.67 -36.12
CA ARG B 73 24.07 -19.87 -35.15
C ARG B 73 24.27 -18.65 -34.27
N THR B 74 23.19 -18.00 -33.86
CA THR B 74 23.27 -16.78 -33.06
C THR B 74 24.11 -17.02 -31.82
N GLN B 75 25.01 -16.07 -31.53
CA GLN B 75 25.97 -16.17 -30.44
C GLN B 75 25.75 -15.09 -29.39
N HIS B 76 24.51 -14.66 -29.21
CA HIS B 76 24.14 -13.68 -28.20
C HIS B 76 22.96 -14.21 -27.39
N LEU B 77 23.10 -15.44 -26.92
CA LEU B 77 22.00 -16.18 -26.31
C LEU B 77 21.94 -15.91 -24.81
N SER B 78 20.85 -16.37 -24.20
CA SER B 78 20.69 -16.39 -22.76
C SER B 78 20.15 -17.76 -22.34
N VAL B 79 20.52 -18.17 -21.13
CA VAL B 79 20.21 -19.52 -20.69
C VAL B 79 18.78 -19.59 -20.16
N GLU B 80 18.23 -20.81 -20.13
CA GLU B 80 16.90 -21.05 -19.58
C GLU B 80 16.86 -22.52 -19.15
N THR B 81 16.89 -22.75 -17.84
CA THR B 81 16.94 -24.10 -17.30
C THR B 81 15.52 -24.65 -17.14
N SER B 82 15.31 -25.89 -17.57
CA SER B 82 14.02 -26.54 -17.44
C SER B 82 14.25 -28.03 -17.23
N TYR B 83 13.27 -28.66 -16.60
CA TYR B 83 13.32 -30.10 -16.34
C TYR B 83 12.61 -30.83 -17.47
N LEU B 84 13.34 -31.70 -18.16
CA LEU B 84 12.83 -32.46 -19.29
C LEU B 84 12.67 -33.92 -18.88
N GLN B 85 11.46 -34.44 -18.98
CA GLN B 85 11.20 -35.82 -18.61
C GLN B 85 11.59 -36.73 -19.77
N HIS B 86 12.58 -37.58 -19.54
CA HIS B 86 13.02 -38.53 -20.56
C HIS B 86 11.98 -39.64 -20.71
N GLU B 87 12.06 -40.33 -21.85
CA GLU B 87 11.18 -41.46 -22.11
C GLU B 87 11.48 -42.63 -21.19
N SER B 88 12.66 -42.66 -20.56
CA SER B 88 13.00 -43.74 -19.65
C SER B 88 12.20 -43.68 -18.36
N GLY B 89 11.58 -42.53 -18.06
CA GLY B 89 10.79 -42.37 -16.86
C GLY B 89 11.37 -41.39 -15.87
N ARG B 90 12.61 -40.94 -16.06
CA ARG B 90 13.25 -40.01 -15.15
C ARG B 90 13.32 -38.62 -15.78
N ILE B 91 13.71 -37.65 -14.97
CA ILE B 91 13.77 -36.25 -15.39
C ILE B 91 15.20 -35.75 -15.21
N SER B 92 15.69 -35.01 -16.20
CA SER B 92 17.02 -34.44 -16.18
C SER B 92 16.95 -32.97 -16.57
N THR B 93 17.95 -32.21 -16.14
CA THR B 93 17.99 -30.79 -16.44
C THR B 93 18.23 -30.57 -17.92
N LYS B 94 17.47 -29.65 -18.52
CA LYS B 94 17.61 -29.31 -19.93
C LYS B 94 18.13 -27.88 -20.03
N PHE B 95 19.26 -27.72 -20.70
CA PHE B 95 19.87 -26.40 -20.89
C PHE B 95 19.39 -25.85 -22.23
N GLU B 96 18.46 -24.91 -22.17
CA GLU B 96 17.91 -24.29 -23.37
C GLU B 96 18.38 -22.85 -23.48
N PHE B 97 18.77 -22.46 -24.69
CA PHE B 97 19.33 -21.14 -24.96
C PHE B 97 18.35 -20.31 -25.76
N ILE B 98 18.03 -19.13 -25.24
CA ILE B 98 17.17 -18.17 -25.93
C ILE B 98 18.01 -16.96 -26.28
N PRO B 99 17.86 -16.38 -27.47
CA PRO B 99 18.63 -15.19 -27.82
C PRO B 99 18.45 -14.08 -26.81
N SER B 100 19.57 -13.65 -26.22
CA SER B 100 19.54 -12.58 -25.23
C SER B 100 19.17 -11.26 -25.90
N PRO B 101 18.72 -10.28 -25.12
CA PRO B 101 18.33 -8.99 -25.71
C PRO B 101 19.45 -8.37 -26.53
N GLY B 102 19.08 -7.84 -27.68
CA GLY B 102 20.05 -7.32 -28.61
C GLY B 102 19.49 -7.37 -30.02
N ASN B 103 20.37 -7.08 -30.97
CA ASN B 103 20.01 -7.07 -32.39
C ASN B 103 20.57 -8.32 -33.05
N HIS B 104 19.68 -9.18 -33.53
CA HIS B 104 20.06 -10.41 -34.22
C HIS B 104 19.58 -10.37 -35.66
N PHE B 105 20.32 -11.04 -36.54
CA PHE B 105 20.07 -11.01 -37.97
C PHE B 105 19.83 -12.43 -38.48
N ILE B 106 18.76 -12.60 -39.27
CA ILE B 106 18.39 -13.89 -39.83
C ILE B 106 18.30 -13.70 -41.35
N TRP B 107 18.27 -14.82 -42.08
CA TRP B 107 18.19 -14.82 -43.53
C TRP B 107 16.95 -15.59 -43.99
N TYR B 108 15.80 -15.26 -43.41
CA TYR B 108 14.57 -15.93 -43.78
C TYR B 108 14.10 -15.48 -45.16
N GLN B 109 13.84 -16.46 -46.03
CA GLN B 109 13.24 -16.23 -47.35
C GLN B 109 14.02 -15.22 -48.17
N GLY B 110 15.35 -15.30 -48.10
CA GLY B 110 16.18 -14.46 -48.92
C GLY B 110 16.30 -13.01 -48.49
N LYS B 111 15.73 -12.65 -47.35
CA LYS B 111 15.84 -11.30 -46.81
C LYS B 111 16.79 -11.32 -45.62
N TRP B 112 16.98 -10.15 -45.02
CA TRP B 112 17.83 -10.02 -43.84
C TRP B 112 17.03 -9.33 -42.75
N ILE B 113 16.28 -10.12 -41.99
CA ILE B 113 15.43 -9.59 -40.93
C ILE B 113 16.29 -9.17 -39.76
N ARG B 114 15.85 -8.13 -39.05
CA ARG B 114 16.65 -7.48 -38.01
C ARG B 114 15.98 -7.56 -36.65
N VAL B 115 15.53 -8.75 -36.25
CA VAL B 115 14.83 -8.91 -34.97
C VAL B 115 15.61 -8.24 -33.85
N GLU B 116 14.88 -7.71 -32.88
CA GLU B 116 15.47 -7.04 -31.72
C GLU B 116 14.66 -7.41 -30.49
N ARG B 117 15.30 -8.08 -29.53
CA ARG B 117 14.65 -8.45 -28.29
C ARG B 117 14.63 -7.25 -27.37
N ASN B 118 13.51 -6.53 -27.35
CA ASN B 118 13.37 -5.39 -26.47
C ASN B 118 13.41 -5.85 -25.01
N ARG B 119 14.06 -5.05 -24.17
CA ARG B 119 14.26 -5.38 -22.78
C ARG B 119 13.14 -4.77 -21.94
N ASP B 120 13.33 -4.77 -20.62
CA ASP B 120 12.38 -4.18 -19.71
C ASP B 120 12.70 -2.71 -19.48
N MET B 121 11.67 -1.86 -19.55
CA MET B 121 11.84 -0.43 -19.31
C MET B 121 11.49 -0.04 -17.87
N GLN B 122 10.27 -0.38 -17.42
CA GLN B 122 9.80 0.16 -16.16
C GLN B 122 9.07 -0.86 -15.28
N MET B 123 9.03 -2.14 -15.67
CA MET B 123 8.36 -3.19 -14.90
C MET B 123 6.88 -2.90 -14.69
N VAL B 124 6.19 -2.57 -15.78
CA VAL B 124 4.74 -2.39 -15.76
C VAL B 124 4.14 -3.15 -16.93
N ASP B 125 3.22 -4.07 -16.64
CA ASP B 125 2.46 -4.81 -17.64
C ASP B 125 1.36 -5.56 -16.90
N LEU B 126 0.52 -6.25 -17.68
CA LEU B 126 -0.57 -7.05 -17.12
C LEU B 126 -0.57 -8.42 -17.78
N GLN B 127 -1.17 -9.38 -17.08
CA GLN B 127 -1.31 -10.77 -17.54
C GLN B 127 0.04 -11.46 -17.71
N THR B 128 1.08 -10.93 -17.09
CA THR B 128 2.42 -11.52 -17.16
C THR B 128 3.17 -11.16 -15.88
N GLY B 129 4.48 -11.35 -15.89
CA GLY B 129 5.35 -10.92 -14.81
C GLY B 129 5.70 -9.45 -14.84
N THR B 130 4.98 -8.69 -15.66
CA THR B 130 5.22 -7.26 -15.83
C THR B 130 6.67 -6.88 -16.16
N PRO B 131 7.27 -7.49 -17.21
CA PRO B 131 8.57 -6.97 -17.67
C PRO B 131 8.46 -6.05 -18.87
N TRP B 132 7.30 -6.03 -19.51
CA TRP B 132 7.08 -5.35 -20.78
C TRP B 132 8.25 -5.60 -21.74
N GLU B 133 8.41 -6.86 -22.12
CA GLU B 133 9.37 -7.25 -23.13
C GLU B 133 8.68 -7.32 -24.48
N SER B 134 9.46 -7.09 -25.54
CA SER B 134 8.89 -7.02 -26.88
C SER B 134 9.95 -7.43 -27.90
N VAL B 135 9.48 -7.72 -29.10
CA VAL B 135 10.35 -7.99 -30.25
C VAL B 135 9.89 -7.12 -31.41
N THR B 136 10.84 -6.63 -32.19
CA THR B 136 10.55 -5.80 -33.36
C THR B 136 11.23 -6.41 -34.58
N PHE B 137 10.42 -6.85 -35.53
CA PHE B 137 10.94 -7.45 -36.76
C PHE B 137 11.09 -6.35 -37.81
N THR B 138 12.33 -6.01 -38.12
CA THR B 138 12.63 -4.97 -39.11
C THR B 138 13.32 -5.62 -40.30
N ALA B 139 12.89 -5.24 -41.50
CA ALA B 139 13.49 -5.78 -42.71
C ALA B 139 13.37 -4.75 -43.82
N LEU B 140 14.23 -4.90 -44.83
CA LEU B 140 14.23 -4.00 -45.98
C LEU B 140 13.33 -4.58 -47.06
N GLY B 141 12.40 -3.76 -47.53
CA GLY B 141 11.48 -4.20 -48.57
C GLY B 141 10.14 -3.51 -48.40
N THR B 142 9.22 -3.87 -49.30
CA THR B 142 7.87 -3.32 -49.29
C THR B 142 6.78 -4.35 -49.03
N ASP B 143 7.08 -5.64 -49.18
CA ASP B 143 6.07 -6.68 -48.97
C ASP B 143 5.88 -6.94 -47.48
N ARG B 144 4.62 -7.16 -47.10
CA ARG B 144 4.27 -7.49 -45.72
C ARG B 144 4.09 -8.98 -45.49
N LYS B 145 4.03 -9.77 -46.56
CA LYS B 145 3.74 -11.19 -46.42
C LYS B 145 4.84 -11.95 -45.66
N VAL B 146 6.04 -11.38 -45.58
CA VAL B 146 7.13 -12.09 -44.90
C VAL B 146 6.80 -12.24 -43.41
N PHE B 147 6.32 -11.17 -42.79
CA PHE B 147 6.02 -11.24 -41.36
C PHE B 147 4.80 -12.12 -41.10
N PHE B 148 3.82 -12.09 -41.99
CA PHE B 148 2.68 -12.99 -41.85
C PHE B 148 3.12 -14.45 -41.96
N ASN B 149 4.02 -14.75 -42.89
CA ASN B 149 4.57 -16.09 -43.00
C ASN B 149 5.32 -16.48 -41.73
N ILE B 150 6.09 -15.54 -41.16
CA ILE B 150 6.82 -15.82 -39.93
C ILE B 150 5.84 -16.15 -38.80
N LEU B 151 4.77 -15.37 -38.68
CA LEU B 151 3.79 -15.62 -37.63
C LEU B 151 3.09 -16.97 -37.81
N GLU B 152 2.70 -17.28 -39.05
CA GLU B 152 2.05 -18.56 -39.31
C GLU B 152 2.98 -19.73 -39.03
N GLU B 153 4.25 -19.61 -39.42
CA GLU B 153 5.21 -20.66 -39.13
C GLU B 153 5.45 -20.79 -37.64
N ALA B 154 5.46 -19.68 -36.90
CA ALA B 154 5.59 -19.74 -35.45
C ALA B 154 4.40 -20.48 -34.84
N ARG B 155 3.19 -20.20 -35.31
CA ARG B 155 2.02 -20.92 -34.80
C ARG B 155 2.11 -22.40 -35.12
N ALA B 156 2.53 -22.74 -36.34
CA ALA B 156 2.67 -24.15 -36.71
C ALA B 156 3.71 -24.86 -35.85
N LEU B 157 4.83 -24.20 -35.59
CA LEU B 157 5.85 -24.80 -34.74
C LEU B 157 5.36 -24.95 -33.30
N ALA B 158 4.58 -23.97 -32.83
CA ALA B 158 3.99 -24.11 -31.49
C ALA B 158 3.05 -25.30 -31.42
N LEU B 159 2.26 -25.51 -32.48
CA LEU B 159 1.40 -26.69 -32.54
C LEU B 159 2.19 -27.96 -32.85
N GLN B 160 3.46 -27.84 -33.21
CA GLN B 160 4.35 -28.98 -33.41
C GLN B 160 5.19 -29.21 -32.17
N GLN B 161 5.94 -30.31 -32.17
CA GLN B 161 6.81 -30.77 -31.10
C GLN B 161 6.06 -31.03 -29.80
N GLU B 162 4.73 -30.88 -29.82
CA GLU B 162 3.88 -31.20 -28.68
C GLU B 162 2.98 -32.40 -28.96
N GLU B 163 3.21 -33.11 -30.06
CA GLU B 163 2.38 -34.25 -30.42
C GLU B 163 2.92 -35.52 -29.77
N GLY B 164 2.00 -36.40 -29.40
CA GLY B 164 2.32 -37.54 -28.57
C GLY B 164 2.34 -37.25 -27.09
N LYS B 165 2.12 -36.00 -26.70
CA LYS B 165 2.10 -35.57 -25.31
C LYS B 165 0.87 -34.70 -25.09
N THR B 166 0.60 -34.39 -23.83
CA THR B 166 -0.55 -33.58 -23.44
C THR B 166 -0.04 -32.26 -22.86
N VAL B 167 -0.51 -31.15 -23.40
CA VAL B 167 -0.17 -29.82 -22.91
C VAL B 167 -1.18 -29.42 -21.84
N MET B 168 -0.69 -28.77 -20.79
CA MET B 168 -1.54 -28.34 -19.68
C MET B 168 -1.32 -26.85 -19.46
N TYR B 169 -2.35 -26.05 -19.74
CA TYR B 169 -2.28 -24.62 -19.54
C TYR B 169 -2.73 -24.25 -18.14
N THR B 170 -2.49 -22.99 -17.76
CA THR B 170 -2.92 -22.49 -16.47
C THR B 170 -3.17 -20.99 -16.58
N ALA B 171 -3.92 -20.47 -15.63
CA ALA B 171 -4.32 -19.06 -15.65
C ALA B 171 -3.20 -18.22 -15.07
N VAL B 172 -2.59 -17.38 -15.89
CA VAL B 172 -1.58 -16.42 -15.44
C VAL B 172 -2.14 -15.04 -15.71
N GLY B 173 -2.76 -14.45 -14.69
CA GLY B 173 -3.41 -13.16 -14.86
C GLY B 173 -4.75 -13.31 -15.56
N SER B 174 -4.81 -12.90 -16.82
CA SER B 174 -6.02 -13.06 -17.62
C SER B 174 -5.75 -13.79 -18.93
N GLU B 175 -4.69 -14.61 -18.97
CA GLU B 175 -4.33 -15.37 -20.15
C GLU B 175 -3.98 -16.79 -19.76
N TRP B 176 -4.13 -17.71 -20.71
CA TRP B 176 -3.78 -19.10 -20.50
C TRP B 176 -2.35 -19.32 -20.99
N ARG B 177 -1.46 -19.66 -20.06
CA ARG B 177 -0.06 -19.90 -20.37
C ARG B 177 0.29 -21.34 -20.02
N THR B 178 1.14 -21.96 -20.83
CA THR B 178 1.49 -23.36 -20.62
C THR B 178 2.18 -23.54 -19.27
N PHE B 179 1.85 -24.63 -18.60
CA PHE B 179 2.36 -24.94 -17.27
C PHE B 179 3.33 -26.10 -17.39
N GLY B 180 4.62 -25.82 -17.13
CA GLY B 180 5.61 -26.87 -17.21
C GLY B 180 5.83 -27.35 -18.63
N TYR B 181 6.16 -28.62 -18.76
CA TYR B 181 6.44 -29.26 -20.03
C TYR B 181 5.28 -30.17 -20.43
N PRO B 182 5.14 -30.47 -21.73
CA PRO B 182 4.07 -31.38 -22.16
C PRO B 182 4.15 -32.74 -21.49
N ARG B 183 3.13 -33.06 -20.68
CA ARG B 183 3.10 -34.33 -19.99
C ARG B 183 2.87 -35.47 -20.97
N ARG B 184 3.43 -36.64 -20.63
CA ARG B 184 3.24 -37.82 -21.47
C ARG B 184 1.80 -38.29 -21.40
N ARG B 185 1.28 -38.78 -22.52
CA ARG B 185 -0.11 -39.19 -22.58
C ARG B 185 -0.34 -40.44 -21.75
N ARG B 186 -1.47 -40.46 -21.06
CA ARG B 186 -1.90 -41.66 -20.35
C ARG B 186 -2.79 -42.49 -21.27
N PRO B 187 -2.46 -43.75 -21.54
CA PRO B 187 -3.29 -44.56 -22.43
C PRO B 187 -4.71 -44.68 -21.91
N LEU B 188 -5.67 -44.64 -22.83
CA LEU B 188 -7.07 -44.67 -22.44
C LEU B 188 -7.44 -46.01 -21.81
N ASP B 189 -6.89 -47.11 -22.31
CA ASP B 189 -7.18 -48.41 -21.73
C ASP B 189 -6.52 -48.61 -20.38
N SER B 190 -5.60 -47.74 -19.99
CA SER B 190 -4.99 -47.81 -18.67
C SER B 190 -5.94 -47.39 -17.56
N VAL B 191 -7.07 -46.78 -17.91
CA VAL B 191 -8.09 -46.39 -16.94
C VAL B 191 -9.28 -47.33 -17.14
N VAL B 192 -9.59 -48.10 -16.11
CA VAL B 192 -10.67 -49.07 -16.16
C VAL B 192 -11.86 -48.49 -15.41
N LEU B 193 -12.91 -48.14 -16.14
CA LEU B 193 -14.13 -47.63 -15.55
C LEU B 193 -15.21 -48.70 -15.61
N GLN B 194 -16.42 -48.33 -15.19
CA GLN B 194 -17.55 -49.25 -15.29
C GLN B 194 -17.82 -49.58 -16.75
N GLN B 195 -18.37 -50.77 -16.98
CA GLN B 195 -18.55 -51.28 -18.33
C GLN B 195 -19.35 -50.34 -19.21
N GLY B 196 -18.72 -49.82 -20.27
CA GLY B 196 -19.37 -48.96 -21.22
C GLY B 196 -19.34 -47.49 -20.90
N LEU B 197 -18.88 -47.10 -19.71
CA LEU B 197 -18.88 -45.70 -19.33
C LEU B 197 -17.91 -44.89 -20.18
N ALA B 198 -16.67 -45.38 -20.32
CA ALA B 198 -15.68 -44.66 -21.10
C ALA B 198 -16.09 -44.54 -22.56
N ASP B 199 -16.61 -45.62 -23.14
CA ASP B 199 -17.09 -45.57 -24.51
C ASP B 199 -18.24 -44.58 -24.66
N ARG B 200 -19.16 -44.57 -23.70
CA ARG B 200 -20.28 -43.64 -23.78
C ARG B 200 -19.80 -42.19 -23.75
N ILE B 201 -18.90 -41.87 -22.82
CA ILE B 201 -18.43 -40.49 -22.72
C ILE B 201 -17.65 -40.09 -23.96
N VAL B 202 -16.79 -40.99 -24.46
CA VAL B 202 -16.01 -40.68 -25.65
C VAL B 202 -16.92 -40.45 -26.85
N LYS B 203 -17.92 -41.32 -27.02
CA LYS B 203 -18.84 -41.16 -28.14
C LYS B 203 -19.61 -39.85 -28.02
N ASP B 204 -20.06 -39.51 -26.81
CA ASP B 204 -20.81 -38.27 -26.62
C ASP B 204 -19.96 -37.06 -26.97
N ILE B 205 -18.72 -37.01 -26.47
CA ILE B 205 -17.89 -35.84 -26.70
C ILE B 205 -17.48 -35.76 -28.17
N ARG B 206 -17.25 -36.90 -28.83
CA ARG B 206 -16.90 -36.84 -30.23
C ARG B 206 -18.10 -36.48 -31.10
N GLU B 207 -19.30 -36.90 -30.71
CA GLU B 207 -20.50 -36.44 -31.39
C GLU B 207 -20.67 -34.94 -31.25
N PHE B 208 -20.40 -34.41 -30.07
CA PHE B 208 -20.47 -32.97 -29.87
C PHE B 208 -19.45 -32.25 -30.76
N ILE B 209 -18.23 -32.77 -30.83
CA ILE B 209 -17.19 -32.11 -31.61
C ILE B 209 -17.54 -32.16 -33.10
N ASP B 210 -18.05 -33.30 -33.57
CA ASP B 210 -18.21 -33.51 -35.01
C ASP B 210 -19.42 -32.79 -35.59
N ASN B 211 -20.35 -32.29 -34.77
CA ASN B 211 -21.60 -31.73 -35.25
C ASN B 211 -21.79 -30.32 -34.72
N PRO B 212 -21.15 -29.33 -35.34
CA PRO B 212 -21.46 -27.93 -34.99
C PRO B 212 -22.63 -27.39 -35.80
N LYS B 213 -22.86 -27.99 -36.96
CA LYS B 213 -23.97 -27.54 -37.81
C LYS B 213 -25.31 -27.82 -37.15
N TRP B 214 -25.44 -28.97 -36.49
CA TRP B 214 -26.68 -29.29 -35.79
C TRP B 214 -26.97 -28.26 -34.70
N TYR B 215 -25.93 -27.68 -34.10
CA TYR B 215 -26.13 -26.64 -33.11
C TYR B 215 -26.47 -25.31 -33.76
N ILE B 216 -25.75 -24.95 -34.84
CA ILE B 216 -25.96 -23.66 -35.47
C ILE B 216 -27.35 -23.56 -36.08
N ASP B 217 -27.80 -24.63 -36.75
CA ASP B 217 -29.08 -24.61 -37.44
C ASP B 217 -30.27 -24.49 -36.50
N ARG B 218 -30.07 -24.71 -35.20
CA ARG B 218 -31.16 -24.63 -34.23
C ARG B 218 -30.96 -23.54 -33.20
N GLY B 219 -29.88 -22.76 -33.29
CA GLY B 219 -29.65 -21.66 -32.38
C GLY B 219 -29.09 -22.05 -31.04
N ILE B 220 -28.91 -23.33 -30.77
CA ILE B 220 -28.37 -23.76 -29.48
C ILE B 220 -26.92 -23.29 -29.36
N PRO B 221 -26.51 -22.76 -28.22
CA PRO B 221 -25.09 -22.43 -28.05
C PRO B 221 -24.21 -23.66 -28.21
N TYR B 222 -23.08 -23.48 -28.85
CA TYR B 222 -22.17 -24.59 -29.13
C TYR B 222 -21.22 -24.79 -27.96
N ARG B 223 -21.78 -25.29 -26.87
CA ARG B 223 -21.03 -25.60 -25.67
C ARG B 223 -21.49 -26.92 -25.09
N ARG B 224 -20.64 -27.53 -24.27
CA ARG B 224 -21.01 -28.73 -23.55
C ARG B 224 -20.23 -28.79 -22.25
N GLY B 225 -20.81 -29.44 -21.26
CA GLY B 225 -20.17 -29.60 -19.97
C GLY B 225 -20.43 -30.99 -19.43
N TYR B 226 -19.44 -31.50 -18.69
CA TYR B 226 -19.51 -32.83 -18.12
C TYR B 226 -19.20 -32.77 -16.64
N LEU B 227 -19.81 -33.67 -15.88
CA LEU B 227 -19.59 -33.77 -14.45
C LEU B 227 -19.33 -35.21 -14.08
N LEU B 228 -18.20 -35.47 -13.43
CA LEU B 228 -17.85 -36.79 -12.92
C LEU B 228 -17.84 -36.72 -11.40
N TYR B 229 -18.66 -37.54 -10.76
CA TYR B 229 -18.79 -37.51 -9.32
C TYR B 229 -18.71 -38.93 -8.76
N GLY B 230 -18.17 -39.04 -7.55
CA GLY B 230 -18.03 -40.33 -6.90
C GLY B 230 -17.05 -40.27 -5.74
N PRO B 231 -16.91 -41.39 -5.03
CA PRO B 231 -15.96 -41.42 -3.92
C PRO B 231 -14.54 -41.23 -4.42
N PRO B 232 -13.65 -40.68 -3.59
CA PRO B 232 -12.30 -40.37 -4.06
C PRO B 232 -11.52 -41.61 -4.44
N GLY B 233 -10.62 -41.44 -5.42
CA GLY B 233 -9.74 -42.51 -5.84
C GLY B 233 -10.33 -43.49 -6.83
N CYS B 234 -11.48 -43.18 -7.43
CA CYS B 234 -12.12 -44.12 -8.34
C CYS B 234 -11.82 -43.86 -9.81
N GLY B 235 -11.13 -42.77 -10.14
CA GLY B 235 -10.65 -42.61 -11.49
C GLY B 235 -11.21 -41.45 -12.27
N LYS B 236 -11.52 -40.34 -11.60
CA LYS B 236 -12.04 -39.18 -12.32
C LYS B 236 -10.93 -38.41 -13.03
N SER B 237 -9.92 -37.97 -12.27
CA SER B 237 -8.83 -37.21 -12.87
C SER B 237 -8.04 -38.05 -13.86
N SER B 238 -7.80 -39.32 -13.55
CA SER B 238 -7.10 -40.18 -14.49
C SER B 238 -7.88 -40.35 -15.78
N PHE B 239 -9.19 -40.51 -15.68
CA PHE B 239 -10.00 -40.62 -16.89
C PHE B 239 -9.98 -39.33 -17.69
N ILE B 240 -9.99 -38.18 -17.01
CA ILE B 240 -9.92 -36.91 -17.74
C ILE B 240 -8.60 -36.80 -18.49
N THR B 241 -7.50 -37.18 -17.84
CA THR B 241 -6.21 -37.15 -18.52
C THR B 241 -6.19 -38.09 -19.72
N ALA B 242 -6.72 -39.30 -19.55
CA ALA B 242 -6.76 -40.25 -20.65
C ALA B 242 -7.62 -39.74 -21.79
N LEU B 243 -8.75 -39.10 -21.47
CA LEU B 243 -9.63 -38.57 -22.50
C LEU B 243 -8.96 -37.42 -23.24
N ALA B 244 -8.27 -36.54 -22.53
CA ALA B 244 -7.54 -35.46 -23.19
C ALA B 244 -6.47 -36.03 -24.11
N GLY B 245 -5.81 -37.10 -23.68
CA GLY B 245 -4.85 -37.75 -24.57
C GLY B 245 -5.50 -38.35 -25.81
N GLU B 246 -6.64 -39.01 -25.61
CA GLU B 246 -7.32 -39.67 -26.73
C GLU B 246 -7.83 -38.66 -27.74
N LEU B 247 -8.40 -37.56 -27.28
CA LEU B 247 -8.96 -36.55 -28.17
C LEU B 247 -7.92 -35.59 -28.71
N GLU B 248 -6.66 -35.75 -28.32
CA GLU B 248 -5.58 -34.86 -28.74
C GLU B 248 -5.85 -33.41 -28.33
N HIS B 249 -6.56 -33.23 -27.22
CA HIS B 249 -6.83 -31.92 -26.69
C HIS B 249 -5.80 -31.57 -25.62
N SER B 250 -5.87 -30.34 -25.13
CA SER B 250 -5.10 -29.89 -24.00
C SER B 250 -6.03 -29.61 -22.83
N ILE B 251 -5.45 -29.43 -21.65
CA ILE B 251 -6.21 -29.23 -20.42
C ILE B 251 -5.89 -27.86 -19.86
N CYS B 252 -6.91 -27.06 -19.61
CA CYS B 252 -6.76 -25.75 -18.99
C CYS B 252 -7.25 -25.87 -17.56
N LEU B 253 -6.31 -25.94 -16.62
CA LEU B 253 -6.65 -26.11 -15.22
C LEU B 253 -7.09 -24.77 -14.64
N LEU B 254 -8.31 -24.72 -14.12
CA LEU B 254 -8.86 -23.51 -13.53
C LEU B 254 -9.15 -23.78 -12.06
N SER B 255 -8.67 -22.88 -11.20
CA SER B 255 -8.89 -22.98 -9.76
C SER B 255 -9.90 -21.91 -9.37
N LEU B 256 -11.14 -22.33 -9.10
CA LEU B 256 -12.18 -21.37 -8.74
C LEU B 256 -11.84 -20.67 -7.43
N THR B 257 -11.33 -21.41 -6.45
CA THR B 257 -11.01 -20.85 -5.15
C THR B 257 -9.64 -20.21 -5.12
N ASP B 258 -9.39 -19.30 -6.06
CA ASP B 258 -8.15 -18.54 -6.14
C ASP B 258 -8.37 -17.18 -5.47
N SER B 259 -7.32 -16.38 -5.44
CA SER B 259 -7.39 -15.04 -4.85
C SER B 259 -7.52 -13.94 -5.88
N SER B 260 -6.97 -14.13 -7.08
CA SER B 260 -7.02 -13.12 -8.12
C SER B 260 -8.18 -13.30 -9.07
N LEU B 261 -9.06 -14.28 -8.83
CA LEU B 261 -10.13 -14.61 -9.75
C LEU B 261 -11.36 -13.78 -9.42
N SER B 262 -11.85 -13.03 -10.41
CA SER B 262 -13.09 -12.27 -10.31
C SER B 262 -14.04 -12.71 -11.40
N ASP B 263 -15.27 -12.21 -11.33
CA ASP B 263 -16.29 -12.60 -12.31
C ASP B 263 -15.90 -12.17 -13.71
N ASP B 264 -15.45 -10.93 -13.87
CA ASP B 264 -15.01 -10.47 -15.18
C ASP B 264 -13.77 -11.24 -15.64
N ARG B 265 -12.83 -11.48 -14.73
CA ARG B 265 -11.66 -12.26 -15.10
C ARG B 265 -12.04 -13.69 -15.46
N LEU B 266 -13.00 -14.27 -14.75
CA LEU B 266 -13.45 -15.62 -15.09
C LEU B 266 -14.09 -15.65 -16.48
N ASN B 267 -14.92 -14.65 -16.79
CA ASN B 267 -15.51 -14.59 -18.11
C ASN B 267 -14.44 -14.45 -19.19
N HIS B 268 -13.47 -13.58 -18.95
CA HIS B 268 -12.39 -13.42 -19.93
C HIS B 268 -11.60 -14.70 -20.11
N LEU B 269 -11.26 -15.37 -19.01
CA LEU B 269 -10.47 -16.60 -19.10
C LEU B 269 -11.25 -17.68 -19.85
N LEU B 270 -12.54 -17.82 -19.58
CA LEU B 270 -13.33 -18.78 -20.31
C LEU B 270 -13.55 -18.38 -21.76
N SER B 271 -13.38 -17.11 -22.09
CA SER B 271 -13.56 -16.64 -23.45
C SER B 271 -12.30 -16.73 -24.30
N VAL B 272 -11.13 -16.91 -23.69
CA VAL B 272 -9.88 -16.95 -24.43
C VAL B 272 -9.16 -18.28 -24.23
N ALA B 273 -9.89 -19.33 -23.89
CA ALA B 273 -9.27 -20.64 -23.74
C ALA B 273 -8.72 -21.10 -25.08
N PRO B 274 -7.57 -21.78 -25.10
CA PRO B 274 -7.01 -22.25 -26.37
C PRO B 274 -7.98 -23.19 -27.07
N GLN B 275 -7.99 -23.11 -28.40
CA GLN B 275 -8.87 -23.98 -29.17
C GLN B 275 -8.45 -25.43 -29.01
N GLN B 276 -9.43 -26.33 -29.05
CA GLN B 276 -9.22 -27.75 -28.84
C GLN B 276 -8.61 -28.02 -27.47
N SER B 277 -9.31 -27.55 -26.44
CA SER B 277 -8.87 -27.71 -25.06
C SER B 277 -10.07 -27.97 -24.17
N LEU B 278 -9.81 -28.62 -23.04
CA LEU B 278 -10.83 -28.93 -22.05
C LEU B 278 -10.58 -28.10 -20.81
N VAL B 279 -11.53 -27.25 -20.46
CA VAL B 279 -11.46 -26.50 -19.21
C VAL B 279 -11.86 -27.42 -18.07
N LEU B 280 -11.05 -27.46 -17.02
CA LEU B 280 -11.21 -28.42 -15.93
C LEU B 280 -11.38 -27.68 -14.61
N LEU B 281 -12.59 -27.72 -14.06
CA LEU B 281 -12.87 -27.15 -12.74
C LEU B 281 -12.98 -28.30 -11.75
N GLU B 282 -11.87 -28.62 -11.08
CA GLU B 282 -11.84 -29.78 -10.20
C GLU B 282 -12.26 -29.39 -8.80
N ASP B 283 -13.08 -30.24 -8.17
CA ASP B 283 -13.60 -30.02 -6.82
C ASP B 283 -14.39 -28.72 -6.74
N VAL B 284 -15.51 -28.70 -7.47
CA VAL B 284 -16.36 -27.51 -7.52
C VAL B 284 -17.03 -27.27 -6.17
N ASP B 285 -17.36 -28.34 -5.45
CA ASP B 285 -18.09 -28.21 -4.19
C ASP B 285 -17.34 -27.39 -3.15
N ALA B 286 -16.02 -27.25 -3.28
CA ALA B 286 -15.23 -26.49 -2.33
C ALA B 286 -15.27 -24.99 -2.59
N ALA B 287 -15.77 -24.57 -3.76
CA ALA B 287 -15.79 -23.15 -4.07
C ALA B 287 -16.83 -22.41 -3.23
N PHE B 288 -18.01 -23.00 -3.06
CA PHE B 288 -19.13 -22.32 -2.42
C PHE B 288 -19.72 -23.21 -1.33
N LEU B 289 -20.33 -22.55 -0.34
CA LEU B 289 -21.02 -23.25 0.73
C LEU B 289 -22.23 -24.00 0.17
N SER B 290 -22.69 -25.00 0.91
CA SER B 290 -23.56 -26.01 0.32
C SER B 290 -24.54 -26.54 1.36
N ARG B 291 -25.44 -27.41 0.89
CA ARG B 291 -26.41 -28.14 1.70
C ARG B 291 -27.25 -27.21 2.57
N ASP B 292 -26.88 -27.06 3.84
CA ASP B 292 -27.64 -26.19 4.73
C ASP B 292 -27.58 -24.74 4.25
N LEU B 293 -26.43 -24.31 3.71
CA LEU B 293 -26.34 -22.99 3.13
C LEU B 293 -27.08 -22.91 1.79
N ALA B 294 -27.08 -24.00 1.03
CA ALA B 294 -27.87 -24.02 -0.20
C ALA B 294 -29.35 -23.84 0.09
N VAL B 295 -29.83 -24.44 1.17
CA VAL B 295 -31.18 -24.17 1.65
C VAL B 295 -31.30 -22.73 2.13
N GLU B 296 -30.27 -22.23 2.81
CA GLU B 296 -30.24 -20.85 3.26
C GLU B 296 -30.25 -19.91 2.04
N ASN B 297 -30.65 -18.66 2.29
CA ASN B 297 -30.87 -17.68 1.23
C ASN B 297 -29.62 -17.45 0.38
N PRO B 298 -28.44 -17.16 0.97
CA PRO B 298 -27.26 -16.93 0.13
C PRO B 298 -26.41 -18.17 -0.10
N ILE B 299 -25.88 -18.32 -1.31
CA ILE B 299 -24.86 -19.33 -1.58
C ILE B 299 -23.51 -18.67 -1.38
N LYS B 300 -23.02 -18.69 -0.13
CA LYS B 300 -21.83 -17.93 0.23
C LYS B 300 -20.59 -18.49 -0.47
N TYR B 301 -19.69 -17.60 -0.84
CA TYR B 301 -18.42 -17.96 -1.47
C TYR B 301 -17.41 -18.24 -0.37
N GLN B 302 -17.16 -19.52 -0.10
CA GLN B 302 -16.17 -19.89 0.91
C GLN B 302 -14.78 -19.94 0.29
N GLY B 303 -14.38 -18.85 -0.37
CA GLY B 303 -13.11 -18.83 -1.07
C GLY B 303 -12.20 -17.70 -0.66
N LEU B 304 -11.27 -17.35 -1.54
CA LEU B 304 -10.23 -16.36 -1.26
C LEU B 304 -10.33 -15.12 -2.12
N GLY B 305 -10.78 -15.25 -3.35
CA GLY B 305 -10.86 -14.15 -4.28
C GLY B 305 -12.19 -13.43 -4.25
N ARG B 306 -12.54 -12.82 -5.37
CA ARG B 306 -13.75 -12.02 -5.50
C ARG B 306 -14.72 -12.66 -6.49
N LEU B 307 -14.85 -13.97 -6.42
CA LEU B 307 -15.78 -14.70 -7.26
C LEU B 307 -17.10 -14.93 -6.53
N THR B 308 -18.19 -14.93 -7.28
CA THR B 308 -19.51 -15.12 -6.73
C THR B 308 -20.22 -16.26 -7.46
N PHE B 309 -21.23 -16.82 -6.80
CA PHE B 309 -21.98 -17.91 -7.41
C PHE B 309 -22.65 -17.47 -8.71
N SER B 310 -23.24 -16.27 -8.72
CA SER B 310 -23.85 -15.78 -9.94
C SER B 310 -22.83 -15.58 -11.04
N GLY B 311 -21.63 -15.12 -10.68
CA GLY B 311 -20.59 -14.95 -11.67
C GLY B 311 -20.21 -16.26 -12.34
N LEU B 312 -20.01 -17.32 -11.54
CA LEU B 312 -19.71 -18.62 -12.10
C LEU B 312 -20.86 -19.14 -12.95
N LEU B 313 -22.09 -18.97 -12.46
CA LEU B 313 -23.24 -19.45 -13.21
C LEU B 313 -23.34 -18.77 -14.57
N ASN B 314 -23.10 -17.45 -14.61
CA ASN B 314 -23.20 -16.73 -15.87
C ASN B 314 -22.01 -17.01 -16.77
N ALA B 315 -20.85 -17.32 -16.19
CA ALA B 315 -19.70 -17.66 -17.01
C ALA B 315 -19.88 -19.03 -17.67
N LEU B 316 -20.38 -20.01 -16.92
CA LEU B 316 -20.56 -21.34 -17.47
C LEU B 316 -21.60 -21.35 -18.58
N ASP B 317 -22.75 -20.71 -18.34
CA ASP B 317 -23.80 -20.63 -19.35
C ASP B 317 -24.57 -19.34 -19.09
N GLY B 318 -24.21 -18.28 -19.82
CA GLY B 318 -24.90 -17.01 -19.70
C GLY B 318 -25.14 -16.36 -21.03
N VAL B 319 -25.09 -15.04 -21.07
CA VAL B 319 -25.30 -14.30 -22.31
C VAL B 319 -24.00 -14.14 -23.08
N ALA B 320 -22.90 -13.88 -22.37
CA ALA B 320 -21.61 -13.65 -23.01
C ALA B 320 -20.74 -14.88 -23.10
N SER B 321 -21.25 -16.04 -22.68
CA SER B 321 -20.44 -17.25 -22.72
C SER B 321 -20.05 -17.60 -24.15
N THR B 322 -18.79 -17.99 -24.32
CA THR B 322 -18.24 -18.22 -25.64
C THR B 322 -18.54 -19.63 -26.13
N GLU B 323 -18.78 -19.76 -27.43
CA GLU B 323 -19.09 -21.05 -28.03
C GLU B 323 -17.83 -21.87 -28.23
N ALA B 324 -18.01 -23.11 -28.68
CA ALA B 324 -16.92 -24.06 -28.92
C ALA B 324 -16.06 -24.24 -27.67
N ARG B 325 -16.70 -24.76 -26.63
CA ARG B 325 -16.07 -24.87 -25.32
C ARG B 325 -16.56 -26.12 -24.61
N ILE B 326 -15.62 -26.89 -24.07
CA ILE B 326 -15.93 -28.09 -23.30
C ILE B 326 -15.41 -27.87 -21.88
N VAL B 327 -16.29 -28.03 -20.90
CA VAL B 327 -15.95 -27.82 -19.50
C VAL B 327 -16.16 -29.13 -18.75
N PHE B 328 -15.10 -29.59 -18.10
CA PHE B 328 -15.17 -30.77 -17.24
C PHE B 328 -15.05 -30.33 -15.80
N MET B 329 -15.96 -30.79 -14.95
CA MET B 329 -15.81 -30.60 -13.52
C MET B 329 -16.01 -31.92 -12.78
N THR B 330 -15.30 -32.06 -11.66
CA THR B 330 -15.39 -33.24 -10.82
C THR B 330 -15.74 -32.82 -9.39
N THR B 331 -16.32 -33.75 -8.65
CA THR B 331 -16.59 -33.55 -7.24
C THR B 331 -16.74 -34.91 -6.57
N ASN B 332 -16.58 -34.92 -5.25
CA ASN B 332 -16.80 -36.13 -4.47
C ASN B 332 -18.13 -36.13 -3.75
N TYR B 333 -18.74 -34.97 -3.54
CA TYR B 333 -20.01 -34.84 -2.85
C TYR B 333 -20.97 -34.10 -3.80
N ILE B 334 -21.66 -34.86 -4.64
CA ILE B 334 -22.60 -34.24 -5.58
C ILE B 334 -23.76 -33.59 -4.84
N ASP B 335 -24.09 -34.05 -3.64
CA ASP B 335 -25.19 -33.44 -2.88
C ASP B 335 -24.88 -32.02 -2.45
N ARG B 336 -23.61 -31.62 -2.49
CA ARG B 336 -23.22 -30.27 -2.13
C ARG B 336 -23.28 -29.30 -3.30
N LEU B 337 -23.70 -29.76 -4.47
CA LEU B 337 -23.77 -28.90 -5.64
C LEU B 337 -25.18 -28.34 -5.79
N ASP B 338 -25.29 -27.03 -5.93
CA ASP B 338 -26.58 -26.41 -6.13
C ASP B 338 -27.20 -26.89 -7.45
N PRO B 339 -28.49 -27.19 -7.47
CA PRO B 339 -29.10 -27.70 -8.71
C PRO B 339 -29.01 -26.73 -9.87
N ALA B 340 -28.86 -25.43 -9.60
CA ALA B 340 -28.70 -24.48 -10.69
C ALA B 340 -27.33 -24.61 -11.35
N LEU B 341 -26.31 -25.02 -10.58
CA LEU B 341 -24.98 -25.16 -11.14
C LEU B 341 -24.91 -26.34 -12.09
N ILE B 342 -25.61 -27.43 -11.78
CA ILE B 342 -25.61 -28.61 -12.65
C ILE B 342 -26.99 -28.79 -13.24
N ARG B 343 -27.22 -28.20 -14.40
CA ARG B 343 -28.51 -28.28 -15.06
C ARG B 343 -28.30 -28.53 -16.54
N PRO B 344 -29.31 -29.05 -17.23
CA PRO B 344 -29.11 -29.45 -18.64
C PRO B 344 -28.94 -28.27 -19.57
N GLY B 345 -27.70 -27.78 -19.68
CA GLY B 345 -27.38 -26.59 -20.44
C GLY B 345 -26.20 -25.88 -19.84
N ARG B 346 -25.94 -26.19 -18.57
CA ARG B 346 -24.65 -25.97 -17.92
C ARG B 346 -23.88 -27.26 -17.76
N VAL B 347 -24.57 -28.38 -17.59
CA VAL B 347 -23.96 -29.70 -17.50
C VAL B 347 -24.82 -30.65 -18.33
N ASP B 348 -24.30 -31.06 -19.48
CA ASP B 348 -25.05 -31.90 -20.40
C ASP B 348 -24.86 -33.39 -20.15
N LEU B 349 -24.00 -33.79 -19.22
CA LEU B 349 -23.84 -35.20 -18.90
C LEU B 349 -23.27 -35.34 -17.50
N LYS B 350 -23.99 -36.06 -16.65
CA LYS B 350 -23.53 -36.39 -15.31
C LYS B 350 -23.32 -37.90 -15.23
N GLU B 351 -22.14 -38.32 -14.82
CA GLU B 351 -21.80 -39.74 -14.74
C GLU B 351 -21.20 -40.05 -13.38
N TYR B 352 -21.50 -41.25 -12.88
CA TYR B 352 -21.05 -41.70 -11.58
C TYR B 352 -19.85 -42.61 -11.74
N VAL B 353 -18.73 -42.25 -11.13
CA VAL B 353 -17.53 -43.07 -11.12
C VAL B 353 -17.41 -43.62 -9.70
N GLY B 354 -17.84 -44.87 -9.51
CA GLY B 354 -17.94 -45.47 -8.20
C GLY B 354 -16.87 -46.50 -7.94
N TYR B 355 -17.14 -47.37 -6.97
CA TYR B 355 -16.17 -48.37 -6.54
C TYR B 355 -16.06 -49.47 -7.58
N CYS B 356 -15.17 -50.42 -7.32
CA CYS B 356 -14.90 -51.48 -8.27
C CYS B 356 -16.07 -52.45 -8.36
N SER B 357 -16.15 -53.14 -9.49
CA SER B 357 -17.11 -54.22 -9.71
C SER B 357 -16.33 -55.45 -10.15
N HIS B 358 -17.05 -56.56 -10.34
CA HIS B 358 -16.40 -57.80 -10.72
C HIS B 358 -15.66 -57.65 -12.05
N TRP B 359 -16.34 -57.10 -13.05
CA TRP B 359 -15.72 -56.89 -14.35
C TRP B 359 -14.55 -55.92 -14.24
N GLN B 360 -14.72 -54.85 -13.46
CA GLN B 360 -13.65 -53.87 -13.30
C GLN B 360 -12.43 -54.49 -12.65
N LEU B 361 -12.62 -55.30 -11.61
CA LEU B 361 -11.50 -55.98 -10.97
C LEU B 361 -10.83 -56.95 -11.93
N THR B 362 -11.63 -57.68 -12.71
CA THR B 362 -11.05 -58.61 -13.67
C THR B 362 -10.18 -57.89 -14.68
N GLN B 363 -10.68 -56.78 -15.23
CA GLN B 363 -9.91 -56.03 -16.21
C GLN B 363 -8.65 -55.43 -15.59
N MET B 364 -8.75 -54.93 -14.35
CA MET B 364 -7.58 -54.38 -13.69
C MET B 364 -6.51 -55.45 -13.48
N PHE B 365 -6.93 -56.64 -13.05
CA PHE B 365 -5.98 -57.73 -12.88
C PHE B 365 -5.34 -58.11 -14.20
N GLN B 366 -6.13 -58.21 -15.27
CA GLN B 366 -5.57 -58.59 -16.57
C GLN B 366 -4.60 -57.53 -17.08
N ARG B 367 -4.87 -56.25 -16.80
CA ARG B 367 -3.95 -55.21 -17.25
C ARG B 367 -2.67 -55.17 -16.42
N PHE B 368 -2.77 -55.43 -15.11
CA PHE B 368 -1.57 -55.36 -14.29
C PHE B 368 -0.66 -56.57 -14.45
N TYR B 369 -1.22 -57.74 -14.75
CA TYR B 369 -0.46 -58.97 -14.93
C TYR B 369 -0.81 -59.55 -16.30
N PRO B 370 -0.28 -58.98 -17.38
CA PRO B 370 -0.63 -59.47 -18.72
C PRO B 370 0.04 -60.82 -18.99
N GLY B 371 -0.76 -61.79 -19.42
CA GLY B 371 -0.23 -63.10 -19.75
C GLY B 371 -0.86 -64.23 -18.99
N GLN B 372 -1.35 -63.94 -17.78
CA GLN B 372 -1.94 -64.97 -16.96
C GLN B 372 -3.27 -65.45 -17.55
N ALA B 373 -3.66 -66.65 -17.16
CA ALA B 373 -4.92 -67.22 -17.64
C ALA B 373 -6.10 -66.40 -17.12
N PRO B 374 -7.18 -66.30 -17.91
CA PRO B 374 -8.34 -65.51 -17.47
C PRO B 374 -9.01 -66.03 -16.22
N SER B 375 -8.79 -67.30 -15.85
CA SER B 375 -9.41 -67.83 -14.64
C SER B 375 -8.82 -67.19 -13.39
N LEU B 376 -7.52 -66.85 -13.41
CA LEU B 376 -6.91 -66.20 -12.25
C LEU B 376 -7.55 -64.85 -11.97
N ALA B 377 -7.84 -64.08 -13.03
CA ALA B 377 -8.49 -62.79 -12.83
C ALA B 377 -9.86 -62.94 -12.21
N GLU B 378 -10.65 -63.92 -12.68
CA GLU B 378 -11.96 -64.15 -12.10
C GLU B 378 -11.84 -64.57 -10.63
N ASN B 379 -10.89 -65.45 -10.33
CA ASN B 379 -10.69 -65.87 -8.95
C ASN B 379 -10.32 -64.69 -8.06
N PHE B 380 -9.41 -63.84 -8.54
CA PHE B 380 -9.01 -62.66 -7.78
C PHE B 380 -10.19 -61.73 -7.54
N ALA B 381 -10.99 -61.48 -8.57
CA ALA B 381 -12.13 -60.59 -8.42
C ALA B 381 -13.13 -61.14 -7.43
N GLU B 382 -13.43 -62.44 -7.52
CA GLU B 382 -14.39 -63.05 -6.62
C GLU B 382 -13.89 -62.99 -5.18
N HIS B 383 -12.60 -63.30 -4.96
CA HIS B 383 -12.05 -63.26 -3.61
C HIS B 383 -12.06 -61.85 -3.05
N VAL B 384 -11.72 -60.85 -3.87
CA VAL B 384 -11.72 -59.47 -3.39
C VAL B 384 -13.13 -59.04 -3.02
N LEU B 385 -14.11 -59.37 -3.86
CA LEU B 385 -15.49 -58.98 -3.55
C LEU B 385 -16.01 -59.71 -2.32
N LYS B 386 -15.55 -60.94 -2.09
CA LYS B 386 -15.96 -61.65 -0.88
C LYS B 386 -15.32 -61.04 0.36
N ALA B 387 -14.06 -60.62 0.27
CA ALA B 387 -13.36 -60.11 1.44
C ALA B 387 -13.88 -58.73 1.82
N THR B 388 -13.73 -57.76 0.93
CA THR B 388 -14.19 -56.40 1.16
C THR B 388 -15.41 -56.11 0.29
N SER B 389 -16.22 -55.16 0.74
CA SER B 389 -17.45 -54.83 0.05
C SER B 389 -17.36 -53.55 -0.79
N GLU B 390 -16.48 -52.63 -0.44
CA GLU B 390 -16.31 -51.38 -1.17
C GLU B 390 -14.81 -51.15 -1.36
N ILE B 391 -14.30 -51.55 -2.53
CA ILE B 391 -12.89 -51.44 -2.85
C ILE B 391 -12.73 -50.47 -4.00
N SER B 392 -11.90 -49.47 -3.80
CA SER B 392 -11.73 -48.50 -4.87
C SER B 392 -10.59 -48.94 -5.79
N PRO B 393 -10.61 -48.53 -7.06
CA PRO B 393 -9.53 -48.92 -7.97
C PRO B 393 -8.16 -48.46 -7.52
N ALA B 394 -8.07 -47.35 -6.80
CA ALA B 394 -6.79 -46.92 -6.26
C ALA B 394 -6.22 -47.91 -5.25
N GLN B 395 -7.07 -48.48 -4.39
CA GLN B 395 -6.60 -49.49 -3.46
C GLN B 395 -6.14 -50.74 -4.18
N VAL B 396 -6.84 -51.14 -5.24
CA VAL B 396 -6.41 -52.29 -6.03
C VAL B 396 -5.07 -52.01 -6.68
N GLN B 397 -4.88 -50.79 -7.19
CA GLN B 397 -3.61 -50.44 -7.79
C GLN B 397 -2.49 -50.50 -6.76
N GLY B 398 -2.73 -50.00 -5.55
CA GLY B 398 -1.72 -50.10 -4.51
C GLY B 398 -1.41 -51.53 -4.13
N TYR B 399 -2.46 -52.36 -4.03
CA TYR B 399 -2.26 -53.77 -3.70
C TYR B 399 -1.40 -54.46 -4.75
N PHE B 400 -1.66 -54.17 -6.03
CA PHE B 400 -0.79 -54.71 -7.08
C PHE B 400 0.60 -54.12 -7.00
N MET B 401 0.70 -52.85 -6.60
CA MET B 401 2.00 -52.21 -6.42
C MET B 401 2.85 -52.98 -5.42
N LEU B 402 2.20 -53.54 -4.40
CA LEU B 402 2.92 -54.37 -3.43
C LEU B 402 3.52 -55.60 -4.08
N TYR B 403 2.71 -56.35 -4.84
CA TYR B 403 3.12 -57.61 -5.44
C TYR B 403 3.44 -57.39 -6.93
N LYS B 404 4.62 -56.82 -7.18
CA LYS B 404 5.06 -56.59 -8.55
C LYS B 404 5.59 -57.89 -9.15
N ASN B 405 5.13 -58.20 -10.36
CA ASN B 405 5.58 -59.38 -11.11
C ASN B 405 5.38 -60.66 -10.31
N ASP B 406 4.30 -60.72 -9.53
CA ASP B 406 3.99 -61.89 -8.71
C ASP B 406 2.48 -62.08 -8.69
N PRO B 407 1.90 -62.57 -9.79
CA PRO B 407 0.44 -62.78 -9.81
C PRO B 407 -0.04 -63.72 -8.73
N MET B 408 0.70 -64.79 -8.46
CA MET B 408 0.25 -65.77 -7.47
C MET B 408 0.18 -65.16 -6.08
N GLY B 409 1.15 -64.29 -5.74
CA GLY B 409 1.08 -63.61 -4.46
C GLY B 409 -0.15 -62.73 -4.35
N ALA B 410 -0.51 -62.05 -5.44
CA ALA B 410 -1.70 -61.21 -5.44
C ALA B 410 -2.95 -62.05 -5.24
N VAL B 411 -3.05 -63.17 -5.96
CA VAL B 411 -4.20 -64.06 -5.82
C VAL B 411 -4.21 -64.78 -4.47
N HIS B 412 -3.08 -64.81 -3.77
CA HIS B 412 -3.02 -65.49 -2.48
C HIS B 412 -3.40 -64.56 -1.33
N ASN B 413 -2.83 -63.36 -1.29
CA ASN B 413 -2.99 -62.47 -0.14
C ASN B 413 -4.13 -61.49 -0.35
N ILE B 414 -5.32 -62.02 -0.59
CA ILE B 414 -6.51 -61.18 -0.64
C ILE B 414 -6.85 -60.65 0.76
N GLU B 415 -6.67 -61.49 1.78
CA GLU B 415 -7.13 -61.16 3.12
C GLU B 415 -6.50 -59.88 3.67
N SER B 416 -5.35 -59.48 3.15
CA SER B 416 -4.73 -58.24 3.59
C SER B 416 -5.55 -57.02 3.20
N LEU B 417 -6.50 -57.16 2.28
CA LEU B 417 -7.35 -56.07 1.85
C LEU B 417 -8.58 -55.91 2.73
N ARG B 418 -8.79 -56.80 3.70
CA ARG B 418 -9.96 -56.71 4.56
C ARG B 418 -9.89 -55.44 5.40
N PRO B 419 -10.97 -54.66 5.49
CA PRO B 419 -10.98 -53.42 6.28
C PRO B 419 -10.83 -53.68 7.78
N MET C 1 15.28 32.30 -58.24
CA MET C 1 16.26 33.15 -57.57
C MET C 1 17.07 32.44 -56.47
N PRO C 2 16.44 31.59 -55.64
CA PRO C 2 17.21 30.92 -54.58
C PRO C 2 18.39 30.11 -55.10
N PHE C 3 18.29 29.55 -56.30
CA PHE C 3 19.40 28.77 -56.85
C PHE C 3 20.52 29.68 -57.33
N SER C 4 20.21 30.60 -58.25
CA SER C 4 21.24 31.42 -58.88
C SER C 4 21.79 32.46 -57.92
N ASP C 5 20.91 33.17 -57.20
CA ASP C 5 21.36 34.27 -56.36
C ASP C 5 22.24 33.77 -55.21
N PHE C 6 21.85 32.68 -54.57
CA PHE C 6 22.65 32.14 -53.47
C PHE C 6 24.03 31.71 -53.95
N VAL C 7 24.10 31.05 -55.11
CA VAL C 7 25.37 30.56 -55.63
C VAL C 7 26.35 31.72 -55.80
N LEU C 8 25.88 32.83 -56.38
CA LEU C 8 26.69 34.04 -56.42
C LEU C 8 26.96 34.58 -55.02
N ALA C 9 25.94 34.57 -54.16
CA ALA C 9 26.11 35.09 -52.81
C ALA C 9 27.10 34.25 -52.01
N LEU C 10 26.99 32.92 -52.11
CA LEU C 10 27.97 32.07 -51.45
C LEU C 10 29.37 32.28 -52.01
N LYS C 11 29.49 32.33 -53.35
CA LYS C 11 30.79 32.52 -53.96
C LYS C 11 31.40 33.87 -53.62
N ASP C 12 30.57 34.85 -53.26
CA ASP C 12 31.08 36.16 -52.89
C ASP C 12 31.95 36.09 -51.63
N ASN C 13 31.51 35.32 -50.63
CA ASN C 13 32.23 35.27 -49.36
C ASN C 13 33.28 34.18 -49.41
N PRO C 14 34.57 34.51 -49.24
CA PRO C 14 35.58 33.45 -49.10
C PRO C 14 35.36 32.60 -47.85
N TYR C 15 34.71 33.14 -46.83
CA TYR C 15 34.40 32.36 -45.64
C TYR C 15 33.43 31.22 -45.96
N PHE C 16 32.66 31.36 -47.04
CA PHE C 16 31.80 30.26 -47.48
C PHE C 16 32.60 29.04 -47.90
N GLY C 17 33.74 29.25 -48.56
CA GLY C 17 34.58 28.12 -48.94
C GLY C 17 35.06 27.34 -47.73
N ALA C 18 35.49 28.07 -46.69
CA ALA C 18 35.87 27.40 -45.44
C ALA C 18 34.65 26.74 -44.79
N GLY C 19 33.48 27.36 -44.90
CA GLY C 19 32.29 26.76 -44.33
C GLY C 19 31.91 25.44 -44.98
N PHE C 20 31.92 25.41 -46.31
CA PHE C 20 31.66 24.15 -47.01
C PHE C 20 32.81 23.16 -46.83
N GLY C 21 34.02 23.67 -46.56
CA GLY C 21 35.07 22.78 -46.07
C GLY C 21 34.71 22.20 -44.72
N LEU C 22 34.10 23.01 -43.85
CA LEU C 22 33.61 22.51 -42.57
C LEU C 22 32.36 21.64 -42.75
N VAL C 23 31.58 21.90 -43.80
CA VAL C 23 30.42 21.05 -44.07
C VAL C 23 30.86 19.63 -44.38
N GLY C 24 31.90 19.49 -45.19
CA GLY C 24 32.46 18.17 -45.43
C GLY C 24 33.00 17.54 -44.17
N VAL C 25 33.56 18.35 -43.27
CA VAL C 25 34.04 17.84 -41.99
C VAL C 25 32.89 17.27 -41.17
N GLY C 26 31.77 17.98 -41.12
CA GLY C 26 30.62 17.48 -40.39
C GLY C 26 30.05 16.21 -41.00
N THR C 27 29.98 16.16 -42.33
CA THR C 27 29.49 14.95 -43.00
C THR C 27 30.40 13.76 -42.73
N ALA C 28 31.72 13.98 -42.77
CA ALA C 28 32.66 12.91 -42.48
C ALA C 28 32.55 12.47 -41.02
N LEU C 29 32.36 13.43 -40.11
CA LEU C 29 32.23 13.08 -38.69
C LEU C 29 31.00 12.22 -38.46
N ALA C 30 29.87 12.56 -39.09
CA ALA C 30 28.68 11.74 -38.98
C ALA C 30 28.89 10.36 -39.59
N MET C 31 29.57 10.30 -40.74
CA MET C 31 29.87 9.02 -41.36
C MET C 31 30.77 8.19 -40.46
N ALA C 32 31.79 8.82 -39.87
CA ALA C 32 32.72 8.09 -39.00
C ALA C 32 32.00 7.51 -37.79
N ARG C 33 31.07 8.27 -37.20
CA ARG C 33 30.27 7.74 -36.09
C ARG C 33 29.43 6.56 -36.55
N LYS C 34 28.81 6.68 -37.73
CA LYS C 34 28.04 5.56 -38.27
C LYS C 34 28.93 4.36 -38.56
N GLY C 35 30.14 4.61 -39.06
CA GLY C 35 31.06 3.52 -39.33
C GLY C 35 31.43 2.75 -38.08
N ALA C 36 31.54 3.45 -36.96
CA ALA C 36 31.87 2.80 -35.70
C ALA C 36 30.79 1.82 -35.27
N GLN C 37 29.53 2.26 -35.29
CA GLN C 37 28.44 1.42 -34.81
C GLN C 37 28.29 0.16 -35.66
N LEU C 38 28.32 0.32 -36.99
CA LEU C 38 28.18 -0.84 -37.86
C LEU C 38 29.34 -1.81 -37.68
N GLY C 39 30.56 -1.29 -37.52
CA GLY C 39 31.71 -2.15 -37.30
C GLY C 39 31.58 -2.93 -36.00
N LEU C 40 31.20 -2.25 -34.92
CA LEU C 40 30.99 -2.92 -33.65
C LEU C 40 29.92 -4.00 -33.76
N VAL C 41 28.80 -3.67 -34.39
CA VAL C 41 27.70 -4.63 -34.50
C VAL C 41 28.13 -5.85 -35.30
N ALA C 42 28.81 -5.63 -36.43
CA ALA C 42 29.26 -6.74 -37.26
C ALA C 42 30.25 -7.61 -36.50
N PHE C 43 31.19 -6.99 -35.79
CA PHE C 43 32.19 -7.75 -35.04
C PHE C 43 31.53 -8.59 -33.96
N ARG C 44 30.58 -8.00 -33.22
CA ARG C 44 29.87 -8.76 -32.19
C ARG C 44 29.08 -9.91 -32.81
N ARG C 45 28.43 -9.65 -33.94
CA ARG C 45 27.58 -10.66 -34.55
C ARG C 45 28.40 -11.81 -35.12
N HIS C 46 29.61 -11.54 -35.59
CA HIS C 46 30.35 -12.55 -36.35
C HIS C 46 31.50 -13.21 -35.59
N TYR C 47 32.09 -12.56 -34.60
CA TYR C 47 33.30 -13.08 -33.97
C TYR C 47 33.27 -13.09 -32.44
N MET C 48 32.12 -12.85 -31.83
CA MET C 48 32.02 -12.89 -30.37
C MET C 48 30.82 -13.71 -29.94
N ILE C 49 30.95 -14.32 -28.76
CA ILE C 49 29.89 -15.13 -28.16
C ILE C 49 29.52 -14.53 -26.81
N THR C 50 28.22 -14.47 -26.52
CA THR C 50 27.72 -13.89 -25.30
C THR C 50 26.67 -14.81 -24.69
N LEU C 51 26.75 -15.02 -23.38
CA LEU C 51 25.80 -15.86 -22.66
C LEU C 51 25.35 -15.11 -21.40
N GLU C 52 24.15 -14.55 -21.45
CA GLU C 52 23.58 -13.88 -20.29
C GLU C 52 22.80 -14.87 -19.44
N VAL C 53 22.94 -14.74 -18.12
CA VAL C 53 22.20 -15.57 -17.17
C VAL C 53 21.43 -14.66 -16.23
N PRO C 54 20.11 -14.75 -16.20
CA PRO C 54 19.32 -13.93 -15.26
C PRO C 54 19.43 -14.52 -13.86
N ALA C 55 18.76 -13.87 -12.92
CA ALA C 55 18.69 -14.35 -11.55
C ALA C 55 17.46 -15.22 -11.29
N ARG C 56 16.66 -15.48 -12.32
CA ARG C 56 15.44 -16.27 -12.19
C ARG C 56 15.67 -17.75 -12.45
N ASP C 57 16.91 -18.17 -12.64
CA ASP C 57 17.23 -19.56 -12.96
C ASP C 57 18.14 -20.17 -11.91
N ARG C 58 17.95 -21.47 -11.67
CA ARG C 58 18.92 -22.23 -10.89
C ARG C 58 20.28 -22.24 -11.56
N SER C 59 20.31 -22.09 -12.88
CA SER C 59 21.57 -21.92 -13.59
C SER C 59 22.36 -20.74 -13.01
N TYR C 60 21.65 -19.69 -12.60
CA TYR C 60 22.33 -18.57 -11.95
C TYR C 60 23.04 -19.01 -10.69
N ALA C 61 22.37 -19.81 -9.86
CA ALA C 61 22.99 -20.27 -8.63
C ALA C 61 24.21 -21.13 -8.91
N TRP C 62 24.07 -22.10 -9.81
CA TRP C 62 25.20 -22.98 -10.11
C TRP C 62 26.36 -22.21 -10.72
N LEU C 63 26.07 -21.27 -11.63
CA LEU C 63 27.11 -20.50 -12.29
C LEU C 63 27.79 -19.56 -11.32
N LEU C 64 27.02 -18.97 -10.40
CA LEU C 64 27.62 -18.12 -9.38
C LEU C 64 28.54 -18.93 -8.48
N SER C 65 28.12 -20.13 -8.09
CA SER C 65 28.98 -20.99 -7.29
C SER C 65 30.26 -21.36 -8.04
N TRP C 66 30.13 -21.69 -9.32
CA TRP C 66 31.32 -22.02 -10.10
C TRP C 66 32.22 -20.82 -10.29
N LEU C 67 31.66 -19.62 -10.39
CA LEU C 67 32.49 -18.42 -10.46
C LEU C 67 33.21 -18.17 -9.14
N THR C 68 32.54 -18.45 -8.02
CA THR C 68 33.22 -18.35 -6.73
C THR C 68 34.40 -19.30 -6.65
N ARG C 69 34.19 -20.55 -7.09
CA ARG C 69 35.27 -21.52 -7.01
C ARG C 69 36.39 -21.20 -8.00
N HIS C 70 36.08 -21.24 -9.29
CA HIS C 70 37.08 -21.02 -10.33
C HIS C 70 37.09 -19.54 -10.67
N SER C 71 38.00 -18.80 -10.02
CA SER C 71 38.20 -17.38 -10.32
C SER C 71 39.68 -17.05 -10.46
N THR C 72 40.54 -18.07 -10.53
CA THR C 72 42.00 -17.91 -10.58
C THR C 72 42.41 -17.06 -9.37
N ARG C 73 43.26 -16.05 -9.54
CA ARG C 73 43.68 -15.17 -8.44
C ARG C 73 42.99 -13.83 -8.51
N THR C 74 41.70 -13.81 -8.85
CA THR C 74 40.96 -12.57 -9.00
C THR C 74 41.05 -11.72 -7.73
N GLN C 75 41.31 -10.43 -7.91
CA GLN C 75 41.53 -9.50 -6.82
C GLN C 75 40.48 -8.41 -6.78
N HIS C 76 39.25 -8.75 -7.15
CA HIS C 76 38.11 -7.84 -7.10
C HIS C 76 36.93 -8.54 -6.42
N LEU C 77 37.21 -9.14 -5.27
CA LEU C 77 36.27 -10.03 -4.60
C LEU C 77 35.36 -9.25 -3.65
N SER C 78 34.33 -9.95 -3.17
CA SER C 78 33.47 -9.45 -2.11
C SER C 78 33.29 -10.55 -1.07
N VAL C 79 33.10 -10.14 0.19
CA VAL C 79 33.08 -11.09 1.29
C VAL C 79 31.69 -11.72 1.38
N GLU C 80 31.65 -12.90 2.02
CA GLU C 80 30.39 -13.59 2.30
C GLU C 80 30.62 -14.46 3.53
N THR C 81 30.06 -14.03 4.66
CA THR C 81 30.26 -14.71 5.93
C THR C 81 29.23 -15.83 6.08
N SER C 82 29.71 -17.01 6.48
CA SER C 82 28.83 -18.14 6.70
C SER C 82 29.39 -18.99 7.84
N TYR C 83 28.49 -19.73 8.48
CA TYR C 83 28.87 -20.61 9.58
C TYR C 83 29.13 -22.00 9.04
N LEU C 84 30.35 -22.50 9.24
CA LEU C 84 30.77 -23.80 8.76
C LEU C 84 30.93 -24.74 9.94
N GLN C 85 30.20 -25.85 9.91
CA GLN C 85 30.25 -26.82 10.99
C GLN C 85 31.46 -27.74 10.79
N HIS C 86 32.41 -27.67 11.71
CA HIS C 86 33.59 -28.52 11.63
C HIS C 86 33.21 -29.96 11.97
N GLU C 87 34.09 -30.89 11.58
CA GLU C 87 33.88 -32.29 11.90
C GLU C 87 34.04 -32.56 13.39
N SER C 88 34.66 -31.65 14.13
CA SER C 88 34.81 -31.83 15.57
C SER C 88 33.49 -31.68 16.32
N GLY C 89 32.46 -31.13 15.66
CA GLY C 89 31.17 -30.94 16.26
C GLY C 89 30.79 -29.50 16.51
N ARG C 90 31.74 -28.57 16.44
CA ARG C 90 31.47 -27.16 16.66
C ARG C 90 31.40 -26.42 15.34
N ILE C 91 30.98 -25.16 15.42
CA ILE C 91 30.78 -24.32 14.24
C ILE C 91 31.65 -23.07 14.38
N SER C 92 32.31 -22.70 13.29
CA SER C 92 33.16 -21.51 13.25
C SER C 92 32.81 -20.69 12.03
N THR C 93 33.13 -19.40 12.10
CA THR C 93 32.85 -18.49 11.00
C THR C 93 33.74 -18.82 9.81
N LYS C 94 33.14 -18.84 8.62
CA LYS C 94 33.85 -19.12 7.38
C LYS C 94 33.84 -17.86 6.52
N PHE C 95 35.03 -17.38 6.18
CA PHE C 95 35.18 -16.19 5.35
C PHE C 95 35.30 -16.63 3.90
N GLU C 96 34.23 -16.47 3.13
CA GLU C 96 34.21 -16.85 1.74
C GLU C 96 34.18 -15.61 0.85
N PHE C 97 34.97 -15.63 -0.20
CA PHE C 97 35.12 -14.49 -1.10
C PHE C 97 34.47 -14.80 -2.45
N ILE C 98 33.56 -13.93 -2.87
CA ILE C 98 32.91 -14.04 -4.17
C ILE C 98 33.36 -12.84 -5.00
N PRO C 99 33.65 -13.01 -6.28
CA PRO C 99 34.06 -11.88 -7.12
C PRO C 99 33.02 -10.77 -7.09
N SER C 100 33.45 -9.58 -6.67
CA SER C 100 32.58 -8.43 -6.60
C SER C 100 32.20 -7.97 -8.00
N PRO C 101 31.12 -7.21 -8.13
CA PRO C 101 30.69 -6.76 -9.46
C PRO C 101 31.79 -6.03 -10.21
N GLY C 102 31.92 -6.35 -11.49
CA GLY C 102 33.00 -5.83 -12.29
C GLY C 102 33.29 -6.78 -13.45
N ASN C 103 34.38 -6.47 -14.15
CA ASN C 103 34.82 -7.26 -15.29
C ASN C 103 36.01 -8.11 -14.88
N HIS C 104 35.85 -9.42 -14.89
CA HIS C 104 36.90 -10.38 -14.56
C HIS C 104 37.25 -11.21 -15.78
N PHE C 105 38.51 -11.65 -15.83
CA PHE C 105 39.04 -12.37 -16.98
C PHE C 105 39.57 -13.73 -16.53
N ILE C 106 39.19 -14.77 -17.26
CA ILE C 106 39.62 -16.14 -16.97
C ILE C 106 40.26 -16.69 -18.24
N TRP C 107 40.96 -17.81 -18.09
CA TRP C 107 41.66 -18.47 -19.19
C TRP C 107 41.16 -19.91 -19.34
N TYR C 108 39.85 -20.08 -19.37
CA TYR C 108 39.28 -21.42 -19.51
C TYR C 108 39.47 -21.95 -20.92
N GLN C 109 40.05 -23.15 -21.01
CA GLN C 109 40.17 -23.89 -22.28
C GLN C 109 40.86 -23.06 -23.35
N GLY C 110 41.90 -22.33 -22.95
CA GLY C 110 42.72 -21.61 -23.91
C GLY C 110 42.10 -20.35 -24.47
N LYS C 111 40.94 -19.93 -23.97
CA LYS C 111 40.30 -18.69 -24.38
C LYS C 111 40.45 -17.67 -23.27
N TRP C 112 39.92 -16.47 -23.49
CA TRP C 112 39.95 -15.40 -22.51
C TRP C 112 38.52 -14.91 -22.30
N ILE C 113 37.80 -15.58 -21.41
CA ILE C 113 36.41 -15.25 -21.13
C ILE C 113 36.36 -13.96 -20.32
N ARG C 114 35.30 -13.19 -20.55
CA ARG C 114 35.20 -11.84 -19.99
C ARG C 114 33.98 -11.69 -19.07
N VAL C 115 33.82 -12.61 -18.11
CA VAL C 115 32.66 -12.59 -17.23
C VAL C 115 32.47 -11.20 -16.63
N GLU C 116 31.22 -10.84 -16.40
CA GLU C 116 30.88 -9.55 -15.82
C GLU C 116 29.72 -9.74 -14.86
N ARG C 117 29.94 -9.44 -13.58
CA ARG C 117 28.91 -9.56 -12.56
C ARG C 117 28.02 -8.32 -12.64
N ASN C 118 26.89 -8.45 -13.31
CA ASN C 118 25.95 -7.35 -13.40
C ASN C 118 25.38 -7.04 -12.01
N ARG C 119 25.22 -5.76 -11.73
CA ARG C 119 24.78 -5.30 -10.43
C ARG C 119 23.26 -5.16 -10.42
N ASP C 120 22.72 -4.52 -9.39
CA ASP C 120 21.30 -4.26 -9.29
C ASP C 120 20.96 -2.93 -9.95
N MET C 121 19.89 -2.93 -10.77
CA MET C 121 19.45 -1.72 -11.44
C MET C 121 18.30 -1.04 -10.70
N GLN C 122 17.18 -1.74 -10.49
CA GLN C 122 15.99 -1.09 -9.97
C GLN C 122 15.31 -1.88 -8.86
N MET C 123 15.91 -2.97 -8.38
CA MET C 123 15.36 -3.76 -7.27
C MET C 123 13.99 -4.34 -7.60
N VAL C 124 13.88 -4.94 -8.78
CA VAL C 124 12.66 -5.61 -9.21
C VAL C 124 13.03 -6.99 -9.74
N ASP C 125 12.43 -8.02 -9.16
CA ASP C 125 12.59 -9.40 -9.62
C ASP C 125 11.60 -10.25 -8.85
N LEU C 126 11.56 -11.54 -9.17
CA LEU C 126 10.68 -12.49 -8.52
C LEU C 126 11.46 -13.75 -8.15
N GLN C 127 10.94 -14.48 -7.16
CA GLN C 127 11.52 -15.73 -6.68
C GLN C 127 12.91 -15.53 -6.07
N THR C 128 13.25 -14.30 -5.70
CA THR C 128 14.53 -14.01 -5.07
C THR C 128 14.35 -12.79 -4.18
N GLY C 129 15.46 -12.19 -3.76
CA GLY C 129 15.45 -10.94 -3.03
C GLY C 129 15.25 -9.72 -3.89
N THR C 130 14.85 -9.93 -5.14
CA THR C 130 14.65 -8.86 -6.12
C THR C 130 15.85 -7.92 -6.29
N PRO C 131 17.05 -8.47 -6.56
CA PRO C 131 18.16 -7.57 -6.92
C PRO C 131 18.40 -7.48 -8.43
N TRP C 132 17.79 -8.37 -9.20
CA TRP C 132 18.05 -8.54 -10.63
C TRP C 132 19.55 -8.44 -10.93
N GLU C 133 20.29 -9.38 -10.36
CA GLU C 133 21.70 -9.54 -10.66
C GLU C 133 21.88 -10.56 -11.78
N SER C 134 22.95 -10.39 -12.56
CA SER C 134 23.16 -11.23 -13.72
C SER C 134 24.65 -11.35 -13.99
N VAL C 135 24.99 -12.34 -14.82
CA VAL C 135 26.36 -12.53 -15.29
C VAL C 135 26.32 -12.66 -16.81
N THR C 136 27.31 -12.09 -17.48
CA THR C 136 27.40 -12.15 -18.94
C THR C 136 28.76 -12.71 -19.31
N PHE C 137 28.77 -13.88 -19.93
CA PHE C 137 30.01 -14.52 -20.37
C PHE C 137 30.29 -14.10 -21.80
N THR C 138 31.32 -13.28 -21.98
CA THR C 138 31.72 -12.81 -23.31
C THR C 138 33.10 -13.36 -23.64
N ALA C 139 33.25 -13.85 -24.86
CA ALA C 139 34.53 -14.40 -25.30
C ALA C 139 34.67 -14.20 -26.79
N LEU C 140 35.92 -14.24 -27.26
CA LEU C 140 36.22 -14.09 -28.67
C LEU C 140 36.24 -15.46 -29.33
N GLY C 141 35.48 -15.61 -30.40
CA GLY C 141 35.42 -16.87 -31.11
C GLY C 141 34.05 -17.07 -31.71
N THR C 142 33.90 -18.23 -32.37
CA THR C 142 32.65 -18.60 -33.00
C THR C 142 31.99 -19.84 -32.41
N ASP C 143 32.73 -20.66 -31.66
CA ASP C 143 32.16 -21.87 -31.09
C ASP C 143 31.34 -21.55 -29.84
N ARG C 144 30.22 -22.25 -29.70
CA ARG C 144 29.34 -22.10 -28.55
C ARG C 144 29.56 -23.16 -27.49
N LYS C 145 30.34 -24.20 -27.79
CA LYS C 145 30.50 -25.32 -26.87
C LYS C 145 31.23 -24.92 -25.58
N VAL C 146 31.97 -23.81 -25.60
CA VAL C 146 32.69 -23.39 -24.41
C VAL C 146 31.73 -23.06 -23.28
N PHE C 147 30.67 -22.32 -23.59
CA PHE C 147 29.72 -21.93 -22.55
C PHE C 147 28.91 -23.13 -22.08
N PHE C 148 28.58 -24.06 -22.98
CA PHE C 148 27.91 -25.28 -22.57
C PHE C 148 28.79 -26.10 -21.64
N ASN C 149 30.09 -26.19 -21.95
CA ASN C 149 31.01 -26.88 -21.07
C ASN C 149 31.09 -26.20 -19.71
N ILE C 150 31.10 -24.87 -19.70
CA ILE C 150 31.13 -24.13 -18.45
C ILE C 150 29.89 -24.44 -17.61
N LEU C 151 28.72 -24.45 -18.25
CA LEU C 151 27.49 -24.73 -17.52
C LEU C 151 27.47 -26.15 -16.98
N GLU C 152 27.90 -27.12 -17.79
CA GLU C 152 27.93 -28.50 -17.34
C GLU C 152 28.91 -28.69 -16.18
N GLU C 153 30.08 -28.05 -16.26
CA GLU C 153 31.04 -28.13 -15.18
C GLU C 153 30.52 -27.45 -13.92
N ALA C 154 29.76 -26.36 -14.07
CA ALA C 154 29.15 -25.72 -12.92
C ALA C 154 28.13 -26.65 -12.26
N ARG C 155 27.33 -27.33 -13.06
CA ARG C 155 26.38 -28.30 -12.50
C ARG C 155 27.10 -29.42 -11.78
N ALA C 156 28.18 -29.94 -12.38
CA ALA C 156 28.93 -31.01 -11.76
C ALA C 156 29.55 -30.58 -10.44
N LEU C 157 30.09 -29.36 -10.40
CA LEU C 157 30.66 -28.84 -9.17
C LEU C 157 29.58 -28.62 -8.12
N ALA C 158 28.39 -28.17 -8.53
CA ALA C 158 27.29 -28.03 -7.59
C ALA C 158 26.91 -29.38 -7.00
N LEU C 159 26.88 -30.42 -7.83
CA LEU C 159 26.64 -31.77 -7.33
C LEU C 159 27.84 -32.34 -6.59
N GLN C 160 29.00 -31.69 -6.66
CA GLN C 160 30.18 -32.08 -5.90
C GLN C 160 30.27 -31.24 -4.63
N GLN C 161 31.24 -31.59 -3.79
CA GLN C 161 31.53 -30.97 -2.49
C GLN C 161 30.32 -31.02 -1.55
N GLU C 162 29.26 -31.73 -1.92
CA GLU C 162 28.10 -31.96 -1.07
C GLU C 162 27.93 -33.43 -0.73
N GLU C 163 28.91 -34.26 -1.05
CA GLU C 163 28.82 -35.69 -0.80
C GLU C 163 29.32 -36.02 0.60
N GLY C 164 28.69 -37.01 1.22
CA GLY C 164 28.90 -37.29 2.63
C GLY C 164 28.05 -36.44 3.55
N LYS C 165 27.28 -35.51 3.01
CA LYS C 165 26.41 -34.63 3.78
C LYS C 165 25.03 -34.62 3.13
N THR C 166 24.07 -34.03 3.82
CA THR C 166 22.69 -33.93 3.33
C THR C 166 22.36 -32.48 3.07
N VAL C 167 21.89 -32.19 1.87
CA VAL C 167 21.48 -30.85 1.48
C VAL C 167 20.00 -30.68 1.81
N MET C 168 19.62 -29.50 2.29
CA MET C 168 18.25 -29.21 2.65
C MET C 168 17.82 -27.94 1.93
N TYR C 169 16.88 -28.07 1.01
CA TYR C 169 16.36 -26.93 0.27
C TYR C 169 15.16 -26.33 1.00
N THR C 170 14.74 -25.16 0.54
CA THR C 170 13.57 -24.49 1.10
C THR C 170 12.94 -23.63 0.01
N ALA C 171 11.67 -23.29 0.24
CA ALA C 171 10.91 -22.53 -0.74
C ALA C 171 11.21 -21.05 -0.58
N VAL C 172 11.85 -20.46 -1.59
CA VAL C 172 12.12 -19.02 -1.62
C VAL C 172 11.34 -18.48 -2.82
N GLY C 173 10.13 -17.97 -2.57
CA GLY C 173 9.29 -17.51 -3.64
C GLY C 173 8.63 -18.66 -4.36
N SER C 174 9.10 -18.93 -5.58
CA SER C 174 8.60 -20.06 -6.35
C SER C 174 9.74 -20.98 -6.81
N GLU C 175 10.86 -20.98 -6.11
CA GLU C 175 12.00 -21.81 -6.44
C GLU C 175 12.56 -22.45 -5.18
N TRP C 176 13.19 -23.60 -5.36
CA TRP C 176 13.84 -24.30 -4.26
C TRP C 176 15.29 -23.85 -4.16
N ARG C 177 15.62 -23.20 -3.05
CA ARG C 177 16.97 -22.70 -2.80
C ARG C 177 17.54 -23.37 -1.57
N THR C 178 18.83 -23.66 -1.60
CA THR C 178 19.47 -24.36 -0.50
C THR C 178 19.37 -23.53 0.78
N PHE C 179 19.14 -24.22 1.90
CA PHE C 179 18.97 -23.59 3.20
C PHE C 179 20.19 -23.90 4.04
N GLY C 180 20.98 -22.87 4.36
CA GLY C 180 22.15 -23.07 5.17
C GLY C 180 23.22 -23.90 4.45
N TYR C 181 23.96 -24.66 5.24
CA TYR C 181 25.05 -25.49 4.75
C TYR C 181 24.63 -26.95 4.75
N PRO C 182 25.30 -27.80 3.94
CA PRO C 182 24.97 -29.23 3.95
C PRO C 182 25.13 -29.86 5.32
N ARG C 183 24.02 -30.33 5.90
CA ARG C 183 24.06 -30.95 7.21
C ARG C 183 24.76 -32.30 7.14
N ARG C 184 25.42 -32.65 8.24
CA ARG C 184 26.08 -33.94 8.32
C ARG C 184 25.06 -35.08 8.36
N ARG C 185 25.39 -36.18 7.69
CA ARG C 185 24.45 -37.29 7.59
C ARG C 185 24.24 -37.95 8.94
N ARG C 186 23.00 -38.32 9.21
CA ARG C 186 22.69 -39.12 10.39
C ARG C 186 22.74 -40.59 10.02
N PRO C 187 23.56 -41.40 10.69
CA PRO C 187 23.63 -42.83 10.35
C PRO C 187 22.28 -43.50 10.49
N LEU C 188 21.98 -44.41 9.56
CA LEU C 188 20.68 -45.07 9.56
C LEU C 188 20.50 -45.94 10.79
N ASP C 189 21.56 -46.63 11.21
CA ASP C 189 21.45 -47.48 12.39
C ASP C 189 21.35 -46.68 13.69
N SER C 190 21.60 -45.37 13.64
CA SER C 190 21.43 -44.52 14.82
C SER C 190 19.97 -44.30 15.17
N VAL C 191 19.05 -44.65 14.28
CA VAL C 191 17.61 -44.54 14.52
C VAL C 191 17.08 -45.95 14.70
N VAL C 192 16.55 -46.25 15.87
CA VAL C 192 16.05 -47.58 16.20
C VAL C 192 14.54 -47.53 16.12
N LEU C 193 13.97 -48.18 15.12
CA LEU C 193 12.53 -48.27 14.95
C LEU C 193 12.06 -49.66 15.35
N GLN C 194 10.77 -49.92 15.15
CA GLN C 194 10.24 -51.24 15.41
C GLN C 194 10.88 -52.25 14.46
N GLN C 195 10.94 -53.50 14.90
CA GLN C 195 11.66 -54.54 14.18
C GLN C 195 11.18 -54.69 12.74
N GLY C 196 12.05 -54.41 11.78
CA GLY C 196 11.74 -54.58 10.37
C GLY C 196 11.10 -53.38 9.71
N LEU C 197 10.73 -52.35 10.46
CA LEU C 197 10.07 -51.19 9.86
C LEU C 197 11.01 -50.43 8.93
N ALA C 198 12.22 -50.14 9.42
CA ALA C 198 13.16 -49.37 8.60
C ALA C 198 13.54 -50.15 7.34
N ASP C 199 13.78 -51.45 7.47
CA ASP C 199 14.10 -52.26 6.30
C ASP C 199 12.94 -52.28 5.32
N ARG C 200 11.71 -52.40 5.81
CA ARG C 200 10.55 -52.41 4.92
C ARG C 200 10.45 -51.11 4.15
N ILE C 201 10.57 -49.97 4.84
CA ILE C 201 10.43 -48.69 4.18
C ILE C 201 11.56 -48.49 3.16
N VAL C 202 12.79 -48.84 3.54
CA VAL C 202 13.92 -48.67 2.64
C VAL C 202 13.73 -49.54 1.40
N LYS C 203 13.33 -50.79 1.58
CA LYS C 203 13.11 -51.66 0.44
C LYS C 203 12.01 -51.13 -0.46
N ASP C 204 10.92 -50.63 0.13
CA ASP C 204 9.83 -50.10 -0.67
C ASP C 204 10.28 -48.90 -1.50
N ILE C 205 10.99 -47.96 -0.87
CA ILE C 205 11.38 -46.76 -1.59
C ILE C 205 12.42 -47.07 -2.65
N ARG C 206 13.32 -48.02 -2.37
CA ARG C 206 14.31 -48.38 -3.38
C ARG C 206 13.69 -49.16 -4.52
N GLU C 207 12.67 -49.98 -4.24
CA GLU C 207 11.92 -50.63 -5.31
C GLU C 207 11.22 -49.60 -6.18
N PHE C 208 10.65 -48.57 -5.57
CA PHE C 208 10.02 -47.51 -6.35
C PHE C 208 11.03 -46.79 -7.22
N ILE C 209 12.21 -46.50 -6.67
CA ILE C 209 13.23 -45.77 -7.43
C ILE C 209 13.74 -46.63 -8.59
N ASP C 210 13.95 -47.92 -8.35
CA ASP C 210 14.62 -48.77 -9.32
C ASP C 210 13.74 -49.20 -10.48
N ASN C 211 12.41 -49.03 -10.39
CA ASN C 211 11.48 -49.57 -11.38
C ASN C 211 10.59 -48.44 -11.92
N PRO C 212 11.09 -47.64 -12.86
CA PRO C 212 10.22 -46.69 -13.54
C PRO C 212 9.53 -47.31 -14.74
N LYS C 213 10.14 -48.36 -15.30
CA LYS C 213 9.54 -49.02 -16.45
C LYS C 213 8.24 -49.70 -16.09
N TRP C 214 8.17 -50.30 -14.91
CA TRP C 214 6.93 -50.93 -14.47
C TRP C 214 5.80 -49.91 -14.37
N TYR C 215 6.13 -48.67 -14.01
CA TYR C 215 5.13 -47.62 -13.97
C TYR C 215 4.76 -47.14 -15.36
N ILE C 216 5.74 -46.97 -16.23
CA ILE C 216 5.48 -46.42 -17.57
C ILE C 216 4.67 -47.40 -18.40
N ASP C 217 4.99 -48.69 -18.33
CA ASP C 217 4.31 -49.68 -19.15
C ASP C 217 2.85 -49.88 -18.79
N ARG C 218 2.42 -49.36 -17.64
CA ARG C 218 1.04 -49.52 -17.21
C ARG C 218 0.31 -48.20 -17.07
N GLY C 219 0.97 -47.07 -17.37
CA GLY C 219 0.32 -45.79 -17.33
C GLY C 219 0.20 -45.17 -15.95
N ILE C 220 0.63 -45.88 -14.92
CA ILE C 220 0.53 -45.33 -13.55
C ILE C 220 1.46 -44.13 -13.43
N PRO C 221 1.03 -43.03 -12.82
CA PRO C 221 1.95 -41.92 -12.59
C PRO C 221 3.12 -42.35 -11.74
N TYR C 222 4.31 -41.86 -12.08
CA TYR C 222 5.53 -42.25 -11.39
C TYR C 222 5.74 -41.35 -10.18
N ARG C 223 4.91 -41.57 -9.17
CA ARG C 223 4.98 -40.84 -7.91
C ARG C 223 4.76 -41.82 -6.76
N ARG C 224 5.23 -41.42 -5.59
CA ARG C 224 4.95 -42.17 -4.38
C ARG C 224 4.92 -41.22 -3.19
N GLY C 225 4.17 -41.61 -2.17
CA GLY C 225 4.07 -40.82 -0.96
C GLY C 225 4.05 -41.73 0.26
N TYR C 226 4.59 -41.21 1.35
CA TYR C 226 4.68 -41.96 2.59
C TYR C 226 4.13 -41.11 3.73
N LEU C 227 3.58 -41.78 4.73
CA LEU C 227 3.05 -41.12 5.91
C LEU C 227 3.55 -41.83 7.15
N LEU C 228 4.20 -41.09 8.04
CA LEU C 228 4.66 -41.61 9.33
C LEU C 228 3.86 -40.91 10.42
N TYR C 229 3.15 -41.68 11.23
CA TYR C 229 2.30 -41.13 12.27
C TYR C 229 2.54 -41.86 13.58
N GLY C 230 2.38 -41.12 14.68
CA GLY C 230 2.58 -41.67 15.99
C GLY C 230 2.74 -40.60 17.04
N PRO C 231 2.87 -41.00 18.30
CA PRO C 231 3.05 -40.02 19.37
C PRO C 231 4.36 -39.29 19.21
N PRO C 232 4.46 -38.05 19.68
CA PRO C 232 5.66 -37.25 19.43
C PRO C 232 6.89 -37.85 20.09
N GLY C 233 8.03 -37.65 19.45
CA GLY C 233 9.31 -38.08 19.99
C GLY C 233 9.68 -39.52 19.74
N CYS C 234 8.97 -40.22 18.85
CA CYS C 234 9.24 -41.63 18.61
C CYS C 234 10.15 -41.88 17.42
N GLY C 235 10.52 -40.86 16.65
CA GLY C 235 11.54 -41.04 15.64
C GLY C 235 11.11 -40.87 14.20
N LYS C 236 10.16 -39.99 13.94
CA LYS C 236 9.72 -39.77 12.56
C LYS C 236 10.71 -38.89 11.81
N SER C 237 10.98 -37.69 12.32
CA SER C 237 11.90 -36.78 11.65
C SER C 237 13.31 -37.34 11.61
N SER C 238 13.77 -37.98 12.69
CA SER C 238 15.10 -38.58 12.68
C SER C 238 15.18 -39.68 11.65
N PHE C 239 14.14 -40.51 11.51
CA PHE C 239 14.17 -41.54 10.50
C PHE C 239 14.16 -40.95 9.10
N ILE C 240 13.43 -39.85 8.89
CA ILE C 240 13.44 -39.22 7.57
C ILE C 240 14.83 -38.71 7.25
N THR C 241 15.50 -38.09 8.21
CA THR C 241 16.86 -37.62 7.97
C THR C 241 17.80 -38.79 7.67
N ALA C 242 17.68 -39.87 8.43
CA ALA C 242 18.54 -41.03 8.19
C ALA C 242 18.27 -41.64 6.82
N LEU C 243 17.00 -41.69 6.41
CA LEU C 243 16.65 -42.23 5.11
C LEU C 243 17.19 -41.35 3.99
N ALA C 244 17.09 -40.03 4.14
CA ALA C 244 17.66 -39.14 3.14
C ALA C 244 19.17 -39.32 3.04
N GLY C 245 19.83 -39.53 4.18
CA GLY C 245 21.25 -39.82 4.13
C GLY C 245 21.57 -41.13 3.44
N GLU C 246 20.78 -42.17 3.74
CA GLU C 246 21.02 -43.49 3.16
C GLU C 246 20.81 -43.48 1.65
N LEU C 247 19.76 -42.83 1.19
CA LEU C 247 19.44 -42.81 -0.24
C LEU C 247 20.23 -41.76 -1.01
N GLU C 248 21.08 -41.00 -0.33
CA GLU C 248 21.86 -39.93 -0.95
C GLU C 248 20.96 -38.89 -1.61
N HIS C 249 19.77 -38.70 -1.04
CA HIS C 249 18.85 -37.69 -1.54
C HIS C 249 19.00 -36.40 -0.74
N SER C 250 18.29 -35.37 -1.15
CA SER C 250 18.16 -34.14 -0.41
C SER C 250 16.73 -33.99 0.09
N ILE C 251 16.53 -33.03 0.99
CA ILE C 251 15.22 -32.81 1.60
C ILE C 251 14.75 -31.42 1.24
N CYS C 252 13.54 -31.33 0.70
CA CYS C 252 12.91 -30.05 0.37
C CYS C 252 11.81 -29.81 1.40
N LEU C 253 12.08 -28.93 2.35
CA LEU C 253 11.13 -28.66 3.42
C LEU C 253 10.04 -27.74 2.92
N LEU C 254 8.79 -28.20 2.99
CA LEU C 254 7.64 -27.43 2.56
C LEU C 254 6.76 -27.13 3.77
N SER C 255 6.39 -25.87 3.94
CA SER C 255 5.53 -25.44 5.04
C SER C 255 4.18 -25.07 4.45
N LEU C 256 3.20 -25.94 4.64
CA LEU C 256 1.86 -25.68 4.10
C LEU C 256 1.25 -24.44 4.72
N THR C 257 1.41 -24.27 6.03
CA THR C 257 0.81 -23.14 6.74
C THR C 257 1.68 -21.90 6.67
N ASP C 258 2.06 -21.52 5.45
CA ASP C 258 2.81 -20.31 5.19
C ASP C 258 1.85 -19.20 4.79
N SER C 259 2.40 -18.01 4.53
CA SER C 259 1.59 -16.87 4.12
C SER C 259 1.66 -16.61 2.62
N SER C 260 2.78 -16.94 1.97
CA SER C 260 2.94 -16.70 0.56
C SER C 260 2.56 -17.88 -0.31
N LEU C 261 2.06 -18.96 0.28
CA LEU C 261 1.79 -20.20 -0.44
C LEU C 261 0.37 -20.17 -0.99
N SER C 262 0.25 -20.31 -2.31
CA SER C 262 -1.02 -20.43 -3.00
C SER C 262 -1.08 -21.77 -3.73
N ASP C 263 -2.26 -22.09 -4.28
CA ASP C 263 -2.42 -23.35 -4.98
C ASP C 263 -1.52 -23.42 -6.21
N ASP C 264 -1.50 -22.36 -7.01
CA ASP C 264 -0.62 -22.32 -8.18
C ASP C 264 0.83 -22.36 -7.76
N ARG C 265 1.20 -21.63 -6.71
CA ARG C 265 2.57 -21.66 -6.24
C ARG C 265 2.93 -23.04 -5.70
N LEU C 266 2.00 -23.70 -5.02
CA LEU C 266 2.26 -25.05 -4.55
C LEU C 266 2.48 -26.02 -5.70
N ASN C 267 1.65 -25.92 -6.75
CA ASN C 267 1.84 -26.77 -7.92
C ASN C 267 3.20 -26.51 -8.56
N HIS C 268 3.57 -25.23 -8.70
CA HIS C 268 4.86 -24.91 -9.30
C HIS C 268 6.00 -25.45 -8.45
N LEU C 269 5.92 -25.27 -7.13
CA LEU C 269 7.00 -25.72 -6.26
C LEU C 269 7.14 -27.24 -6.31
N LEU C 270 6.02 -27.96 -6.31
CA LEU C 270 6.09 -29.41 -6.43
C LEU C 270 6.53 -29.86 -7.82
N SER C 271 6.40 -28.99 -8.82
CA SER C 271 6.81 -29.34 -10.17
C SER C 271 8.27 -29.04 -10.47
N VAL C 272 8.94 -28.25 -9.65
CA VAL C 272 10.33 -27.89 -9.89
C VAL C 272 11.24 -28.34 -8.75
N ALA C 273 10.83 -29.36 -8.01
CA ALA C 273 11.66 -29.86 -6.93
C ALA C 273 12.94 -30.46 -7.53
N PRO C 274 14.09 -30.28 -6.87
CA PRO C 274 15.34 -30.83 -7.41
C PRO C 274 15.24 -32.34 -7.55
N GLN C 275 15.89 -32.85 -8.59
CA GLN C 275 15.88 -34.29 -8.83
C GLN C 275 16.62 -35.01 -7.71
N GLN C 276 16.16 -36.22 -7.40
CA GLN C 276 16.69 -37.02 -6.30
C GLN C 276 16.56 -36.27 -4.97
N SER C 277 15.32 -35.91 -4.66
CA SER C 277 15.02 -35.19 -3.43
C SER C 277 13.69 -35.69 -2.87
N LEU C 278 13.54 -35.53 -1.55
CA LEU C 278 12.33 -35.91 -0.84
C LEU C 278 11.62 -34.66 -0.39
N VAL C 279 10.39 -34.46 -0.88
CA VAL C 279 9.57 -33.36 -0.40
C VAL C 279 8.98 -33.77 0.94
N LEU C 280 9.14 -32.91 1.94
CA LEU C 280 8.76 -33.23 3.32
C LEU C 280 7.70 -32.25 3.78
N LEU C 281 6.48 -32.74 3.98
CA LEU C 281 5.39 -31.95 4.53
C LEU C 281 5.17 -32.43 5.96
N GLU C 282 5.71 -31.70 6.92
CA GLU C 282 5.68 -32.12 8.32
C GLU C 282 4.50 -31.48 9.03
N ASP C 283 3.85 -32.28 9.88
CA ASP C 283 2.66 -31.86 10.63
C ASP C 283 1.56 -31.37 9.69
N VAL C 284 1.07 -32.30 8.88
CA VAL C 284 0.05 -31.97 7.89
C VAL C 284 -1.28 -31.63 8.56
N ASP C 285 -1.55 -32.22 9.72
CA ASP C 285 -2.83 -32.01 10.39
C ASP C 285 -3.05 -30.57 10.83
N ALA C 286 -1.99 -29.78 10.96
CA ALA C 286 -2.13 -28.39 11.38
C ALA C 286 -2.50 -27.45 10.24
N ALA C 287 -2.44 -27.92 9.00
CA ALA C 287 -2.76 -27.06 7.87
C ALA C 287 -4.26 -26.77 7.79
N PHE C 288 -5.09 -27.79 8.01
CA PHE C 288 -6.52 -27.67 7.83
C PHE C 288 -7.26 -28.17 9.06
N LEU C 289 -8.46 -27.63 9.27
CA LEU C 289 -9.33 -28.06 10.35
C LEU C 289 -9.74 -29.53 10.13
N SER C 290 -10.17 -30.18 11.20
CA SER C 290 -10.22 -31.64 11.19
C SER C 290 -11.35 -32.13 12.08
N ARG C 291 -11.53 -33.46 12.07
CA ARG C 291 -12.48 -34.19 12.91
C ARG C 291 -13.90 -33.66 12.79
N ASP C 292 -14.32 -32.82 13.74
CA ASP C 292 -15.67 -32.27 13.68
C ASP C 292 -15.86 -31.39 12.44
N LEU C 293 -14.79 -30.68 12.04
CA LEU C 293 -14.87 -29.93 10.79
C LEU C 293 -14.82 -30.85 9.58
N ALA C 294 -14.07 -31.94 9.67
CA ALA C 294 -14.06 -32.92 8.58
C ALA C 294 -15.44 -33.51 8.36
N VAL C 295 -16.17 -33.75 9.45
CA VAL C 295 -17.58 -34.13 9.35
C VAL C 295 -18.40 -32.97 8.80
N GLU C 296 -18.09 -31.74 9.21
CA GLU C 296 -18.75 -30.57 8.68
C GLU C 296 -18.45 -30.42 7.19
N ASN C 297 -19.30 -29.66 6.50
CA ASN C 297 -19.24 -29.54 5.04
C ASN C 297 -17.89 -29.02 4.54
N PRO C 298 -17.36 -27.89 5.06
CA PRO C 298 -16.07 -27.42 4.54
C PRO C 298 -14.87 -27.91 5.35
N ILE C 299 -13.78 -28.21 4.66
CA ILE C 299 -12.50 -28.47 5.31
C ILE C 299 -11.75 -27.14 5.36
N LYS C 300 -12.00 -26.35 6.41
CA LYS C 300 -11.49 -25.00 6.47
C LYS C 300 -9.97 -24.98 6.58
N TYR C 301 -9.35 -23.99 5.94
CA TYR C 301 -7.91 -23.79 5.99
C TYR C 301 -7.59 -22.96 7.21
N GLN C 302 -7.08 -23.60 8.26
CA GLN C 302 -6.70 -22.88 9.48
C GLN C 302 -5.27 -22.38 9.36
N GLY C 303 -4.97 -21.67 8.27
CA GLY C 303 -3.61 -21.24 8.04
C GLY C 303 -3.48 -19.74 7.83
N LEU C 304 -2.41 -19.33 7.15
CA LEU C 304 -2.06 -17.93 6.99
C LEU C 304 -2.10 -17.47 5.54
N GLY C 305 -1.78 -18.33 4.60
CA GLY C 305 -1.73 -17.99 3.19
C GLY C 305 -3.03 -18.22 2.48
N ARG C 306 -2.94 -18.47 1.18
CA ARG C 306 -4.10 -18.64 0.31
C ARG C 306 -4.15 -20.06 -0.24
N LEU C 307 -3.85 -21.04 0.60
CA LEU C 307 -3.91 -22.44 0.22
C LEU C 307 -5.26 -23.03 0.61
N THR C 308 -5.73 -23.98 -0.19
CA THR C 308 -7.01 -24.62 0.04
C THR C 308 -6.82 -26.14 0.04
N PHE C 309 -7.78 -26.83 0.65
CA PHE C 309 -7.70 -28.29 0.71
C PHE C 309 -7.69 -28.90 -0.69
N SER C 310 -8.55 -28.38 -1.58
CA SER C 310 -8.58 -28.90 -2.94
C SER C 310 -7.27 -28.64 -3.66
N GLY C 311 -6.65 -27.48 -3.40
CA GLY C 311 -5.37 -27.19 -4.01
C GLY C 311 -4.30 -28.18 -3.61
N LEU C 312 -4.21 -28.48 -2.31
CA LEU C 312 -3.24 -29.46 -1.84
C LEU C 312 -3.55 -30.85 -2.40
N LEU C 313 -4.83 -31.22 -2.42
CA LEU C 313 -5.20 -32.53 -2.95
C LEU C 313 -4.81 -32.68 -4.41
N ASN C 314 -5.03 -31.63 -5.21
CA ASN C 314 -4.70 -31.70 -6.62
C ASN C 314 -3.20 -31.61 -6.85
N ALA C 315 -2.48 -30.91 -5.97
CA ALA C 315 -1.03 -30.85 -6.12
C ALA C 315 -0.38 -32.19 -5.80
N LEU C 316 -0.85 -32.85 -4.73
CA LEU C 316 -0.25 -34.12 -4.35
C LEU C 316 -0.51 -35.19 -5.40
N ASP C 317 -1.75 -35.29 -5.88
CA ASP C 317 -2.09 -36.25 -6.92
C ASP C 317 -3.27 -35.67 -7.71
N GLY C 318 -2.95 -35.05 -8.83
CA GLY C 318 -3.98 -34.47 -9.68
C GLY C 318 -3.70 -34.70 -11.15
N VAL C 319 -4.08 -33.75 -11.99
CA VAL C 319 -3.85 -33.87 -13.43
C VAL C 319 -2.48 -33.32 -13.80
N ALA C 320 -2.06 -32.22 -13.19
CA ALA C 320 -0.80 -31.58 -13.51
C ALA C 320 0.35 -32.02 -12.61
N SER C 321 0.12 -32.96 -11.71
CA SER C 321 1.17 -33.39 -10.80
C SER C 321 2.33 -34.00 -11.57
N THR C 322 3.54 -33.63 -11.18
CA THR C 322 4.74 -34.03 -11.90
C THR C 322 5.21 -35.41 -11.44
N GLU C 323 5.73 -36.19 -12.39
CA GLU C 323 6.21 -37.53 -12.10
C GLU C 323 7.59 -37.48 -11.46
N ALA C 324 8.09 -38.66 -11.05
CA ALA C 324 9.39 -38.80 -10.41
C ALA C 324 9.49 -37.92 -9.16
N ARG C 325 8.63 -38.21 -8.19
CA ARG C 325 8.50 -37.37 -7.01
C ARG C 325 8.17 -38.24 -5.80
N ILE C 326 8.86 -38.01 -4.70
CA ILE C 326 8.62 -38.70 -3.44
C ILE C 326 8.24 -37.66 -2.40
N VAL C 327 7.11 -37.88 -1.74
CA VAL C 327 6.58 -36.95 -0.74
C VAL C 327 6.47 -37.67 0.58
N PHE C 328 7.03 -37.07 1.62
CA PHE C 328 6.95 -37.60 2.98
C PHE C 328 6.08 -36.70 3.83
N MET C 329 5.09 -37.28 4.48
CA MET C 329 4.15 -36.56 5.32
C MET C 329 4.18 -37.17 6.71
N THR C 330 4.20 -36.32 7.74
CA THR C 330 4.20 -36.79 9.11
C THR C 330 3.11 -36.07 9.90
N THR C 331 2.61 -36.76 10.92
CA THR C 331 1.62 -36.17 11.82
C THR C 331 1.65 -36.95 13.12
N ASN C 332 1.10 -36.33 14.16
CA ASN C 332 0.92 -37.00 15.45
C ASN C 332 -0.50 -37.47 15.67
N TYR C 333 -1.47 -36.87 14.99
CA TYR C 333 -2.88 -37.22 15.13
C TYR C 333 -3.40 -37.64 13.76
N ILE C 334 -3.26 -38.93 13.44
CA ILE C 334 -3.74 -39.42 12.14
C ILE C 334 -5.25 -39.30 12.02
N ASP C 335 -5.97 -39.31 13.14
CA ASP C 335 -7.43 -39.19 13.08
C ASP C 335 -7.88 -37.83 12.60
N ARG C 336 -6.99 -36.84 12.60
CA ARG C 336 -7.31 -35.50 12.11
C ARG C 336 -7.07 -35.35 10.61
N LEU C 337 -6.65 -36.40 9.92
CA LEU C 337 -6.39 -36.32 8.49
C LEU C 337 -7.61 -36.80 7.72
N ASP C 338 -8.05 -35.99 6.77
CA ASP C 338 -9.19 -36.36 5.95
C ASP C 338 -8.84 -37.61 5.13
N PRO C 339 -9.76 -38.56 5.00
CA PRO C 339 -9.43 -39.79 4.26
C PRO C 339 -9.10 -39.54 2.80
N ALA C 340 -9.52 -38.41 2.23
CA ALA C 340 -9.16 -38.11 0.85
C ALA C 340 -7.70 -37.67 0.75
N LEU C 341 -7.16 -37.09 1.81
CA LEU C 341 -5.76 -36.67 1.78
C LEU C 341 -4.82 -37.87 1.80
N ILE C 342 -5.17 -38.90 2.57
CA ILE C 342 -4.34 -40.10 2.65
C ILE C 342 -5.08 -41.26 2.02
N ARG C 343 -4.87 -41.47 0.73
CA ARG C 343 -5.53 -42.54 -0.01
C ARG C 343 -4.50 -43.22 -0.90
N PRO C 344 -4.77 -44.44 -1.33
CA PRO C 344 -3.76 -45.19 -2.08
C PRO C 344 -3.51 -44.62 -3.47
N GLY C 345 -2.63 -43.63 -3.55
CA GLY C 345 -2.39 -42.88 -4.76
C GLY C 345 -1.98 -41.46 -4.45
N ARG C 346 -2.29 -41.03 -3.23
CA ARG C 346 -1.71 -39.84 -2.63
C ARG C 346 -0.71 -40.18 -1.54
N VAL C 347 -0.97 -41.23 -0.78
CA VAL C 347 -0.05 -41.77 0.22
C VAL C 347 -0.04 -43.27 0.05
N ASP C 348 1.04 -43.81 -0.51
CA ASP C 348 1.09 -45.22 -0.86
C ASP C 348 1.58 -46.11 0.28
N LEU C 349 1.99 -45.54 1.41
CA LEU C 349 2.44 -46.34 2.53
C LEU C 349 2.25 -45.55 3.82
N LYS C 350 1.47 -46.11 4.74
CA LYS C 350 1.25 -45.52 6.05
C LYS C 350 1.85 -46.44 7.09
N GLU C 351 2.73 -45.90 7.92
CA GLU C 351 3.42 -46.68 8.94
C GLU C 351 3.31 -46.01 10.30
N TYR C 352 3.21 -46.81 11.34
CA TYR C 352 3.04 -46.32 12.70
C TYR C 352 4.37 -46.37 13.42
N VAL C 353 4.84 -45.22 13.89
CA VAL C 353 6.06 -45.11 14.67
C VAL C 353 5.63 -44.85 16.10
N GLY C 354 5.56 -45.91 16.91
CA GLY C 354 5.01 -45.84 18.24
C GLY C 354 6.06 -45.84 19.33
N TYR C 355 5.63 -46.19 20.54
CA TYR C 355 6.50 -46.17 21.69
C TYR C 355 7.50 -47.32 21.63
N CYS C 356 8.38 -47.37 22.62
CA CYS C 356 9.44 -48.37 22.64
C CYS C 356 8.87 -49.75 22.93
N SER C 357 9.61 -50.76 22.48
CA SER C 357 9.33 -52.16 22.78
C SER C 357 10.57 -52.77 23.40
N HIS C 358 10.46 -54.05 23.80
CA HIS C 358 11.58 -54.73 24.42
C HIS C 358 12.80 -54.75 23.50
N TRP C 359 12.59 -55.16 22.24
CA TRP C 359 13.69 -55.20 21.30
C TRP C 359 14.24 -53.81 21.03
N GLN C 360 13.35 -52.82 20.91
CA GLN C 360 13.79 -51.45 20.66
C GLN C 360 14.64 -50.92 21.81
N LEU C 361 14.21 -51.16 23.04
CA LEU C 361 14.99 -50.74 24.19
C LEU C 361 16.34 -51.45 24.23
N THR C 362 16.35 -52.75 23.92
CA THR C 362 17.60 -53.50 23.91
C THR C 362 18.58 -52.91 22.90
N GLN C 363 18.09 -52.64 21.69
CA GLN C 363 18.97 -52.08 20.66
C GLN C 363 19.45 -50.69 21.04
N MET C 364 18.57 -49.87 21.63
CA MET C 364 18.98 -48.53 22.04
C MET C 364 20.06 -48.60 23.11
N PHE C 365 19.91 -49.50 24.08
CA PHE C 365 20.94 -49.66 25.10
C PHE C 365 22.25 -50.13 24.50
N GLN C 366 22.19 -51.10 23.58
CA GLN C 366 23.42 -51.59 22.98
C GLN C 366 24.11 -50.51 22.15
N ARG C 367 23.34 -49.64 21.50
CA ARG C 367 23.96 -48.57 20.72
C ARG C 367 24.52 -47.47 21.60
N PHE C 368 23.87 -47.16 22.72
CA PHE C 368 24.36 -46.08 23.57
C PHE C 368 25.57 -46.49 24.40
N TYR C 369 25.67 -47.76 24.78
CA TYR C 369 26.78 -48.27 25.59
C TYR C 369 27.38 -49.46 24.85
N PRO C 370 28.17 -49.21 23.80
CA PRO C 370 28.76 -50.31 23.03
C PRO C 370 29.86 -51.00 23.83
N GLY C 371 29.77 -52.32 23.93
CA GLY C 371 30.79 -53.08 24.61
C GLY C 371 30.27 -53.92 25.76
N GLN C 372 29.17 -53.49 26.36
CA GLN C 372 28.62 -54.22 27.49
C GLN C 372 28.03 -55.55 27.04
N ALA C 373 27.91 -56.47 28.00
CA ALA C 373 27.35 -57.77 27.71
C ALA C 373 25.89 -57.65 27.33
N PRO C 374 25.40 -58.52 26.44
CA PRO C 374 24.00 -58.44 26.01
C PRO C 374 22.99 -58.67 27.12
N SER C 375 23.39 -59.29 28.23
CA SER C 375 22.46 -59.49 29.33
C SER C 375 22.07 -58.18 30.00
N LEU C 376 22.99 -57.22 30.07
CA LEU C 376 22.67 -55.93 30.66
C LEU C 376 21.58 -55.22 29.88
N ALA C 377 21.63 -55.28 28.55
CA ALA C 377 20.60 -54.65 27.74
C ALA C 377 19.23 -55.28 27.99
N GLU C 378 19.17 -56.61 28.07
CA GLU C 378 17.92 -57.28 28.36
C GLU C 378 17.39 -56.90 29.74
N ASN C 379 18.29 -56.85 30.73
CA ASN C 379 17.87 -56.45 32.08
C ASN C 379 17.32 -55.03 32.08
N PHE C 380 18.00 -54.12 31.39
CA PHE C 380 17.54 -52.73 31.32
C PHE C 380 16.18 -52.64 30.66
N ALA C 381 16.00 -53.34 29.54
CA ALA C 381 14.72 -53.30 28.84
C ALA C 381 13.59 -53.85 29.70
N GLU C 382 13.84 -54.98 30.37
CA GLU C 382 12.81 -55.57 31.22
C GLU C 382 12.45 -54.64 32.37
N HIS C 383 13.46 -54.04 33.01
CA HIS C 383 13.19 -53.13 34.12
C HIS C 383 12.42 -51.90 33.66
N VAL C 384 12.78 -51.34 32.51
CA VAL C 384 12.09 -50.17 32.00
C VAL C 384 10.63 -50.51 31.70
N LEU C 385 10.41 -51.65 31.04
CA LEU C 385 9.03 -52.03 30.72
C LEU C 385 8.22 -52.32 31.97
N LYS C 386 8.87 -52.84 33.02
CA LYS C 386 8.16 -53.06 34.28
C LYS C 386 7.82 -51.76 34.97
N ALA C 387 8.73 -50.78 34.93
CA ALA C 387 8.51 -49.52 35.63
C ALA C 387 7.45 -48.68 34.93
N THR C 388 7.71 -48.28 33.70
CA THR C 388 6.78 -47.49 32.92
C THR C 388 6.16 -48.34 31.81
N SER C 389 4.97 -47.94 31.37
CA SER C 389 4.25 -48.70 30.36
C SER C 389 4.33 -48.10 28.97
N GLU C 390 4.55 -46.80 28.85
CA GLU C 390 4.64 -46.12 27.56
C GLU C 390 5.84 -45.18 27.61
N ILE C 391 6.98 -45.66 27.09
CA ILE C 391 8.23 -44.91 27.11
C ILE C 391 8.62 -44.61 25.67
N SER C 392 8.82 -43.36 25.39
CA SER C 392 9.21 -43.01 24.03
C SER C 392 10.72 -43.07 23.88
N PRO C 393 11.23 -43.33 22.67
CA PRO C 393 12.68 -43.39 22.48
C PRO C 393 13.39 -42.10 22.83
N ALA C 394 12.73 -40.95 22.70
CA ALA C 394 13.33 -39.69 23.12
C ALA C 394 13.59 -39.66 24.62
N GLN C 395 12.65 -40.17 25.41
CA GLN C 395 12.87 -40.23 26.86
C GLN C 395 14.02 -41.15 27.20
N VAL C 396 14.15 -42.28 26.50
CA VAL C 396 15.27 -43.18 26.74
C VAL C 396 16.57 -42.49 26.37
N GLN C 397 16.59 -41.75 25.27
CA GLN C 397 17.80 -41.03 24.89
C GLN C 397 18.17 -40.00 25.95
N GLY C 398 17.19 -39.27 26.47
CA GLY C 398 17.49 -38.33 27.54
C GLY C 398 18.01 -39.00 28.79
N TYR C 399 17.40 -40.13 29.16
CA TYR C 399 17.86 -40.87 30.33
C TYR C 399 19.31 -41.32 30.16
N PHE C 400 19.66 -41.79 28.97
CA PHE C 400 21.06 -42.13 28.70
C PHE C 400 21.94 -40.88 28.72
N MET C 401 21.42 -39.75 28.24
CA MET C 401 22.18 -38.51 28.30
C MET C 401 22.55 -38.17 29.73
N LEU C 402 21.68 -38.49 30.68
CA LEU C 402 22.00 -38.27 32.08
C LEU C 402 23.22 -39.08 32.50
N TYR C 403 23.22 -40.38 32.21
CA TYR C 403 24.28 -41.29 32.63
C TYR C 403 25.22 -41.56 31.46
N LYS C 404 26.09 -40.59 31.18
CA LYS C 404 27.08 -40.76 30.12
C LYS C 404 28.23 -41.63 30.61
N ASN C 405 28.60 -42.62 29.79
CA ASN C 405 29.72 -43.51 30.07
C ASN C 405 29.57 -44.19 31.43
N ASP C 406 28.34 -44.53 31.79
CA ASP C 406 28.05 -45.20 33.06
C ASP C 406 26.91 -46.17 32.85
N PRO C 407 27.18 -47.31 32.20
CA PRO C 407 26.10 -48.29 31.98
C PRO C 407 25.47 -48.79 33.26
N MET C 408 26.27 -49.01 34.30
CA MET C 408 25.72 -49.57 35.54
C MET C 408 24.77 -48.58 36.20
N GLY C 409 25.08 -47.29 36.13
CA GLY C 409 24.14 -46.29 36.64
C GLY C 409 22.81 -46.32 35.90
N ALA C 410 22.87 -46.49 34.58
CA ALA C 410 21.63 -46.58 33.80
C ALA C 410 20.83 -47.80 34.20
N VAL C 411 21.48 -48.96 34.33
CA VAL C 411 20.81 -50.17 34.74
C VAL C 411 20.33 -50.11 36.18
N HIS C 412 20.90 -49.21 36.99
CA HIS C 412 20.50 -49.11 38.39
C HIS C 412 19.29 -48.19 38.57
N ASN C 413 19.34 -47.00 37.99
CA ASN C 413 18.34 -45.97 38.26
C ASN C 413 17.20 -46.00 37.24
N ILE C 414 16.56 -47.17 37.12
CA ILE C 414 15.35 -47.25 36.29
C ILE C 414 14.20 -46.50 36.93
N GLU C 415 14.10 -46.56 38.26
CA GLU C 415 12.93 -46.02 38.95
C GLU C 415 12.72 -44.53 38.70
N SER C 416 13.78 -43.81 38.34
CA SER C 416 13.62 -42.39 38.03
C SER C 416 12.75 -42.16 36.79
N LEU C 417 12.56 -43.18 35.97
CA LEU C 417 11.74 -43.09 34.77
C LEU C 417 10.25 -43.29 35.05
N ARG C 418 9.90 -43.64 36.28
CA ARG C 418 8.49 -43.87 36.62
C ARG C 418 7.70 -42.58 36.46
N PRO C 419 6.54 -42.60 35.80
CA PRO C 419 5.71 -41.40 35.62
C PRO C 419 5.15 -40.87 36.93
N MET D 1 31.35 7.05 -60.25
CA MET D 1 31.55 8.48 -60.06
C MET D 1 31.84 8.91 -58.61
N PRO D 2 31.21 8.27 -57.61
CA PRO D 2 31.52 8.67 -56.22
C PRO D 2 33.00 8.57 -55.86
N PHE D 3 33.72 7.61 -56.42
CA PHE D 3 35.14 7.47 -56.10
C PHE D 3 35.97 8.56 -56.79
N SER D 4 35.88 8.64 -58.12
CA SER D 4 36.75 9.54 -58.86
C SER D 4 36.34 11.01 -58.69
N ASP D 5 35.04 11.29 -58.79
CA ASP D 5 34.60 12.69 -58.75
C ASP D 5 34.86 13.33 -57.39
N PHE D 6 34.60 12.60 -56.30
CA PHE D 6 34.84 13.14 -54.97
C PHE D 6 36.33 13.42 -54.76
N VAL D 7 37.19 12.50 -55.19
CA VAL D 7 38.63 12.67 -54.98
C VAL D 7 39.10 13.97 -55.62
N LEU D 8 38.66 14.24 -56.85
CA LEU D 8 38.94 15.53 -57.46
C LEU D 8 38.24 16.66 -56.69
N ALA D 9 36.99 16.44 -56.29
CA ALA D 9 36.25 17.47 -55.56
C ALA D 9 36.91 17.77 -54.22
N LEU D 10 37.31 16.73 -53.48
CA LEU D 10 38.03 16.95 -52.22
C LEU D 10 39.36 17.66 -52.46
N LYS D 11 40.12 17.21 -53.46
CA LYS D 11 41.41 17.82 -53.73
C LYS D 11 41.28 19.27 -54.17
N ASP D 12 40.11 19.65 -54.70
CA ASP D 12 39.90 21.03 -55.14
C ASP D 12 39.98 21.99 -53.96
N ASN D 13 39.36 21.62 -52.84
CA ASN D 13 39.29 22.52 -51.68
C ASN D 13 40.51 22.34 -50.80
N PRO D 14 41.33 23.37 -50.59
CA PRO D 14 42.40 23.26 -49.59
C PRO D 14 41.88 23.05 -48.18
N TYR D 15 40.65 23.49 -47.90
CA TYR D 15 40.04 23.25 -46.59
C TYR D 15 39.83 21.76 -46.34
N PHE D 16 39.72 20.97 -47.41
CA PHE D 16 39.65 19.52 -47.28
C PHE D 16 40.91 18.95 -46.63
N GLY D 17 42.08 19.48 -46.99
CA GLY D 17 43.30 19.01 -46.37
C GLY D 17 43.31 19.23 -44.86
N ALA D 18 42.86 20.41 -44.43
CA ALA D 18 42.74 20.66 -42.99
C ALA D 18 41.66 19.78 -42.37
N GLY D 19 40.58 19.50 -43.10
CA GLY D 19 39.53 18.65 -42.57
C GLY D 19 40.00 17.22 -42.31
N PHE D 20 40.72 16.64 -43.28
CA PHE D 20 41.29 15.32 -43.06
C PHE D 20 42.45 15.36 -42.09
N GLY D 21 43.08 16.53 -41.93
CA GLY D 21 43.95 16.72 -40.79
C GLY D 21 43.18 16.67 -39.48
N LEU D 22 41.98 17.25 -39.48
CA LEU D 22 41.10 17.14 -38.32
C LEU D 22 40.50 15.74 -38.19
N VAL D 23 40.33 15.03 -39.31
CA VAL D 23 39.83 13.66 -39.25
C VAL D 23 40.80 12.77 -38.49
N GLY D 24 42.10 12.92 -38.78
CA GLY D 24 43.09 12.20 -38.01
C GLY D 24 43.09 12.58 -36.55
N VAL D 25 42.79 13.86 -36.25
CA VAL D 25 42.70 14.31 -34.87
C VAL D 25 41.55 13.58 -34.17
N GLY D 26 40.40 13.48 -34.84
CA GLY D 26 39.27 12.78 -34.23
C GLY D 26 39.55 11.29 -34.03
N THR D 27 40.20 10.66 -35.02
CA THR D 27 40.55 9.25 -34.88
C THR D 27 41.54 9.05 -33.74
N ALA D 28 42.54 9.93 -33.64
CA ALA D 28 43.49 9.84 -32.54
C ALA D 28 42.81 10.10 -31.20
N LEU D 29 41.87 11.04 -31.17
CA LEU D 29 41.15 11.33 -29.93
C LEU D 29 40.35 10.13 -29.47
N ALA D 30 39.65 9.47 -30.40
CA ALA D 30 38.89 8.28 -30.05
C ALA D 30 39.81 7.16 -29.58
N MET D 31 40.97 6.99 -30.24
CA MET D 31 41.92 5.98 -29.81
C MET D 31 42.48 6.32 -28.42
N ALA D 32 42.69 7.61 -28.14
CA ALA D 32 43.21 8.01 -26.85
C ALA D 32 42.25 7.65 -25.72
N ARG D 33 40.95 7.87 -25.93
CA ARG D 33 39.97 7.48 -24.93
C ARG D 33 39.96 5.97 -24.74
N LYS D 34 40.01 5.22 -25.84
CA LYS D 34 40.07 3.76 -25.75
C LYS D 34 41.32 3.29 -25.02
N GLY D 35 42.45 3.94 -25.30
CA GLY D 35 43.69 3.57 -24.61
C GLY D 35 43.59 3.78 -23.11
N ALA D 36 42.86 4.81 -22.69
CA ALA D 36 42.69 5.07 -21.26
C ALA D 36 41.93 3.94 -20.57
N GLN D 37 40.79 3.53 -21.15
CA GLN D 37 39.96 2.52 -20.51
C GLN D 37 40.70 1.19 -20.40
N LEU D 38 41.35 0.76 -21.47
CA LEU D 38 42.07 -0.51 -21.43
C LEU D 38 43.22 -0.45 -20.43
N GLY D 39 43.93 0.67 -20.37
CA GLY D 39 45.00 0.80 -19.41
C GLY D 39 44.50 0.72 -17.98
N LEU D 40 43.41 1.44 -17.68
CA LEU D 40 42.82 1.39 -16.35
C LEU D 40 42.39 -0.03 -16.00
N VAL D 41 41.71 -0.70 -16.93
CA VAL D 41 41.21 -2.05 -16.66
C VAL D 41 42.36 -3.01 -16.41
N ALA D 42 43.41 -2.93 -17.24
CA ALA D 42 44.55 -3.82 -17.06
C ALA D 42 45.24 -3.56 -15.72
N PHE D 43 45.41 -2.28 -15.37
CA PHE D 43 46.07 -1.95 -14.11
C PHE D 43 45.27 -2.46 -12.92
N ARG D 44 43.95 -2.27 -12.94
CA ARG D 44 43.10 -2.78 -11.87
C ARG D 44 43.18 -4.30 -11.79
N ARG D 45 43.15 -4.96 -12.95
CA ARG D 45 43.13 -6.42 -12.95
C ARG D 45 44.45 -7.01 -12.49
N HIS D 46 45.57 -6.33 -12.73
CA HIS D 46 46.87 -6.94 -12.50
C HIS D 46 47.60 -6.43 -11.26
N TYR D 47 47.34 -5.21 -10.81
CA TYR D 47 48.15 -4.65 -9.73
C TYR D 47 47.35 -4.03 -8.59
N MET D 48 46.03 -4.24 -8.54
CA MET D 48 45.23 -3.72 -7.45
C MET D 48 44.32 -4.79 -6.89
N ILE D 49 44.02 -4.66 -5.60
CA ILE D 49 43.15 -5.59 -4.88
C ILE D 49 41.96 -4.80 -4.33
N THR D 50 40.77 -5.39 -4.45
CA THR D 50 39.55 -4.73 -4.00
C THR D 50 38.70 -5.73 -3.22
N LEU D 51 38.17 -5.27 -2.08
CA LEU D 51 37.31 -6.11 -1.24
C LEU D 51 36.07 -5.30 -0.88
N GLU D 52 34.96 -5.58 -1.56
CA GLU D 52 33.70 -4.95 -1.25
C GLU D 52 32.98 -5.72 -0.16
N VAL D 53 32.33 -5.00 0.76
CA VAL D 53 31.55 -5.60 1.83
C VAL D 53 30.15 -5.02 1.81
N PRO D 54 29.11 -5.82 1.61
CA PRO D 54 27.74 -5.31 1.64
C PRO D 54 27.31 -5.07 3.09
N ALA D 55 26.07 -4.59 3.24
CA ALA D 55 25.48 -4.40 4.55
C ALA D 55 24.67 -5.60 5.00
N ARG D 56 24.64 -6.66 4.21
CA ARG D 56 23.86 -7.86 4.52
C ARG D 56 24.67 -8.89 5.32
N ASP D 57 25.89 -8.57 5.72
CA ASP D 57 26.76 -9.51 6.41
C ASP D 57 27.14 -8.98 7.78
N ARG D 58 27.30 -9.90 8.73
CA ARG D 58 27.91 -9.55 10.01
C ARG D 58 29.34 -9.07 9.83
N SER D 59 29.99 -9.50 8.74
CA SER D 59 31.30 -8.96 8.40
C SER D 59 31.24 -7.45 8.27
N TYR D 60 30.13 -6.93 7.77
CA TYR D 60 29.96 -5.48 7.70
C TYR D 60 30.02 -4.85 9.08
N ALA D 61 29.32 -5.44 10.05
CA ALA D 61 29.33 -4.90 11.40
C ALA D 61 30.73 -4.93 12.00
N TRP D 62 31.40 -6.09 11.89
CA TRP D 62 32.74 -6.20 12.46
C TRP D 62 33.72 -5.24 11.79
N LEU D 63 33.65 -5.12 10.47
CA LEU D 63 34.57 -4.25 9.76
C LEU D 63 34.27 -2.78 10.06
N LEU D 64 33.00 -2.43 10.19
CA LEU D 64 32.67 -1.06 10.57
C LEU D 64 33.20 -0.73 11.96
N SER D 65 33.08 -1.67 12.89
CA SER D 65 33.64 -1.46 14.23
C SER D 65 35.15 -1.31 14.16
N TRP D 66 35.83 -2.15 13.38
CA TRP D 66 37.27 -2.04 13.27
C TRP D 66 37.69 -0.75 12.59
N LEU D 67 36.89 -0.26 11.65
CA LEU D 67 37.19 1.03 11.03
C LEU D 67 36.99 2.17 12.03
N THR D 68 35.99 2.06 12.89
CA THR D 68 35.84 3.04 13.96
C THR D 68 37.07 3.06 14.86
N ARG D 69 37.55 1.88 15.25
CA ARG D 69 38.69 1.83 16.16
C ARG D 69 39.97 2.28 15.46
N HIS D 70 40.40 1.53 14.46
CA HIS D 70 41.65 1.82 13.75
C HIS D 70 41.33 2.73 12.58
N SER D 71 41.45 4.05 12.81
CA SER D 71 41.30 5.04 11.75
C SER D 71 42.43 6.06 11.77
N THR D 72 43.48 5.80 12.54
CA THR D 72 44.62 6.72 12.74
C THR D 72 44.04 8.06 13.20
N ARG D 73 44.46 9.19 12.63
CA ARG D 73 43.95 10.50 13.00
C ARG D 73 42.99 11.04 11.96
N THR D 74 42.14 10.18 11.40
CA THR D 74 41.22 10.58 10.35
C THR D 74 40.36 11.77 10.80
N GLN D 75 40.23 12.74 9.90
CA GLN D 75 39.55 13.99 10.20
C GLN D 75 38.31 14.19 9.32
N HIS D 76 37.66 13.10 8.95
CA HIS D 76 36.43 13.12 8.18
C HIS D 76 35.38 12.24 8.85
N LEU D 77 35.19 12.46 10.15
CA LEU D 77 34.41 11.58 10.99
C LEU D 77 32.94 11.99 11.02
N SER D 78 32.12 11.12 11.60
CA SER D 78 30.71 11.39 11.88
C SER D 78 30.42 10.99 13.32
N VAL D 79 29.47 11.69 13.93
CA VAL D 79 29.18 11.49 15.34
C VAL D 79 28.25 10.29 15.52
N GLU D 80 28.28 9.72 16.73
CA GLU D 80 27.36 8.65 17.10
C GLU D 80 27.18 8.70 18.61
N THR D 81 26.03 9.18 19.06
CA THR D 81 25.75 9.31 20.49
C THR D 81 25.24 7.98 21.04
N SER D 82 25.79 7.58 22.17
CA SER D 82 25.37 6.36 22.84
C SER D 82 25.51 6.54 24.34
N TYR D 83 24.71 5.79 25.08
CA TYR D 83 24.74 5.84 26.54
C TYR D 83 25.69 4.77 27.06
N LEU D 84 26.71 5.20 27.80
CA LEU D 84 27.73 4.31 28.34
C LEU D 84 27.55 4.23 29.85
N GLN D 85 27.36 3.02 30.36
CA GLN D 85 27.16 2.82 31.79
C GLN D 85 28.52 2.78 32.47
N HIS D 86 28.79 3.75 33.34
CA HIS D 86 30.04 3.78 34.07
C HIS D 86 30.04 2.69 35.14
N GLU D 87 31.24 2.37 35.62
CA GLU D 87 31.37 1.40 36.70
C GLU D 87 30.82 1.91 38.01
N SER D 88 30.64 3.23 38.15
CA SER D 88 30.08 3.78 39.37
C SER D 88 28.60 3.46 39.53
N GLY D 89 27.94 3.00 38.48
CA GLY D 89 26.54 2.65 38.52
C GLY D 89 25.63 3.56 37.73
N ARG D 90 26.12 4.70 37.27
CA ARG D 90 25.33 5.65 36.50
C ARG D 90 25.70 5.57 35.03
N ILE D 91 24.92 6.27 34.22
CA ILE D 91 25.09 6.27 32.77
C ILE D 91 25.29 7.69 32.29
N SER D 92 26.25 7.87 31.39
CA SER D 92 26.55 9.18 30.82
C SER D 92 26.64 9.05 29.30
N THR D 93 26.42 10.18 28.62
CA THR D 93 26.47 10.19 27.16
C THR D 93 27.89 9.96 26.68
N LYS D 94 28.03 9.11 25.67
CA LYS D 94 29.32 8.80 25.07
C LYS D 94 29.34 9.32 23.65
N PHE D 95 30.31 10.19 23.34
CA PHE D 95 30.45 10.76 22.01
C PHE D 95 31.44 9.91 21.22
N GLU D 96 30.93 9.10 20.31
CA GLU D 96 31.75 8.22 19.50
C GLU D 96 31.74 8.69 18.05
N PHE D 97 32.91 8.64 17.42
CA PHE D 97 33.09 9.16 16.07
C PHE D 97 33.37 8.02 15.10
N ILE D 98 32.55 7.93 14.06
CA ILE D 98 32.77 7.00 12.96
C ILE D 98 33.27 7.79 11.77
N PRO D 99 34.23 7.28 11.00
CA PRO D 99 34.62 7.98 9.75
C PRO D 99 33.42 8.17 8.85
N SER D 100 33.14 9.43 8.52
CA SER D 100 32.01 9.77 7.68
C SER D 100 32.28 9.29 6.26
N PRO D 101 31.23 9.15 5.44
CA PRO D 101 31.41 8.66 4.07
C PRO D 101 32.44 9.48 3.30
N GLY D 102 33.29 8.79 2.57
CA GLY D 102 34.38 9.43 1.86
C GLY D 102 35.51 8.45 1.66
N ASN D 103 36.64 8.99 1.20
CA ASN D 103 37.84 8.21 0.94
C ASN D 103 38.85 8.46 2.05
N HIS D 104 39.16 7.41 2.82
CA HIS D 104 40.13 7.49 3.89
C HIS D 104 41.32 6.58 3.60
N PHE D 105 42.48 6.96 4.10
CA PHE D 105 43.73 6.26 3.81
C PHE D 105 44.37 5.79 5.12
N ILE D 106 44.79 4.53 5.14
CA ILE D 106 45.42 3.93 6.31
C ILE D 106 46.77 3.37 5.85
N TRP D 107 47.62 3.05 6.82
CA TRP D 107 48.95 2.51 6.57
C TRP D 107 49.12 1.14 7.24
N TYR D 108 48.15 0.27 7.03
CA TYR D 108 48.20 -1.06 7.63
C TYR D 108 49.26 -1.92 6.95
N GLN D 109 50.16 -2.49 7.76
CA GLN D 109 51.15 -3.47 7.31
C GLN D 109 51.99 -2.94 6.14
N GLY D 110 52.36 -1.67 6.22
CA GLY D 110 53.25 -1.09 5.24
C GLY D 110 52.65 -0.78 3.90
N LYS D 111 51.34 -0.94 3.75
CA LYS D 111 50.63 -0.59 2.53
C LYS D 111 49.84 0.69 2.75
N TRP D 112 49.13 1.13 1.72
CA TRP D 112 48.29 2.31 1.79
C TRP D 112 46.89 1.94 1.31
N ILE D 113 46.09 1.43 2.24
CA ILE D 113 44.73 0.99 1.92
C ILE D 113 43.84 2.21 1.69
N ARG D 114 42.87 2.07 0.80
CA ARG D 114 42.06 3.19 0.35
C ARG D 114 40.59 2.99 0.67
N VAL D 115 40.27 2.66 1.92
CA VAL D 115 38.89 2.39 2.33
C VAL D 115 37.98 3.52 1.86
N GLU D 116 36.74 3.16 1.54
CA GLU D 116 35.74 4.13 1.08
C GLU D 116 34.40 3.73 1.68
N ARG D 117 33.82 4.61 2.48
CA ARG D 117 32.52 4.36 3.09
C ARG D 117 31.45 4.71 2.06
N ASN D 118 30.93 3.68 1.39
CA ASN D 118 29.86 3.90 0.42
C ASN D 118 28.61 4.38 1.13
N ARG D 119 27.89 5.29 0.49
CA ARG D 119 26.73 5.93 1.07
C ARG D 119 25.47 5.18 0.64
N ASP D 120 24.31 5.77 0.89
CA ASP D 120 23.04 5.19 0.48
C ASP D 120 22.65 5.66 -0.91
N MET D 121 22.25 4.71 -1.76
CA MET D 121 21.84 5.01 -3.12
C MET D 121 20.32 5.13 -3.25
N GLN D 122 19.58 4.08 -2.89
CA GLN D 122 18.16 4.07 -3.18
C GLN D 122 17.28 3.59 -2.03
N MET D 123 17.84 3.39 -0.83
CA MET D 123 17.08 2.96 0.33
C MET D 123 16.36 1.65 0.08
N VAL D 124 17.10 0.66 -0.42
CA VAL D 124 16.59 -0.70 -0.57
C VAL D 124 17.62 -1.65 0.01
N ASP D 125 17.21 -2.47 0.97
CA ASP D 125 18.02 -3.55 1.52
C ASP D 125 17.12 -4.39 2.41
N LEU D 126 17.69 -5.46 2.96
CA LEU D 126 16.97 -6.36 3.85
C LEU D 126 17.82 -6.64 5.08
N GLN D 127 17.14 -7.04 6.16
CA GLN D 127 17.77 -7.39 7.43
C GLN D 127 18.48 -6.21 8.07
N THR D 128 18.15 -4.99 7.66
CA THR D 128 18.75 -3.79 8.23
C THR D 128 17.74 -2.66 8.09
N GLY D 129 18.21 -1.42 8.27
CA GLY D 129 17.41 -0.23 8.04
C GLY D 129 17.29 0.17 6.59
N THR D 130 17.70 -0.73 5.68
CA THR D 130 17.68 -0.50 4.24
C THR D 130 18.40 0.78 3.80
N PRO D 131 19.68 0.98 4.20
CA PRO D 131 20.45 2.08 3.61
C PRO D 131 21.37 1.64 2.48
N TRP D 132 21.57 0.33 2.34
CA TRP D 132 22.57 -0.24 1.43
C TRP D 132 23.88 0.55 1.49
N GLU D 133 24.49 0.53 2.67
CA GLU D 133 25.81 1.09 2.87
C GLU D 133 26.87 0.00 2.71
N SER D 134 28.05 0.40 2.26
CA SER D 134 29.10 -0.57 1.97
C SER D 134 30.46 0.09 2.18
N VAL D 135 31.49 -0.76 2.25
CA VAL D 135 32.87 -0.31 2.31
C VAL D 135 33.66 -1.06 1.24
N THR D 136 34.62 -0.39 0.64
CA THR D 136 35.46 -0.98 -0.41
C THR D 136 36.91 -0.77 -0.04
N PHE D 137 37.62 -1.85 0.24
CA PHE D 137 39.03 -1.79 0.58
C PHE D 137 39.85 -1.95 -0.69
N THR D 138 40.50 -0.87 -1.11
CA THR D 138 41.34 -0.85 -2.30
C THR D 138 42.77 -0.60 -1.88
N ALA D 139 43.69 -1.38 -2.46
CA ALA D 139 45.11 -1.22 -2.15
C ALA D 139 45.94 -1.64 -3.35
N LEU D 140 47.17 -1.15 -3.40
CA LEU D 140 48.08 -1.47 -4.47
C LEU D 140 48.89 -2.70 -4.11
N GLY D 141 48.88 -3.69 -4.99
CA GLY D 141 49.62 -4.91 -4.75
C GLY D 141 48.91 -6.09 -5.38
N THR D 142 49.51 -7.26 -5.18
CA THR D 142 48.96 -8.50 -5.71
C THR D 142 48.55 -9.51 -4.64
N ASP D 143 49.01 -9.34 -3.40
CA ASP D 143 48.67 -10.28 -2.34
C ASP D 143 47.27 -10.00 -1.79
N ARG D 144 46.54 -11.08 -1.50
CA ARG D 144 45.21 -10.98 -0.93
C ARG D 144 45.19 -11.15 0.58
N LYS D 145 46.30 -11.59 1.18
CA LYS D 145 46.32 -11.88 2.60
C LYS D 145 46.11 -10.65 3.47
N VAL D 146 46.33 -9.45 2.93
CA VAL D 146 46.16 -8.24 3.72
C VAL D 146 44.70 -8.09 4.15
N PHE D 147 43.78 -8.28 3.21
CA PHE D 147 42.36 -8.13 3.53
C PHE D 147 41.87 -9.24 4.45
N PHE D 148 42.38 -10.46 4.27
CA PHE D 148 42.04 -11.53 5.19
C PHE D 148 42.53 -11.22 6.60
N ASN D 149 43.75 -10.67 6.72
CA ASN D 149 44.25 -10.26 8.02
C ASN D 149 43.38 -9.17 8.62
N ILE D 150 42.95 -8.22 7.80
CA ILE D 150 42.08 -7.15 8.29
C ILE D 150 40.78 -7.74 8.83
N LEU D 151 40.19 -8.68 8.09
CA LEU D 151 38.94 -9.29 8.53
C LEU D 151 39.13 -10.06 9.83
N GLU D 152 40.22 -10.84 9.93
CA GLU D 152 40.46 -11.61 11.15
C GLU D 152 40.70 -10.69 12.35
N GLU D 153 41.45 -9.61 12.14
CA GLU D 153 41.67 -8.66 13.23
C GLU D 153 40.38 -7.95 13.62
N ALA D 154 39.51 -7.67 12.65
CA ALA D 154 38.22 -7.09 12.96
C ALA D 154 37.38 -8.04 13.81
N ARG D 155 37.37 -9.32 13.46
CA ARG D 155 36.65 -10.29 14.27
C ARG D 155 37.23 -10.39 15.67
N ALA D 156 38.56 -10.40 15.79
CA ALA D 156 39.20 -10.47 17.10
C ALA D 156 38.86 -9.24 17.94
N LEU D 157 38.86 -8.06 17.33
CA LEU D 157 38.51 -6.85 18.07
C LEU D 157 37.05 -6.86 18.47
N ALA D 158 36.17 -7.40 17.61
CA ALA D 158 34.77 -7.53 17.98
C ALA D 158 34.61 -8.45 19.18
N LEU D 159 35.36 -9.54 19.21
CA LEU D 159 35.36 -10.43 20.37
C LEU D 159 36.11 -9.84 21.56
N GLN D 160 36.84 -8.74 21.36
CA GLN D 160 37.53 -8.04 22.43
C GLN D 160 36.69 -6.84 22.88
N GLN D 161 37.12 -6.23 23.98
CA GLN D 161 36.47 -5.08 24.63
C GLN D 161 35.06 -5.40 25.11
N GLU D 162 34.62 -6.64 24.95
CA GLU D 162 33.34 -7.10 25.47
C GLU D 162 33.52 -8.11 26.60
N GLU D 163 34.74 -8.28 27.10
CA GLU D 163 35.02 -9.23 28.16
C GLU D 163 34.80 -8.58 29.52
N GLY D 164 34.32 -9.38 30.48
CA GLY D 164 33.86 -8.87 31.74
C GLY D 164 32.43 -8.37 31.73
N LYS D 165 31.78 -8.37 30.56
CA LYS D 165 30.40 -7.93 30.40
C LYS D 165 29.65 -8.98 29.59
N THR D 166 28.34 -8.83 29.52
CA THR D 166 27.46 -9.74 28.79
C THR D 166 26.86 -9.01 27.61
N VAL D 167 27.00 -9.58 26.42
CA VAL D 167 26.44 -9.03 25.21
C VAL D 167 25.04 -9.60 25.02
N MET D 168 24.11 -8.77 24.55
CA MET D 168 22.73 -9.19 24.33
C MET D 168 22.34 -8.84 22.90
N TYR D 169 22.12 -9.86 22.08
CA TYR D 169 21.70 -9.66 20.70
C TYR D 169 20.19 -9.61 20.60
N THR D 170 19.70 -9.23 19.43
CA THR D 170 18.27 -9.19 19.17
C THR D 170 18.04 -9.39 17.69
N ALA D 171 16.81 -9.77 17.34
CA ALA D 171 16.46 -10.07 15.97
C ALA D 171 16.14 -8.77 15.23
N VAL D 172 16.95 -8.43 14.25
CA VAL D 172 16.72 -7.27 13.39
C VAL D 172 16.54 -7.83 11.98
N GLY D 173 15.29 -8.05 11.59
CA GLY D 173 15.02 -8.65 10.30
C GLY D 173 15.25 -10.14 10.34
N SER D 174 16.33 -10.59 9.69
CA SER D 174 16.72 -12.01 9.71
C SER D 174 18.15 -12.20 10.21
N GLU D 175 18.67 -11.26 10.99
CA GLU D 175 20.02 -11.34 11.51
C GLU D 175 20.01 -10.96 12.98
N TRP D 176 21.01 -11.46 13.71
CA TRP D 176 21.18 -11.14 15.12
C TRP D 176 22.11 -9.94 15.24
N ARG D 177 21.60 -8.83 15.74
CA ARG D 177 22.38 -7.61 15.91
C ARG D 177 22.41 -7.24 17.38
N THR D 178 23.55 -6.71 17.83
CA THR D 178 23.71 -6.38 19.23
C THR D 178 22.71 -5.31 19.66
N PHE D 179 22.18 -5.47 20.86
CA PHE D 179 21.16 -4.57 21.41
C PHE D 179 21.80 -3.74 22.51
N GLY D 180 21.92 -2.44 22.27
CA GLY D 180 22.50 -1.56 23.27
C GLY D 180 23.98 -1.85 23.48
N TYR D 181 24.42 -1.64 24.71
CA TYR D 181 25.80 -1.82 25.12
C TYR D 181 25.96 -3.09 25.94
N PRO D 182 27.18 -3.65 26.00
CA PRO D 182 27.39 -4.84 26.83
C PRO D 182 27.02 -4.63 28.29
N ARG D 183 26.01 -5.34 28.77
CA ARG D 183 25.57 -5.21 30.15
C ARG D 183 26.60 -5.79 31.10
N ARG D 184 26.68 -5.21 32.29
CA ARG D 184 27.60 -5.71 33.31
C ARG D 184 27.13 -7.08 33.81
N ARG D 185 28.10 -7.96 34.07
CA ARG D 185 27.77 -9.31 34.48
C ARG D 185 27.14 -9.33 35.87
N ARG D 186 26.13 -10.18 36.02
CA ARG D 186 25.54 -10.42 37.33
C ARG D 186 26.25 -11.59 37.99
N PRO D 187 26.83 -11.43 39.17
CA PRO D 187 27.53 -12.54 39.81
C PRO D 187 26.61 -13.72 40.04
N LEU D 188 27.15 -14.93 39.84
CA LEU D 188 26.33 -16.12 39.96
C LEU D 188 25.86 -16.34 41.39
N ASP D 189 26.70 -16.04 42.37
CA ASP D 189 26.29 -16.20 43.76
C ASP D 189 25.28 -15.15 44.20
N SER D 190 25.07 -14.11 43.40
CA SER D 190 24.05 -13.11 43.73
C SER D 190 22.64 -13.64 43.50
N VAL D 191 22.48 -14.79 42.86
CA VAL D 191 21.19 -15.42 42.65
C VAL D 191 21.14 -16.66 43.54
N VAL D 192 20.22 -16.66 44.49
CA VAL D 192 20.09 -17.75 45.46
C VAL D 192 18.90 -18.60 45.03
N LEU D 193 19.18 -19.80 44.53
CA LEU D 193 18.16 -20.75 44.15
C LEU D 193 18.05 -21.83 45.22
N GLN D 194 17.21 -22.83 44.94
CA GLN D 194 17.09 -23.97 45.84
C GLN D 194 18.42 -24.71 45.91
N GLN D 195 18.66 -25.37 47.03
CA GLN D 195 19.95 -26.00 47.30
C GLN D 195 20.34 -26.99 46.21
N GLY D 196 21.44 -26.70 45.51
CA GLY D 196 21.97 -27.59 44.50
C GLY D 196 21.41 -27.39 43.11
N LEU D 197 20.39 -26.55 42.94
CA LEU D 197 19.80 -26.36 41.62
C LEU D 197 20.76 -25.67 40.67
N ALA D 198 21.38 -24.58 41.12
CA ALA D 198 22.31 -23.84 40.26
C ALA D 198 23.50 -24.70 39.88
N ASP D 199 24.05 -25.43 40.84
CA ASP D 199 25.17 -26.32 40.54
C ASP D 199 24.76 -27.40 39.55
N ARG D 200 23.57 -27.98 39.72
CA ARG D 200 23.11 -29.01 38.80
C ARG D 200 22.99 -28.47 37.39
N ILE D 201 22.36 -27.31 37.23
CA ILE D 201 22.18 -26.76 35.88
C ILE D 201 23.52 -26.39 35.26
N VAL D 202 24.42 -25.79 36.05
CA VAL D 202 25.73 -25.42 35.51
C VAL D 202 26.50 -26.67 35.09
N LYS D 203 26.49 -27.71 35.91
CA LYS D 203 27.19 -28.93 35.56
C LYS D 203 26.60 -29.56 34.31
N ASP D 204 25.28 -29.57 34.18
CA ASP D 204 24.65 -30.15 33.01
C ASP D 204 25.04 -29.40 31.74
N ILE D 205 24.97 -28.06 31.79
CA ILE D 205 25.25 -27.29 30.58
C ILE D 205 26.73 -27.37 30.23
N ARG D 206 27.61 -27.41 31.23
CA ARG D 206 29.03 -27.53 30.93
C ARG D 206 29.38 -28.92 30.42
N GLU D 207 28.70 -29.95 30.91
CA GLU D 207 28.87 -31.29 30.35
C GLU D 207 28.42 -31.33 28.90
N PHE D 208 27.31 -30.67 28.58
CA PHE D 208 26.87 -30.61 27.20
C PHE D 208 27.88 -29.89 26.33
N ILE D 209 28.43 -28.78 26.82
CA ILE D 209 29.39 -28.02 26.02
C ILE D 209 30.67 -28.82 25.81
N ASP D 210 31.14 -29.52 26.84
CA ASP D 210 32.46 -30.14 26.80
C ASP D 210 32.50 -31.44 26.00
N ASN D 211 31.35 -32.02 25.66
CA ASN D 211 31.29 -33.34 25.03
C ASN D 211 30.49 -33.27 23.74
N PRO D 212 31.10 -32.82 22.65
CA PRO D 212 30.44 -32.92 21.34
C PRO D 212 30.72 -34.26 20.67
N LYS D 213 31.83 -34.89 21.05
CA LYS D 213 32.18 -36.18 20.47
C LYS D 213 31.18 -37.25 20.89
N TRP D 214 30.70 -37.20 22.14
CA TRP D 214 29.71 -38.16 22.58
C TRP D 214 28.43 -38.05 21.77
N TYR D 215 28.10 -36.84 21.31
CA TYR D 215 26.92 -36.68 20.46
C TYR D 215 27.20 -37.13 19.04
N ILE D 216 28.37 -36.79 18.50
CA ILE D 216 28.67 -37.12 17.11
C ILE D 216 28.77 -38.63 16.92
N ASP D 217 29.44 -39.32 17.84
CA ASP D 217 29.66 -40.75 17.71
C ASP D 217 28.38 -41.56 17.78
N ARG D 218 27.28 -40.97 18.22
CA ARG D 218 26.02 -41.68 18.32
C ARG D 218 24.93 -41.10 17.43
N GLY D 219 25.24 -40.07 16.65
CA GLY D 219 24.29 -39.50 15.72
C GLY D 219 23.28 -38.57 16.33
N ILE D 220 23.31 -38.38 17.65
CA ILE D 220 22.36 -37.48 18.30
C ILE D 220 22.63 -36.05 17.86
N PRO D 221 21.60 -35.26 17.54
CA PRO D 221 21.85 -33.85 17.22
C PRO D 221 22.49 -33.13 18.40
N TYR D 222 23.43 -32.25 18.10
CA TYR D 222 24.18 -31.54 19.14
C TYR D 222 23.43 -30.28 19.53
N ARG D 223 22.31 -30.49 20.23
CA ARG D 223 21.49 -29.40 20.73
C ARG D 223 21.03 -29.74 22.13
N ARG D 224 20.68 -28.69 22.88
CA ARG D 224 20.08 -28.87 24.19
C ARG D 224 19.14 -27.72 24.48
N GLY D 225 18.14 -27.99 25.31
CA GLY D 225 17.18 -26.98 25.68
C GLY D 225 16.82 -27.12 27.14
N TYR D 226 16.53 -25.97 27.77
CA TYR D 226 16.21 -25.93 29.18
C TYR D 226 14.91 -25.17 29.39
N LEU D 227 14.19 -25.53 30.43
CA LEU D 227 12.94 -24.88 30.80
C LEU D 227 12.94 -24.58 32.28
N LEU D 228 12.75 -23.30 32.63
CA LEU D 228 12.62 -22.87 34.00
C LEU D 228 11.20 -22.38 34.21
N TYR D 229 10.48 -22.99 35.15
CA TYR D 229 9.08 -22.64 35.39
C TYR D 229 8.85 -22.47 36.88
N GLY D 230 7.92 -21.58 37.21
CA GLY D 230 7.58 -21.30 38.58
C GLY D 230 6.81 -20.01 38.72
N PRO D 231 6.39 -19.69 39.95
CA PRO D 231 5.67 -18.45 40.17
C PRO D 231 6.55 -17.25 39.89
N PRO D 232 5.97 -16.12 39.48
CA PRO D 232 6.78 -14.98 39.07
C PRO D 232 7.61 -14.42 40.23
N GLY D 233 8.78 -13.89 39.88
CA GLY D 233 9.65 -13.24 40.84
C GLY D 233 10.55 -14.16 41.63
N CYS D 234 10.68 -15.43 41.23
CA CYS D 234 11.49 -16.37 41.99
C CYS D 234 12.90 -16.54 41.46
N GLY D 235 13.23 -15.94 40.32
CA GLY D 235 14.62 -15.91 39.91
C GLY D 235 14.97 -16.63 38.63
N LYS D 236 14.06 -16.67 37.67
CA LYS D 236 14.35 -17.33 36.40
C LYS D 236 15.24 -16.46 35.52
N SER D 237 14.79 -15.25 35.21
CA SER D 237 15.56 -14.37 34.34
C SER D 237 16.89 -13.98 34.98
N SER D 238 16.90 -13.72 36.28
CA SER D 238 18.15 -13.39 36.96
C SER D 238 19.13 -14.56 36.90
N PHE D 239 18.63 -15.78 37.08
CA PHE D 239 19.52 -16.94 36.98
C PHE D 239 20.04 -17.11 35.57
N ILE D 240 19.21 -16.84 34.55
CA ILE D 240 19.69 -16.94 33.18
C ILE D 240 20.79 -15.94 32.92
N THR D 241 20.61 -14.70 33.41
CA THR D 241 21.66 -13.70 33.24
C THR D 241 22.94 -14.11 33.95
N ALA D 242 22.82 -14.62 35.17
CA ALA D 242 24.00 -15.05 35.91
C ALA D 242 24.69 -16.21 35.22
N LEU D 243 23.91 -17.15 34.66
CA LEU D 243 24.49 -18.27 33.94
C LEU D 243 25.20 -17.82 32.68
N ALA D 244 24.62 -16.88 31.94
CA ALA D 244 25.28 -16.36 30.76
C ALA D 244 26.58 -15.66 31.13
N GLY D 245 26.59 -14.96 32.26
CA GLY D 245 27.83 -14.37 32.73
C GLY D 245 28.88 -15.41 33.11
N GLU D 246 28.43 -16.47 33.80
CA GLU D 246 29.37 -17.49 34.25
C GLU D 246 29.98 -18.25 33.08
N LEU D 247 29.17 -18.60 32.08
CA LEU D 247 29.64 -19.36 30.94
C LEU D 247 30.32 -18.49 29.89
N GLU D 248 30.39 -17.18 30.11
CA GLU D 248 30.97 -16.24 29.16
C GLU D 248 30.26 -16.29 27.81
N HIS D 249 28.96 -16.60 27.84
CA HIS D 249 28.15 -16.62 26.64
C HIS D 249 27.43 -15.29 26.47
N SER D 250 26.74 -15.15 25.35
CA SER D 250 25.86 -14.02 25.11
C SER D 250 24.42 -14.52 25.06
N ILE D 251 23.48 -13.58 25.09
CA ILE D 251 22.06 -13.91 25.11
C ILE D 251 21.41 -13.34 23.87
N CYS D 252 20.71 -14.20 23.13
CA CYS D 252 19.95 -13.80 21.95
C CYS D 252 18.47 -13.81 22.33
N LEU D 253 17.92 -12.63 22.57
CA LEU D 253 16.52 -12.51 22.99
C LEU D 253 15.62 -12.68 21.78
N LEU D 254 14.74 -13.67 21.83
CA LEU D 254 13.79 -13.94 20.77
C LEU D 254 12.38 -13.75 21.29
N SER D 255 11.59 -12.96 20.57
CA SER D 255 10.21 -12.68 20.93
C SER D 255 9.32 -13.45 19.96
N LEU D 256 8.76 -14.55 20.43
CA LEU D 256 7.91 -15.38 19.56
C LEU D 256 6.69 -14.61 19.11
N THR D 257 6.07 -13.85 20.00
CA THR D 257 4.84 -13.12 19.68
C THR D 257 5.16 -11.77 19.03
N ASP D 258 5.96 -11.79 17.98
CA ASP D 258 6.28 -10.60 17.20
C ASP D 258 5.36 -10.54 16.00
N SER D 259 5.53 -9.49 15.19
CA SER D 259 4.72 -9.31 13.99
C SER D 259 5.45 -9.71 12.71
N SER D 260 6.78 -9.57 12.69
CA SER D 260 7.56 -9.90 11.51
C SER D 260 8.10 -11.32 11.52
N LEU D 261 7.76 -12.12 12.53
CA LEU D 261 8.33 -13.45 12.70
C LEU D 261 7.47 -14.47 11.95
N SER D 262 8.10 -15.19 11.03
CA SER D 262 7.48 -16.29 10.31
C SER D 262 8.26 -17.58 10.57
N ASP D 263 7.71 -18.69 10.10
CA ASP D 263 8.36 -19.98 10.32
C ASP D 263 9.72 -20.04 9.65
N ASP D 264 9.79 -19.60 8.39
CA ASP D 264 11.08 -19.58 7.69
C ASP D 264 12.04 -18.62 8.35
N ARG D 265 11.54 -17.44 8.76
CA ARG D 265 12.40 -16.49 9.45
C ARG D 265 12.87 -17.03 10.78
N LEU D 266 11.99 -17.73 11.50
CA LEU D 266 12.40 -18.35 12.76
C LEU D 266 13.48 -19.39 12.55
N ASN D 267 13.33 -20.23 11.52
CA ASN D 267 14.37 -21.22 11.22
C ASN D 267 15.69 -20.54 10.88
N HIS D 268 15.63 -19.49 10.06
CA HIS D 268 16.86 -18.78 9.70
C HIS D 268 17.51 -18.17 10.93
N LEU D 269 16.71 -17.52 11.79
CA LEU D 269 17.26 -16.88 12.97
C LEU D 269 17.89 -17.89 13.91
N LEU D 270 17.25 -19.04 14.09
CA LEU D 270 17.83 -20.07 14.93
C LEU D 270 19.04 -20.72 14.27
N SER D 271 19.18 -20.60 12.95
CA SER D 271 20.31 -21.19 12.25
C SER D 271 21.52 -20.27 12.18
N VAL D 272 21.37 -18.98 12.44
CA VAL D 272 22.48 -18.03 12.35
C VAL D 272 22.74 -17.36 13.69
N ALA D 273 22.37 -17.99 14.79
CA ALA D 273 22.65 -17.43 16.10
C ALA D 273 24.16 -17.36 16.31
N PRO D 274 24.67 -16.31 16.95
CA PRO D 274 26.12 -16.22 17.18
C PRO D 274 26.62 -17.40 17.99
N GLN D 275 27.83 -17.83 17.68
CA GLN D 275 28.42 -18.94 18.40
C GLN D 275 28.66 -18.56 19.85
N GLN D 276 28.54 -19.56 20.74
CA GLN D 276 28.66 -19.36 22.18
C GLN D 276 27.63 -18.35 22.67
N SER D 277 26.36 -18.65 22.39
CA SER D 277 25.25 -17.80 22.79
C SER D 277 24.08 -18.68 23.24
N LEU D 278 23.23 -18.10 24.08
CA LEU D 278 22.04 -18.77 24.58
C LEU D 278 20.82 -18.10 23.97
N VAL D 279 20.05 -18.85 23.20
CA VAL D 279 18.78 -18.34 22.69
C VAL D 279 17.76 -18.41 23.81
N LEU D 280 17.05 -17.30 24.03
CA LEU D 280 16.15 -17.17 25.18
C LEU D 280 14.74 -16.88 24.68
N LEU D 281 13.84 -17.84 24.82
CA LEU D 281 12.43 -17.66 24.53
C LEU D 281 11.72 -17.51 25.87
N GLU D 282 11.42 -16.28 26.26
CA GLU D 282 10.83 -15.99 27.55
C GLU D 282 9.31 -15.92 27.44
N ASP D 283 8.63 -16.53 28.41
CA ASP D 283 7.17 -16.59 28.44
C ASP D 283 6.62 -17.27 27.18
N VAL D 284 6.97 -18.55 27.05
CA VAL D 284 6.56 -19.32 25.88
C VAL D 284 5.05 -19.53 25.87
N ASP D 285 4.43 -19.61 27.04
CA ASP D 285 3.01 -19.91 27.13
C ASP D 285 2.14 -18.83 26.50
N ALA D 286 2.65 -17.61 26.35
CA ALA D 286 1.86 -16.53 25.77
C ALA D 286 1.83 -16.55 24.25
N ALA D 287 2.67 -17.37 23.62
CA ALA D 287 2.71 -17.41 22.17
C ALA D 287 1.47 -18.07 21.60
N PHE D 288 1.03 -19.17 22.21
CA PHE D 288 -0.06 -19.98 21.67
C PHE D 288 -1.12 -20.23 22.74
N LEU D 289 -2.35 -20.45 22.28
CA LEU D 289 -3.45 -20.80 23.15
C LEU D 289 -3.18 -22.17 23.80
N SER D 290 -3.84 -22.41 24.92
CA SER D 290 -3.40 -23.48 25.82
C SER D 290 -4.59 -24.10 26.54
N ARG D 291 -4.28 -25.14 27.32
CA ARG D 291 -5.23 -25.82 28.20
C ARG D 291 -6.46 -26.32 27.47
N ASP D 292 -7.56 -25.57 27.56
CA ASP D 292 -8.78 -25.98 26.87
C ASP D 292 -8.59 -25.98 25.35
N LEU D 293 -7.78 -25.04 24.83
CA LEU D 293 -7.45 -25.07 23.41
C LEU D 293 -6.46 -26.20 23.09
N ALA D 294 -5.56 -26.51 24.02
CA ALA D 294 -4.67 -27.65 23.81
C ALA D 294 -5.47 -28.95 23.70
N VAL D 295 -6.52 -29.08 24.51
CA VAL D 295 -7.47 -30.18 24.36
C VAL D 295 -8.20 -30.07 23.03
N GLU D 296 -8.57 -28.85 22.64
CA GLU D 296 -9.21 -28.61 21.36
C GLU D 296 -8.26 -28.97 20.22
N ASN D 297 -8.83 -29.19 19.05
CA ASN D 297 -8.08 -29.69 17.89
C ASN D 297 -6.93 -28.77 17.50
N PRO D 298 -7.14 -27.46 17.30
CA PRO D 298 -6.01 -26.60 16.90
C PRO D 298 -5.32 -25.93 18.07
N ILE D 299 -3.99 -25.82 18.00
CA ILE D 299 -3.23 -25.00 18.93
C ILE D 299 -3.11 -23.61 18.32
N LYS D 300 -4.10 -22.76 18.56
CA LYS D 300 -4.17 -21.48 17.87
C LYS D 300 -3.03 -20.56 18.29
N TYR D 301 -2.53 -19.78 17.33
CA TYR D 301 -1.48 -18.80 17.57
C TYR D 301 -2.13 -17.50 18.02
N GLN D 302 -2.08 -17.24 19.32
CA GLN D 302 -2.64 -16.00 19.87
C GLN D 302 -1.60 -14.88 19.78
N GLY D 303 -1.04 -14.67 18.60
CA GLY D 303 0.01 -13.69 18.44
C GLY D 303 -0.27 -12.65 17.39
N LEU D 304 0.79 -12.03 16.87
CA LEU D 304 0.69 -10.91 15.94
C LEU D 304 1.25 -11.22 14.57
N GLY D 305 2.28 -12.04 14.49
CA GLY D 305 2.93 -12.37 13.24
C GLY D 305 2.33 -13.57 12.54
N ARG D 306 3.16 -14.24 11.75
CA ARG D 306 2.74 -15.38 10.95
C ARG D 306 3.46 -16.65 11.41
N LEU D 307 3.57 -16.82 12.72
CA LEU D 307 4.19 -18.00 13.29
C LEU D 307 3.12 -19.02 13.65
N THR D 308 3.47 -20.30 13.54
CA THR D 308 2.57 -21.39 13.83
C THR D 308 3.21 -22.35 14.82
N PHE D 309 2.37 -23.13 15.50
CA PHE D 309 2.88 -24.09 16.46
C PHE D 309 3.79 -25.11 15.79
N SER D 310 3.40 -25.61 14.62
CA SER D 310 4.25 -26.56 13.92
C SER D 310 5.58 -25.93 13.51
N GLY D 311 5.55 -24.66 13.12
CA GLY D 311 6.79 -23.98 12.76
C GLY D 311 7.75 -23.90 13.93
N LEU D 312 7.25 -23.50 15.10
CA LEU D 312 8.10 -23.46 16.29
C LEU D 312 8.60 -24.84 16.67
N LEU D 313 7.72 -25.85 16.60
CA LEU D 313 8.13 -27.21 16.94
C LEU D 313 9.24 -27.70 16.03
N ASN D 314 9.12 -27.42 14.73
CA ASN D 314 10.14 -27.88 13.79
C ASN D 314 11.42 -27.06 13.90
N ALA D 315 11.30 -25.79 14.29
CA ALA D 315 12.50 -24.99 14.47
C ALA D 315 13.29 -25.43 15.69
N LEU D 316 12.60 -25.70 16.80
CA LEU D 316 13.30 -26.11 18.02
C LEU D 316 13.98 -27.46 17.85
N ASP D 317 13.28 -28.43 17.26
CA ASP D 317 13.86 -29.75 17.01
C ASP D 317 13.15 -30.33 15.78
N GLY D 318 13.76 -30.17 14.62
CA GLY D 318 13.20 -30.71 13.40
C GLY D 318 14.24 -31.34 12.52
N VAL D 319 14.06 -31.24 11.21
CA VAL D 319 15.03 -31.80 10.27
C VAL D 319 16.13 -30.80 9.94
N ALA D 320 15.77 -29.52 9.81
CA ALA D 320 16.72 -28.48 9.44
C ALA D 320 17.31 -27.77 10.64
N SER D 321 16.98 -28.18 11.86
CA SER D 321 17.50 -27.51 13.05
C SER D 321 19.01 -27.61 13.10
N THR D 322 19.65 -26.49 13.45
CA THR D 322 21.10 -26.40 13.43
C THR D 322 21.69 -26.91 14.74
N GLU D 323 22.85 -27.56 14.64
CA GLU D 323 23.52 -28.12 15.80
C GLU D 323 24.26 -27.02 16.57
N ALA D 324 24.83 -27.40 17.71
CA ALA D 324 25.57 -26.49 18.59
C ALA D 324 24.71 -25.29 18.98
N ARG D 325 23.63 -25.58 19.69
CA ARG D 325 22.63 -24.56 20.02
C ARG D 325 22.04 -24.85 21.38
N ILE D 326 21.97 -23.84 22.23
CA ILE D 326 21.35 -23.93 23.55
C ILE D 326 20.17 -22.98 23.59
N VAL D 327 18.99 -23.49 23.94
CA VAL D 327 17.77 -22.72 23.97
C VAL D 327 17.23 -22.74 25.39
N PHE D 328 16.97 -21.56 25.95
CA PHE D 328 16.37 -21.42 27.27
C PHE D 328 14.95 -20.91 27.14
N MET D 329 14.01 -21.59 27.78
CA MET D 329 12.62 -21.21 27.77
C MET D 329 12.13 -21.07 29.19
N THR D 330 11.35 -20.02 29.46
CA THR D 330 10.78 -19.79 30.77
C THR D 330 9.28 -19.59 30.67
N THR D 331 8.58 -19.93 31.74
CA THR D 331 7.14 -19.72 31.81
C THR D 331 6.73 -19.72 33.27
N ASN D 332 5.56 -19.12 33.53
CA ASN D 332 4.98 -19.15 34.86
C ASN D 332 3.88 -20.18 35.01
N TYR D 333 3.30 -20.64 33.91
CA TYR D 333 2.23 -21.63 33.92
C TYR D 333 2.68 -22.78 33.04
N ILE D 334 3.34 -23.77 33.64
CA ILE D 334 3.80 -24.92 32.87
C ILE D 334 2.63 -25.74 32.36
N ASP D 335 1.48 -25.67 33.05
CA ASP D 335 0.32 -26.44 32.61
C ASP D 335 -0.23 -25.93 31.28
N ARG D 336 0.16 -24.74 30.86
CA ARG D 336 -0.29 -24.19 29.59
C ARG D 336 0.61 -24.57 28.43
N LEU D 337 1.65 -25.36 28.67
CA LEU D 337 2.56 -25.76 27.60
C LEU D 337 2.15 -27.11 27.05
N ASP D 338 2.02 -27.19 25.73
CA ASP D 338 1.67 -28.45 25.10
C ASP D 338 2.77 -29.47 25.34
N PRO D 339 2.43 -30.72 25.64
CA PRO D 339 3.48 -31.73 25.91
C PRO D 339 4.40 -31.96 24.73
N ALA D 340 3.97 -31.66 23.51
CA ALA D 340 4.85 -31.80 22.37
C ALA D 340 5.93 -30.72 22.35
N LEU D 341 5.63 -29.55 22.93
CA LEU D 341 6.61 -28.47 22.94
C LEU D 341 7.74 -28.77 23.92
N ILE D 342 7.42 -29.38 25.07
CA ILE D 342 8.43 -29.72 26.05
C ILE D 342 8.54 -31.23 26.14
N ARG D 343 9.44 -31.81 25.35
CA ARG D 343 9.65 -33.24 25.31
C ARG D 343 11.14 -33.51 25.31
N PRO D 344 11.56 -34.71 25.70
CA PRO D 344 13.00 -34.98 25.83
C PRO D 344 13.72 -35.00 24.49
N GLY D 345 14.13 -33.83 24.03
CA GLY D 345 14.72 -33.68 22.71
C GLY D 345 14.40 -32.32 22.14
N ARG D 346 13.37 -31.68 22.69
CA ARG D 346 13.13 -30.25 22.52
C ARG D 346 13.48 -29.46 23.77
N VAL D 347 13.21 -30.04 24.94
CA VAL D 347 13.61 -29.47 26.23
C VAL D 347 14.20 -30.61 27.04
N ASP D 348 15.51 -30.62 27.20
CA ASP D 348 16.21 -31.74 27.84
C ASP D 348 16.29 -31.61 29.35
N LEU D 349 15.88 -30.49 29.93
CA LEU D 349 15.92 -30.33 31.38
C LEU D 349 14.84 -29.35 31.80
N LYS D 350 13.94 -29.81 32.68
CA LYS D 350 12.90 -28.96 33.24
C LYS D 350 13.15 -28.83 34.74
N GLU D 351 13.24 -27.60 35.22
CA GLU D 351 13.52 -27.33 36.63
C GLU D 351 12.52 -26.35 37.19
N TYR D 352 12.16 -26.53 38.45
CA TYR D 352 11.17 -25.71 39.12
C TYR D 352 11.87 -24.68 39.99
N VAL D 353 11.61 -23.40 39.72
CA VAL D 353 12.14 -22.31 40.51
C VAL D 353 10.97 -21.76 41.32
N GLY D 354 10.87 -22.19 42.58
CA GLY D 354 9.73 -21.90 43.40
C GLY D 354 9.99 -20.85 44.46
N TYR D 355 9.14 -20.84 45.48
CA TYR D 355 9.23 -19.84 46.54
C TYR D 355 10.43 -20.13 47.43
N CYS D 356 10.64 -19.24 48.40
CA CYS D 356 11.81 -19.35 49.27
C CYS D 356 11.67 -20.53 50.22
N SER D 357 12.81 -21.01 50.69
CA SER D 357 12.90 -22.04 51.72
C SER D 357 13.78 -21.51 52.84
N HIS D 358 13.90 -22.30 53.91
CA HIS D 358 14.69 -21.88 55.06
C HIS D 358 16.13 -21.60 54.66
N TRP D 359 16.75 -22.53 53.94
CA TRP D 359 18.13 -22.34 53.50
C TRP D 359 18.24 -21.16 52.55
N GLN D 360 17.27 -21.01 51.65
CA GLN D 360 17.30 -19.90 50.70
C GLN D 360 17.20 -18.57 51.42
N LEU D 361 16.30 -18.46 52.40
CA LEU D 361 16.20 -17.22 53.17
C LEU D 361 17.47 -16.95 53.95
N THR D 362 18.06 -17.98 54.54
CA THR D 362 19.31 -17.80 55.28
C THR D 362 20.41 -17.26 54.37
N GLN D 363 20.56 -17.86 53.18
CA GLN D 363 21.59 -17.39 52.26
C GLN D 363 21.32 -15.98 51.78
N MET D 364 20.05 -15.66 51.51
CA MET D 364 19.72 -14.31 51.07
C MET D 364 20.05 -13.29 52.15
N PHE D 365 19.72 -13.60 53.41
CA PHE D 365 20.06 -12.70 54.50
C PHE D 365 21.57 -12.54 54.64
N GLN D 366 22.32 -13.64 54.54
CA GLN D 366 23.76 -13.54 54.67
C GLN D 366 24.38 -12.74 53.53
N ARG D 367 23.81 -12.82 52.34
CA ARG D 367 24.34 -12.05 51.22
C ARG D 367 23.97 -10.58 51.31
N PHE D 368 22.78 -10.25 51.82
CA PHE D 368 22.38 -8.85 51.89
C PHE D 368 23.03 -8.11 53.04
N TYR D 369 23.33 -8.79 54.15
CA TYR D 369 23.97 -8.19 55.32
C TYR D 369 25.22 -8.99 55.65
N PRO D 370 26.31 -8.81 54.89
CA PRO D 370 27.53 -9.59 55.13
C PRO D 370 28.22 -9.11 56.40
N GLY D 371 28.53 -10.05 57.28
CA GLY D 371 29.25 -9.73 58.49
C GLY D 371 28.53 -10.13 59.76
N GLN D 372 27.19 -10.20 59.70
CA GLN D 372 26.41 -10.56 60.87
C GLN D 372 26.63 -12.02 61.23
N ALA D 373 26.34 -12.34 62.50
CA ALA D 373 26.48 -13.70 62.97
C ALA D 373 25.47 -14.61 62.27
N PRO D 374 25.83 -15.87 62.05
CA PRO D 374 24.92 -16.79 61.35
C PRO D 374 23.62 -17.05 62.10
N SER D 375 23.57 -16.80 63.41
CA SER D 375 22.34 -17.01 64.16
C SER D 375 21.25 -16.02 63.75
N LEU D 376 21.63 -14.79 63.40
CA LEU D 376 20.64 -13.81 62.96
C LEU D 376 19.94 -14.26 61.69
N ALA D 377 20.69 -14.84 60.75
CA ALA D 377 20.08 -15.31 59.51
C ALA D 377 19.08 -16.43 59.79
N GLU D 378 19.44 -17.37 60.67
CA GLU D 378 18.51 -18.44 61.01
C GLU D 378 17.26 -17.88 61.69
N ASN D 379 17.43 -16.93 62.60
CA ASN D 379 16.29 -16.31 63.26
C ASN D 379 15.38 -15.63 62.26
N PHE D 380 15.98 -14.87 61.32
CA PHE D 380 15.19 -14.19 60.31
C PHE D 380 14.42 -15.17 59.44
N ALA D 381 15.09 -16.25 59.01
CA ALA D 381 14.42 -17.23 58.17
C ALA D 381 13.27 -17.90 58.90
N GLU D 382 13.49 -18.29 60.16
CA GLU D 382 12.43 -18.92 60.93
C GLU D 382 11.25 -17.98 61.14
N HIS D 383 11.52 -16.72 61.46
CA HIS D 383 10.44 -15.76 61.67
C HIS D 383 9.66 -15.52 60.38
N VAL D 384 10.35 -15.40 59.25
CA VAL D 384 9.67 -15.18 57.99
C VAL D 384 8.79 -16.38 57.64
N LEU D 385 9.32 -17.58 57.80
CA LEU D 385 8.52 -18.77 57.50
C LEU D 385 7.33 -18.91 58.44
N LYS D 386 7.48 -18.47 59.69
CA LYS D 386 6.35 -18.50 60.61
C LYS D 386 5.30 -17.47 60.23
N ALA D 387 5.72 -16.29 59.79
CA ALA D 387 4.76 -15.22 59.49
C ALA D 387 4.00 -15.51 58.21
N THR D 388 4.72 -15.61 57.10
CA THR D 388 4.11 -15.90 55.80
C THR D 388 4.48 -17.32 55.37
N SER D 389 3.63 -17.89 54.53
CA SER D 389 3.81 -19.28 54.09
C SER D 389 4.40 -19.39 52.69
N GLU D 390 4.20 -18.40 51.83
CA GLU D 390 4.73 -18.43 50.47
C GLU D 390 5.35 -17.06 50.20
N ILE D 391 6.67 -16.97 50.36
CA ILE D 391 7.40 -15.72 50.17
C ILE D 391 8.36 -15.89 49.00
N SER D 392 8.25 -15.01 48.04
CA SER D 392 9.14 -15.11 46.90
C SER D 392 10.44 -14.35 47.17
N PRO D 393 11.54 -14.75 46.54
CA PRO D 393 12.81 -14.04 46.76
C PRO D 393 12.76 -12.57 46.38
N ALA D 394 11.92 -12.20 45.42
CA ALA D 394 11.76 -10.79 45.08
C ALA D 394 11.18 -9.98 46.23
N GLN D 395 10.20 -10.54 46.94
CA GLN D 395 9.65 -9.85 48.09
C GLN D 395 10.69 -9.70 49.20
N VAL D 396 11.52 -10.73 49.40
CA VAL D 396 12.59 -10.63 50.39
C VAL D 396 13.59 -9.55 49.98
N GLN D 397 13.92 -9.48 48.69
CA GLN D 397 14.83 -8.44 48.23
C GLN D 397 14.25 -7.06 48.46
N GLY D 398 12.96 -6.88 48.19
CA GLY D 398 12.33 -5.60 48.47
C GLY D 398 12.33 -5.25 49.94
N TYR D 399 12.04 -6.24 50.79
CA TYR D 399 12.04 -6.02 52.23
C TYR D 399 13.42 -5.60 52.71
N PHE D 400 14.47 -6.23 52.19
CA PHE D 400 15.82 -5.78 52.52
C PHE D 400 16.10 -4.40 51.96
N MET D 401 15.56 -4.09 50.77
CA MET D 401 15.71 -2.76 50.20
C MET D 401 15.17 -1.70 51.14
N LEU D 402 14.10 -2.03 51.86
CA LEU D 402 13.56 -1.09 52.84
C LEU D 402 14.58 -0.80 53.95
N TYR D 403 15.15 -1.85 54.54
CA TYR D 403 16.08 -1.71 55.66
C TYR D 403 17.52 -1.87 55.16
N LYS D 404 18.03 -0.81 54.55
CA LYS D 404 19.41 -0.81 54.08
C LYS D 404 20.37 -0.57 55.25
N ASN D 405 21.41 -1.41 55.33
CA ASN D 405 22.44 -1.27 56.36
C ASN D 405 21.85 -1.27 57.76
N ASP D 406 20.80 -2.06 57.98
CA ASP D 406 20.15 -2.16 59.27
C ASP D 406 19.67 -3.59 59.48
N PRO D 407 20.59 -4.52 59.77
CA PRO D 407 20.17 -5.90 59.97
C PRO D 407 19.17 -6.08 61.10
N MET D 408 19.34 -5.35 62.20
CA MET D 408 18.46 -5.53 63.33
C MET D 408 17.04 -5.10 63.00
N GLY D 409 16.89 -4.03 62.20
CA GLY D 409 15.57 -3.65 61.75
C GLY D 409 14.89 -4.73 60.92
N ALA D 410 15.67 -5.37 60.04
CA ALA D 410 15.13 -6.46 59.24
C ALA D 410 14.69 -7.61 60.12
N VAL D 411 15.53 -8.00 61.09
CA VAL D 411 15.18 -9.09 62.00
C VAL D 411 14.03 -8.70 62.94
N HIS D 412 13.78 -7.41 63.11
CA HIS D 412 12.71 -6.97 64.00
C HIS D 412 11.36 -6.92 63.29
N ASN D 413 11.30 -6.30 62.11
CA ASN D 413 10.03 -6.03 61.46
C ASN D 413 9.67 -7.14 60.45
N ILE D 414 9.61 -8.37 60.94
CA ILE D 414 9.11 -9.46 60.11
C ILE D 414 7.61 -9.30 59.86
N GLU D 415 6.87 -8.85 60.86
CA GLU D 415 5.41 -8.85 60.79
C GLU D 415 4.88 -8.01 59.62
N SER D 416 5.67 -7.05 59.13
CA SER D 416 5.24 -6.27 57.98
C SER D 416 5.11 -7.12 56.72
N LEU D 417 5.71 -8.30 56.70
CA LEU D 417 5.63 -9.20 55.56
C LEU D 417 4.39 -10.06 55.56
N ARG D 418 3.58 -10.00 56.61
CA ARG D 418 2.38 -10.83 56.68
C ARG D 418 1.40 -10.42 55.59
N PRO D 419 0.83 -11.37 54.85
CA PRO D 419 -0.12 -11.07 53.78
C PRO D 419 -1.42 -10.47 54.31
N MET E 1 53.52 -2.48 -42.40
CA MET E 1 53.10 -1.28 -43.12
C MET E 1 52.45 -0.21 -42.23
N PRO E 2 51.63 -0.59 -41.23
CA PRO E 2 51.03 0.45 -40.37
C PRO E 2 52.05 1.37 -39.71
N PHE E 3 53.22 0.86 -39.36
CA PHE E 3 54.23 1.70 -38.71
C PHE E 3 54.88 2.65 -39.71
N SER E 4 55.46 2.10 -40.77
CA SER E 4 56.24 2.92 -41.70
C SER E 4 55.35 3.80 -42.57
N ASP E 5 54.26 3.23 -43.12
CA ASP E 5 53.43 3.98 -44.06
C ASP E 5 52.74 5.15 -43.38
N PHE E 6 52.21 4.94 -42.17
CA PHE E 6 51.54 6.03 -41.46
C PHE E 6 52.51 7.16 -41.13
N VAL E 7 53.72 6.81 -40.68
CA VAL E 7 54.70 7.83 -40.31
C VAL E 7 54.97 8.76 -41.49
N LEU E 8 55.16 8.18 -42.68
CA LEU E 8 55.26 9.01 -43.89
C LEU E 8 53.95 9.73 -44.16
N ALA E 9 52.82 9.03 -44.00
CA ALA E 9 51.53 9.65 -44.27
C ALA E 9 51.25 10.80 -43.31
N LEU E 10 51.54 10.61 -42.01
CA LEU E 10 51.39 11.69 -41.06
C LEU E 10 52.33 12.85 -41.38
N LYS E 11 53.60 12.54 -41.67
CA LYS E 11 54.57 13.59 -41.97
C LYS E 11 54.21 14.34 -43.25
N ASP E 12 53.43 13.72 -44.14
CA ASP E 12 53.03 14.40 -45.37
C ASP E 12 52.16 15.61 -45.08
N ASN E 13 51.21 15.48 -44.16
CA ASN E 13 50.27 16.55 -43.86
C ASN E 13 50.85 17.48 -42.81
N PRO E 14 51.04 18.77 -43.11
CA PRO E 14 51.42 19.72 -42.05
C PRO E 14 50.35 19.88 -40.99
N TYR E 15 49.08 19.60 -41.33
CA TYR E 15 48.01 19.65 -40.34
C TYR E 15 48.19 18.57 -39.27
N PHE E 16 48.93 17.50 -39.60
CA PHE E 16 49.25 16.49 -38.61
C PHE E 16 50.11 17.06 -37.49
N GLY E 17 51.07 17.93 -37.82
CA GLY E 17 51.87 18.55 -36.77
C GLY E 17 51.03 19.35 -35.79
N ALA E 18 50.08 20.13 -36.32
CA ALA E 18 49.16 20.84 -35.45
C ALA E 18 48.28 19.88 -34.67
N GLY E 19 47.89 18.76 -35.29
CA GLY E 19 47.07 17.78 -34.60
C GLY E 19 47.79 17.15 -33.41
N PHE E 20 49.04 16.73 -33.62
CA PHE E 20 49.83 16.21 -32.51
C PHE E 20 50.20 17.29 -31.52
N GLY E 21 50.25 18.55 -31.97
CA GLY E 21 50.28 19.66 -31.02
C GLY E 21 49.01 19.71 -30.20
N LEU E 22 47.87 19.46 -30.84
CA LEU E 22 46.60 19.37 -30.11
C LEU E 22 46.53 18.10 -29.28
N VAL E 23 47.21 17.03 -29.71
CA VAL E 23 47.24 15.80 -28.92
C VAL E 23 47.90 16.05 -27.58
N GLY E 24 49.02 16.77 -27.59
CA GLY E 24 49.65 17.16 -26.34
C GLY E 24 48.76 18.04 -25.48
N VAL E 25 47.95 18.89 -26.14
CA VAL E 25 47.01 19.72 -25.41
C VAL E 25 45.98 18.87 -24.68
N GLY E 26 45.45 17.85 -25.36
CA GLY E 26 44.50 16.96 -24.73
C GLY E 26 45.10 16.16 -23.59
N THR E 27 46.33 15.66 -23.79
CA THR E 27 47.01 14.94 -22.73
C THR E 27 47.28 15.83 -21.52
N ALA E 28 47.72 17.06 -21.77
CA ALA E 28 47.93 18.00 -20.68
C ALA E 28 46.62 18.37 -20.00
N LEU E 29 45.55 18.51 -20.77
CA LEU E 29 44.24 18.83 -20.20
C LEU E 29 43.78 17.71 -19.28
N ALA E 30 43.92 16.46 -19.71
CA ALA E 30 43.54 15.33 -18.87
C ALA E 30 44.40 15.26 -17.61
N MET E 31 45.70 15.54 -17.75
CA MET E 31 46.57 15.57 -16.58
C MET E 31 46.15 16.67 -15.63
N ALA E 32 45.80 17.84 -16.16
CA ALA E 32 45.40 18.96 -15.31
C ALA E 32 44.17 18.63 -14.48
N ARG E 33 43.17 17.97 -15.09
CA ARG E 33 42.01 17.55 -14.32
C ARG E 33 42.40 16.54 -13.24
N LYS E 34 43.27 15.59 -13.57
CA LYS E 34 43.74 14.62 -12.59
C LYS E 34 44.51 15.31 -11.47
N GLY E 35 45.34 16.29 -11.82
CA GLY E 35 46.07 17.02 -10.80
C GLY E 35 45.16 17.73 -9.83
N ALA E 36 44.02 18.24 -10.32
CA ALA E 36 43.07 18.92 -9.45
C ALA E 36 42.48 17.98 -8.41
N GLN E 37 42.02 16.80 -8.84
CA GLN E 37 41.37 15.88 -7.91
C GLN E 37 42.33 15.40 -6.84
N LEU E 38 43.56 15.02 -7.22
CA LEU E 38 44.52 14.54 -6.24
C LEU E 38 44.90 15.65 -5.27
N GLY E 39 45.06 16.88 -5.76
CA GLY E 39 45.36 17.99 -4.87
C GLY E 39 44.26 18.24 -3.88
N LEU E 40 43.00 18.26 -4.35
CA LEU E 40 41.86 18.44 -3.45
C LEU E 40 41.82 17.34 -2.41
N VAL E 41 41.98 16.08 -2.83
CA VAL E 41 41.90 14.97 -1.90
C VAL E 41 42.99 15.05 -0.85
N ALA E 42 44.22 15.35 -1.28
CA ALA E 42 45.32 15.45 -0.34
C ALA E 42 45.10 16.58 0.65
N PHE E 43 44.62 17.74 0.15
CA PHE E 43 44.39 18.87 1.04
C PHE E 43 43.31 18.56 2.07
N ARG E 44 42.22 17.93 1.62
CA ARG E 44 41.16 17.55 2.56
C ARG E 44 41.68 16.54 3.58
N ARG E 45 42.48 15.58 3.13
CA ARG E 45 42.95 14.53 4.03
C ARG E 45 43.94 15.06 5.05
N HIS E 46 44.73 16.07 4.69
CA HIS E 46 45.85 16.47 5.54
C HIS E 46 45.62 17.77 6.31
N TYR E 47 44.78 18.68 5.83
CA TYR E 47 44.68 19.99 6.46
C TYR E 47 43.26 20.45 6.75
N MET E 48 42.26 19.56 6.62
CA MET E 48 40.88 19.94 6.93
C MET E 48 40.24 18.89 7.82
N ILE E 49 39.28 19.35 8.63
CA ILE E 49 38.53 18.50 9.54
C ILE E 49 37.05 18.62 9.20
N THR E 50 36.36 17.48 9.22
CA THR E 50 34.95 17.44 8.87
C THR E 50 34.20 16.58 9.88
N LEU E 51 33.05 17.07 10.32
CA LEU E 51 32.21 16.36 11.28
C LEU E 51 30.77 16.38 10.77
N GLU E 52 30.33 15.26 10.20
CA GLU E 52 28.96 15.13 9.76
C GLU E 52 28.08 14.62 10.89
N VAL E 53 26.86 15.18 11.00
CA VAL E 53 25.90 14.75 11.99
C VAL E 53 24.61 14.35 11.27
N PRO E 54 24.17 13.11 11.39
CA PRO E 54 22.91 12.69 10.79
C PRO E 54 21.73 13.23 11.60
N ALA E 55 20.52 12.93 11.15
CA ALA E 55 19.31 13.28 11.87
C ALA E 55 18.83 12.16 12.78
N ARG E 56 19.57 11.05 12.85
CA ARG E 56 19.18 9.90 13.64
C ARG E 56 19.74 9.94 15.06
N ASP E 57 20.41 11.03 15.44
CA ASP E 57 21.05 11.13 16.74
C ASP E 57 20.50 12.32 17.52
N ARG E 58 20.43 12.16 18.84
CA ARG E 58 20.14 13.29 19.72
C ARG E 58 21.20 14.37 19.60
N SER E 59 22.42 13.99 19.21
CA SER E 59 23.44 14.96 18.90
C SER E 59 22.96 15.95 17.85
N TYR E 60 22.17 15.47 16.90
CA TYR E 60 21.60 16.37 15.91
C TYR E 60 20.72 17.43 16.56
N ALA E 61 19.87 17.01 17.50
CA ALA E 61 19.00 17.97 18.17
C ALA E 61 19.82 19.00 18.96
N TRP E 62 20.78 18.52 19.75
CA TRP E 62 21.57 19.44 20.55
C TRP E 62 22.38 20.40 19.67
N LEU E 63 22.98 19.88 18.59
CA LEU E 63 23.79 20.72 17.72
C LEU E 63 22.93 21.71 16.96
N LEU E 64 21.73 21.30 16.55
CA LEU E 64 20.82 22.23 15.89
C LEU E 64 20.42 23.36 16.85
N SER E 65 20.14 23.01 18.11
CA SER E 65 19.82 24.05 19.09
C SER E 65 21.00 24.99 19.29
N TRP E 66 22.22 24.44 19.39
CA TRP E 66 23.37 25.29 19.57
C TRP E 66 23.63 26.17 18.35
N LEU E 67 23.33 25.66 17.16
CA LEU E 67 23.46 26.49 15.96
C LEU E 67 22.43 27.59 15.94
N THR E 68 21.22 27.31 16.42
CA THR E 68 20.21 28.37 16.56
C THR E 68 20.70 29.45 17.51
N ARG E 69 21.26 29.06 18.65
CA ARG E 69 21.70 30.05 19.62
C ARG E 69 22.92 30.81 19.11
N HIS E 70 24.03 30.11 18.92
CA HIS E 70 25.28 30.73 18.50
C HIS E 70 25.35 30.71 16.99
N SER E 71 24.92 31.81 16.37
CA SER E 71 25.00 31.98 14.92
C SER E 71 25.57 33.35 14.56
N THR E 72 26.08 34.09 15.53
CA THR E 72 26.58 35.46 15.35
C THR E 72 25.44 36.27 14.74
N ARG E 73 25.69 37.07 13.71
CA ARG E 73 24.66 37.87 13.05
C ARG E 73 24.26 37.27 11.70
N THR E 74 24.15 35.95 11.64
CA THR E 74 23.84 35.27 10.40
C THR E 74 22.55 35.80 9.81
N GLN E 75 22.57 36.05 8.49
CA GLN E 75 21.46 36.67 7.77
C GLN E 75 20.89 35.73 6.72
N HIS E 76 20.91 34.43 6.99
CA HIS E 76 20.33 33.41 6.13
C HIS E 76 19.44 32.48 6.94
N LEU E 77 18.55 33.09 7.72
CA LEU E 77 17.79 32.36 8.72
C LEU E 77 16.47 31.84 8.14
N SER E 78 15.81 30.99 8.92
CA SER E 78 14.46 30.54 8.63
C SER E 78 13.62 30.64 9.90
N VAL E 79 12.33 30.88 9.72
CA VAL E 79 11.45 31.16 10.86
C VAL E 79 11.03 29.85 11.52
N GLU E 80 10.64 29.95 12.79
CA GLU E 80 10.10 28.81 13.52
C GLU E 80 9.17 29.38 14.60
N THR E 81 7.86 29.27 14.37
CA THR E 81 6.87 29.81 15.28
C THR E 81 6.59 28.82 16.42
N SER E 82 6.57 29.33 17.64
CA SER E 82 6.27 28.52 18.81
C SER E 82 5.54 29.37 19.83
N TYR E 83 4.78 28.69 20.69
CA TYR E 83 4.03 29.36 21.74
C TYR E 83 4.87 29.36 23.01
N LEU E 84 5.15 30.55 23.53
CA LEU E 84 5.96 30.72 24.72
C LEU E 84 5.08 31.20 25.86
N GLN E 85 5.06 30.44 26.95
CA GLN E 85 4.24 30.80 28.10
C GLN E 85 4.98 31.82 28.95
N HIS E 86 4.42 33.03 29.05
CA HIS E 86 5.03 34.06 29.87
C HIS E 86 4.84 33.74 31.35
N GLU E 87 5.66 34.40 32.17
CA GLU E 87 5.53 34.23 33.61
C GLU E 87 4.25 34.84 34.15
N SER E 88 3.59 35.72 33.39
CA SER E 88 2.34 36.30 33.82
C SER E 88 1.20 35.29 33.83
N GLY E 89 1.36 34.15 33.15
CA GLY E 89 0.36 33.12 33.09
C GLY E 89 -0.25 32.93 31.73
N ARG E 90 -0.02 33.84 30.79
CA ARG E 90 -0.57 33.74 29.45
C ARG E 90 0.51 33.28 28.48
N ILE E 91 0.08 32.96 27.26
CA ILE E 91 0.96 32.45 26.21
C ILE E 91 0.89 33.38 25.02
N SER E 92 2.06 33.68 24.44
CA SER E 92 2.17 34.53 23.27
C SER E 92 3.05 33.85 22.24
N THR E 93 2.86 34.24 20.98
CA THR E 93 3.63 33.67 19.89
C THR E 93 5.10 34.11 19.99
N LYS E 94 6.01 33.16 19.80
CA LYS E 94 7.44 33.43 19.85
C LYS E 94 8.01 33.21 18.46
N PHE E 95 8.64 34.25 17.91
CA PHE E 95 9.25 34.18 16.58
C PHE E 95 10.72 33.81 16.76
N GLU E 96 11.05 32.56 16.48
CA GLU E 96 12.41 32.07 16.60
C GLU E 96 13.00 31.82 15.21
N PHE E 97 14.25 32.25 15.03
CA PHE E 97 14.93 32.15 13.75
C PHE E 97 16.03 31.11 13.82
N ILE E 98 15.98 30.15 12.90
CA ILE E 98 16.99 29.11 12.77
C ILE E 98 17.71 29.32 11.45
N PRO E 99 19.03 29.19 11.38
CA PRO E 99 19.75 29.36 10.11
C PRO E 99 19.19 28.44 9.04
N SER E 100 18.73 29.05 7.94
CA SER E 100 18.18 28.31 6.82
C SER E 100 19.29 27.52 6.13
N PRO E 101 18.92 26.49 5.36
CA PRO E 101 19.95 25.68 4.68
C PRO E 101 20.87 26.52 3.83
N GLY E 102 22.16 26.22 3.90
CA GLY E 102 23.16 27.01 3.23
C GLY E 102 24.49 26.87 3.96
N ASN E 103 25.44 27.69 3.53
CA ASN E 103 26.79 27.70 4.09
C ASN E 103 26.94 28.92 4.99
N HIS E 104 27.13 28.68 6.28
CA HIS E 104 27.32 29.73 7.27
C HIS E 104 28.71 29.65 7.88
N PHE E 105 29.25 30.79 8.28
CA PHE E 105 30.61 30.88 8.78
C PHE E 105 30.60 31.46 10.19
N ILE E 106 31.34 30.82 11.09
CA ILE E 106 31.44 31.25 12.48
C ILE E 106 32.93 31.43 12.80
N TRP E 107 33.21 32.09 13.91
CA TRP E 107 34.57 32.35 14.36
C TRP E 107 34.80 31.76 15.74
N TYR E 108 34.44 30.50 15.92
CA TYR E 108 34.61 29.85 17.21
C TYR E 108 36.08 29.55 17.48
N GLN E 109 36.56 29.99 18.64
CA GLN E 109 37.90 29.67 19.14
C GLN E 109 38.98 30.03 18.13
N GLY E 110 38.82 31.18 17.47
CA GLY E 110 39.84 31.68 16.58
C GLY E 110 39.95 30.99 15.25
N LYS E 111 39.05 30.06 14.95
CA LYS E 111 39.00 29.40 13.65
C LYS E 111 37.83 29.95 12.84
N TRP E 112 37.68 29.43 11.63
CA TRP E 112 36.58 29.83 10.75
C TRP E 112 35.84 28.57 10.32
N ILE E 113 34.89 28.14 11.15
CA ILE E 113 34.13 26.93 10.89
C ILE E 113 33.13 27.19 9.76
N ARG E 114 32.87 26.16 8.95
CA ARG E 114 32.08 26.30 7.73
C ARG E 114 30.81 25.46 7.77
N VAL E 115 30.03 25.57 8.85
CA VAL E 115 28.83 24.76 8.99
C VAL E 115 27.97 24.85 7.74
N GLU E 116 27.27 23.76 7.45
CA GLU E 116 26.38 23.69 6.28
C GLU E 116 25.15 22.90 6.66
N ARG E 117 23.99 23.53 6.58
CA ARG E 117 22.73 22.87 6.88
C ARG E 117 22.29 22.07 5.67
N ASN E 118 22.58 20.77 5.68
CA ASN E 118 22.15 19.91 4.59
C ASN E 118 20.63 19.84 4.54
N ARG E 119 20.10 19.81 3.32
CA ARG E 119 18.66 19.84 3.10
C ARG E 119 18.13 18.42 2.97
N ASP E 120 16.88 18.29 2.54
CA ASP E 120 16.25 17.00 2.33
C ASP E 120 16.48 16.53 0.90
N MET E 121 16.93 15.27 0.76
CA MET E 121 17.22 14.70 -0.55
C MET E 121 16.06 13.86 -1.08
N GLN E 122 15.65 12.84 -0.33
CA GLN E 122 14.65 11.91 -0.86
C GLN E 122 13.54 11.59 0.13
N MET E 123 13.47 12.28 1.26
CA MET E 123 12.38 12.11 2.24
C MET E 123 12.34 10.68 2.78
N VAL E 124 13.51 10.15 3.15
CA VAL E 124 13.63 8.83 3.74
C VAL E 124 14.47 8.94 5.00
N ASP E 125 13.93 8.49 6.13
CA ASP E 125 14.65 8.40 7.39
C ASP E 125 13.77 7.64 8.37
N LEU E 126 14.29 7.44 9.58
CA LEU E 126 13.56 6.77 10.65
C LEU E 126 13.70 7.57 11.94
N GLN E 127 12.75 7.35 12.84
CA GLN E 127 12.70 7.99 14.16
C GLN E 127 12.55 9.51 14.06
N THR E 128 12.10 10.01 12.92
CA THR E 128 11.88 11.44 12.73
C THR E 128 10.78 11.62 11.70
N GLY E 129 10.65 12.84 11.16
CA GLY E 129 9.74 13.12 10.07
C GLY E 129 10.27 12.71 8.72
N THR E 130 11.35 11.93 8.70
CA THR E 130 11.99 11.47 7.49
C THR E 130 12.38 12.58 6.50
N PRO E 131 13.10 13.62 6.96
CA PRO E 131 13.63 14.60 5.99
C PRO E 131 15.09 14.35 5.62
N TRP E 132 15.78 13.50 6.38
CA TRP E 132 17.22 13.31 6.26
C TRP E 132 17.95 14.64 6.11
N GLU E 133 17.88 15.44 7.17
CA GLU E 133 18.63 16.68 7.27
C GLU E 133 19.90 16.43 8.07
N SER E 134 20.95 17.18 7.74
CA SER E 134 22.24 16.98 8.37
C SER E 134 23.00 18.29 8.42
N VAL E 135 24.05 18.31 9.25
CA VAL E 135 24.97 19.43 9.33
C VAL E 135 26.38 18.90 9.18
N THR E 136 27.24 19.66 8.50
CA THR E 136 28.63 19.27 8.28
C THR E 136 29.52 20.41 8.75
N PHE E 137 30.29 20.16 9.81
CA PHE E 137 31.21 21.15 10.36
C PHE E 137 32.56 20.98 9.67
N THR E 138 32.93 21.93 8.83
CA THR E 138 34.20 21.91 8.12
C THR E 138 35.05 23.08 8.59
N ALA E 139 36.33 22.82 8.85
CA ALA E 139 37.23 23.86 9.31
C ALA E 139 38.65 23.53 8.85
N LEU E 140 39.48 24.56 8.79
CA LEU E 140 40.87 24.40 8.39
C LEU E 140 41.73 24.15 9.61
N GLY E 141 42.49 23.06 9.58
CA GLY E 141 43.35 22.72 10.69
C GLY E 141 43.51 21.22 10.78
N THR E 142 44.27 20.80 11.81
CA THR E 142 44.52 19.40 12.06
C THR E 142 43.98 18.91 13.40
N ASP E 143 43.65 19.80 14.32
CA ASP E 143 43.15 19.39 15.63
C ASP E 143 41.67 19.02 15.54
N ARG E 144 41.30 17.97 16.28
CA ARG E 144 39.92 17.52 16.33
C ARG E 144 39.18 18.02 17.57
N LYS E 145 39.89 18.60 18.54
CA LYS E 145 39.28 18.99 19.79
C LYS E 145 38.26 20.11 19.62
N VAL E 146 38.31 20.85 18.51
CA VAL E 146 37.37 21.95 18.32
C VAL E 146 35.94 21.42 18.21
N PHE E 147 35.76 20.35 17.43
CA PHE E 147 34.43 19.80 17.25
C PHE E 147 33.93 19.12 18.52
N PHE E 148 34.82 18.48 19.26
CA PHE E 148 34.43 17.91 20.55
C PHE E 148 34.00 19.00 21.52
N ASN E 149 34.72 20.12 21.54
CA ASN E 149 34.32 21.25 22.36
C ASN E 149 32.96 21.78 21.94
N ILE E 150 32.73 21.86 20.63
CA ILE E 150 31.44 22.34 20.13
C ILE E 150 30.32 21.42 20.61
N LEU E 151 30.53 20.11 20.49
CA LEU E 151 29.50 19.16 20.91
C LEU E 151 29.25 19.25 22.41
N GLU E 152 30.31 19.35 23.21
CA GLU E 152 30.13 19.45 24.66
C GLU E 152 29.41 20.74 25.04
N GLU E 153 29.75 21.85 24.38
CA GLU E 153 29.07 23.11 24.66
C GLU E 153 27.62 23.04 24.23
N ALA E 154 27.33 22.34 23.13
CA ALA E 154 25.94 22.15 22.71
C ALA E 154 25.16 21.37 23.75
N ARG E 155 25.76 20.30 24.29
CA ARG E 155 25.09 19.54 25.34
C ARG E 155 24.86 20.40 26.58
N ALA E 156 25.86 21.20 26.97
CA ALA E 156 25.71 22.06 28.14
C ALA E 156 24.61 23.08 27.94
N LEU E 157 24.53 23.66 26.74
CA LEU E 157 23.47 24.63 26.44
C LEU E 157 22.11 23.96 26.42
N ALA E 158 22.04 22.72 25.92
CA ALA E 158 20.78 21.98 25.97
C ALA E 158 20.34 21.74 27.40
N LEU E 159 21.29 21.41 28.28
CA LEU E 159 20.97 21.27 29.70
C LEU E 159 20.76 22.61 30.39
N GLN E 160 21.08 23.73 29.72
CA GLN E 160 20.84 25.06 30.23
C GLN E 160 19.56 25.63 29.63
N GLN E 161 19.13 26.76 30.16
CA GLN E 161 17.91 27.49 29.79
C GLN E 161 16.65 26.66 30.04
N GLU E 162 16.79 25.46 30.58
CA GLU E 162 15.66 24.63 30.98
C GLU E 162 15.54 24.49 32.49
N GLU E 163 16.31 25.28 33.24
CA GLU E 163 16.29 25.21 34.69
C GLU E 163 15.20 26.12 35.26
N GLY E 164 14.60 25.67 36.36
CA GLY E 164 13.41 26.30 36.88
C GLY E 164 12.14 25.84 36.23
N LYS E 165 12.21 24.97 35.22
CA LYS E 165 11.07 24.43 34.52
C LYS E 165 11.24 22.92 34.39
N THR E 166 10.18 22.26 33.95
CA THR E 166 10.16 20.82 33.78
C THR E 166 10.04 20.48 32.31
N VAL E 167 10.97 19.68 31.80
CA VAL E 167 10.95 19.25 30.41
C VAL E 167 10.13 17.96 30.32
N MET E 168 9.36 17.82 29.25
CA MET E 168 8.53 16.64 29.04
C MET E 168 8.83 16.07 27.67
N TYR E 169 9.42 14.87 27.65
CA TYR E 169 9.74 14.20 26.40
C TYR E 169 8.58 13.33 25.95
N THR E 170 8.66 12.85 24.72
CA THR E 170 7.65 11.96 24.18
C THR E 170 8.29 11.06 23.14
N ALA E 171 7.62 9.95 22.84
CA ALA E 171 8.15 8.96 21.92
C ALA E 171 7.85 9.38 20.49
N VAL E 172 8.88 9.67 19.73
CA VAL E 172 8.75 9.99 18.30
C VAL E 172 9.52 8.91 17.56
N GLY E 173 8.80 7.88 17.12
CA GLY E 173 9.44 6.75 16.47
C GLY E 173 10.11 5.84 17.48
N SER E 174 11.43 5.86 17.53
CA SER E 174 12.20 5.09 18.50
C SER E 174 13.14 5.97 19.31
N GLU E 175 12.84 7.26 19.43
CA GLU E 175 13.67 8.19 20.18
C GLU E 175 12.79 9.08 21.04
N TRP E 176 13.36 9.60 22.12
CA TRP E 176 12.67 10.51 23.01
C TRP E 176 12.96 11.93 22.56
N ARG E 177 11.93 12.64 22.12
CA ARG E 177 12.06 14.01 21.66
C ARG E 177 11.20 14.92 22.54
N THR E 178 11.71 16.12 22.81
CA THR E 178 11.01 17.05 23.70
C THR E 178 9.65 17.40 23.12
N PHE E 179 8.66 17.50 23.99
CA PHE E 179 7.28 17.78 23.61
C PHE E 179 6.93 19.19 24.06
N GLY E 180 6.73 20.08 23.09
CA GLY E 180 6.40 21.45 23.43
C GLY E 180 7.55 22.18 24.10
N TYR E 181 7.19 23.11 24.98
CA TYR E 181 8.13 23.93 25.71
C TYR E 181 8.25 23.46 27.16
N PRO E 182 9.36 23.78 27.83
CA PRO E 182 9.49 23.40 29.24
C PRO E 182 8.38 23.97 30.11
N ARG E 183 7.56 23.08 30.67
CA ARG E 183 6.46 23.52 31.53
C ARG E 183 7.00 24.09 32.84
N ARG E 184 6.25 25.03 33.39
CA ARG E 184 6.63 25.62 34.67
C ARG E 184 6.46 24.61 35.80
N ARG E 185 7.37 24.65 36.76
CA ARG E 185 7.36 23.68 37.84
C ARG E 185 6.15 23.89 38.74
N ARG E 186 5.54 22.79 39.15
CA ARG E 186 4.49 22.82 40.15
C ARG E 186 5.10 22.68 41.54
N PRO E 187 4.88 23.62 42.45
CA PRO E 187 5.48 23.50 43.79
C PRO E 187 5.02 22.23 44.49
N LEU E 188 5.95 21.61 45.21
CA LEU E 188 5.64 20.34 45.86
C LEU E 188 4.60 20.52 46.95
N ASP E 189 4.67 21.62 47.70
CA ASP E 189 3.68 21.86 48.74
C ASP E 189 2.31 22.22 48.19
N SER E 190 2.20 22.50 46.89
CA SER E 190 0.91 22.76 46.28
C SER E 190 0.07 21.50 46.14
N VAL E 191 0.66 20.33 46.33
CA VAL E 191 -0.06 19.06 46.28
C VAL E 191 -0.14 18.54 47.71
N VAL E 192 -1.35 18.40 48.22
CA VAL E 192 -1.58 17.96 49.59
C VAL E 192 -2.04 16.50 49.54
N LEU E 193 -1.16 15.61 49.97
CA LEU E 193 -1.46 14.19 50.05
C LEU E 193 -1.73 13.81 51.49
N GLN E 194 -1.93 12.51 51.72
CA GLN E 194 -2.11 12.02 53.08
C GLN E 194 -0.85 12.28 53.89
N GLN E 195 -1.03 12.42 55.21
CA GLN E 195 0.06 12.82 56.10
C GLN E 195 1.26 11.89 55.99
N GLY E 196 2.40 12.42 55.53
CA GLY E 196 3.63 11.67 55.45
C GLY E 196 3.84 10.92 54.16
N LEU E 197 2.84 10.85 53.28
CA LEU E 197 2.99 10.08 52.04
C LEU E 197 4.02 10.72 51.12
N ALA E 198 3.92 12.04 50.91
CA ALA E 198 4.84 12.71 50.01
C ALA E 198 6.27 12.63 50.53
N ASP E 199 6.46 12.83 51.84
CA ASP E 199 7.79 12.71 52.42
C ASP E 199 8.33 11.30 52.27
N ARG E 200 7.49 10.29 52.48
CA ARG E 200 7.94 8.91 52.33
C ARG E 200 8.40 8.63 50.91
N ILE E 201 7.59 9.03 49.92
CA ILE E 201 7.96 8.75 48.54
C ILE E 201 9.22 9.50 48.14
N VAL E 202 9.33 10.77 48.55
CA VAL E 202 10.52 11.55 48.23
C VAL E 202 11.76 10.94 48.86
N LYS E 203 11.66 10.54 50.12
CA LYS E 203 12.82 9.92 50.78
C LYS E 203 13.20 8.62 50.11
N ASP E 204 12.21 7.81 49.72
CA ASP E 204 12.51 6.54 49.06
C ASP E 204 13.21 6.77 47.73
N ILE E 205 12.70 7.69 46.91
CA ILE E 205 13.28 7.90 45.60
C ILE E 205 14.67 8.53 45.72
N ARG E 206 14.86 9.42 46.69
CA ARG E 206 16.19 10.02 46.85
C ARG E 206 17.19 9.01 47.42
N GLU E 207 16.73 8.11 48.28
CA GLU E 207 17.60 7.02 48.74
C GLU E 207 18.00 6.13 47.58
N PHE E 208 17.06 5.83 46.67
CA PHE E 208 17.40 5.05 45.50
C PHE E 208 18.42 5.76 44.62
N ILE E 209 18.24 7.06 44.42
CA ILE E 209 19.15 7.81 43.57
C ILE E 209 20.54 7.88 44.18
N ASP E 210 20.61 8.09 45.50
CA ASP E 210 21.87 8.38 46.15
C ASP E 210 22.74 7.15 46.37
N ASN E 211 22.20 5.94 46.23
CA ASN E 211 22.90 4.71 46.57
C ASN E 211 22.93 3.75 45.38
N PRO E 212 23.83 3.96 44.42
CA PRO E 212 24.01 2.97 43.36
C PRO E 212 25.00 1.90 43.76
N LYS E 213 25.91 2.25 44.69
CA LYS E 213 26.90 1.28 45.14
C LYS E 213 26.25 0.13 45.89
N TRP E 214 25.22 0.41 46.68
CA TRP E 214 24.53 -0.66 47.39
C TRP E 214 23.90 -1.64 46.43
N TYR E 215 23.43 -1.17 45.28
CA TYR E 215 22.89 -2.06 44.27
C TYR E 215 23.99 -2.82 43.54
N ILE E 216 25.08 -2.14 43.20
CA ILE E 216 26.14 -2.78 42.42
C ILE E 216 26.82 -3.87 43.24
N ASP E 217 27.10 -3.60 44.52
CA ASP E 217 27.82 -4.56 45.35
C ASP E 217 27.04 -5.83 45.62
N ARG E 218 25.74 -5.85 45.33
CA ARG E 218 24.92 -7.02 45.56
C ARG E 218 24.32 -7.60 44.29
N GLY E 219 24.68 -7.06 43.12
CA GLY E 219 24.21 -7.58 41.86
C GLY E 219 22.79 -7.22 41.52
N ILE E 220 22.07 -6.52 42.39
CA ILE E 220 20.69 -6.15 42.11
C ILE E 220 20.66 -5.17 40.95
N PRO E 221 19.75 -5.32 39.99
CA PRO E 221 19.62 -4.31 38.94
C PRO E 221 19.30 -2.95 39.53
N TYR E 222 19.90 -1.91 38.96
CA TYR E 222 19.73 -0.55 39.46
C TYR E 222 18.51 0.09 38.79
N ARG E 223 17.34 -0.41 39.18
CA ARG E 223 16.08 0.11 38.69
C ARG E 223 15.09 0.21 39.84
N ARG E 224 14.09 1.06 39.67
CA ARG E 224 13.00 1.15 40.63
C ARG E 224 11.73 1.55 39.91
N GLY E 225 10.61 1.14 40.48
CA GLY E 225 9.31 1.46 39.92
C GLY E 225 8.32 1.78 41.01
N TYR E 226 7.40 2.68 40.71
CA TYR E 226 6.41 3.13 41.67
C TYR E 226 5.02 3.02 41.04
N LEU E 227 4.03 2.78 41.90
CA LEU E 227 2.64 2.69 41.47
C LEU E 227 1.78 3.54 42.40
N LEU E 228 1.03 4.47 41.82
CA LEU E 228 0.06 5.28 42.55
C LEU E 228 -1.33 4.90 42.07
N TYR E 229 -2.18 4.45 42.98
CA TYR E 229 -3.53 4.01 42.63
C TYR E 229 -4.53 4.63 43.59
N GLY E 230 -5.72 4.87 43.06
CA GLY E 230 -6.79 5.45 43.84
C GLY E 230 -7.90 6.00 42.97
N PRO E 231 -8.97 6.49 43.60
CA PRO E 231 -10.07 7.05 42.82
C PRO E 231 -9.62 8.29 42.06
N PRO E 232 -10.25 8.59 40.93
CA PRO E 232 -9.77 9.70 40.09
C PRO E 232 -9.89 11.04 40.80
N GLY E 233 -8.96 11.94 40.47
CA GLY E 233 -8.97 13.29 40.97
C GLY E 233 -8.36 13.48 42.35
N CYS E 234 -7.64 12.50 42.87
CA CYS E 234 -7.08 12.59 44.21
C CYS E 234 -5.64 13.07 44.23
N GLY E 235 -4.98 13.21 43.09
CA GLY E 235 -3.68 13.85 43.07
C GLY E 235 -2.51 13.00 42.65
N LYS E 236 -2.73 12.06 41.74
CA LYS E 236 -1.63 11.22 41.28
C LYS E 236 -0.76 11.95 40.26
N SER E 237 -1.36 12.43 39.17
CA SER E 237 -0.59 13.13 38.15
C SER E 237 0.01 14.42 38.68
N SER E 238 -0.75 15.16 39.49
CA SER E 238 -0.21 16.39 40.08
C SER E 238 0.98 16.09 40.98
N PHE E 239 0.91 15.02 41.77
CA PHE E 239 2.04 14.67 42.61
C PHE E 239 3.23 14.24 41.78
N ILE E 240 3.00 13.54 40.67
CA ILE E 240 4.12 13.15 39.81
C ILE E 240 4.80 14.39 39.23
N THR E 241 4.00 15.37 38.79
CA THR E 241 4.59 16.60 38.28
C THR E 241 5.37 17.33 39.36
N ALA E 242 4.82 17.41 40.56
CA ALA E 242 5.51 18.08 41.66
C ALA E 242 6.81 17.36 42.01
N LEU E 243 6.78 16.03 42.00
CA LEU E 243 7.98 15.25 42.31
C LEU E 243 9.05 15.44 41.24
N ALA E 244 8.64 15.47 39.97
CA ALA E 244 9.61 15.73 38.90
C ALA E 244 10.22 17.11 39.05
N GLY E 245 9.41 18.10 39.44
CA GLY E 245 9.97 19.41 39.70
C GLY E 245 10.93 19.42 40.87
N GLU E 246 10.58 18.72 41.96
CA GLU E 246 11.43 18.71 43.14
C GLU E 246 12.76 18.02 42.87
N LEU E 247 12.74 16.91 42.16
CA LEU E 247 13.95 16.16 41.89
C LEU E 247 14.74 16.72 40.72
N GLU E 248 14.25 17.78 40.07
CA GLU E 248 14.90 18.36 38.91
C GLU E 248 15.04 17.36 37.77
N HIS E 249 14.10 16.41 37.69
CA HIS E 249 14.08 15.44 36.62
C HIS E 249 13.16 15.91 35.51
N SER E 250 13.14 15.15 34.42
CA SER E 250 12.19 15.33 33.34
C SER E 250 11.24 14.15 33.28
N ILE E 251 10.17 14.28 32.51
CA ILE E 251 9.14 13.27 32.43
C ILE E 251 9.07 12.76 30.99
N CYS E 252 9.18 11.45 30.82
CA CYS E 252 9.07 10.81 29.52
C CYS E 252 7.71 10.12 29.48
N LEU E 253 6.76 10.73 28.79
CA LEU E 253 5.41 10.20 28.71
C LEU E 253 5.35 9.06 27.71
N LEU E 254 4.96 7.88 28.18
CA LEU E 254 4.85 6.70 27.34
C LEU E 254 3.40 6.27 27.28
N SER E 255 2.89 6.07 26.07
CA SER E 255 1.51 5.62 25.86
C SER E 255 1.58 4.17 25.42
N LEU E 256 1.25 3.26 26.33
CA LEU E 256 1.30 1.84 26.01
C LEU E 256 0.31 1.49 24.91
N THR E 257 -0.89 2.05 24.96
CA THR E 257 -1.93 1.74 23.99
C THR E 257 -1.80 2.60 22.74
N ASP E 258 -0.62 2.60 22.14
CA ASP E 258 -0.36 3.30 20.89
C ASP E 258 -0.49 2.32 19.73
N SER E 259 -0.30 2.82 18.52
CA SER E 259 -0.36 1.99 17.32
C SER E 259 1.00 1.59 16.79
N SER E 260 2.02 2.42 16.98
CA SER E 260 3.35 2.13 16.48
C SER E 260 4.24 1.44 17.49
N LEU E 261 3.71 1.11 18.68
CA LEU E 261 4.51 0.56 19.75
C LEU E 261 4.56 -0.96 19.64
N SER E 262 5.76 -1.51 19.54
CA SER E 262 6.01 -2.93 19.55
C SER E 262 6.92 -3.29 20.73
N ASP E 263 7.09 -4.60 20.95
CA ASP E 263 7.91 -5.04 22.08
C ASP E 263 9.36 -4.60 21.91
N ASP E 264 9.92 -4.78 20.72
CA ASP E 264 11.28 -4.32 20.47
C ASP E 264 11.38 -2.81 20.57
N ARG E 265 10.40 -2.09 20.04
CA ARG E 265 10.42 -0.65 20.15
C ARG E 265 10.27 -0.20 21.60
N LEU E 266 9.46 -0.92 22.38
CA LEU E 266 9.33 -0.58 23.79
C LEU E 266 10.65 -0.79 24.53
N ASN E 267 11.33 -1.91 24.25
CA ASN E 267 12.63 -2.14 24.88
C ASN E 267 13.62 -1.05 24.49
N HIS E 268 13.65 -0.68 23.21
CA HIS E 268 14.56 0.37 22.77
C HIS E 268 14.23 1.70 23.46
N LEU E 269 12.95 2.05 23.51
CA LEU E 269 12.56 3.32 24.12
C LEU E 269 12.92 3.36 25.60
N LEU E 270 12.69 2.26 26.31
CA LEU E 270 13.08 2.21 27.71
C LEU E 270 14.58 2.17 27.90
N SER E 271 15.32 1.77 26.86
CA SER E 271 16.77 1.70 26.96
C SER E 271 17.47 3.00 26.60
N VAL E 272 16.79 3.95 25.97
CA VAL E 272 17.40 5.20 25.55
C VAL E 272 16.70 6.41 26.19
N ALA E 273 16.05 6.20 27.32
CA ALA E 273 15.41 7.31 28.01
C ALA E 273 16.48 8.31 28.47
N PRO E 274 16.20 9.61 28.41
CA PRO E 274 17.20 10.59 28.84
C PRO E 274 17.57 10.38 30.30
N GLN E 275 18.83 10.62 30.61
CA GLN E 275 19.30 10.47 31.97
C GLN E 275 18.62 11.48 32.88
N GLN E 276 18.40 11.08 34.13
CA GLN E 276 17.69 11.90 35.11
C GLN E 276 16.28 12.24 34.63
N SER E 277 15.53 11.18 34.32
CA SER E 277 14.16 11.33 33.84
C SER E 277 13.30 10.23 34.45
N LEU E 278 12.01 10.50 34.54
CA LEU E 278 11.03 9.56 35.06
C LEU E 278 10.14 9.10 33.91
N VAL E 279 10.17 7.80 33.62
CA VAL E 279 9.26 7.23 32.64
C VAL E 279 7.89 7.08 33.29
N LEU E 280 6.86 7.56 32.62
CA LEU E 280 5.51 7.62 33.19
C LEU E 280 4.57 6.82 32.32
N LEU E 281 4.10 5.68 32.83
CA LEU E 281 3.05 4.89 32.19
C LEU E 281 1.76 5.15 32.93
N GLU E 282 0.91 6.00 32.37
CA GLU E 282 -0.31 6.41 33.02
C GLU E 282 -1.48 5.57 32.55
N ASP E 283 -2.33 5.17 33.49
CA ASP E 283 -3.49 4.31 33.23
C ASP E 283 -3.04 2.99 32.60
N VAL E 284 -2.29 2.22 33.37
CA VAL E 284 -1.75 0.96 32.89
C VAL E 284 -2.86 -0.06 32.68
N ASP E 285 -3.92 0.01 33.46
CA ASP E 285 -5.00 -0.97 33.39
C ASP E 285 -5.71 -0.97 32.05
N ALA E 286 -5.63 0.13 31.29
CA ALA E 286 -6.32 0.20 30.01
C ALA E 286 -5.55 -0.47 28.88
N ALA E 287 -4.29 -0.83 29.10
CA ALA E 287 -3.50 -1.45 28.04
C ALA E 287 -3.97 -2.87 27.76
N PHE E 288 -4.28 -3.64 28.80
CA PHE E 288 -4.61 -5.04 28.66
C PHE E 288 -5.91 -5.37 29.39
N LEU E 289 -6.58 -6.41 28.91
CA LEU E 289 -7.78 -6.90 29.56
C LEU E 289 -7.44 -7.44 30.95
N SER E 290 -8.47 -7.56 31.79
CA SER E 290 -8.22 -7.70 33.22
C SER E 290 -9.33 -8.51 33.88
N ARG E 291 -9.14 -8.76 35.18
CA ARG E 291 -10.12 -9.41 36.05
C ARG E 291 -10.56 -10.78 35.51
N ASP E 292 -11.71 -10.81 34.83
CA ASP E 292 -12.19 -12.07 34.29
C ASP E 292 -11.25 -12.60 33.21
N LEU E 293 -10.65 -11.70 32.42
CA LEU E 293 -9.65 -12.13 31.46
C LEU E 293 -8.34 -12.50 32.15
N ALA E 294 -8.00 -11.82 33.25
CA ALA E 294 -6.82 -12.21 34.00
C ALA E 294 -6.96 -13.61 34.55
N VAL E 295 -8.15 -13.98 35.00
CA VAL E 295 -8.45 -15.36 35.36
C VAL E 295 -8.39 -16.25 34.12
N GLU E 296 -8.90 -15.76 32.99
CA GLU E 296 -8.82 -16.50 31.75
C GLU E 296 -7.35 -16.68 31.34
N ASN E 297 -7.13 -17.66 30.46
CA ASN E 297 -5.78 -18.07 30.08
C ASN E 297 -4.96 -16.93 29.46
N PRO E 298 -5.47 -16.19 28.46
CA PRO E 298 -4.65 -15.12 27.88
C PRO E 298 -4.92 -13.75 28.49
N ILE E 299 -3.88 -12.95 28.68
CA ILE E 299 -4.04 -11.55 29.02
C ILE E 299 -4.06 -10.76 27.72
N LYS E 300 -5.24 -10.64 27.12
CA LYS E 300 -5.35 -10.07 25.78
C LYS E 300 -4.99 -8.59 25.78
N TYR E 301 -4.35 -8.15 24.71
CA TYR E 301 -3.97 -6.76 24.51
C TYR E 301 -5.15 -6.03 23.90
N GLN E 302 -5.86 -5.25 24.71
CA GLN E 302 -6.99 -4.46 24.23
C GLN E 302 -6.50 -3.12 23.70
N GLY E 303 -5.51 -3.14 22.81
CA GLY E 303 -4.93 -1.91 22.33
C GLY E 303 -4.95 -1.78 20.82
N LEU E 304 -4.05 -0.95 20.30
CA LEU E 304 -4.02 -0.61 18.88
C LEU E 304 -2.76 -1.08 18.17
N GLY E 305 -1.64 -1.12 18.86
CA GLY E 305 -0.37 -1.50 18.27
C GLY E 305 -0.10 -2.98 18.36
N ARG E 306 1.18 -3.33 18.38
CA ARG E 306 1.63 -4.71 18.40
C ARG E 306 2.38 -5.01 19.69
N LEU E 307 1.87 -4.52 20.81
CA LEU E 307 2.45 -4.77 22.11
C LEU E 307 1.74 -5.94 22.78
N THR E 308 2.50 -6.69 23.57
CA THR E 308 1.98 -7.86 24.26
C THR E 308 2.29 -7.74 25.75
N PHE E 309 1.54 -8.50 26.55
CA PHE E 309 1.76 -8.48 27.99
C PHE E 309 3.17 -8.96 28.33
N SER E 310 3.63 -10.02 27.68
CA SER E 310 4.98 -10.52 27.94
C SER E 310 6.03 -9.48 27.55
N GLY E 311 5.80 -8.76 26.45
CA GLY E 311 6.73 -7.73 26.05
C GLY E 311 6.87 -6.64 27.08
N LEU E 312 5.73 -6.15 27.60
CA LEU E 312 5.78 -5.14 28.65
C LEU E 312 6.43 -5.67 29.91
N LEU E 313 6.11 -6.91 30.29
CA LEU E 313 6.70 -7.49 31.49
C LEU E 313 8.21 -7.60 31.36
N ASN E 314 8.69 -8.02 30.19
CA ASN E 314 10.14 -8.17 30.01
C ASN E 314 10.82 -6.81 29.87
N ALA E 315 10.13 -5.81 29.33
CA ALA E 315 10.72 -4.48 29.24
C ALA E 315 10.86 -3.84 30.61
N LEU E 316 9.83 -3.96 31.45
CA LEU E 316 9.89 -3.35 32.77
C LEU E 316 10.97 -3.99 33.63
N ASP E 317 11.02 -5.32 33.65
CA ASP E 317 12.05 -6.03 34.41
C ASP E 317 12.31 -7.36 33.71
N GLY E 318 13.35 -7.40 32.89
CA GLY E 318 13.70 -8.61 32.18
C GLY E 318 15.20 -8.82 32.15
N VAL E 319 15.69 -9.40 31.06
CA VAL E 319 17.12 -9.64 30.92
C VAL E 319 17.83 -8.45 30.31
N ALA E 320 17.21 -7.80 29.32
CA ALA E 320 17.82 -6.68 28.63
C ALA E 320 17.42 -5.33 29.20
N SER E 321 16.66 -5.30 30.28
CA SER E 321 16.22 -4.03 30.85
C SER E 321 17.42 -3.21 31.31
N THR E 322 17.38 -1.92 31.01
CA THR E 322 18.52 -1.03 31.27
C THR E 322 18.48 -0.51 32.70
N GLU E 323 19.66 -0.36 33.29
CA GLU E 323 19.78 0.12 34.66
C GLU E 323 19.61 1.64 34.72
N ALA E 324 19.59 2.17 35.95
CA ALA E 324 19.43 3.60 36.20
C ALA E 324 18.16 4.13 35.55
N ARG E 325 17.03 3.60 36.02
CA ARG E 325 15.74 3.89 35.40
C ARG E 325 14.67 3.92 36.47
N ILE E 326 13.84 4.96 36.45
CA ILE E 326 12.70 5.10 37.36
C ILE E 326 11.43 5.13 36.53
N VAL E 327 10.49 4.24 36.85
CA VAL E 327 9.25 4.11 36.11
C VAL E 327 8.09 4.38 37.07
N PHE E 328 7.22 5.30 36.68
CA PHE E 328 6.02 5.63 37.46
C PHE E 328 4.80 5.11 36.72
N MET E 329 3.96 4.35 37.42
CA MET E 329 2.75 3.80 36.86
C MET E 329 1.57 4.23 37.71
N THR E 330 0.47 4.63 37.07
CA THR E 330 -0.73 5.03 37.78
C THR E 330 -1.92 4.29 37.24
N THR E 331 -2.93 4.11 38.09
CA THR E 331 -4.17 3.48 37.69
C THR E 331 -5.25 3.87 38.69
N ASN E 332 -6.50 3.73 38.26
CA ASN E 332 -7.64 3.96 39.14
C ASN E 332 -8.23 2.66 39.67
N TYR E 333 -8.00 1.54 38.97
CA TYR E 333 -8.53 0.24 39.36
C TYR E 333 -7.34 -0.70 39.52
N ILE E 334 -6.80 -0.76 40.74
CA ILE E 334 -5.66 -1.64 41.00
C ILE E 334 -6.06 -3.11 40.86
N ASP E 335 -7.33 -3.42 41.07
CA ASP E 335 -7.79 -4.80 40.95
C ASP E 335 -7.71 -5.31 39.53
N ARG E 336 -7.57 -4.42 38.54
CA ARG E 336 -7.45 -4.81 37.15
C ARG E 336 -6.01 -5.06 36.73
N LEU E 337 -5.05 -4.94 37.64
CA LEU E 337 -3.65 -5.15 37.30
C LEU E 337 -3.25 -6.58 37.63
N ASP E 338 -2.66 -7.27 36.66
CA ASP E 338 -2.19 -8.63 36.90
C ASP E 338 -1.10 -8.61 37.97
N PRO E 339 -1.11 -9.57 38.91
CA PRO E 339 -0.10 -9.55 39.97
C PRO E 339 1.32 -9.70 39.45
N ALA E 340 1.52 -10.24 38.26
CA ALA E 340 2.85 -10.32 37.69
C ALA E 340 3.35 -8.95 37.25
N LEU E 341 2.44 -8.05 36.86
CA LEU E 341 2.85 -6.72 36.43
C LEU E 341 3.33 -5.89 37.61
N ILE E 342 2.70 -6.02 38.77
CA ILE E 342 3.10 -5.28 39.95
C ILE E 342 3.65 -6.26 40.99
N ARG E 343 4.95 -6.48 40.96
CA ARG E 343 5.61 -7.39 41.87
C ARG E 343 6.89 -6.73 42.37
N PRO E 344 7.42 -7.19 43.50
CA PRO E 344 8.58 -6.51 44.09
C PRO E 344 9.84 -6.68 43.28
N GLY E 345 10.02 -5.82 42.28
CA GLY E 345 11.11 -5.93 41.33
C GLY E 345 10.71 -5.38 39.99
N ARG E 346 9.40 -5.28 39.76
CA ARG E 346 8.83 -4.48 38.70
C ARG E 346 8.21 -3.20 39.22
N VAL E 347 7.56 -3.26 40.38
CA VAL E 347 7.03 -2.10 41.07
C VAL E 347 7.45 -2.23 42.53
N ASP E 348 8.41 -1.41 42.95
CA ASP E 348 9.00 -1.56 44.28
C ASP E 348 8.26 -0.77 45.35
N LEU E 349 7.26 0.02 44.99
CA LEU E 349 6.49 0.76 45.98
C LEU E 349 5.10 1.03 45.45
N LYS E 350 4.08 0.56 46.19
CA LYS E 350 2.69 0.81 45.85
C LYS E 350 2.08 1.67 46.94
N GLU E 351 1.49 2.79 46.55
CA GLU E 351 0.91 3.73 47.50
C GLU E 351 -0.50 4.10 47.08
N TYR E 352 -1.36 4.30 48.06
CA TYR E 352 -2.77 4.61 47.83
C TYR E 352 -2.99 6.11 47.99
N VAL E 353 -3.49 6.74 46.94
CA VAL E 353 -3.84 8.15 46.96
C VAL E 353 -5.36 8.21 46.97
N GLY E 354 -5.94 8.37 48.15
CA GLY E 354 -7.37 8.26 48.34
C GLY E 354 -8.04 9.61 48.51
N TYR E 355 -9.24 9.57 49.08
CA TYR E 355 -10.04 10.77 49.26
C TYR E 355 -9.46 11.63 50.37
N CYS E 356 -10.08 12.78 50.59
CA CYS E 356 -9.59 13.74 51.56
C CYS E 356 -9.81 13.22 52.98
N SER E 357 -8.97 13.72 53.89
CA SER E 357 -9.09 13.47 55.32
C SER E 357 -9.14 14.81 56.03
N HIS E 358 -9.33 14.77 57.35
CA HIS E 358 -9.44 16.01 58.12
C HIS E 358 -8.18 16.85 57.97
N TRP E 359 -7.01 16.24 58.16
CA TRP E 359 -5.77 16.98 58.02
C TRP E 359 -5.58 17.48 56.59
N GLN E 360 -5.93 16.65 55.61
CA GLN E 360 -5.79 17.06 54.22
C GLN E 360 -6.68 18.26 53.90
N LEU E 361 -7.92 18.23 54.36
CA LEU E 361 -8.82 19.36 54.15
C LEU E 361 -8.30 20.62 54.84
N THR E 362 -7.78 20.46 56.06
CA THR E 362 -7.25 21.61 56.78
C THR E 362 -6.09 22.24 56.02
N GLN E 363 -5.16 21.40 55.54
CA GLN E 363 -4.02 21.93 54.79
C GLN E 363 -4.46 22.56 53.49
N MET E 364 -5.42 21.97 52.79
CA MET E 364 -5.91 22.54 51.55
C MET E 364 -6.53 23.92 51.80
N PHE E 365 -7.33 24.04 52.86
CA PHE E 365 -7.93 25.33 53.19
C PHE E 365 -6.87 26.35 53.53
N GLN E 366 -5.85 25.95 54.32
CA GLN E 366 -4.81 26.90 54.67
C GLN E 366 -4.01 27.34 53.46
N ARG E 367 -3.81 26.45 52.49
CA ARG E 367 -3.07 26.83 51.29
C ARG E 367 -3.89 27.71 50.36
N PHE E 368 -5.21 27.48 50.27
CA PHE E 368 -6.02 28.27 49.36
C PHE E 368 -6.34 29.65 49.90
N TYR E 369 -6.44 29.80 51.22
CA TYR E 369 -6.74 31.08 51.86
C TYR E 369 -5.66 31.37 52.89
N PRO E 370 -4.47 31.79 52.45
CA PRO E 370 -3.38 32.03 53.39
C PRO E 370 -3.63 33.30 54.21
N GLY E 371 -3.53 33.17 55.52
CA GLY E 371 -3.69 34.33 56.39
C GLY E 371 -4.78 34.15 57.43
N GLN E 372 -5.78 33.33 57.13
CA GLN E 372 -6.88 33.13 58.04
C GLN E 372 -6.42 32.37 59.29
N ALA E 373 -7.19 32.51 60.36
CA ALA E 373 -6.88 31.82 61.60
C ALA E 373 -7.01 30.31 61.41
N PRO E 374 -6.20 29.52 62.11
CA PRO E 374 -6.27 28.06 61.95
C PRO E 374 -7.59 27.45 62.39
N SER E 375 -8.38 28.16 63.20
CA SER E 375 -9.67 27.62 63.61
C SER E 375 -10.66 27.54 62.44
N LEU E 376 -10.58 28.47 61.50
CA LEU E 376 -11.46 28.43 60.34
C LEU E 376 -11.21 27.17 59.51
N ALA E 377 -9.94 26.80 59.34
CA ALA E 377 -9.63 25.59 58.57
C ALA E 377 -10.21 24.35 59.25
N GLU E 378 -10.06 24.25 60.58
CA GLU E 378 -10.62 23.12 61.29
C GLU E 378 -12.14 23.09 61.17
N ASN E 379 -12.78 24.25 61.30
CA ASN E 379 -14.23 24.31 61.16
C ASN E 379 -14.66 23.86 59.77
N PHE E 380 -13.95 24.33 58.73
CA PHE E 380 -14.28 23.94 57.37
C PHE E 380 -14.12 22.44 57.16
N ALA E 381 -13.03 21.88 57.66
CA ALA E 381 -12.79 20.45 57.49
C ALA E 381 -13.87 19.64 58.20
N GLU E 382 -14.21 20.02 59.44
CA GLU E 382 -15.24 19.30 60.17
C GLU E 382 -16.58 19.38 59.47
N HIS E 383 -16.95 20.56 58.98
CA HIS E 383 -18.23 20.70 58.29
C HIS E 383 -18.26 19.90 57.00
N VAL E 384 -17.17 19.90 56.24
CA VAL E 384 -17.13 19.13 55.00
C VAL E 384 -17.26 17.65 55.29
N LEU E 385 -16.52 17.15 56.30
CA LEU E 385 -16.60 15.73 56.63
C LEU E 385 -17.99 15.36 57.14
N LYS E 386 -18.66 16.29 57.83
CA LYS E 386 -20.02 16.00 58.29
C LYS E 386 -21.00 15.97 57.13
N ALA E 387 -20.83 16.87 56.15
CA ALA E 387 -21.78 16.95 55.05
C ALA E 387 -21.61 15.77 54.11
N THR E 388 -20.45 15.64 53.49
CA THR E 388 -20.15 14.55 52.57
C THR E 388 -19.19 13.57 53.22
N SER E 389 -19.23 12.32 52.75
CA SER E 389 -18.42 11.27 53.32
C SER E 389 -17.19 10.94 52.50
N GLU E 390 -17.23 11.15 51.18
CA GLU E 390 -16.11 10.86 50.29
C GLU E 390 -15.93 12.06 49.37
N ILE E 391 -14.99 12.94 49.72
CA ILE E 391 -14.73 14.16 48.98
C ILE E 391 -13.32 14.09 48.42
N SER E 392 -13.19 14.26 47.13
CA SER E 392 -11.87 14.22 46.56
C SER E 392 -11.23 15.60 46.58
N PRO E 393 -9.89 15.68 46.61
CA PRO E 393 -9.24 17.00 46.62
C PRO E 393 -9.57 17.85 45.41
N ALA E 394 -9.86 17.23 44.26
CA ALA E 394 -10.27 18.00 43.09
C ALA E 394 -11.59 18.73 43.32
N GLN E 395 -12.55 18.08 43.98
CA GLN E 395 -13.81 18.74 44.29
C GLN E 395 -13.59 19.89 45.26
N VAL E 396 -12.71 19.73 46.24
CA VAL E 396 -12.41 20.81 47.15
C VAL E 396 -11.76 21.97 46.40
N GLN E 397 -10.87 21.67 45.47
CA GLN E 397 -10.25 22.73 44.68
C GLN E 397 -11.29 23.48 43.86
N GLY E 398 -12.23 22.76 43.25
CA GLY E 398 -13.29 23.43 42.52
C GLY E 398 -14.17 24.29 43.40
N TYR E 399 -14.50 23.77 44.59
CA TYR E 399 -15.31 24.54 45.52
C TYR E 399 -14.61 25.83 45.93
N PHE E 400 -13.31 25.75 46.18
CA PHE E 400 -12.55 26.97 46.45
C PHE E 400 -12.49 27.88 45.23
N MET E 401 -12.42 27.28 44.04
CA MET E 401 -12.43 28.07 42.81
C MET E 401 -13.69 28.91 42.71
N LEU E 402 -14.81 28.38 43.21
CA LEU E 402 -16.05 29.15 43.23
C LEU E 402 -15.91 30.41 44.09
N TYR E 403 -15.41 30.25 45.32
CA TYR E 403 -15.31 31.34 46.29
C TYR E 403 -13.87 31.85 46.35
N LYS E 404 -13.50 32.62 45.34
CA LYS E 404 -12.16 33.20 45.30
C LYS E 404 -12.09 34.40 46.24
N ASN E 405 -11.04 34.44 47.06
CA ASN E 405 -10.78 35.55 47.97
C ASN E 405 -11.98 35.81 48.89
N ASP E 406 -12.66 34.74 49.30
CA ASP E 406 -13.81 34.84 50.19
C ASP E 406 -13.82 33.64 51.12
N PRO E 407 -12.93 33.63 52.12
CA PRO E 407 -12.91 32.49 53.05
C PRO E 407 -14.22 32.28 53.78
N MET E 408 -14.89 33.36 54.18
CA MET E 408 -16.12 33.21 54.95
C MET E 408 -17.21 32.56 54.10
N GLY E 409 -17.27 32.89 52.81
CA GLY E 409 -18.22 32.22 51.94
C GLY E 409 -17.96 30.73 51.85
N ALA E 410 -16.68 30.35 51.76
CA ALA E 410 -16.33 28.94 51.72
C ALA E 410 -16.75 28.24 53.01
N VAL E 411 -16.47 28.84 54.15
CA VAL E 411 -16.86 28.27 55.44
C VAL E 411 -18.37 28.29 55.64
N HIS E 412 -19.09 29.12 54.90
CA HIS E 412 -20.53 29.19 55.05
C HIS E 412 -21.26 28.17 54.18
N ASN E 413 -20.90 28.08 52.91
CA ASN E 413 -21.66 27.26 51.95
C ASN E 413 -21.07 25.87 51.81
N ILE E 414 -20.97 25.16 52.94
CA ILE E 414 -20.57 23.76 52.89
C ILE E 414 -21.67 22.91 52.26
N GLU E 415 -22.94 23.23 52.57
CA GLU E 415 -24.05 22.37 52.17
C GLU E 415 -24.14 22.18 50.67
N SER E 416 -23.58 23.09 49.88
CA SER E 416 -23.60 22.92 48.43
C SER E 416 -22.76 21.73 47.98
N LEU E 417 -21.89 21.22 48.85
CA LEU E 417 -21.06 20.06 48.54
C LEU E 417 -21.76 18.74 48.80
N ARG E 418 -22.97 18.76 49.37
CA ARG E 418 -23.67 17.53 49.68
C ARG E 418 -24.01 16.80 48.38
N PRO E 419 -23.77 15.49 48.29
CA PRO E 419 -24.08 14.72 47.09
C PRO E 419 -25.57 14.62 46.81
N MET F 1 64.96 10.80 -18.18
CA MET F 1 64.60 11.11 -19.56
C MET F 1 63.28 11.89 -19.72
N PRO F 2 62.24 11.57 -18.92
CA PRO F 2 60.98 12.32 -19.07
C PRO F 2 61.14 13.83 -18.91
N PHE F 3 62.06 14.29 -18.06
CA PHE F 3 62.24 15.72 -17.88
C PHE F 3 62.95 16.35 -19.07
N SER F 4 64.16 15.85 -19.39
CA SER F 4 64.97 16.48 -20.42
C SER F 4 64.42 16.22 -21.82
N ASP F 5 64.04 14.98 -22.12
CA ASP F 5 63.63 14.64 -23.47
C ASP F 5 62.33 15.36 -23.86
N PHE F 6 61.36 15.42 -22.94
CA PHE F 6 60.11 16.10 -23.24
C PHE F 6 60.34 17.59 -23.48
N VAL F 7 61.18 18.22 -22.66
CA VAL F 7 61.42 19.66 -22.81
C VAL F 7 61.94 19.97 -24.20
N LEU F 8 62.90 19.18 -24.68
CA LEU F 8 63.32 19.31 -26.08
C LEU F 8 62.19 18.95 -27.03
N ALA F 9 61.45 17.89 -26.73
CA ALA F 9 60.35 17.47 -27.61
C ALA F 9 59.25 18.53 -27.67
N LEU F 10 58.89 19.10 -26.52
CA LEU F 10 57.92 20.18 -26.52
C LEU F 10 58.44 21.41 -27.27
N LYS F 11 59.70 21.79 -27.00
CA LYS F 11 60.27 22.95 -27.66
C LYS F 11 60.38 22.76 -29.17
N ASP F 12 60.43 21.50 -29.63
CA ASP F 12 60.52 21.23 -31.06
C ASP F 12 59.28 21.73 -31.80
N ASN F 13 58.10 21.49 -31.22
CA ASN F 13 56.85 21.84 -31.90
C ASN F 13 56.46 23.27 -31.57
N PRO F 14 56.35 24.16 -32.55
CA PRO F 14 55.78 25.49 -32.26
C PRO F 14 54.34 25.43 -31.80
N TYR F 15 53.60 24.38 -32.17
CA TYR F 15 52.23 24.22 -31.70
C TYR F 15 52.20 24.01 -30.19
N PHE F 16 53.29 23.53 -29.61
CA PHE F 16 53.39 23.42 -28.15
C PHE F 16 53.29 24.78 -27.48
N GLY F 17 53.93 25.80 -28.06
CA GLY F 17 53.83 27.13 -27.49
C GLY F 17 52.39 27.63 -27.44
N ALA F 18 51.65 27.42 -28.53
CA ALA F 18 50.23 27.77 -28.52
C ALA F 18 49.46 26.91 -27.53
N GLY F 19 49.83 25.65 -27.38
CA GLY F 19 49.14 24.79 -26.44
C GLY F 19 49.31 25.24 -25.00
N PHE F 20 50.54 25.58 -24.60
CA PHE F 20 50.75 26.11 -23.27
C PHE F 20 50.20 27.53 -23.14
N GLY F 21 50.06 28.25 -24.26
CA GLY F 21 49.24 29.44 -24.26
C GLY F 21 47.79 29.11 -23.96
N LEU F 22 47.30 28.00 -24.51
CA LEU F 22 45.95 27.53 -24.19
C LEU F 22 45.88 26.93 -22.79
N VAL F 23 47.00 26.38 -22.29
CA VAL F 23 47.02 25.86 -20.94
C VAL F 23 46.77 26.97 -19.93
N GLY F 24 47.43 28.12 -20.13
CA GLY F 24 47.15 29.27 -19.29
C GLY F 24 45.71 29.74 -19.40
N VAL F 25 45.14 29.61 -20.60
CA VAL F 25 43.73 29.97 -20.79
C VAL F 25 42.83 29.09 -19.94
N GLY F 26 43.09 27.78 -19.94
CA GLY F 26 42.30 26.87 -19.12
C GLY F 26 42.46 27.14 -17.64
N THR F 27 43.69 27.41 -17.20
CA THR F 27 43.93 27.72 -15.80
C THR F 27 43.22 29.00 -15.40
N ALA F 28 43.28 30.03 -16.25
CA ALA F 28 42.57 31.28 -15.96
C ALA F 28 41.07 31.07 -15.97
N LEU F 29 40.57 30.24 -16.89
CA LEU F 29 39.13 29.97 -16.94
C LEU F 29 38.66 29.30 -15.66
N ALA F 30 39.43 28.32 -15.17
CA ALA F 30 39.07 27.65 -13.92
C ALA F 30 39.15 28.63 -12.74
N MET F 31 40.16 29.50 -12.73
CA MET F 31 40.26 30.50 -11.68
C MET F 31 39.07 31.45 -11.74
N ALA F 32 38.68 31.87 -12.96
CA ALA F 32 37.56 32.80 -13.09
C ALA F 32 36.27 32.20 -12.56
N ARG F 33 36.02 30.91 -12.84
CA ARG F 33 34.84 30.26 -12.28
C ARG F 33 34.92 30.22 -10.76
N LYS F 34 36.09 29.89 -10.21
CA LYS F 34 36.26 29.89 -8.77
C LYS F 34 36.06 31.29 -8.18
N GLY F 35 36.58 32.31 -8.88
CA GLY F 35 36.40 33.68 -8.40
C GLY F 35 34.94 34.07 -8.31
N ALA F 36 34.12 33.57 -9.26
CA ALA F 36 32.70 33.88 -9.25
C ALA F 36 32.01 33.32 -8.01
N GLN F 37 32.26 32.05 -7.70
CA GLN F 37 31.56 31.41 -6.57
C GLN F 37 31.93 32.07 -5.26
N LEU F 38 33.22 32.33 -5.04
CA LEU F 38 33.63 32.95 -3.78
C LEU F 38 33.08 34.36 -3.66
N GLY F 39 33.05 35.11 -4.76
CA GLY F 39 32.47 36.44 -4.73
C GLY F 39 31.00 36.42 -4.38
N LEU F 40 30.25 35.52 -5.03
CA LEU F 40 28.82 35.38 -4.72
C LEU F 40 28.61 35.02 -3.27
N VAL F 41 29.38 34.05 -2.77
CA VAL F 41 29.20 33.59 -1.39
C VAL F 41 29.50 34.71 -0.41
N ALA F 42 30.60 35.44 -0.64
CA ALA F 42 30.96 36.54 0.25
C ALA F 42 29.89 37.63 0.23
N PHE F 43 29.39 37.96 -0.96
CA PHE F 43 28.37 39.00 -1.06
C PHE F 43 27.10 38.60 -0.34
N ARG F 44 26.67 37.35 -0.53
CA ARG F 44 25.48 36.86 0.18
C ARG F 44 25.69 36.88 1.68
N ARG F 45 26.88 36.47 2.12
CA ARG F 45 27.13 36.36 3.55
C ARG F 45 27.22 37.74 4.21
N HIS F 46 27.70 38.75 3.49
CA HIS F 46 28.01 40.03 4.13
C HIS F 46 27.00 41.13 3.85
N TYR F 47 26.28 41.11 2.73
CA TYR F 47 25.45 42.24 2.35
C TYR F 47 24.02 41.87 1.97
N MET F 48 23.59 40.63 2.20
CA MET F 48 22.23 40.24 1.89
C MET F 48 21.60 39.50 3.07
N ILE F 49 20.28 39.62 3.17
CA ILE F 49 19.49 38.99 4.22
C ILE F 49 18.47 38.07 3.56
N THR F 50 18.29 36.88 4.13
CA THR F 50 17.37 35.90 3.58
C THR F 50 16.54 35.30 4.71
N LEU F 51 15.23 35.17 4.48
CA LEU F 51 14.31 34.60 5.46
C LEU F 51 13.42 33.59 4.74
N GLU F 52 13.74 32.30 4.91
CA GLU F 52 12.93 31.24 4.34
C GLU F 52 11.81 30.86 5.30
N VAL F 53 10.62 30.62 4.77
CA VAL F 53 9.48 30.19 5.55
C VAL F 53 8.96 28.88 4.98
N PRO F 54 8.95 27.79 5.75
CA PRO F 54 8.39 26.53 5.26
C PRO F 54 6.87 26.59 5.28
N ALA F 55 6.24 25.50 4.84
CA ALA F 55 4.80 25.38 4.90
C ALA F 55 4.31 24.69 6.17
N ARG F 56 5.23 24.35 7.08
CA ARG F 56 4.90 23.65 8.31
C ARG F 56 4.60 24.59 9.47
N ASP F 57 4.59 25.90 9.23
CA ASP F 57 4.39 26.88 10.28
C ASP F 57 3.17 27.73 9.99
N ARG F 58 2.47 28.13 11.06
CA ARG F 58 1.42 29.13 10.94
C ARG F 58 1.96 30.45 10.43
N SER F 59 3.25 30.70 10.65
CA SER F 59 3.90 31.86 10.05
C SER F 59 3.73 31.83 8.54
N TYR F 60 3.75 30.65 7.93
CA TYR F 60 3.51 30.55 6.50
C TYR F 60 2.14 31.07 6.14
N ALA F 61 1.11 30.68 6.91
CA ALA F 61 -0.23 31.15 6.61
C ALA F 61 -0.35 32.66 6.75
N TRP F 62 0.16 33.21 7.86
CA TRP F 62 0.07 34.65 8.06
C TRP F 62 0.85 35.41 6.99
N LEU F 63 2.04 34.93 6.64
CA LEU F 63 2.85 35.63 5.65
C LEU F 63 2.26 35.52 4.26
N LEU F 64 1.65 34.37 3.94
CA LEU F 64 0.96 34.24 2.66
C LEU F 64 -0.21 35.21 2.58
N SER F 65 -0.97 35.34 3.68
CA SER F 65 -2.07 36.30 3.69
C SER F 65 -1.55 37.73 3.52
N TRP F 66 -0.46 38.07 4.20
CA TRP F 66 0.09 39.41 4.07
C TRP F 66 0.64 39.65 2.67
N LEU F 67 1.18 38.63 2.03
CA LEU F 67 1.63 38.78 0.66
C LEU F 67 0.45 38.98 -0.29
N THR F 68 -0.66 38.29 -0.03
CA THR F 68 -1.86 38.52 -0.81
C THR F 68 -2.34 39.97 -0.67
N ARG F 69 -2.34 40.49 0.56
CA ARG F 69 -2.83 41.84 0.75
C ARG F 69 -1.85 42.87 0.18
N HIS F 70 -0.64 42.91 0.72
CA HIS F 70 0.36 43.90 0.30
C HIS F 70 1.19 43.27 -0.81
N SER F 71 0.81 43.53 -2.05
CA SER F 71 1.57 43.11 -3.22
C SER F 71 1.74 44.24 -4.23
N THR F 72 1.40 45.47 -3.84
CA THR F 72 1.44 46.64 -4.71
C THR F 72 0.59 46.31 -5.94
N ARG F 73 1.05 46.59 -7.16
CA ARG F 73 0.31 46.30 -8.38
C ARG F 73 0.87 45.08 -9.10
N THR F 74 1.26 44.05 -8.34
CA THR F 74 1.88 42.87 -8.91
C THR F 74 0.98 42.27 -9.98
N GLN F 75 1.59 41.89 -11.11
CA GLN F 75 0.87 41.41 -12.28
C GLN F 75 1.25 39.98 -12.62
N HIS F 76 1.58 39.19 -11.60
CA HIS F 76 1.91 37.77 -11.75
C HIS F 76 1.09 36.96 -10.75
N LEU F 77 -0.22 37.20 -10.73
CA LEU F 77 -1.09 36.68 -9.70
C LEU F 77 -1.66 35.32 -10.11
N SER F 78 -2.31 34.67 -9.15
CA SER F 78 -3.07 33.46 -9.39
C SER F 78 -4.43 33.59 -8.70
N VAL F 79 -5.44 32.94 -9.26
CA VAL F 79 -6.80 33.11 -8.80
C VAL F 79 -7.05 32.23 -7.57
N GLU F 80 -8.04 32.62 -6.78
CA GLU F 80 -8.48 31.81 -5.64
C GLU F 80 -9.95 32.14 -5.39
N THR F 81 -10.83 31.22 -5.78
CA THR F 81 -12.27 31.42 -5.66
C THR F 81 -12.74 31.04 -4.26
N SER F 82 -13.55 31.91 -3.66
CA SER F 82 -14.11 31.65 -2.35
C SER F 82 -15.50 32.27 -2.27
N TYR F 83 -16.32 31.72 -1.38
CA TYR F 83 -17.68 32.21 -1.18
C TYR F 83 -17.66 33.22 -0.04
N LEU F 84 -18.10 34.44 -0.34
CA LEU F 84 -18.13 35.53 0.63
C LEU F 84 -19.57 35.84 0.98
N GLN F 85 -19.90 35.75 2.27
CA GLN F 85 -21.26 36.03 2.71
C GLN F 85 -21.44 37.53 2.87
N HIS F 86 -22.34 38.11 2.07
CA HIS F 86 -22.62 39.52 2.16
C HIS F 86 -23.43 39.81 3.43
N GLU F 87 -23.42 41.08 3.82
CA GLU F 87 -24.21 41.51 4.98
C GLU F 87 -25.70 41.44 4.71
N SER F 88 -26.11 41.36 3.44
CA SER F 88 -27.53 41.25 3.12
C SER F 88 -28.11 39.89 3.50
N GLY F 89 -27.25 38.90 3.74
CA GLY F 89 -27.69 37.57 4.11
C GLY F 89 -27.40 36.51 3.07
N ARG F 90 -27.03 36.89 1.86
CA ARG F 90 -26.74 35.94 0.80
C ARG F 90 -25.23 35.82 0.60
N ILE F 91 -24.84 34.85 -0.21
CA ILE F 91 -23.44 34.54 -0.46
C ILE F 91 -23.17 34.66 -1.96
N SER F 92 -22.06 35.29 -2.31
CA SER F 92 -21.65 35.46 -3.69
C SER F 92 -20.19 35.05 -3.85
N THR F 93 -19.83 34.68 -5.07
CA THR F 93 -18.46 34.26 -5.35
C THR F 93 -17.51 35.44 -5.22
N LYS F 94 -16.38 35.20 -4.57
CA LYS F 94 -15.35 36.22 -4.38
C LYS F 94 -14.11 35.82 -5.17
N PHE F 95 -13.67 36.67 -6.08
CA PHE F 95 -12.49 36.41 -6.90
C PHE F 95 -11.29 37.06 -6.22
N GLU F 96 -10.48 36.24 -5.55
CA GLU F 96 -9.30 36.73 -4.85
C GLU F 96 -8.04 36.31 -5.60
N PHE F 97 -7.11 37.24 -5.72
CA PHE F 97 -5.88 37.02 -6.47
C PHE F 97 -4.69 36.92 -5.51
N ILE F 98 -3.94 35.84 -5.63
CA ILE F 98 -2.73 35.62 -4.84
C ILE F 98 -1.55 35.62 -5.80
N PRO F 99 -0.42 36.24 -5.46
CA PRO F 99 0.74 36.24 -6.35
C PRO F 99 1.15 34.83 -6.72
N SER F 100 1.16 34.54 -8.02
CA SER F 100 1.54 33.23 -8.51
C SER F 100 3.03 33.01 -8.30
N PRO F 101 3.47 31.75 -8.31
CA PRO F 101 4.90 31.48 -8.08
C PRO F 101 5.80 32.24 -9.03
N GLY F 102 6.88 32.78 -8.49
CA GLY F 102 7.77 33.61 -9.26
C GLY F 102 8.49 34.58 -8.34
N ASN F 103 9.19 35.53 -8.96
CA ASN F 103 9.96 36.54 -8.24
C ASN F 103 9.20 37.86 -8.29
N HIS F 104 8.78 38.35 -7.14
CA HIS F 104 8.07 39.62 -7.02
C HIS F 104 8.90 40.59 -6.19
N PHE F 105 8.74 41.87 -6.49
CA PHE F 105 9.54 42.93 -5.88
C PHE F 105 8.61 43.93 -5.21
N ILE F 106 8.92 44.28 -3.96
CA ILE F 106 8.16 45.25 -3.19
C ILE F 106 9.11 46.35 -2.73
N TRP F 107 8.55 47.42 -2.19
CA TRP F 107 9.31 48.57 -1.71
C TRP F 107 8.99 48.86 -0.25
N TYR F 108 9.02 47.83 0.59
CA TYR F 108 8.70 48.00 1.99
C TYR F 108 9.82 48.75 2.71
N GLN F 109 9.46 49.84 3.41
CA GLN F 109 10.38 50.57 4.28
C GLN F 109 11.63 51.03 3.54
N GLY F 110 11.46 51.46 2.30
CA GLY F 110 12.56 52.04 1.55
C GLY F 110 13.56 51.04 1.00
N LYS F 111 13.30 49.75 1.14
CA LYS F 111 14.16 48.70 0.58
C LYS F 111 13.47 48.10 -0.64
N TRP F 112 14.12 47.10 -1.23
CA TRP F 112 13.58 46.40 -2.39
C TRP F 112 13.63 44.90 -2.09
N ILE F 113 12.60 44.41 -1.41
CA ILE F 113 12.53 43.00 -1.02
C ILE F 113 12.24 42.16 -2.25
N ARG F 114 12.79 40.94 -2.27
CA ARG F 114 12.74 40.08 -3.45
C ARG F 114 12.00 38.78 -3.18
N VAL F 115 10.79 38.86 -2.61
CA VAL F 115 10.03 37.66 -2.27
C VAL F 115 9.96 36.72 -3.46
N GLU F 116 9.93 35.42 -3.17
CA GLU F 116 9.85 34.38 -4.20
C GLU F 116 8.94 33.29 -3.70
N ARG F 117 7.84 33.05 -4.40
CA ARG F 117 6.89 32.00 -4.05
C ARG F 117 7.44 30.68 -4.56
N ASN F 118 8.08 29.93 -3.67
CA ASN F 118 8.59 28.61 -4.05
C ASN F 118 7.44 27.68 -4.37
N ARG F 119 7.64 26.84 -5.38
CA ARG F 119 6.61 25.95 -5.89
C ARG F 119 6.75 24.59 -5.21
N ASP F 120 6.04 23.60 -5.74
CA ASP F 120 6.11 22.24 -5.24
C ASP F 120 7.21 21.47 -5.95
N MET F 121 8.03 20.76 -5.18
CA MET F 121 9.12 19.96 -5.72
C MET F 121 8.74 18.49 -5.86
N GLN F 122 8.34 17.84 -4.76
CA GLN F 122 8.15 16.39 -4.79
C GLN F 122 6.86 15.94 -4.10
N MET F 123 5.99 16.85 -3.69
CA MET F 123 4.70 16.52 -3.08
C MET F 123 4.88 15.71 -1.80
N VAL F 124 5.77 16.16 -0.94
CA VAL F 124 6.00 15.54 0.37
C VAL F 124 6.00 16.64 1.42
N ASP F 125 5.12 16.50 2.41
CA ASP F 125 5.05 17.39 3.57
C ASP F 125 4.08 16.77 4.56
N LEU F 126 3.93 17.43 5.71
CA LEU F 126 3.02 16.99 6.76
C LEU F 126 2.21 18.17 7.25
N GLN F 127 1.06 17.86 7.85
CA GLN F 127 0.14 18.84 8.43
C GLN F 127 -0.44 19.79 7.37
N THR F 128 -0.38 19.41 6.10
CA THR F 128 -0.92 20.22 5.02
C THR F 128 -1.33 19.27 3.89
N GLY F 129 -1.55 19.84 2.70
CA GLY F 129 -1.80 19.07 1.51
C GLY F 129 -0.55 18.51 0.87
N THR F 130 0.57 18.54 1.60
CA THR F 130 1.86 18.08 1.12
C THR F 130 2.30 18.68 -0.22
N PRO F 131 2.31 20.02 -0.35
CA PRO F 131 2.91 20.60 -1.56
C PRO F 131 4.34 21.08 -1.36
N TRP F 132 4.79 21.18 -0.12
CA TRP F 132 6.07 21.80 0.23
C TRP F 132 6.26 23.11 -0.52
N GLU F 133 5.41 24.07 -0.21
CA GLU F 133 5.52 25.42 -0.75
C GLU F 133 6.19 26.32 0.27
N SER F 134 6.93 27.31 -0.22
CA SER F 134 7.71 28.17 0.65
C SER F 134 7.84 29.55 0.04
N VAL F 135 8.25 30.51 0.86
CA VAL F 135 8.56 31.86 0.43
C VAL F 135 9.94 32.22 0.97
N THR F 136 10.71 32.96 0.17
CA THR F 136 12.05 33.38 0.56
C THR F 136 12.14 34.89 0.41
N PHE F 137 12.30 35.59 1.53
CA PHE F 137 12.43 37.04 1.53
C PHE F 137 13.91 37.40 1.44
N THR F 138 14.32 37.92 0.29
CA THR F 138 15.70 38.33 0.06
C THR F 138 15.73 39.85 -0.14
N ALA F 139 16.69 40.50 0.51
CA ALA F 139 16.84 41.94 0.40
C ALA F 139 18.30 42.31 0.58
N LEU F 140 18.65 43.50 0.08
CA LEU F 140 20.00 44.01 0.19
C LEU F 140 20.13 44.83 1.46
N GLY F 141 21.12 44.48 2.27
CA GLY F 141 21.35 45.20 3.51
C GLY F 141 21.91 44.27 4.56
N THR F 142 22.11 44.84 5.76
CA THR F 142 22.64 44.09 6.89
C THR F 142 21.69 43.99 8.07
N ASP F 143 20.66 44.83 8.13
CA ASP F 143 19.72 44.80 9.25
C ASP F 143 18.72 43.66 9.08
N ARG F 144 18.40 43.02 10.19
CA ARG F 144 17.42 41.95 10.21
C ARG F 144 16.04 42.40 10.66
N LYS F 145 15.92 43.62 11.19
CA LYS F 145 14.64 44.07 11.74
C LYS F 145 13.57 44.22 10.69
N VAL F 146 13.93 44.31 9.41
CA VAL F 146 12.92 44.46 8.36
C VAL F 146 12.03 43.23 8.30
N PHE F 147 12.64 42.05 8.33
CA PHE F 147 11.86 40.82 8.25
C PHE F 147 11.03 40.59 9.51
N PHE F 148 11.57 40.95 10.67
CA PHE F 148 10.79 40.87 11.90
C PHE F 148 9.59 41.81 11.84
N ASN F 149 9.78 43.01 11.31
CA ASN F 149 8.66 43.93 11.14
C ASN F 149 7.63 43.36 10.18
N ILE F 150 8.10 42.72 9.10
CA ILE F 150 7.17 42.11 8.15
C ILE F 150 6.35 41.03 8.82
N LEU F 151 7.00 40.18 9.62
CA LEU F 151 6.29 39.11 10.31
C LEU F 151 5.27 39.66 11.31
N GLU F 152 5.68 40.68 12.08
CA GLU F 152 4.76 41.27 13.05
C GLU F 152 3.57 41.92 12.37
N GLU F 153 3.80 42.63 11.27
CA GLU F 153 2.71 43.23 10.52
C GLU F 153 1.80 42.17 9.90
N ALA F 154 2.38 41.05 9.46
CA ALA F 154 1.56 39.96 8.96
C ALA F 154 0.66 39.39 10.05
N ARG F 155 1.21 39.21 11.25
CA ARG F 155 0.39 38.74 12.37
C ARG F 155 -0.71 39.74 12.70
N ALA F 156 -0.38 41.02 12.72
CA ALA F 156 -1.38 42.04 13.02
C ALA F 156 -2.49 42.06 11.97
N LEU F 157 -2.13 41.92 10.70
CA LEU F 157 -3.14 41.88 9.64
C LEU F 157 -3.98 40.62 9.75
N ALA F 158 -3.37 39.50 10.13
CA ALA F 158 -4.14 38.28 10.33
C ALA F 158 -5.16 38.47 11.45
N LEU F 159 -4.75 39.14 12.53
CA LEU F 159 -5.69 39.46 13.61
C LEU F 159 -6.64 40.58 13.24
N GLN F 160 -6.41 41.26 12.13
CA GLN F 160 -7.30 42.29 11.62
C GLN F 160 -8.20 41.70 10.53
N GLN F 161 -9.20 42.49 10.12
CA GLN F 161 -10.20 42.15 9.12
C GLN F 161 -11.07 40.95 9.53
N GLU F 162 -10.84 40.41 10.73
CA GLU F 162 -11.66 39.35 11.29
C GLU F 162 -12.47 39.83 12.48
N GLU F 163 -12.52 41.13 12.72
CA GLU F 163 -13.25 41.68 13.84
C GLU F 163 -14.71 41.94 13.46
N GLY F 164 -15.60 41.75 14.42
CA GLY F 164 -17.02 41.73 14.15
C GLY F 164 -17.55 40.41 13.66
N LYS F 165 -16.67 39.42 13.47
CA LYS F 165 -17.03 38.09 13.01
C LYS F 165 -16.36 37.06 13.90
N THR F 166 -16.75 35.80 13.72
CA THR F 166 -16.20 34.70 14.50
C THR F 166 -15.41 33.78 13.58
N VAL F 167 -14.16 33.52 13.92
CA VAL F 167 -13.31 32.61 13.17
C VAL F 167 -13.47 31.21 13.73
N MET F 168 -13.49 30.22 12.84
CA MET F 168 -13.64 28.83 13.24
C MET F 168 -12.51 28.01 12.64
N TYR F 169 -11.64 27.50 13.49
CA TYR F 169 -10.53 26.68 13.05
C TYR F 169 -10.94 25.21 13.00
N THR F 170 -10.08 24.40 12.39
CA THR F 170 -10.31 22.96 12.32
C THR F 170 -8.96 22.26 12.26
N ALA F 171 -8.98 20.97 12.57
CA ALA F 171 -7.77 20.17 12.61
C ALA F 171 -7.42 19.70 11.21
N VAL F 172 -6.30 20.18 10.69
CA VAL F 172 -5.78 19.75 9.39
C VAL F 172 -4.43 19.09 9.68
N GLY F 173 -4.43 17.78 9.84
CA GLY F 173 -3.22 17.07 10.20
C GLY F 173 -2.91 17.23 11.67
N SER F 174 -1.90 18.03 11.99
CA SER F 174 -1.54 18.32 13.37
C SER F 174 -1.50 19.82 13.66
N GLU F 175 -2.22 20.62 12.87
CA GLU F 175 -2.25 22.06 13.03
C GLU F 175 -3.69 22.54 12.92
N TRP F 176 -3.96 23.69 13.54
CA TRP F 176 -5.27 24.32 13.47
C TRP F 176 -5.28 25.31 12.32
N ARG F 177 -6.10 25.03 11.31
CA ARG F 177 -6.22 25.88 10.13
C ARG F 177 -7.64 26.41 10.04
N THR F 178 -7.78 27.66 9.60
CA THR F 178 -9.10 28.27 9.53
C THR F 178 -9.99 27.52 8.56
N PHE F 179 -11.26 27.39 8.93
CA PHE F 179 -12.25 26.65 8.16
C PHE F 179 -13.22 27.64 7.54
N GLY F 180 -13.18 27.75 6.22
CA GLY F 180 -14.08 28.67 5.53
C GLY F 180 -13.75 30.11 5.83
N TYR F 181 -14.78 30.94 5.85
CA TYR F 181 -14.69 32.37 6.09
C TYR F 181 -15.18 32.71 7.49
N PRO F 182 -14.74 33.85 8.04
CA PRO F 182 -15.24 34.25 9.37
C PRO F 182 -16.75 34.38 9.42
N ARG F 183 -17.39 33.53 10.22
CA ARG F 183 -18.84 33.57 10.34
C ARG F 183 -19.29 34.82 11.08
N ARG F 184 -20.47 35.31 10.72
CA ARG F 184 -21.03 36.47 11.40
C ARG F 184 -21.40 36.14 12.83
N ARG F 185 -21.20 37.09 13.73
CA ARG F 185 -21.45 36.86 15.15
C ARG F 185 -22.93 36.69 15.42
N ARG F 186 -23.26 35.74 16.28
CA ARG F 186 -24.62 35.59 16.77
C ARG F 186 -24.79 36.42 18.03
N PRO F 187 -25.74 37.34 18.07
CA PRO F 187 -25.91 38.16 19.28
C PRO F 187 -26.22 37.30 20.49
N LEU F 188 -25.64 37.69 21.64
CA LEU F 188 -25.82 36.88 22.85
C LEU F 188 -27.26 36.88 23.32
N ASP F 189 -27.96 38.02 23.20
CA ASP F 189 -29.36 38.06 23.61
C ASP F 189 -30.27 37.31 22.66
N SER F 190 -29.78 36.90 21.48
CA SER F 190 -30.59 36.09 20.58
C SER F 190 -30.76 34.66 21.07
N VAL F 191 -30.00 34.24 22.07
CA VAL F 191 -30.13 32.93 22.67
C VAL F 191 -30.76 33.11 24.04
N VAL F 192 -31.93 32.53 24.23
CA VAL F 192 -32.67 32.66 25.49
C VAL F 192 -32.51 31.37 26.26
N LEU F 193 -31.76 31.42 27.35
CA LEU F 193 -31.57 30.27 28.22
C LEU F 193 -32.40 30.45 29.48
N GLN F 194 -32.24 29.52 30.42
CA GLN F 194 -32.91 29.64 31.70
C GLN F 194 -32.42 30.88 32.43
N GLN F 195 -33.28 31.43 33.28
CA GLN F 195 -33.01 32.70 33.94
C GLN F 195 -31.69 32.69 34.72
N GLY F 196 -30.74 33.51 34.30
CA GLY F 196 -29.47 33.64 34.98
C GLY F 196 -28.39 32.69 34.53
N LEU F 197 -28.71 31.71 33.68
CA LEU F 197 -27.71 30.74 33.27
C LEU F 197 -26.63 31.38 32.41
N ALA F 198 -27.04 32.17 31.41
CA ALA F 198 -26.06 32.81 30.53
C ALA F 198 -25.17 33.77 31.29
N ASP F 199 -25.76 34.56 32.18
CA ASP F 199 -24.96 35.48 32.99
C ASP F 199 -23.99 34.72 33.88
N ARG F 200 -24.44 33.61 34.48
CA ARG F 200 -23.55 32.83 35.34
C ARG F 200 -22.36 32.29 34.55
N ILE F 201 -22.62 31.70 33.38
CA ILE F 201 -21.54 31.12 32.60
C ILE F 201 -20.59 32.21 32.12
N VAL F 202 -21.12 33.35 31.66
CA VAL F 202 -20.27 34.42 31.19
C VAL F 202 -19.41 34.96 32.32
N LYS F 203 -19.99 35.17 33.50
CA LYS F 203 -19.22 35.65 34.63
C LYS F 203 -18.14 34.66 35.02
N ASP F 204 -18.46 33.37 35.02
CA ASP F 204 -17.47 32.37 35.39
C ASP F 204 -16.30 32.37 34.41
N ILE F 205 -16.59 32.38 33.11
CA ILE F 205 -15.52 32.31 32.13
C ILE F 205 -14.69 33.59 32.14
N ARG F 206 -15.33 34.74 32.35
CA ARG F 206 -14.56 35.98 32.39
C ARG F 206 -13.73 36.08 33.67
N GLU F 207 -14.24 35.54 34.78
CA GLU F 207 -13.43 35.46 36.00
C GLU F 207 -12.21 34.56 35.77
N PHE F 208 -12.41 33.44 35.08
CA PHE F 208 -11.27 32.58 34.77
C PHE F 208 -10.25 33.30 33.89
N ILE F 209 -10.72 34.03 32.88
CA ILE F 209 -9.80 34.72 31.99
C ILE F 209 -9.05 35.83 32.72
N ASP F 210 -9.73 36.56 33.59
CA ASP F 210 -9.16 37.77 34.18
C ASP F 210 -8.18 37.47 35.31
N ASN F 211 -8.13 36.25 35.84
CA ASN F 211 -7.34 35.92 37.02
C ASN F 211 -6.40 34.76 36.73
N PRO F 212 -5.27 35.01 36.08
CA PRO F 212 -4.25 33.96 35.95
C PRO F 212 -3.31 33.95 37.14
N LYS F 213 -3.19 35.09 37.81
CA LYS F 213 -2.31 35.17 38.98
C LYS F 213 -2.83 34.30 40.12
N TRP F 214 -4.14 34.25 40.30
CA TRP F 214 -4.71 33.41 41.35
C TRP F 214 -4.39 31.94 41.11
N TYR F 215 -4.32 31.53 39.84
CA TYR F 215 -3.94 30.16 39.52
C TYR F 215 -2.45 29.94 39.70
N ILE F 216 -1.63 30.90 39.28
CA ILE F 216 -0.18 30.72 39.33
C ILE F 216 0.31 30.69 40.78
N ASP F 217 -0.23 31.57 41.63
CA ASP F 217 0.23 31.66 43.00
C ASP F 217 -0.10 30.43 43.82
N ARG F 218 -0.97 29.55 43.34
CA ARG F 218 -1.34 28.36 44.06
C ARG F 218 -0.96 27.07 43.34
N GLY F 219 -0.32 27.17 42.18
CA GLY F 219 0.12 26.00 41.46
C GLY F 219 -0.94 25.29 40.66
N ILE F 220 -2.18 25.75 40.71
CA ILE F 220 -3.26 25.11 39.96
C ILE F 220 -3.01 25.30 38.47
N PRO F 221 -3.17 24.27 37.65
CA PRO F 221 -3.04 24.47 36.20
C PRO F 221 -4.05 25.49 35.70
N TYR F 222 -3.62 26.33 34.78
CA TYR F 222 -4.46 27.41 34.27
C TYR F 222 -5.29 26.89 33.10
N ARG F 223 -6.26 26.04 33.45
CA ARG F 223 -7.19 25.48 32.47
C ARG F 223 -8.59 25.49 33.05
N ARG F 224 -9.58 25.43 32.17
CA ARG F 224 -10.95 25.28 32.58
C ARG F 224 -11.72 24.52 31.52
N GLY F 225 -12.77 23.84 31.94
CA GLY F 225 -13.62 23.10 31.02
C GLY F 225 -15.07 23.24 31.42
N TYR F 226 -15.94 23.23 30.42
CA TYR F 226 -17.36 23.38 30.62
C TYR F 226 -18.11 22.26 29.91
N LEU F 227 -19.26 21.89 30.47
CA LEU F 227 -20.09 20.85 29.89
C LEU F 227 -21.53 21.34 29.87
N LEU F 228 -22.14 21.31 28.69
CA LEU F 228 -23.55 21.65 28.52
C LEU F 228 -24.29 20.39 28.08
N TYR F 229 -25.28 19.98 28.86
CA TYR F 229 -26.02 18.77 28.59
C TYR F 229 -27.51 19.04 28.67
N GLY F 230 -28.28 18.31 27.86
CA GLY F 230 -29.71 18.45 27.84
C GLY F 230 -30.33 17.84 26.60
N PRO F 231 -31.65 17.85 26.52
CA PRO F 231 -32.32 17.30 25.34
C PRO F 231 -31.98 18.12 24.11
N PRO F 232 -31.99 17.49 22.92
CA PRO F 232 -31.54 18.19 21.72
C PRO F 232 -32.43 19.37 21.37
N GLY F 233 -31.83 20.40 20.78
CA GLY F 233 -32.55 21.56 20.31
C GLY F 233 -32.83 22.62 21.35
N CYS F 234 -32.20 22.56 22.52
CA CYS F 234 -32.48 23.50 23.59
C CYS F 234 -31.50 24.66 23.64
N GLY F 235 -30.44 24.66 22.84
CA GLY F 235 -29.60 25.84 22.73
C GLY F 235 -28.18 25.72 23.20
N LYS F 236 -27.57 24.53 23.08
CA LYS F 236 -26.18 24.37 23.50
C LYS F 236 -25.23 24.97 22.47
N SER F 237 -25.31 24.50 21.23
CA SER F 237 -24.41 25.00 20.18
C SER F 237 -24.63 26.48 19.92
N SER F 238 -25.89 26.93 19.90
CA SER F 238 -26.16 28.34 19.68
C SER F 238 -25.58 29.18 20.81
N PHE F 239 -25.71 28.72 22.06
CA PHE F 239 -25.12 29.47 23.16
C PHE F 239 -23.61 29.49 23.07
N ILE F 240 -22.99 28.40 22.64
CA ILE F 240 -21.54 28.40 22.49
C ILE F 240 -21.11 29.41 21.43
N THR F 241 -21.83 29.45 20.31
CA THR F 241 -21.52 30.44 19.28
C THR F 241 -21.68 31.86 19.81
N ALA F 242 -22.78 32.12 20.53
CA ALA F 242 -23.00 33.45 21.08
C ALA F 242 -21.93 33.82 22.09
N LEU F 243 -21.51 32.86 22.91
CA LEU F 243 -20.46 33.12 23.88
C LEU F 243 -19.13 33.42 23.21
N ALA F 244 -18.80 32.66 22.15
CA ALA F 244 -17.57 32.95 21.41
C ALA F 244 -17.62 34.34 20.79
N GLY F 245 -18.79 34.74 20.30
CA GLY F 245 -18.93 36.10 19.79
C GLY F 245 -18.76 37.15 20.87
N GLU F 246 -19.36 36.91 22.04
CA GLU F 246 -19.30 37.87 23.13
C GLU F 246 -17.87 38.03 23.66
N LEU F 247 -17.15 36.93 23.82
CA LEU F 247 -15.81 36.97 24.36
C LEU F 247 -14.75 37.32 23.31
N GLU F 248 -15.16 37.52 22.05
CA GLU F 248 -14.25 37.81 20.95
C GLU F 248 -13.22 36.71 20.77
N HIS F 249 -13.61 35.47 21.09
CA HIS F 249 -12.75 34.32 20.91
C HIS F 249 -13.07 33.66 19.57
N SER F 250 -12.28 32.65 19.22
CA SER F 250 -12.54 31.79 18.08
C SER F 250 -12.86 30.38 18.58
N ILE F 251 -13.36 29.55 17.67
CA ILE F 251 -13.79 28.20 18.01
C ILE F 251 -12.93 27.21 17.23
N CYS F 252 -12.33 26.28 17.95
CA CYS F 252 -11.55 25.20 17.35
C CYS F 252 -12.38 23.92 17.44
N LEU F 253 -12.98 23.53 16.33
CA LEU F 253 -13.85 22.37 16.31
C LEU F 253 -13.00 21.10 16.26
N LEU F 254 -13.16 20.25 17.27
CA LEU F 254 -12.43 19.00 17.35
C LEU F 254 -13.40 17.84 17.25
N SER F 255 -13.11 16.89 16.36
CA SER F 255 -13.94 15.71 16.16
C SER F 255 -13.19 14.52 16.74
N LEU F 256 -13.62 14.07 17.92
CA LEU F 256 -12.95 12.96 18.57
C LEU F 256 -13.05 11.68 17.73
N THR F 257 -14.22 11.44 17.16
CA THR F 257 -14.45 10.22 16.38
C THR F 257 -13.99 10.38 14.94
N ASP F 258 -12.74 10.79 14.76
CA ASP F 258 -12.12 10.92 13.46
C ASP F 258 -11.30 9.66 13.18
N SER F 259 -10.68 9.62 12.00
CA SER F 259 -9.85 8.48 11.61
C SER F 259 -8.36 8.75 11.76
N SER F 260 -7.93 10.00 11.63
CA SER F 260 -6.53 10.35 11.73
C SER F 260 -6.11 10.79 13.13
N LEU F 261 -7.03 10.75 14.10
CA LEU F 261 -6.76 11.26 15.43
C LEU F 261 -6.16 10.17 16.31
N SER F 262 -4.99 10.43 16.85
CA SER F 262 -4.33 9.56 17.80
C SER F 262 -4.08 10.32 19.11
N ASP F 263 -3.63 9.59 20.13
CA ASP F 263 -3.40 10.20 21.43
C ASP F 263 -2.32 11.28 21.35
N ASP F 264 -1.20 10.96 20.69
CA ASP F 264 -0.15 11.96 20.52
C ASP F 264 -0.63 13.13 19.68
N ARG F 265 -1.37 12.85 18.61
CA ARG F 265 -1.90 13.92 17.79
C ARG F 265 -2.90 14.76 18.56
N LEU F 266 -3.72 14.13 19.40
CA LEU F 266 -4.66 14.89 20.22
C LEU F 266 -3.92 15.80 21.20
N ASN F 267 -2.87 15.28 21.84
CA ASN F 267 -2.08 16.11 22.74
C ASN F 267 -1.45 17.28 22.00
N HIS F 268 -0.89 17.03 20.82
CA HIS F 268 -0.30 18.11 20.05
C HIS F 268 -1.34 19.14 19.66
N LEU F 269 -2.50 18.70 19.19
CA LEU F 269 -3.54 19.63 18.77
C LEU F 269 -4.03 20.48 19.92
N LEU F 270 -4.21 19.87 21.10
CA LEU F 270 -4.62 20.64 22.26
C LEU F 270 -3.50 21.54 22.77
N SER F 271 -2.24 21.25 22.41
CA SER F 271 -1.13 22.06 22.86
C SER F 271 -0.82 23.23 21.93
N VAL F 272 -1.34 23.24 20.70
CA VAL F 272 -1.07 24.30 19.76
C VAL F 272 -2.33 25.02 19.33
N ALA F 273 -3.36 24.99 20.16
CA ALA F 273 -4.59 25.72 19.85
C ALA F 273 -4.31 27.21 19.80
N PRO F 274 -4.93 27.94 18.88
CA PRO F 274 -4.69 29.39 18.82
C PRO F 274 -5.07 30.07 20.12
N GLN F 275 -4.32 31.10 20.49
CA GLN F 275 -4.61 31.83 21.71
C GLN F 275 -5.94 32.55 21.59
N GLN F 276 -6.63 32.66 22.72
CA GLN F 276 -7.97 33.25 22.79
C GLN F 276 -8.94 32.48 21.90
N SER F 277 -9.04 31.18 22.15
CA SER F 277 -9.91 30.31 21.40
C SER F 277 -10.55 29.29 22.35
N LEU F 278 -11.70 28.78 21.94
CA LEU F 278 -12.43 27.77 22.70
C LEU F 278 -12.38 26.46 21.93
N VAL F 279 -11.82 25.43 22.55
CA VAL F 279 -11.84 24.10 21.97
C VAL F 279 -13.20 23.47 22.24
N LEU F 280 -13.84 22.97 21.19
CA LEU F 280 -15.21 22.49 21.27
C LEU F 280 -15.25 21.01 20.91
N LEU F 281 -15.53 20.17 21.89
CA LEU F 281 -15.69 18.73 21.69
C LEU F 281 -17.18 18.43 21.78
N GLU F 282 -17.86 18.42 20.65
CA GLU F 282 -19.31 18.27 20.63
C GLU F 282 -19.69 16.79 20.55
N ASP F 283 -20.72 16.42 21.32
CA ASP F 283 -21.22 15.05 21.36
C ASP F 283 -20.12 14.08 21.79
N VAL F 284 -19.66 14.26 23.03
CA VAL F 284 -18.58 13.42 23.57
C VAL F 284 -19.05 11.99 23.78
N ASP F 285 -20.32 11.79 24.12
CA ASP F 285 -20.84 10.47 24.42
C ASP F 285 -20.73 9.51 23.25
N ALA F 286 -20.61 10.01 22.02
CA ALA F 286 -20.50 9.15 20.85
C ALA F 286 -19.08 8.65 20.63
N ALA F 287 -18.09 9.22 21.30
CA ALA F 287 -16.72 8.80 21.09
C ALA F 287 -16.46 7.41 21.65
N PHE F 288 -16.98 7.14 22.85
CA PHE F 288 -16.69 5.90 23.55
C PHE F 288 -17.98 5.23 24.00
N LEU F 289 -17.92 3.90 24.14
CA LEU F 289 -19.03 3.12 24.65
C LEU F 289 -19.31 3.51 26.10
N SER F 290 -20.53 3.21 26.56
CA SER F 290 -21.03 3.87 27.76
C SER F 290 -21.97 2.94 28.52
N ARG F 291 -22.42 3.42 29.68
CA ARG F 291 -23.41 2.77 30.53
C ARG F 291 -23.04 1.33 30.88
N ASP F 292 -23.60 0.37 30.17
CA ASP F 292 -23.28 -1.03 30.45
C ASP F 292 -21.81 -1.32 30.18
N LEU F 293 -21.24 -0.67 29.16
CA LEU F 293 -19.80 -0.81 28.92
C LEU F 293 -18.99 -0.06 29.97
N ALA F 294 -19.50 1.09 30.45
CA ALA F 294 -18.82 1.80 31.52
C ALA F 294 -18.76 0.95 32.78
N VAL F 295 -19.82 0.20 33.06
CA VAL F 295 -19.79 -0.79 34.12
C VAL F 295 -18.81 -1.92 33.77
N GLU F 296 -18.79 -2.33 32.51
CA GLU F 296 -17.85 -3.33 32.05
C GLU F 296 -16.42 -2.81 32.18
N ASN F 297 -15.46 -3.74 32.19
CA ASN F 297 -14.07 -3.42 32.47
C ASN F 297 -13.48 -2.40 31.49
N PRO F 298 -13.60 -2.60 30.16
CA PRO F 298 -13.02 -1.62 29.24
C PRO F 298 -14.00 -0.55 28.78
N ILE F 299 -13.52 0.69 28.65
CA ILE F 299 -14.30 1.74 28.00
C ILE F 299 -13.91 1.73 26.53
N LYS F 300 -14.61 0.92 25.74
CA LYS F 300 -14.22 0.69 24.36
C LYS F 300 -14.39 1.95 23.52
N TYR F 301 -13.49 2.15 22.58
CA TYR F 301 -13.53 3.28 21.65
C TYR F 301 -14.40 2.87 20.46
N GLN F 302 -15.64 3.36 20.44
CA GLN F 302 -16.53 3.08 19.33
C GLN F 302 -16.32 4.08 18.21
N GLY F 303 -15.07 4.24 17.78
CA GLY F 303 -14.75 5.24 16.78
C GLY F 303 -14.04 4.69 15.56
N LEU F 304 -13.34 5.56 14.85
CA LEU F 304 -12.70 5.23 13.59
C LEU F 304 -11.18 5.30 13.63
N GLY F 305 -10.62 6.21 14.42
CA GLY F 305 -9.20 6.41 14.50
C GLY F 305 -8.54 5.55 15.56
N ARG F 306 -7.41 6.04 16.07
CA ARG F 306 -6.61 5.34 17.05
C ARG F 306 -6.58 6.09 18.38
N LEU F 307 -7.74 6.62 18.78
CA LEU F 307 -7.86 7.32 20.05
C LEU F 307 -8.38 6.38 21.13
N THR F 308 -7.92 6.61 22.35
CA THR F 308 -8.31 5.78 23.49
C THR F 308 -8.85 6.66 24.60
N PHE F 309 -9.62 6.04 25.50
CA PHE F 309 -10.19 6.78 26.61
C PHE F 309 -9.10 7.39 27.49
N SER F 310 -8.04 6.62 27.77
CA SER F 310 -6.95 7.14 28.59
C SER F 310 -6.25 8.29 27.88
N GLY F 311 -6.11 8.21 26.56
CA GLY F 311 -5.50 9.30 25.82
C GLY F 311 -6.29 10.59 25.95
N LEU F 312 -7.61 10.51 25.77
CA LEU F 312 -8.45 11.70 25.93
C LEU F 312 -8.39 12.22 27.36
N LEU F 313 -8.44 11.32 28.35
CA LEU F 313 -8.39 11.75 29.74
C LEU F 313 -7.10 12.48 30.04
N ASN F 314 -5.97 11.96 29.55
CA ASN F 314 -4.69 12.60 29.83
C ASN F 314 -4.52 13.88 29.03
N ALA F 315 -5.13 13.98 27.85
CA ALA F 315 -5.05 15.21 27.07
C ALA F 315 -5.86 16.32 27.73
N LEU F 316 -7.07 16.00 28.20
CA LEU F 316 -7.91 17.02 28.81
C LEU F 316 -7.30 17.55 30.10
N ASP F 317 -6.81 16.65 30.95
CA ASP F 317 -6.14 17.05 32.19
C ASP F 317 -5.15 15.96 32.56
N GLY F 318 -3.88 16.17 32.21
CA GLY F 318 -2.85 15.22 32.51
C GLY F 318 -1.57 15.89 32.97
N VAL F 319 -0.43 15.32 32.60
CA VAL F 319 0.85 15.91 32.98
C VAL F 319 1.34 16.89 31.93
N ALA F 320 1.13 16.58 30.65
CA ALA F 320 1.61 17.43 29.57
C ALA F 320 0.56 18.41 29.07
N SER F 321 -0.62 18.45 29.70
CA SER F 321 -1.67 19.34 29.25
C SER F 321 -1.22 20.80 29.33
N THR F 322 -1.53 21.57 28.30
CA THR F 322 -1.06 22.94 28.19
C THR F 322 -2.00 23.89 28.93
N GLU F 323 -1.42 24.92 29.53
CA GLU F 323 -2.18 25.91 30.28
C GLU F 323 -2.85 26.91 29.34
N ALA F 324 -3.66 27.79 29.92
CA ALA F 324 -4.39 28.82 29.18
C ALA F 324 -5.25 28.19 28.07
N ARG F 325 -6.21 27.38 28.51
CA ARG F 325 -7.02 26.60 27.57
C ARG F 325 -8.43 26.46 28.12
N ILE F 326 -9.41 26.73 27.27
CA ILE F 326 -10.83 26.56 27.61
C ILE F 326 -11.42 25.50 26.69
N VAL F 327 -12.02 24.48 27.28
CA VAL F 327 -12.59 23.36 26.53
C VAL F 327 -14.09 23.31 26.82
N PHE F 328 -14.89 23.36 25.77
CA PHE F 328 -16.34 23.22 25.85
C PHE F 328 -16.73 21.88 25.27
N MET F 329 -17.52 21.10 26.01
CA MET F 329 -18.07 19.88 25.47
C MET F 329 -19.58 19.85 25.71
N THR F 330 -20.31 19.26 24.76
CA THR F 330 -21.75 19.12 24.86
C THR F 330 -22.14 17.65 24.69
N THR F 331 -23.29 17.30 25.24
CA THR F 331 -23.85 15.97 25.06
C THR F 331 -25.35 16.04 25.33
N ASN F 332 -26.06 15.05 24.80
CA ASN F 332 -27.48 14.91 25.07
C ASN F 332 -27.79 13.86 26.13
N TYR F 333 -26.87 12.94 26.39
CA TYR F 333 -27.05 11.87 27.36
C TYR F 333 -25.88 11.95 28.33
N ILE F 334 -26.06 12.73 29.41
CA ILE F 334 -24.99 12.86 30.40
C ILE F 334 -24.75 11.54 31.12
N ASP F 335 -25.77 10.69 31.20
CA ASP F 335 -25.61 9.41 31.88
C ASP F 335 -24.65 8.49 31.14
N ARG F 336 -24.35 8.77 29.88
CA ARG F 336 -23.40 7.98 29.11
C ARG F 336 -21.96 8.44 29.27
N LEU F 337 -21.71 9.46 30.09
CA LEU F 337 -20.36 9.95 30.28
C LEU F 337 -19.75 9.32 31.52
N ASP F 338 -18.54 8.77 31.35
CA ASP F 338 -17.85 8.17 32.48
C ASP F 338 -17.53 9.25 33.52
N PRO F 339 -17.70 8.96 34.80
CA PRO F 339 -17.45 9.99 35.83
C PRO F 339 -16.01 10.48 35.85
N ALA F 340 -15.07 9.70 35.34
CA ALA F 340 -13.70 10.18 35.26
C ALA F 340 -13.53 11.24 34.19
N LEU F 341 -14.34 11.18 33.13
CA LEU F 341 -14.24 12.18 32.08
C LEU F 341 -14.74 13.54 32.54
N ILE F 342 -15.79 13.57 33.35
CA ILE F 342 -16.33 14.81 33.87
C ILE F 342 -16.10 14.87 35.37
N ARG F 343 -14.98 15.45 35.77
CA ARG F 343 -14.62 15.56 37.19
C ARG F 343 -14.08 16.96 37.44
N PRO F 344 -14.10 17.41 38.69
CA PRO F 344 -13.72 18.80 38.97
C PRO F 344 -12.23 19.06 38.77
N GLY F 345 -11.85 19.36 37.54
CA GLY F 345 -10.45 19.50 37.17
C GLY F 345 -10.25 19.09 35.73
N ARG F 346 -11.21 18.32 35.22
CA ARG F 346 -11.40 18.13 33.79
C ARG F 346 -12.60 18.90 33.28
N VAL F 347 -13.63 19.06 34.12
CA VAL F 347 -14.82 19.84 33.80
C VAL F 347 -15.16 20.63 35.06
N ASP F 348 -14.91 21.94 35.01
CA ASP F 348 -15.10 22.78 36.18
C ASP F 348 -16.50 23.37 36.29
N LEU F 349 -17.38 23.12 35.32
CA LEU F 349 -18.75 23.61 35.41
C LEU F 349 -19.63 22.75 34.53
N LYS F 350 -20.67 22.17 35.13
CA LYS F 350 -21.68 21.41 34.41
C LYS F 350 -23.01 22.13 34.53
N GLU F 351 -23.65 22.41 33.39
CA GLU F 351 -24.90 23.14 33.38
C GLU F 351 -25.91 22.40 32.52
N TYR F 352 -27.18 22.47 32.93
CA TYR F 352 -28.27 21.79 32.25
C TYR F 352 -29.03 22.79 31.39
N VAL F 353 -29.08 22.51 30.09
CA VAL F 353 -29.85 23.32 29.15
C VAL F 353 -31.07 22.50 28.77
N GLY F 354 -32.21 22.79 29.41
CA GLY F 354 -33.39 21.98 29.28
C GLY F 354 -34.47 22.64 28.44
N TYR F 355 -35.70 22.16 28.63
CA TYR F 355 -36.82 22.64 27.83
C TYR F 355 -37.22 24.05 28.27
N CYS F 356 -38.20 24.59 27.57
CA CYS F 356 -38.63 25.97 27.82
C CYS F 356 -39.36 26.07 29.15
N SER F 357 -39.31 27.28 29.71
CA SER F 357 -40.06 27.64 30.90
C SER F 357 -40.93 28.85 30.58
N HIS F 358 -41.74 29.27 31.55
CA HIS F 358 -42.63 30.41 31.33
C HIS F 358 -41.85 31.66 30.97
N TRP F 359 -40.81 31.97 31.75
CA TRP F 359 -39.99 33.14 31.46
C TRP F 359 -39.28 33.00 30.13
N GLN F 360 -38.77 31.80 29.84
CA GLN F 360 -38.08 31.58 28.57
C GLN F 360 -39.01 31.79 27.39
N LEU F 361 -40.24 31.26 27.46
CA LEU F 361 -41.20 31.47 26.39
C LEU F 361 -41.56 32.94 26.26
N THR F 362 -41.73 33.64 27.38
CA THR F 362 -42.04 35.07 27.32
C THR F 362 -40.94 35.84 26.61
N GLN F 363 -39.69 35.57 26.98
CA GLN F 363 -38.58 36.28 26.36
C GLN F 363 -38.46 35.94 24.88
N MET F 364 -38.68 34.67 24.53
CA MET F 364 -38.61 34.28 23.12
C MET F 364 -39.69 35.01 22.31
N PHE F 365 -40.91 35.08 22.85
CA PHE F 365 -41.97 35.79 22.15
C PHE F 365 -41.64 37.27 22.01
N GLN F 366 -41.12 37.89 23.08
CA GLN F 366 -40.79 39.31 22.99
C GLN F 366 -39.67 39.56 21.99
N ARG F 367 -38.73 38.63 21.85
CA ARG F 367 -37.65 38.82 20.90
C ARG F 367 -38.11 38.57 19.46
N PHE F 368 -39.02 37.64 19.25
CA PHE F 368 -39.46 37.35 17.89
C PHE F 368 -40.45 38.38 17.36
N TYR F 369 -41.27 38.98 18.23
CA TYR F 369 -42.24 39.99 17.83
C TYR F 369 -42.00 41.24 18.68
N PRO F 370 -40.99 42.03 18.35
CA PRO F 370 -40.68 43.23 19.14
C PRO F 370 -41.73 44.31 18.91
N GLY F 371 -42.28 44.83 20.00
CA GLY F 371 -43.23 45.91 19.90
C GLY F 371 -44.57 45.61 20.53
N GLN F 372 -44.92 44.32 20.60
CA GLN F 372 -46.21 43.93 21.17
C GLN F 372 -46.23 44.18 22.67
N ALA F 373 -47.44 44.30 23.21
CA ALA F 373 -47.60 44.51 24.63
C ALA F 373 -47.12 43.29 25.41
N PRO F 374 -46.56 43.49 26.61
CA PRO F 374 -46.05 42.35 27.39
C PRO F 374 -47.13 41.36 27.79
N SER F 375 -48.41 41.74 27.78
CA SER F 375 -49.47 40.81 28.13
C SER F 375 -49.62 39.70 27.10
N LEU F 376 -49.38 40.01 25.82
CA LEU F 376 -49.46 38.99 24.78
C LEU F 376 -48.43 37.90 25.00
N ALA F 377 -47.21 38.28 25.39
CA ALA F 377 -46.18 37.28 25.64
C ALA F 377 -46.56 36.36 26.80
N GLU F 378 -47.11 36.93 27.87
CA GLU F 378 -47.54 36.11 29.00
C GLU F 378 -48.67 35.18 28.58
N ASN F 379 -49.62 35.68 27.81
CA ASN F 379 -50.72 34.85 27.34
C ASN F 379 -50.20 33.70 26.49
N PHE F 380 -49.26 33.99 25.57
CA PHE F 380 -48.69 32.97 24.72
C PHE F 380 -47.97 31.90 25.54
N ALA F 381 -47.16 32.34 26.51
CA ALA F 381 -46.42 31.39 27.34
C ALA F 381 -47.37 30.51 28.13
N GLU F 382 -48.41 31.09 28.73
CA GLU F 382 -49.35 30.31 29.51
C GLU F 382 -50.08 29.31 28.63
N HIS F 383 -50.51 29.73 27.44
CA HIS F 383 -51.23 28.82 26.55
C HIS F 383 -50.32 27.69 26.08
N VAL F 384 -49.07 27.99 25.76
CA VAL F 384 -48.14 26.95 25.32
C VAL F 384 -47.90 25.95 26.44
N LEU F 385 -47.68 26.43 27.66
CA LEU F 385 -47.45 25.53 28.77
C LEU F 385 -48.68 24.69 29.09
N LYS F 386 -49.87 25.25 28.87
CA LYS F 386 -51.09 24.48 29.08
C LYS F 386 -51.25 23.41 28.01
N ALA F 387 -50.93 23.73 26.75
CA ALA F 387 -51.13 22.79 25.66
C ALA F 387 -50.13 21.64 25.72
N THR F 388 -48.85 21.96 25.64
CA THR F 388 -47.79 20.96 25.70
C THR F 388 -47.02 21.09 27.01
N SER F 389 -46.40 19.98 27.43
CA SER F 389 -45.70 19.94 28.70
C SER F 389 -44.19 20.06 28.56
N GLU F 390 -43.63 19.64 27.43
CA GLU F 390 -42.19 19.70 27.19
C GLU F 390 -41.97 20.27 25.80
N ILE F 391 -41.71 21.57 25.73
CA ILE F 391 -41.53 22.28 24.47
C ILE F 391 -40.09 22.80 24.41
N SER F 392 -39.38 22.45 23.38
CA SER F 392 -38.02 22.92 23.27
C SER F 392 -37.99 24.27 22.55
N PRO F 393 -36.97 25.10 22.82
CA PRO F 393 -36.90 26.39 22.14
C PRO F 393 -36.82 26.30 20.64
N ALA F 394 -36.26 25.21 20.10
CA ALA F 394 -36.24 25.03 18.65
C ALA F 394 -37.64 24.89 18.07
N GLN F 395 -38.51 24.16 18.75
CA GLN F 395 -39.89 24.05 18.29
C GLN F 395 -40.60 25.39 18.34
N VAL F 396 -40.35 26.19 19.38
CA VAL F 396 -40.94 27.52 19.45
C VAL F 396 -40.42 28.38 18.31
N GLN F 397 -39.14 28.28 18.00
CA GLN F 397 -38.59 29.06 16.89
C GLN F 397 -39.23 28.64 15.58
N GLY F 398 -39.43 27.34 15.36
CA GLY F 398 -40.12 26.91 14.15
C GLY F 398 -41.55 27.40 14.08
N TYR F 399 -42.25 27.33 15.22
CA TYR F 399 -43.63 27.81 15.26
C TYR F 399 -43.70 29.29 14.91
N PHE F 400 -42.78 30.09 15.44
CA PHE F 400 -42.72 31.50 15.05
C PHE F 400 -42.34 31.65 13.59
N MET F 401 -41.48 30.76 13.08
CA MET F 401 -41.11 30.78 11.67
C MET F 401 -42.33 30.62 10.79
N LEU F 402 -43.30 29.84 11.24
CA LEU F 402 -44.55 29.70 10.49
C LEU F 402 -45.29 31.03 10.40
N TYR F 403 -45.48 31.71 11.53
CA TYR F 403 -46.26 32.94 11.58
C TYR F 403 -45.31 34.14 11.64
N LYS F 404 -44.75 34.49 10.49
CA LYS F 404 -43.87 35.64 10.40
C LYS F 404 -44.68 36.92 10.36
N ASN F 405 -44.29 37.90 11.19
CA ASN F 405 -44.93 39.22 11.23
C ASN F 405 -46.43 39.10 11.48
N ASP F 406 -46.82 38.14 12.32
CA ASP F 406 -48.23 37.93 12.65
C ASP F 406 -48.32 37.47 14.10
N PRO F 407 -48.12 38.38 15.06
CA PRO F 407 -48.20 37.97 16.48
C PRO F 407 -49.54 37.38 16.85
N MET F 408 -50.63 37.93 16.33
CA MET F 408 -51.96 37.44 16.72
C MET F 408 -52.18 36.02 16.25
N GLY F 409 -51.67 35.68 15.06
CA GLY F 409 -51.74 34.29 14.60
C GLY F 409 -51.00 33.35 15.53
N ALA F 410 -49.82 33.77 15.99
CA ALA F 410 -49.06 32.94 16.93
C ALA F 410 -49.83 32.75 18.23
N VAL F 411 -50.38 33.82 18.78
CA VAL F 411 -51.17 33.73 20.00
C VAL F 411 -52.47 32.98 19.80
N HIS F 412 -52.94 32.85 18.57
CA HIS F 412 -54.18 32.15 18.30
C HIS F 412 -53.98 30.64 18.14
N ASN F 413 -53.01 30.25 17.33
CA ASN F 413 -52.85 28.84 16.95
C ASN F 413 -51.84 28.13 17.85
N ILE F 414 -52.10 28.16 19.15
CA ILE F 414 -51.30 27.37 20.08
C ILE F 414 -51.58 25.88 19.89
N GLU F 415 -52.83 25.52 19.64
CA GLU F 415 -53.24 24.12 19.62
C GLU F 415 -52.48 23.29 18.60
N SER F 416 -51.92 23.93 17.56
CA SER F 416 -51.12 23.19 16.59
C SER F 416 -49.84 22.63 17.19
N LEU F 417 -49.44 23.13 18.36
CA LEU F 417 -48.24 22.65 19.03
C LEU F 417 -48.50 21.42 19.90
N ARG F 418 -49.74 21.00 20.03
CA ARG F 418 -50.06 19.85 20.87
C ARG F 418 -49.42 18.60 20.28
N PRO F 419 -48.75 17.77 21.09
CA PRO F 419 -48.12 16.54 20.61
C PRO F 419 -49.14 15.51 20.12
N MET G 1 57.23 36.92 -5.75
CA MET G 1 57.56 36.34 -7.04
C MET G 1 56.32 36.07 -7.93
N PRO G 2 55.21 35.58 -7.37
CA PRO G 2 54.04 35.32 -8.24
C PRO G 2 53.57 36.53 -9.02
N PHE G 3 53.72 37.74 -8.46
CA PHE G 3 53.29 38.94 -9.18
C PHE G 3 54.26 39.29 -10.30
N SER G 4 55.53 39.49 -9.96
CA SER G 4 56.50 39.97 -10.95
C SER G 4 56.87 38.88 -11.95
N ASP G 5 57.14 37.66 -11.48
CA ASP G 5 57.61 36.61 -12.38
C ASP G 5 56.55 36.22 -13.40
N PHE G 6 55.29 36.11 -12.98
CA PHE G 6 54.23 35.75 -13.91
C PHE G 6 54.04 36.84 -14.97
N VAL G 7 54.08 38.11 -14.55
CA VAL G 7 53.87 39.19 -15.50
C VAL G 7 54.90 39.13 -16.63
N LEU G 8 56.16 38.90 -16.28
CA LEU G 8 57.17 38.66 -17.31
C LEU G 8 56.88 37.35 -18.05
N ALA G 9 56.48 36.30 -17.33
CA ALA G 9 56.21 35.02 -17.97
C ALA G 9 55.02 35.12 -18.92
N LEU G 10 53.95 35.81 -18.50
CA LEU G 10 52.83 36.02 -19.40
C LEU G 10 53.23 36.87 -20.60
N LYS G 11 53.96 37.96 -20.36
CA LYS G 11 54.36 38.83 -21.47
C LYS G 11 55.29 38.13 -22.44
N ASP G 12 55.98 37.07 -21.98
CA ASP G 12 56.88 36.34 -22.87
C ASP G 12 56.11 35.66 -24.01
N ASN G 13 54.97 35.06 -23.70
CA ASN G 13 54.21 34.32 -24.69
C ASN G 13 53.25 35.25 -25.42
N PRO G 14 53.38 35.41 -26.75
CA PRO G 14 52.34 36.15 -27.49
C PRO G 14 50.98 35.49 -27.44
N TYR G 15 50.94 34.16 -27.22
CA TYR G 15 49.67 33.47 -27.08
C TYR G 15 48.92 33.93 -25.83
N PHE G 16 49.65 34.46 -24.84
CA PHE G 16 49.02 35.05 -23.66
C PHE G 16 48.15 36.24 -24.04
N GLY G 17 48.62 37.09 -24.96
CA GLY G 17 47.81 38.22 -25.39
C GLY G 17 46.48 37.78 -25.99
N ALA G 18 46.51 36.75 -26.84
CA ALA G 18 45.27 36.20 -27.37
C ALA G 18 44.43 35.55 -26.27
N GLY G 19 45.09 34.94 -25.28
CA GLY G 19 44.34 34.34 -24.19
C GLY G 19 43.58 35.36 -23.36
N PHE G 20 44.23 36.46 -23.00
CA PHE G 20 43.53 37.52 -22.29
C PHE G 20 42.56 38.26 -23.21
N GLY G 21 42.79 38.22 -24.51
CA GLY G 21 41.74 38.60 -25.44
C GLY G 21 40.55 37.67 -25.35
N LEU G 22 40.81 36.36 -25.17
CA LEU G 22 39.74 35.41 -24.94
C LEU G 22 39.16 35.53 -23.54
N VAL G 23 39.97 35.98 -22.58
CA VAL G 23 39.46 36.19 -21.22
C VAL G 23 38.39 37.26 -21.22
N GLY G 24 38.63 38.36 -21.94
CA GLY G 24 37.60 39.37 -22.10
C GLY G 24 36.37 38.84 -22.80
N VAL G 25 36.57 37.92 -23.75
CA VAL G 25 35.43 37.29 -24.44
C VAL G 25 34.57 36.52 -23.44
N GLY G 26 35.21 35.75 -22.56
CA GLY G 26 34.47 35.00 -21.57
C GLY G 26 33.74 35.90 -20.58
N THR G 27 34.41 36.97 -20.14
CA THR G 27 33.77 37.92 -19.23
C THR G 27 32.59 38.60 -19.90
N ALA G 28 32.74 39.00 -21.16
CA ALA G 28 31.64 39.61 -21.90
C ALA G 28 30.52 38.60 -22.12
N LEU G 29 30.87 37.35 -22.40
CA LEU G 29 29.85 36.31 -22.60
C LEU G 29 29.03 36.11 -21.33
N ALA G 30 29.70 36.05 -20.17
CA ALA G 30 28.99 35.89 -18.92
C ALA G 30 28.12 37.10 -18.62
N MET G 31 28.63 38.30 -18.92
CA MET G 31 27.82 39.50 -18.74
C MET G 31 26.61 39.49 -19.66
N ALA G 32 26.80 39.02 -20.90
CA ALA G 32 25.69 38.97 -21.85
C ALA G 32 24.56 38.08 -21.35
N ARG G 33 24.91 36.92 -20.79
CA ARG G 33 23.89 36.03 -20.23
C ARG G 33 23.18 36.70 -19.06
N LYS G 34 23.95 37.37 -18.18
CA LYS G 34 23.34 38.08 -17.06
C LYS G 34 22.44 39.20 -17.54
N GLY G 35 22.86 39.92 -18.58
CA GLY G 35 22.02 40.97 -19.13
C GLY G 35 20.70 40.46 -19.64
N ALA G 36 20.70 39.25 -20.22
CA ALA G 36 19.48 38.66 -20.72
C ALA G 36 18.48 38.39 -19.59
N GLN G 37 18.93 37.75 -18.52
CA GLN G 37 18.02 37.39 -17.44
C GLN G 37 17.41 38.62 -16.78
N LEU G 38 18.24 39.63 -16.49
CA LEU G 38 17.72 40.83 -15.84
C LEU G 38 16.74 41.56 -16.76
N GLY G 39 17.04 41.61 -18.07
CA GLY G 39 16.12 42.24 -18.99
C GLY G 39 14.79 41.53 -19.06
N LEU G 40 14.82 40.19 -19.15
CA LEU G 40 13.58 39.41 -19.16
C LEU G 40 12.79 39.65 -17.88
N VAL G 41 13.46 39.60 -16.73
CA VAL G 41 12.76 39.76 -15.45
C VAL G 41 12.13 41.13 -15.36
N ALA G 42 12.87 42.17 -15.73
CA ALA G 42 12.33 43.53 -15.68
C ALA G 42 11.15 43.69 -16.62
N PHE G 43 11.25 43.14 -17.82
CA PHE G 43 10.15 43.25 -18.78
C PHE G 43 8.90 42.55 -18.27
N ARG G 44 9.07 41.35 -17.72
CA ARG G 44 7.93 40.62 -17.17
C ARG G 44 7.32 41.39 -15.99
N ARG G 45 8.17 41.95 -15.14
CA ARG G 45 7.66 42.63 -13.95
C ARG G 45 6.95 43.92 -14.29
N HIS G 46 7.36 44.60 -15.37
CA HIS G 46 6.85 45.95 -15.63
C HIS G 46 5.84 46.05 -16.75
N TYR G 47 5.84 45.14 -17.73
CA TYR G 47 5.01 45.31 -18.91
C TYR G 47 4.20 44.09 -19.29
N MET G 48 4.13 43.06 -18.44
CA MET G 48 3.31 41.89 -18.75
C MET G 48 2.46 41.51 -17.55
N ILE G 49 1.31 40.90 -17.84
CA ILE G 49 0.38 40.44 -16.84
C ILE G 49 0.21 38.93 -16.99
N THR G 50 0.17 38.23 -15.86
CA THR G 50 0.06 36.78 -15.87
C THR G 50 -0.98 36.35 -14.84
N LEU G 51 -1.85 35.42 -15.23
CA LEU G 51 -2.89 34.90 -14.35
C LEU G 51 -2.88 33.38 -14.44
N GLU G 52 -2.31 32.72 -13.44
CA GLU G 52 -2.31 31.27 -13.39
C GLU G 52 -3.57 30.78 -12.68
N VAL G 53 -4.15 29.70 -13.19
CA VAL G 53 -5.31 29.07 -12.59
C VAL G 53 -5.00 27.61 -12.32
N PRO G 54 -5.04 27.16 -11.07
CA PRO G 54 -4.81 25.75 -10.76
C PRO G 54 -6.05 24.93 -11.12
N ALA G 55 -5.95 23.63 -10.91
CA ALA G 55 -7.09 22.73 -11.10
C ALA G 55 -7.89 22.51 -9.83
N ARG G 56 -7.52 23.16 -8.74
CA ARG G 56 -8.19 23.01 -7.46
C ARG G 56 -9.34 23.99 -7.25
N ASP G 57 -9.65 24.80 -8.26
CA ASP G 57 -10.67 25.83 -8.13
C ASP G 57 -11.77 25.62 -9.15
N ARG G 58 -13.01 25.96 -8.76
CA ARG G 58 -14.11 26.02 -9.70
C ARG G 58 -13.85 27.05 -10.79
N SER G 59 -13.03 28.05 -10.51
CA SER G 59 -12.59 28.99 -11.53
C SER G 59 -11.94 28.24 -12.68
N TYR G 60 -11.22 27.16 -12.38
CA TYR G 60 -10.64 26.35 -13.45
C TYR G 60 -11.71 25.78 -14.36
N ALA G 61 -12.79 25.25 -13.77
CA ALA G 61 -13.86 24.69 -14.59
C ALA G 61 -14.51 25.77 -15.46
N TRP G 62 -14.85 26.90 -14.85
CA TRP G 62 -15.50 27.96 -15.63
C TRP G 62 -14.59 28.48 -16.72
N LEU G 63 -13.30 28.67 -16.41
CA LEU G 63 -12.37 29.21 -17.40
C LEU G 63 -12.11 28.20 -18.51
N LEU G 64 -12.05 26.91 -18.18
CA LEU G 64 -11.90 25.89 -19.21
C LEU G 64 -13.11 25.88 -20.14
N SER G 65 -14.31 25.99 -19.57
CA SER G 65 -15.51 26.06 -20.40
C SER G 65 -15.48 27.29 -21.31
N TRP G 66 -15.08 28.44 -20.75
CA TRP G 66 -15.02 29.65 -21.57
C TRP G 66 -13.95 29.55 -22.64
N LEU G 67 -12.84 28.86 -22.36
CA LEU G 67 -11.82 28.65 -23.39
C LEU G 67 -12.34 27.74 -24.49
N THR G 68 -13.12 26.71 -24.12
CA THR G 68 -13.73 25.87 -25.13
C THR G 68 -14.66 26.67 -26.02
N ARG G 69 -15.48 27.54 -25.42
CA ARG G 69 -16.42 28.32 -26.22
C ARG G 69 -15.69 29.35 -27.07
N HIS G 70 -15.03 30.31 -26.42
CA HIS G 70 -14.34 31.39 -27.12
C HIS G 70 -12.90 30.96 -27.37
N SER G 71 -12.66 30.39 -28.55
CA SER G 71 -11.33 30.03 -28.99
C SER G 71 -11.04 30.50 -30.41
N THR G 72 -11.91 31.35 -30.95
CA THR G 72 -11.83 31.83 -32.34
C THR G 72 -11.77 30.60 -33.24
N ARG G 73 -10.87 30.54 -34.23
CA ARG G 73 -10.73 29.41 -35.12
C ARG G 73 -9.50 28.57 -34.77
N THR G 74 -9.25 28.38 -33.48
CA THR G 74 -8.08 27.64 -33.02
C THR G 74 -8.03 26.25 -33.65
N GLN G 75 -6.85 25.87 -34.13
CA GLN G 75 -6.66 24.62 -34.86
C GLN G 75 -5.70 23.68 -34.12
N HIS G 76 -5.71 23.75 -32.80
CA HIS G 76 -4.91 22.87 -31.95
C HIS G 76 -5.80 22.25 -30.88
N LEU G 77 -6.92 21.69 -31.31
CA LEU G 77 -7.97 21.25 -30.42
C LEU G 77 -7.77 19.80 -29.99
N SER G 78 -8.56 19.37 -29.01
CA SER G 78 -8.65 17.98 -28.61
C SER G 78 -10.12 17.59 -28.49
N VAL G 79 -10.40 16.32 -28.73
CA VAL G 79 -11.78 15.86 -28.79
C VAL G 79 -12.31 15.61 -27.38
N GLU G 80 -13.63 15.65 -27.25
CA GLU G 80 -14.30 15.30 -26.00
C GLU G 80 -15.70 14.81 -26.34
N THR G 81 -15.90 13.50 -26.26
CA THR G 81 -17.16 12.88 -26.62
C THR G 81 -18.13 12.94 -25.44
N SER G 82 -19.37 13.33 -25.72
CA SER G 82 -20.40 13.39 -24.70
C SER G 82 -21.74 13.07 -25.34
N TYR G 83 -22.67 12.59 -24.52
CA TYR G 83 -24.01 12.25 -24.98
C TYR G 83 -24.92 13.45 -24.76
N LEU G 84 -25.52 13.94 -25.83
CA LEU G 84 -26.39 15.11 -25.80
C LEU G 84 -27.83 14.66 -26.07
N GLN G 85 -28.72 14.95 -25.13
CA GLN G 85 -30.12 14.56 -25.26
C GLN G 85 -30.84 15.59 -26.13
N HIS G 86 -31.32 15.15 -27.28
CA HIS G 86 -32.06 16.03 -28.16
C HIS G 86 -33.45 16.31 -27.58
N GLU G 87 -34.07 17.38 -28.09
CA GLU G 87 -35.42 17.72 -27.66
C GLU G 87 -36.45 16.70 -28.14
N SER G 88 -36.09 15.88 -29.14
CA SER G 88 -37.00 14.85 -29.63
C SER G 88 -37.19 13.73 -28.63
N GLY G 89 -36.33 13.63 -27.62
CA GLY G 89 -36.42 12.59 -26.61
C GLY G 89 -35.31 11.57 -26.67
N ARG G 90 -34.52 11.53 -27.73
CA ARG G 90 -33.43 10.58 -27.87
C ARG G 90 -32.10 11.27 -27.60
N ILE G 91 -31.05 10.46 -27.51
CA ILE G 91 -29.71 10.93 -27.20
C ILE G 91 -28.77 10.53 -28.34
N SER G 92 -27.92 11.46 -28.74
CA SER G 92 -26.94 11.23 -29.79
C SER G 92 -25.58 11.71 -29.32
N THR G 93 -24.54 11.14 -29.92
CA THR G 93 -23.17 11.50 -29.56
C THR G 93 -22.86 12.93 -29.99
N LYS G 94 -22.23 13.69 -29.10
CA LYS G 94 -21.85 15.06 -29.37
C LYS G 94 -20.34 15.15 -29.41
N PHE G 95 -19.80 15.62 -30.53
CA PHE G 95 -18.36 15.77 -30.71
C PHE G 95 -17.99 17.20 -30.34
N GLU G 96 -17.38 17.36 -29.15
CA GLU G 96 -16.98 18.67 -28.66
C GLU G 96 -15.47 18.77 -28.66
N PHE G 97 -14.96 19.91 -29.11
CA PHE G 97 -13.54 20.14 -29.26
C PHE G 97 -13.06 21.14 -28.21
N ILE G 98 -12.06 20.73 -27.43
CA ILE G 98 -11.43 21.58 -26.43
C ILE G 98 -10.01 21.86 -26.91
N PRO G 99 -9.52 23.09 -26.80
CA PRO G 99 -8.14 23.38 -27.22
C PRO G 99 -7.14 22.48 -26.52
N SER G 100 -6.38 21.73 -27.32
CA SER G 100 -5.38 20.81 -26.79
C SER G 100 -4.24 21.59 -26.15
N PRO G 101 -3.47 20.95 -25.28
CA PRO G 101 -2.37 21.65 -24.60
C PRO G 101 -1.42 22.30 -25.61
N GLY G 102 -1.01 23.52 -25.29
CA GLY G 102 -0.18 24.29 -26.18
C GLY G 102 -0.39 25.77 -25.93
N ASN G 103 0.17 26.58 -26.83
CA ASN G 103 0.07 28.03 -26.74
C ASN G 103 -0.93 28.52 -27.79
N HIS G 104 -2.03 29.10 -27.31
CA HIS G 104 -3.06 29.66 -28.18
C HIS G 104 -3.16 31.17 -27.99
N PHE G 105 -3.55 31.86 -29.05
CA PHE G 105 -3.59 33.32 -29.08
C PHE G 105 -5.00 33.77 -29.41
N ILE G 106 -5.50 34.73 -28.63
CA ILE G 106 -6.83 35.30 -28.82
C ILE G 106 -6.67 36.81 -28.97
N TRP G 107 -7.75 37.48 -29.35
CA TRP G 107 -7.77 38.92 -29.54
C TRP G 107 -8.87 39.56 -28.71
N TYR G 108 -8.94 39.20 -27.43
CA TYR G 108 -9.97 39.74 -26.56
C TYR G 108 -9.70 41.21 -26.23
N GLN G 109 -10.69 42.05 -26.47
CA GLN G 109 -10.67 43.47 -26.08
C GLN G 109 -9.44 44.18 -26.62
N GLY G 110 -9.08 43.88 -27.86
CA GLY G 110 -8.01 44.60 -28.53
C GLY G 110 -6.61 44.22 -28.09
N LYS G 111 -6.46 43.22 -27.23
CA LYS G 111 -5.16 42.73 -26.81
C LYS G 111 -4.88 41.39 -27.48
N TRP G 112 -3.71 40.83 -27.19
CA TRP G 112 -3.32 39.53 -27.73
C TRP G 112 -2.94 38.63 -26.56
N ILE G 113 -3.94 37.98 -25.98
CA ILE G 113 -3.73 37.12 -24.83
C ILE G 113 -3.06 35.83 -25.28
N ARG G 114 -2.21 35.27 -24.40
CA ARG G 114 -1.38 34.14 -24.76
C ARG G 114 -1.66 32.90 -23.91
N VAL G 115 -2.94 32.52 -23.80
CA VAL G 115 -3.32 31.39 -22.96
C VAL G 115 -2.46 30.18 -23.29
N GLU G 116 -2.20 29.36 -22.27
CA GLU G 116 -1.40 28.16 -22.41
C GLU G 116 -2.01 27.06 -21.55
N ARG G 117 -2.43 25.97 -22.19
CA ARG G 117 -3.01 24.84 -21.47
C ARG G 117 -1.88 24.00 -20.91
N ASN G 118 -1.58 24.21 -19.63
CA ASN G 118 -0.54 23.42 -18.97
C ASN G 118 -0.98 21.96 -18.89
N ARG G 119 -0.03 21.07 -19.07
CA ARG G 119 -0.29 19.64 -19.14
C ARG G 119 -0.10 19.03 -17.74
N ASP G 120 -0.06 17.71 -17.69
CA ASP G 120 0.17 16.99 -16.45
C ASP G 120 1.66 16.74 -16.24
N MET G 121 2.15 17.06 -15.04
CA MET G 121 3.56 16.87 -14.70
C MET G 121 3.82 15.56 -13.98
N GLN G 122 3.16 15.34 -12.84
CA GLN G 122 3.49 14.18 -12.01
C GLN G 122 2.26 13.43 -11.51
N MET G 123 1.06 13.76 -11.99
CA MET G 123 -0.16 13.05 -11.63
C MET G 123 -0.44 13.10 -10.13
N VAL G 124 -0.32 14.30 -9.56
CA VAL G 124 -0.60 14.53 -8.15
C VAL G 124 -1.51 15.75 -8.03
N ASP G 125 -2.65 15.57 -7.39
CA ASP G 125 -3.58 16.65 -7.08
C ASP G 125 -4.66 16.08 -6.15
N LEU G 126 -5.57 16.95 -5.73
CA LEU G 126 -6.68 16.56 -4.87
C LEU G 126 -7.97 17.15 -5.42
N GLN G 127 -9.09 16.53 -5.04
CA GLN G 127 -10.44 16.94 -5.43
C GLN G 127 -10.66 16.84 -6.95
N THR G 128 -9.83 16.07 -7.64
CA THR G 128 -9.96 15.88 -9.08
C THR G 128 -9.40 14.51 -9.43
N GLY G 129 -9.15 14.28 -10.72
CA GLY G 129 -8.48 13.10 -11.19
C GLY G 129 -6.98 13.14 -11.05
N THR G 130 -6.47 14.10 -10.29
CA THR G 130 -5.04 14.31 -10.08
C THR G 130 -4.22 14.41 -11.37
N PRO G 131 -4.59 15.31 -12.30
CA PRO G 131 -3.69 15.56 -13.43
C PRO G 131 -2.83 16.81 -13.25
N TRP G 132 -3.16 17.64 -12.26
CA TRP G 132 -2.56 18.96 -12.09
C TRP G 132 -2.41 19.69 -13.42
N GLU G 133 -3.56 19.96 -14.05
CA GLU G 133 -3.61 20.77 -15.26
C GLU G 133 -3.90 22.22 -14.87
N SER G 134 -3.40 23.14 -15.70
CA SER G 134 -3.52 24.56 -15.39
C SER G 134 -3.56 25.36 -16.68
N VAL G 135 -3.97 26.61 -16.56
CA VAL G 135 -3.95 27.56 -17.66
C VAL G 135 -3.25 28.83 -17.17
N THR G 136 -2.49 29.46 -18.04
CA THR G 136 -1.77 30.69 -17.71
C THR G 136 -2.11 31.75 -18.76
N PHE G 137 -2.80 32.80 -18.32
CA PHE G 137 -3.18 33.90 -19.20
C PHE G 137 -2.08 34.94 -19.17
N THR G 138 -1.35 35.07 -20.27
CA THR G 138 -0.27 36.04 -20.40
C THR G 138 -0.64 37.06 -21.46
N ALA G 139 -0.42 38.33 -21.17
CA ALA G 139 -0.73 39.40 -22.12
C ALA G 139 0.22 40.55 -21.89
N LEU G 140 0.37 41.38 -22.92
CA LEU G 140 1.22 42.56 -22.85
C LEU G 140 0.40 43.75 -22.39
N GLY G 141 0.87 44.41 -21.34
CA GLY G 141 0.18 45.57 -20.81
C GLY G 141 0.39 45.68 -19.32
N THR G 142 -0.24 46.70 -18.74
CA THR G 142 -0.16 46.95 -17.31
C THR G 142 -1.49 46.84 -16.58
N ASP G 143 -2.61 46.87 -17.29
CA ASP G 143 -3.91 46.79 -16.65
C ASP G 143 -4.25 45.35 -16.29
N ARG G 144 -4.86 45.18 -15.12
CA ARG G 144 -5.29 43.86 -14.65
C ARG G 144 -6.76 43.59 -14.92
N LYS G 145 -7.53 44.60 -15.30
CA LYS G 145 -8.97 44.43 -15.47
C LYS G 145 -9.33 43.48 -16.59
N VAL G 146 -8.42 43.21 -17.52
CA VAL G 146 -8.73 42.31 -18.62
C VAL G 146 -8.99 40.90 -18.10
N PHE G 147 -8.15 40.43 -17.20
CA PHE G 147 -8.31 39.08 -16.67
C PHE G 147 -9.54 38.98 -15.77
N PHE G 148 -9.84 40.03 -15.02
CA PHE G 148 -11.05 40.05 -14.22
C PHE G 148 -12.28 40.00 -15.12
N ASN G 149 -12.26 40.75 -16.22
CA ASN G 149 -13.36 40.69 -17.18
C ASN G 149 -13.49 39.30 -17.77
N ILE G 150 -12.36 38.65 -18.08
CA ILE G 150 -12.40 37.30 -18.63
C ILE G 150 -13.05 36.34 -17.63
N LEU G 151 -12.66 36.45 -16.35
CA LEU G 151 -13.21 35.56 -15.34
C LEU G 151 -14.71 35.80 -15.15
N GLU G 152 -15.13 37.06 -15.12
CA GLU G 152 -16.54 37.38 -14.95
C GLU G 152 -17.35 36.87 -16.14
N GLU G 153 -16.83 37.05 -17.36
CA GLU G 153 -17.52 36.55 -18.53
C GLU G 153 -17.57 35.03 -18.54
N ALA G 154 -16.52 34.37 -18.05
CA ALA G 154 -16.55 32.91 -17.93
C ALA G 154 -17.65 32.47 -16.96
N ARG G 155 -17.76 33.16 -15.82
CA ARG G 155 -18.82 32.83 -14.88
C ARG G 155 -20.20 33.05 -15.50
N ALA G 156 -20.37 34.16 -16.21
CA ALA G 156 -21.65 34.44 -16.85
C ALA G 156 -22.00 33.38 -17.89
N LEU G 157 -21.02 32.95 -18.67
CA LEU G 157 -21.25 31.91 -19.67
C LEU G 157 -21.58 30.58 -18.99
N ALA G 158 -20.92 30.29 -17.87
CA ALA G 158 -21.24 29.08 -17.13
C ALA G 158 -22.68 29.12 -16.64
N LEU G 159 -23.13 30.27 -16.14
CA LEU G 159 -24.52 30.43 -15.74
C LEU G 159 -25.45 30.53 -16.93
N GLN G 160 -24.93 30.67 -18.14
CA GLN G 160 -25.72 30.66 -19.36
C GLN G 160 -25.67 29.27 -20.00
N GLN G 161 -26.48 29.09 -21.05
CA GLN G 161 -26.65 27.86 -21.81
C GLN G 161 -27.14 26.70 -20.95
N GLU G 162 -27.43 26.96 -19.67
CA GLU G 162 -28.02 25.97 -18.78
C GLU G 162 -29.43 26.34 -18.38
N GLU G 163 -30.03 27.35 -19.01
CA GLU G 163 -31.37 27.79 -18.68
C GLU G 163 -32.40 26.98 -19.46
N GLY G 164 -33.53 26.74 -18.82
CA GLY G 164 -34.52 25.81 -19.34
C GLY G 164 -34.24 24.36 -18.99
N LYS G 165 -33.12 24.08 -18.32
CA LYS G 165 -32.74 22.75 -17.91
C LYS G 165 -32.32 22.78 -16.45
N THR G 166 -32.13 21.61 -15.86
CA THR G 166 -31.73 21.47 -14.47
C THR G 166 -30.33 20.87 -14.41
N VAL G 167 -29.44 21.54 -13.71
CA VAL G 167 -28.07 21.07 -13.52
C VAL G 167 -28.02 20.21 -12.27
N MET G 168 -27.26 19.12 -12.33
CA MET G 168 -27.12 18.20 -11.20
C MET G 168 -25.65 18.02 -10.89
N TYR G 169 -25.23 18.50 -9.73
CA TYR G 169 -23.85 18.37 -9.29
C TYR G 169 -23.66 17.08 -8.50
N THR G 170 -22.40 16.75 -8.23
CA THR G 170 -22.07 15.58 -7.45
C THR G 170 -20.74 15.81 -6.76
N ALA G 171 -20.48 15.01 -5.73
CA ALA G 171 -19.28 15.16 -4.92
C ALA G 171 -18.13 14.43 -5.60
N VAL G 172 -17.13 15.20 -6.04
CA VAL G 172 -15.90 14.63 -6.61
C VAL G 172 -14.78 15.07 -5.69
N GLY G 173 -14.42 14.20 -4.75
CA GLY G 173 -13.41 14.54 -3.76
C GLY G 173 -13.97 15.44 -2.69
N SER G 174 -13.61 16.73 -2.72
CA SER G 174 -14.13 17.71 -1.79
C SER G 174 -14.73 18.92 -2.50
N GLU G 175 -15.16 18.74 -3.76
CA GLU G 175 -15.75 19.81 -4.54
C GLU G 175 -16.99 19.29 -5.25
N TRP G 176 -17.90 20.21 -5.57
CA TRP G 176 -19.11 19.88 -6.31
C TRP G 176 -18.85 20.09 -7.79
N ARG G 177 -18.89 19.00 -8.55
CA ARG G 177 -18.67 19.04 -9.99
C ARG G 177 -19.92 18.57 -10.71
N THR G 178 -20.22 19.19 -11.85
CA THR G 178 -21.43 18.85 -12.58
C THR G 178 -21.39 17.40 -13.03
N PHE G 179 -22.55 16.75 -12.99
CA PHE G 179 -22.68 15.34 -13.32
C PHE G 179 -23.47 15.22 -14.62
N GLY G 180 -22.80 14.76 -15.67
CA GLY G 180 -23.45 14.61 -16.95
C GLY G 180 -23.83 15.95 -17.56
N TYR G 181 -24.92 15.95 -18.29
CA TYR G 181 -25.44 17.12 -18.98
C TYR G 181 -26.65 17.68 -18.26
N PRO G 182 -26.97 18.95 -18.45
CA PRO G 182 -28.18 19.52 -17.83
C PRO G 182 -29.44 18.79 -18.21
N ARG G 183 -30.08 18.14 -17.24
CA ARG G 183 -31.30 17.40 -17.49
C ARG G 183 -32.45 18.34 -17.82
N ARG G 184 -33.37 17.87 -18.65
CA ARG G 184 -34.53 18.66 -19.00
C ARG G 184 -35.46 18.81 -17.80
N ARG G 185 -36.07 19.98 -17.67
CA ARG G 185 -36.91 20.26 -16.52
C ARG G 185 -38.18 19.41 -16.55
N ARG G 186 -38.57 18.92 -15.39
CA ARG G 186 -39.84 18.24 -15.24
C ARG G 186 -40.91 19.26 -14.85
N PRO G 187 -41.99 19.40 -15.61
CA PRO G 187 -43.02 20.39 -15.26
C PRO G 187 -43.59 20.12 -13.88
N LEU G 188 -43.86 21.20 -13.15
CA LEU G 188 -44.35 21.05 -11.78
C LEU G 188 -45.72 20.42 -11.75
N ASP G 189 -46.60 20.79 -12.69
CA ASP G 189 -47.94 20.21 -12.72
C ASP G 189 -47.93 18.75 -13.16
N SER G 190 -46.81 18.24 -13.67
CA SER G 190 -46.71 16.84 -14.03
C SER G 190 -46.62 15.93 -12.80
N VAL G 191 -46.39 16.49 -11.63
CA VAL G 191 -46.36 15.73 -10.38
C VAL G 191 -47.61 16.08 -9.60
N VAL G 192 -48.46 15.09 -9.39
CA VAL G 192 -49.74 15.28 -8.70
C VAL G 192 -49.58 14.77 -7.28
N LEU G 193 -49.56 15.69 -6.33
CA LEU G 193 -49.48 15.36 -4.91
C LEU G 193 -50.86 15.54 -4.27
N GLN G 194 -50.89 15.36 -2.96
CA GLN G 194 -52.13 15.60 -2.22
C GLN G 194 -52.52 17.07 -2.34
N GLN G 195 -53.83 17.34 -2.24
CA GLN G 195 -54.36 18.67 -2.48
C GLN G 195 -53.72 19.72 -1.60
N GLY G 196 -53.01 20.67 -2.21
CA GLY G 196 -52.40 21.77 -1.51
C GLY G 196 -51.00 21.52 -1.00
N LEU G 197 -50.50 20.29 -1.09
CA LEU G 197 -49.17 19.99 -0.58
C LEU G 197 -48.09 20.70 -1.38
N ALA G 198 -48.15 20.60 -2.70
CA ALA G 198 -47.13 21.24 -3.54
C ALA G 198 -47.15 22.75 -3.36
N ASP G 199 -48.33 23.35 -3.33
CA ASP G 199 -48.42 24.79 -3.12
C ASP G 199 -47.86 25.18 -1.76
N ARG G 200 -48.15 24.40 -0.72
CA ARG G 200 -47.64 24.71 0.60
C ARG G 200 -46.11 24.67 0.63
N ILE G 201 -45.52 23.62 0.06
CA ILE G 201 -44.07 23.50 0.08
C ILE G 201 -43.42 24.61 -0.74
N VAL G 202 -43.99 24.92 -1.92
CA VAL G 202 -43.43 25.97 -2.75
C VAL G 202 -43.51 27.31 -2.05
N LYS G 203 -44.65 27.61 -1.42
CA LYS G 203 -44.78 28.87 -0.71
C LYS G 203 -43.80 28.96 0.44
N ASP G 204 -43.63 27.85 1.18
CA ASP G 204 -42.69 27.87 2.30
C ASP G 204 -41.27 28.12 1.83
N ILE G 205 -40.83 27.42 0.79
CA ILE G 205 -39.46 27.55 0.35
C ILE G 205 -39.22 28.94 -0.27
N ARG G 206 -40.22 29.48 -0.97
CA ARG G 206 -40.05 30.81 -1.54
C ARG G 206 -40.08 31.88 -0.46
N GLU G 207 -40.87 31.69 0.60
CA GLU G 207 -40.83 32.60 1.73
C GLU G 207 -39.47 32.57 2.40
N PHE G 208 -38.88 31.37 2.54
CA PHE G 208 -37.54 31.28 3.10
C PHE G 208 -36.53 32.00 2.23
N ILE G 209 -36.62 31.83 0.91
CA ILE G 209 -35.66 32.46 0.01
C ILE G 209 -35.81 33.97 0.04
N ASP G 210 -37.04 34.47 0.07
CA ASP G 210 -37.28 35.90 -0.12
C ASP G 210 -36.99 36.73 1.13
N ASN G 211 -36.83 36.10 2.30
CA ASN G 211 -36.71 36.83 3.56
C ASN G 211 -35.43 36.41 4.29
N PRO G 212 -34.28 36.96 3.90
CA PRO G 212 -33.06 36.74 4.69
C PRO G 212 -32.92 37.76 5.81
N LYS G 213 -33.55 38.93 5.62
CA LYS G 213 -33.48 39.97 6.65
C LYS G 213 -34.19 39.54 7.93
N TRP G 214 -35.32 38.84 7.80
CA TRP G 214 -36.02 38.36 8.97
C TRP G 214 -35.16 37.39 9.77
N TYR G 215 -34.28 36.66 9.09
CA TYR G 215 -33.36 35.76 9.79
C TYR G 215 -32.20 36.53 10.42
N ILE G 216 -31.63 37.49 9.67
CA ILE G 216 -30.46 38.20 10.16
C ILE G 216 -30.82 39.06 11.37
N ASP G 217 -31.98 39.74 11.33
CA ASP G 217 -32.36 40.64 12.40
C ASP G 217 -32.65 39.91 13.72
N ARG G 218 -32.78 38.59 13.70
CA ARG G 218 -33.07 37.83 14.90
C ARG G 218 -31.98 36.84 15.25
N GLY G 219 -30.90 36.77 14.47
CA GLY G 219 -29.80 35.89 14.78
C GLY G 219 -30.00 34.45 14.37
N ILE G 220 -31.17 34.11 13.84
CA ILE G 220 -31.42 32.72 13.43
C ILE G 220 -30.51 32.38 12.26
N PRO G 221 -29.88 31.21 12.25
CA PRO G 221 -29.10 30.81 11.07
C PRO G 221 -29.98 30.75 9.83
N TYR G 222 -29.44 31.21 8.72
CA TYR G 222 -30.20 31.27 7.46
C TYR G 222 -30.08 29.94 6.73
N ARG G 223 -30.75 28.93 7.31
CA ARG G 223 -30.79 27.60 6.73
C ARG G 223 -32.20 27.05 6.85
N ARG G 224 -32.51 26.09 5.99
CA ARG G 224 -33.77 25.38 6.08
C ARG G 224 -33.58 23.95 5.58
N GLY G 225 -34.40 23.05 6.10
CA GLY G 225 -34.36 21.67 5.69
C GLY G 225 -35.75 21.10 5.57
N TYR G 226 -35.91 20.17 4.64
CA TYR G 226 -37.20 19.55 4.38
C TYR G 226 -37.04 18.04 4.38
N LEU G 227 -38.12 17.36 4.77
CA LEU G 227 -38.15 15.90 4.80
C LEU G 227 -39.43 15.42 4.17
N LEU G 228 -39.32 14.59 3.13
CA LEU G 228 -40.45 13.96 2.49
C LEU G 228 -40.39 12.47 2.78
N TYR G 229 -41.45 11.95 3.40
CA TYR G 229 -41.49 10.54 3.78
C TYR G 229 -42.80 9.93 3.35
N GLY G 230 -42.75 8.64 3.03
CA GLY G 230 -43.92 7.91 2.60
C GLY G 230 -43.56 6.61 1.92
N PRO G 231 -44.58 5.82 1.56
CA PRO G 231 -44.31 4.55 0.88
C PRO G 231 -43.68 4.80 -0.47
N PRO G 232 -42.88 3.85 -0.97
CA PRO G 232 -42.13 4.10 -2.22
C PRO G 232 -43.05 4.29 -3.41
N GLY G 233 -42.59 5.10 -4.35
CA GLY G 233 -43.31 5.32 -5.59
C GLY G 233 -44.41 6.33 -5.54
N CYS G 234 -44.51 7.14 -4.48
CA CYS G 234 -45.59 8.10 -4.35
C CYS G 234 -45.24 9.50 -4.82
N GLY G 235 -43.98 9.76 -5.18
CA GLY G 235 -43.66 11.02 -5.82
C GLY G 235 -42.74 11.95 -5.06
N LYS G 236 -41.80 11.39 -4.30
CA LYS G 236 -40.86 12.25 -3.57
C LYS G 236 -39.77 12.78 -4.49
N SER G 237 -39.03 11.88 -5.15
CA SER G 237 -37.95 12.31 -6.04
C SER G 237 -38.47 13.12 -7.22
N SER G 238 -39.61 12.71 -7.80
CA SER G 238 -40.19 13.46 -8.90
C SER G 238 -40.58 14.86 -8.44
N PHE G 239 -41.16 14.99 -7.25
CA PHE G 239 -41.51 16.31 -6.76
C PHE G 239 -40.28 17.16 -6.50
N ILE G 240 -39.20 16.54 -6.01
CA ILE G 240 -37.97 17.31 -5.80
C ILE G 240 -37.43 17.82 -7.12
N THR G 241 -37.44 16.98 -8.15
CA THR G 241 -36.99 17.43 -9.46
C THR G 241 -37.86 18.55 -10.00
N ALA G 242 -39.18 18.42 -9.86
CA ALA G 242 -40.09 19.47 -10.32
C ALA G 242 -39.87 20.76 -9.56
N LEU G 243 -39.64 20.67 -8.25
CA LEU G 243 -39.40 21.85 -7.45
C LEU G 243 -38.09 22.54 -7.83
N ALA G 244 -37.04 21.75 -8.09
CA ALA G 244 -35.79 22.33 -8.55
C ALA G 244 -35.96 23.03 -9.88
N GLY G 245 -36.77 22.44 -10.77
CA GLY G 245 -37.07 23.12 -12.02
C GLY G 245 -37.84 24.41 -11.82
N GLU G 246 -38.83 24.39 -10.94
CA GLU G 246 -39.66 25.57 -10.71
C GLU G 246 -38.86 26.70 -10.09
N LEU G 247 -38.01 26.40 -9.12
CA LEU G 247 -37.23 27.42 -8.44
C LEU G 247 -35.98 27.83 -9.21
N GLU G 248 -35.73 27.21 -10.36
CA GLU G 248 -34.53 27.47 -11.16
C GLU G 248 -33.26 27.20 -10.37
N HIS G 249 -33.32 26.25 -9.45
CA HIS G 249 -32.17 25.85 -8.68
C HIS G 249 -31.51 24.63 -9.33
N SER G 250 -30.38 24.23 -8.78
CA SER G 250 -29.71 22.99 -9.16
C SER G 250 -29.77 22.01 -7.99
N ILE G 251 -29.41 20.77 -8.26
CA ILE G 251 -29.48 19.70 -7.26
C ILE G 251 -28.08 19.16 -7.03
N CYS G 252 -27.66 19.13 -5.78
CA CYS G 252 -26.38 18.57 -5.38
C CYS G 252 -26.66 17.23 -4.71
N LEU G 253 -26.44 16.14 -5.43
CA LEU G 253 -26.71 14.81 -4.91
C LEU G 253 -25.59 14.39 -3.97
N LEU G 254 -25.95 14.10 -2.72
CA LEU G 254 -24.99 13.67 -1.72
C LEU G 254 -25.34 12.26 -1.27
N SER G 255 -24.35 11.37 -1.30
CA SER G 255 -24.52 9.99 -0.87
C SER G 255 -23.84 9.83 0.47
N LEU G 256 -24.64 9.77 1.54
CA LEU G 256 -24.08 9.63 2.87
C LEU G 256 -23.30 8.32 3.02
N THR G 257 -23.85 7.24 2.49
CA THR G 257 -23.22 5.93 2.63
C THR G 257 -22.17 5.69 1.56
N ASP G 258 -21.23 6.62 1.44
CA ASP G 258 -20.11 6.51 0.53
C ASP G 258 -18.90 5.97 1.28
N SER G 259 -17.79 5.79 0.56
CA SER G 259 -16.57 5.29 1.17
C SER G 259 -15.56 6.39 1.46
N SER G 260 -15.54 7.46 0.65
CA SER G 260 -14.59 8.55 0.83
C SER G 260 -15.14 9.68 1.70
N LEU G 261 -16.35 9.53 2.23
CA LEU G 261 -17.00 10.61 2.96
C LEU G 261 -16.62 10.54 4.43
N SER G 262 -16.06 11.64 4.95
CA SER G 262 -15.73 11.79 6.35
C SER G 262 -16.46 13.01 6.91
N ASP G 263 -16.40 13.18 8.23
CA ASP G 263 -17.08 14.29 8.87
C ASP G 263 -16.54 15.63 8.39
N ASP G 264 -15.22 15.77 8.34
CA ASP G 264 -14.62 17.00 7.85
C ASP G 264 -14.95 17.21 6.38
N ARG G 265 -14.89 16.14 5.58
CA ARG G 265 -15.24 16.26 4.17
C ARG G 265 -16.71 16.61 4.00
N LEU G 266 -17.58 16.06 4.85
CA LEU G 266 -18.99 16.41 4.78
C LEU G 266 -19.22 17.88 5.11
N ASN G 267 -18.54 18.37 6.15
CA ASN G 267 -18.66 19.79 6.48
C ASN G 267 -18.17 20.67 5.33
N HIS G 268 -17.03 20.30 4.74
CA HIS G 268 -16.51 21.08 3.63
C HIS G 268 -17.47 21.06 2.45
N LEU G 269 -18.02 19.89 2.12
CA LEU G 269 -18.93 19.78 0.98
C LEU G 269 -20.19 20.59 1.21
N LEU G 270 -20.73 20.55 2.43
CA LEU G 270 -21.90 21.36 2.72
C LEU G 270 -21.57 22.84 2.80
N SER G 271 -20.30 23.19 2.97
CA SER G 271 -19.91 24.59 3.05
C SER G 271 -19.58 25.20 1.69
N VAL G 272 -19.37 24.39 0.65
CA VAL G 272 -19.01 24.90 -0.66
C VAL G 272 -20.04 24.51 -1.72
N ALA G 273 -21.27 24.25 -1.31
CA ALA G 273 -22.31 23.92 -2.27
C ALA G 273 -22.57 25.13 -3.18
N PRO G 274 -22.83 24.91 -4.46
CA PRO G 274 -23.09 26.04 -5.37
C PRO G 274 -24.28 26.86 -4.90
N GLN G 275 -24.20 28.16 -5.09
CA GLN G 275 -25.30 29.03 -4.69
C GLN G 275 -26.53 28.73 -5.54
N GLN G 276 -27.70 28.90 -4.92
CA GLN G 276 -28.99 28.58 -5.53
C GLN G 276 -29.03 27.10 -5.95
N SER G 277 -28.84 26.24 -4.95
CA SER G 277 -28.85 24.80 -5.15
C SER G 277 -29.50 24.13 -3.96
N LEU G 278 -30.04 22.94 -4.21
CA LEU G 278 -30.67 22.12 -3.17
C LEU G 278 -29.80 20.90 -2.92
N VAL G 279 -29.34 20.75 -1.69
CA VAL G 279 -28.62 19.55 -1.29
C VAL G 279 -29.63 18.45 -1.01
N LEU G 280 -29.42 17.28 -1.61
CA LEU G 280 -30.39 16.20 -1.56
C LEU G 280 -29.74 14.98 -0.92
N LEU G 281 -30.20 14.63 0.28
CA LEU G 281 -29.76 13.43 0.99
C LEU G 281 -30.89 12.41 0.92
N GLU G 282 -30.83 11.54 -0.10
CA GLU G 282 -31.91 10.61 -0.35
C GLU G 282 -31.68 9.32 0.42
N ASP G 283 -32.76 8.79 1.02
CA ASP G 283 -32.73 7.56 1.81
C ASP G 283 -31.76 7.69 2.98
N VAL G 284 -32.10 8.60 3.90
CA VAL G 284 -31.24 8.84 5.06
C VAL G 284 -31.24 7.66 6.01
N ASP G 285 -32.37 6.94 6.10
CA ASP G 285 -32.48 5.84 7.05
C ASP G 285 -31.48 4.73 6.79
N ALA G 286 -30.94 4.63 5.58
CA ALA G 286 -29.96 3.60 5.27
C ALA G 286 -28.56 3.95 5.72
N ALA G 287 -28.31 5.21 6.10
CA ALA G 287 -26.97 5.60 6.51
C ALA G 287 -26.61 5.00 7.87
N PHE G 288 -27.54 5.01 8.81
CA PHE G 288 -27.27 4.59 10.17
C PHE G 288 -28.30 3.58 10.64
N LEU G 289 -27.88 2.74 11.59
CA LEU G 289 -28.76 1.77 12.21
C LEU G 289 -29.86 2.49 12.99
N SER G 290 -30.97 1.79 13.23
CA SER G 290 -32.20 2.47 13.61
C SER G 290 -33.03 1.60 14.54
N ARG G 291 -34.13 2.17 15.01
CA ARG G 291 -35.14 1.50 15.83
C ARG G 291 -34.55 0.85 17.07
N ASP G 292 -34.31 -0.46 17.02
CA ASP G 292 -33.74 -1.14 18.17
C ASP G 292 -32.34 -0.64 18.48
N LEU G 293 -31.58 -0.27 17.44
CA LEU G 293 -30.28 0.35 17.69
C LEU G 293 -30.43 1.79 18.17
N ALA G 294 -31.45 2.50 17.69
CA ALA G 294 -31.70 3.84 18.21
C ALA G 294 -32.01 3.81 19.70
N VAL G 295 -32.76 2.79 20.13
CA VAL G 295 -32.95 2.55 21.56
C VAL G 295 -31.64 2.16 22.22
N GLU G 296 -30.82 1.35 21.53
CA GLU G 296 -29.51 0.99 22.02
C GLU G 296 -28.62 2.23 22.13
N ASN G 297 -27.57 2.12 22.93
CA ASN G 297 -26.70 3.25 23.25
C ASN G 297 -26.07 3.88 22.02
N PRO G 298 -25.42 3.12 21.11
CA PRO G 298 -24.81 3.76 19.94
C PRO G 298 -25.71 3.76 18.71
N ILE G 299 -25.67 4.86 17.95
CA ILE G 299 -26.29 4.89 16.63
C ILE G 299 -25.23 4.49 15.62
N LYS G 300 -25.11 3.19 15.38
CA LYS G 300 -24.00 2.66 14.58
C LYS G 300 -24.13 3.10 13.13
N TYR G 301 -22.99 3.36 12.51
CA TYR G 301 -22.92 3.74 11.09
C TYR G 301 -22.86 2.46 10.27
N GLN G 302 -23.99 2.09 9.68
CA GLN G 302 -24.04 0.91 8.82
C GLN G 302 -23.62 1.27 7.40
N GLY G 303 -22.47 1.91 7.26
CA GLY G 303 -22.03 2.38 5.96
C GLY G 303 -20.66 1.88 5.55
N LEU G 304 -20.02 2.60 4.64
CA LEU G 304 -18.76 2.19 4.04
C LEU G 304 -17.61 3.13 4.37
N GLY G 305 -17.87 4.42 4.52
CA GLY G 305 -16.85 5.40 4.78
C GLY G 305 -16.60 5.62 6.25
N ARG G 306 -16.13 6.82 6.57
CA ARG G 306 -15.77 7.20 7.93
C ARG G 306 -16.67 8.30 8.46
N LEU G 307 -17.96 8.18 8.17
CA LEU G 307 -18.95 9.14 8.65
C LEU G 307 -19.59 8.65 9.93
N THR G 308 -19.94 9.57 10.81
CA THR G 308 -20.56 9.25 12.08
C THR G 308 -21.85 10.03 12.24
N PHE G 309 -22.72 9.53 13.13
CA PHE G 309 -23.99 10.20 13.37
C PHE G 309 -23.77 11.62 13.89
N SER G 310 -22.83 11.79 14.82
CA SER G 310 -22.55 13.13 15.34
C SER G 310 -22.02 14.04 14.25
N GLY G 311 -21.20 13.50 13.34
CA GLY G 311 -20.69 14.31 12.24
C GLY G 311 -21.81 14.83 11.36
N LEU G 312 -22.74 13.95 10.98
CA LEU G 312 -23.87 14.39 10.17
C LEU G 312 -24.74 15.38 10.92
N LEU G 313 -24.99 15.13 12.20
CA LEU G 313 -25.81 16.05 12.99
C LEU G 313 -25.18 17.43 13.05
N ASN G 314 -23.86 17.49 13.26
CA ASN G 314 -23.20 18.79 13.36
C ASN G 314 -23.07 19.46 12.00
N ALA G 315 -22.99 18.68 10.92
CA ALA G 315 -22.93 19.27 9.60
C ALA G 315 -24.27 19.88 9.20
N LEU G 316 -25.37 19.17 9.49
CA LEU G 316 -26.69 19.67 9.12
C LEU G 316 -27.02 20.94 9.89
N ASP G 317 -26.79 20.94 11.20
CA ASP G 317 -27.04 22.12 12.03
C ASP G 317 -26.06 22.07 13.21
N GLY G 318 -24.96 22.79 13.08
CA GLY G 318 -23.99 22.84 14.15
C GLY G 318 -23.43 24.23 14.34
N VAL G 319 -22.16 24.32 14.72
CA VAL G 319 -21.53 25.62 14.92
C VAL G 319 -20.93 26.15 13.63
N ALA G 320 -20.33 25.29 12.82
CA ALA G 320 -19.67 25.69 11.59
C ALA G 320 -20.57 25.57 10.37
N SER G 321 -21.83 25.19 10.54
CA SER G 321 -22.72 25.03 9.40
C SER G 321 -22.89 26.35 8.67
N THR G 322 -22.86 26.28 7.34
CA THR G 322 -22.89 27.47 6.51
C THR G 322 -24.32 27.93 6.25
N GLU G 323 -24.52 29.24 6.19
CA GLU G 323 -25.83 29.82 5.97
C GLU G 323 -26.20 29.76 4.49
N ALA G 324 -27.43 30.17 4.19
CA ALA G 324 -27.98 30.17 2.83
C ALA G 324 -27.88 28.78 2.20
N ARG G 325 -28.59 27.84 2.81
CA ARG G 325 -28.50 26.43 2.42
C ARG G 325 -29.85 25.77 2.60
N ILE G 326 -30.28 25.04 1.58
CA ILE G 326 -31.52 24.27 1.63
C ILE G 326 -31.16 22.79 1.46
N VAL G 327 -31.61 21.97 2.40
CA VAL G 327 -31.32 20.54 2.40
C VAL G 327 -32.62 19.78 2.31
N PHE G 328 -32.73 18.92 1.31
CA PHE G 328 -33.87 18.04 1.14
C PHE G 328 -33.44 16.61 1.44
N MET G 329 -34.18 15.92 2.30
CA MET G 329 -33.95 14.50 2.51
C MET G 329 -35.26 13.74 2.40
N THR G 330 -35.17 12.51 1.91
CA THR G 330 -36.32 11.63 1.75
C THR G 330 -36.04 10.30 2.44
N THR G 331 -37.12 9.63 2.82
CA THR G 331 -37.03 8.29 3.38
C THR G 331 -38.37 7.59 3.22
N ASN G 332 -38.34 6.27 3.29
CA ASN G 332 -39.56 5.48 3.25
C ASN G 332 -40.00 5.01 4.62
N TYR G 333 -39.10 4.98 5.59
CA TYR G 333 -39.40 4.53 6.95
C TYR G 333 -39.01 5.66 7.90
N ILE G 334 -39.95 6.58 8.16
CA ILE G 334 -39.66 7.68 9.05
C ILE G 334 -39.42 7.20 10.48
N ASP G 335 -39.98 6.05 10.85
CA ASP G 335 -39.77 5.52 12.20
C ASP G 335 -38.32 5.13 12.44
N ARG G 336 -37.53 4.96 11.39
CA ARG G 336 -36.13 4.60 11.52
C ARG G 336 -35.23 5.81 11.68
N LEU G 337 -35.78 7.02 11.70
CA LEU G 337 -34.97 8.22 11.83
C LEU G 337 -34.91 8.64 13.30
N ASP G 338 -33.70 8.86 13.79
CA ASP G 338 -33.53 9.31 15.16
C ASP G 338 -34.17 10.68 15.34
N PRO G 339 -34.88 10.93 16.43
CA PRO G 339 -35.54 12.23 16.62
C PRO G 339 -34.57 13.39 16.65
N ALA G 340 -33.30 13.16 16.96
CA ALA G 340 -32.32 14.23 16.92
C ALA G 340 -32.00 14.64 15.49
N LEU G 341 -32.08 13.69 14.55
CA LEU G 341 -31.78 14.01 13.16
C LEU G 341 -32.86 14.89 12.55
N ILE G 342 -34.12 14.65 12.91
CA ILE G 342 -35.22 15.45 12.38
C ILE G 342 -35.84 16.26 13.52
N ARG G 343 -35.34 17.47 13.72
CA ARG G 343 -35.81 18.34 14.77
C ARG G 343 -35.98 19.74 14.21
N PRO G 344 -36.79 20.57 14.86
CA PRO G 344 -37.09 21.90 14.30
C PRO G 344 -35.90 22.84 14.32
N GLY G 345 -35.06 22.74 13.30
CA GLY G 345 -33.82 23.50 13.23
C GLY G 345 -32.79 22.71 12.46
N ARG G 346 -33.02 21.41 12.35
CA ARG G 346 -32.39 20.56 11.36
C ARG G 346 -33.34 20.19 10.23
N VAL G 347 -34.63 20.09 10.54
CA VAL G 347 -35.68 19.84 9.56
C VAL G 347 -36.84 20.76 9.92
N ASP G 348 -37.05 21.79 9.12
CA ASP G 348 -38.08 22.79 9.40
C ASP G 348 -39.44 22.43 8.81
N LEU G 349 -39.55 21.35 8.05
CA LEU G 349 -40.84 20.95 7.49
C LEU G 349 -40.80 19.47 7.17
N LYS G 350 -41.72 18.71 7.76
CA LYS G 350 -41.90 17.30 7.46
C LYS G 350 -43.26 17.10 6.81
N GLU G 351 -43.27 16.48 5.64
CA GLU G 351 -44.50 16.28 4.89
C GLU G 351 -44.62 14.82 4.47
N TYR G 352 -45.85 14.33 4.46
CA TYR G 352 -46.14 12.93 4.13
C TYR G 352 -46.63 12.84 2.69
N VAL G 353 -45.93 12.06 1.88
CA VAL G 353 -46.31 11.80 0.51
C VAL G 353 -46.83 10.37 0.46
N GLY G 354 -48.16 10.21 0.52
CA GLY G 354 -48.77 8.92 0.66
C GLY G 354 -49.39 8.41 -0.63
N TYR G 355 -50.30 7.44 -0.48
CA TYR G 355 -50.93 6.80 -1.61
C TYR G 355 -51.93 7.75 -2.27
N CYS G 356 -52.53 7.29 -3.36
CA CYS G 356 -53.44 8.12 -4.12
C CYS G 356 -54.74 8.35 -3.36
N SER G 357 -55.40 9.46 -3.70
CA SER G 357 -56.72 9.79 -3.19
C SER G 357 -57.64 10.02 -4.38
N HIS G 358 -58.92 10.27 -4.10
CA HIS G 358 -59.89 10.49 -5.17
C HIS G 358 -59.49 11.67 -6.04
N TRP G 359 -59.18 12.81 -5.42
CA TRP G 359 -58.77 13.97 -6.17
C TRP G 359 -57.47 13.72 -6.93
N GLN G 360 -56.52 13.02 -6.29
CA GLN G 360 -55.26 12.73 -6.93
C GLN G 360 -55.45 11.86 -8.16
N LEU G 361 -56.29 10.83 -8.05
CA LEU G 361 -56.57 9.97 -9.20
C LEU G 361 -57.27 10.75 -10.30
N THR G 362 -58.21 11.62 -9.93
CA THR G 362 -58.90 12.43 -10.94
C THR G 362 -57.93 13.30 -11.70
N GLN G 363 -57.04 13.99 -10.98
CA GLN G 363 -56.07 14.85 -11.64
C GLN G 363 -55.10 14.05 -12.49
N MET G 364 -54.67 12.88 -12.02
CA MET G 364 -53.77 12.04 -12.81
C MET G 364 -54.43 11.60 -14.10
N PHE G 365 -55.70 11.19 -14.03
CA PHE G 365 -56.41 10.80 -15.23
C PHE G 365 -56.57 11.97 -16.19
N GLN G 366 -56.90 13.15 -15.67
CA GLN G 366 -57.07 14.31 -16.54
C GLN G 366 -55.76 14.70 -17.20
N ARG G 367 -54.64 14.54 -16.50
CA ARG G 367 -53.35 14.87 -17.09
C ARG G 367 -52.89 13.83 -18.11
N PHE G 368 -53.23 12.56 -17.90
CA PHE G 368 -52.77 11.54 -18.83
C PHE G 368 -53.62 11.47 -20.09
N TYR G 369 -54.91 11.81 -20.00
CA TYR G 369 -55.82 11.80 -21.14
C TYR G 369 -56.47 13.18 -21.25
N PRO G 370 -55.76 14.17 -21.77
CA PRO G 370 -56.31 15.53 -21.85
C PRO G 370 -57.37 15.60 -22.94
N GLY G 371 -58.54 16.11 -22.57
CA GLY G 371 -59.61 16.29 -23.55
C GLY G 371 -60.89 15.59 -23.17
N GLN G 372 -60.79 14.51 -22.40
CA GLN G 372 -61.96 13.75 -22.02
C GLN G 372 -62.83 14.54 -21.06
N ALA G 373 -64.11 14.16 -21.00
CA ALA G 373 -65.04 14.82 -20.11
C ALA G 373 -64.65 14.56 -18.65
N PRO G 374 -64.90 15.53 -17.76
CA PRO G 374 -64.53 15.34 -16.35
C PRO G 374 -65.25 14.20 -15.66
N SER G 375 -66.37 13.73 -16.20
CA SER G 375 -67.08 12.62 -15.59
C SER G 375 -66.30 11.31 -15.71
N LEU G 376 -65.56 11.14 -16.80
CA LEU G 376 -64.75 9.94 -16.96
C LEU G 376 -63.69 9.84 -15.88
N ALA G 377 -63.05 10.96 -15.55
CA ALA G 377 -62.03 10.95 -14.50
C ALA G 377 -62.64 10.56 -13.16
N GLU G 378 -63.81 11.11 -12.82
CA GLU G 378 -64.46 10.75 -11.57
C GLU G 378 -64.84 9.27 -11.55
N ASN G 379 -65.35 8.77 -12.67
CA ASN G 379 -65.71 7.35 -12.75
C ASN G 379 -64.47 6.48 -12.56
N PHE G 380 -63.37 6.83 -13.20
CA PHE G 380 -62.13 6.07 -13.07
C PHE G 380 -61.64 6.08 -11.63
N ALA G 381 -61.64 7.25 -11.00
CA ALA G 381 -61.16 7.34 -9.62
C ALA G 381 -62.03 6.51 -8.69
N GLU G 382 -63.34 6.60 -8.84
CA GLU G 382 -64.25 5.83 -7.98
C GLU G 382 -64.04 4.33 -8.18
N HIS G 383 -63.91 3.89 -9.43
CA HIS G 383 -63.72 2.47 -9.68
C HIS G 383 -62.39 1.98 -9.12
N VAL G 384 -61.32 2.77 -9.27
CA VAL G 384 -60.03 2.37 -8.74
C VAL G 384 -60.08 2.27 -7.22
N LEU G 385 -60.69 3.26 -6.56
CA LEU G 385 -60.78 3.22 -5.11
C LEU G 385 -61.64 2.06 -4.64
N LYS G 386 -62.67 1.69 -5.41
CA LYS G 386 -63.48 0.53 -5.04
C LYS G 386 -62.71 -0.77 -5.22
N ALA G 387 -61.91 -0.87 -6.28
CA ALA G 387 -61.21 -2.11 -6.55
C ALA G 387 -60.07 -2.34 -5.56
N THR G 388 -59.10 -1.42 -5.54
CA THR G 388 -57.97 -1.51 -4.63
C THR G 388 -58.07 -0.43 -3.56
N SER G 389 -57.43 -0.69 -2.43
CA SER G 389 -57.51 0.23 -1.29
C SER G 389 -56.27 1.10 -1.13
N GLU G 390 -55.12 0.64 -1.58
CA GLU G 390 -53.87 1.39 -1.48
C GLU G 390 -53.17 1.34 -2.83
N ILE G 391 -53.36 2.37 -3.63
CA ILE G 391 -52.80 2.44 -4.98
C ILE G 391 -51.80 3.59 -5.03
N SER G 392 -50.60 3.30 -5.44
CA SER G 392 -49.62 4.38 -5.50
C SER G 392 -49.67 5.06 -6.85
N PRO G 393 -49.27 6.34 -6.93
CA PRO G 393 -49.29 7.03 -8.23
C PRO G 393 -48.42 6.38 -9.28
N ALA G 394 -47.34 5.70 -8.87
CA ALA G 394 -46.52 4.97 -9.83
C ALA G 394 -47.30 3.84 -10.50
N GLN G 395 -48.11 3.12 -9.72
CA GLN G 395 -48.92 2.06 -10.31
C GLN G 395 -49.95 2.63 -11.28
N VAL G 396 -50.54 3.77 -10.94
CA VAL G 396 -51.49 4.41 -11.85
C VAL G 396 -50.78 4.83 -13.13
N GLN G 397 -49.57 5.37 -13.01
CA GLN G 397 -48.82 5.76 -14.19
C GLN G 397 -48.53 4.56 -15.07
N GLY G 398 -48.14 3.43 -14.46
CA GLY G 398 -47.91 2.22 -15.25
C GLY G 398 -49.17 1.73 -15.92
N TYR G 399 -50.30 1.76 -15.20
CA TYR G 399 -51.56 1.34 -15.78
C TYR G 399 -51.92 2.19 -16.98
N PHE G 400 -51.73 3.50 -16.88
CA PHE G 400 -51.94 4.36 -18.04
C PHE G 400 -50.93 4.06 -19.15
N MET G 401 -49.70 3.73 -18.79
CA MET G 401 -48.70 3.36 -19.78
C MET G 401 -49.17 2.17 -20.61
N LEU G 402 -49.90 1.25 -19.98
CA LEU G 402 -50.46 0.13 -20.73
C LEU G 402 -51.44 0.61 -21.79
N TYR G 403 -52.39 1.46 -21.42
CA TYR G 403 -53.44 1.92 -22.32
C TYR G 403 -53.12 3.32 -22.81
N LYS G 404 -52.20 3.39 -23.77
CA LYS G 404 -51.84 4.67 -24.37
C LYS G 404 -52.90 5.11 -25.37
N ASN G 405 -53.32 6.36 -25.28
CA ASN G 405 -54.29 6.95 -26.20
C ASN G 405 -55.57 6.13 -26.28
N ASP G 406 -55.98 5.57 -25.13
CA ASP G 406 -57.20 4.77 -25.07
C ASP G 406 -57.87 5.00 -23.73
N PRO G 407 -58.52 6.15 -23.54
CA PRO G 407 -59.19 6.40 -22.26
C PRO G 407 -60.25 5.37 -21.92
N MET G 408 -61.01 4.91 -22.91
CA MET G 408 -62.08 3.97 -22.63
C MET G 408 -61.53 2.65 -22.11
N GLY G 409 -60.40 2.21 -22.66
CA GLY G 409 -59.76 1.00 -22.14
C GLY G 409 -59.35 1.16 -20.68
N ALA G 410 -58.80 2.32 -20.34
CA ALA G 410 -58.41 2.58 -18.95
C ALA G 410 -59.62 2.54 -18.03
N VAL G 411 -60.70 3.22 -18.42
CA VAL G 411 -61.92 3.23 -17.63
C VAL G 411 -62.60 1.86 -17.60
N HIS G 412 -62.29 0.98 -18.56
CA HIS G 412 -62.91 -0.33 -18.58
C HIS G 412 -62.16 -1.35 -17.73
N ASN G 413 -60.84 -1.42 -17.88
CA ASN G 413 -60.06 -2.48 -17.24
C ASN G 413 -59.49 -2.03 -15.90
N ILE G 414 -60.39 -1.61 -15.00
CA ILE G 414 -59.98 -1.32 -13.63
C ILE G 414 -59.61 -2.61 -12.90
N GLU G 415 -60.35 -3.68 -13.15
CA GLU G 415 -60.20 -4.91 -12.36
C GLU G 415 -58.80 -5.49 -12.44
N SER G 416 -58.04 -5.17 -13.49
CA SER G 416 -56.67 -5.66 -13.58
C SER G 416 -55.78 -5.07 -12.49
N LEU G 417 -56.20 -3.99 -11.84
CA LEU G 417 -55.44 -3.36 -10.77
C LEU G 417 -55.68 -4.02 -9.42
N ARG G 418 -56.61 -4.96 -9.34
CA ARG G 418 -56.91 -5.61 -8.06
C ARG G 418 -55.69 -6.38 -7.57
N PRO G 419 -55.30 -6.24 -6.30
CA PRO G 419 -54.15 -6.95 -5.74
C PRO G 419 -54.37 -8.46 -5.69
PG ATP H . -30.32 -19.68 -15.74
O1G ATP H . -29.98 -20.87 -14.91
O2G ATP H . -29.23 -19.31 -16.74
O3G ATP H . -30.67 -18.44 -14.92
PB ATP H . -32.40 -19.29 -17.81
O1B ATP H . -33.86 -19.32 -17.58
O2B ATP H . -31.78 -17.92 -18.04
O3B ATP H . -31.61 -19.95 -16.62
PA ATP H . -31.17 -20.03 -20.37
O1A ATP H . -29.78 -19.61 -20.09
O2A ATP H . -31.97 -19.08 -21.26
O3A ATP H . -31.98 -20.21 -19.03
O5' ATP H . -31.20 -21.47 -21.01
C5' ATP H . -30.07 -22.35 -20.92
C4' ATP H . -30.25 -23.48 -21.90
O4' ATP H . -31.66 -23.81 -22.00
C3' ATP H . -29.78 -23.19 -23.32
O3' ATP H . -29.20 -24.35 -23.92
C2' ATP H . -31.07 -22.77 -24.03
O2' ATP H . -31.01 -23.06 -25.42
C1' ATP H . -32.08 -23.68 -23.34
N9 ATP H . -33.44 -23.16 -23.35
C8 ATP H . -34.14 -22.68 -22.28
N7 ATP H . -35.36 -22.28 -22.58
C5 ATP H . -35.46 -22.51 -23.94
C6 ATP H . -36.49 -22.29 -24.87
N6 ATP H . -37.68 -21.78 -24.54
N1 ATP H . -36.27 -22.64 -26.15
C2 ATP H . -35.09 -23.16 -26.48
N3 ATP H . -34.03 -23.41 -25.69
C4 ATP H . -34.28 -23.06 -24.43
MG MG I . -29.80 -17.59 -17.24
PG ATP J . -9.23 -37.11 -7.20
O1G ATP J . -8.93 -36.77 -5.78
O2G ATP J . -8.07 -36.84 -8.17
O3G ATP J . -10.49 -36.43 -7.75
PB ATP J . -9.97 -39.70 -8.44
O1B ATP J . -11.13 -40.49 -8.00
O2B ATP J . -10.15 -38.92 -9.74
O3B ATP J . -9.51 -38.67 -7.35
PA ATP J . -7.42 -40.61 -9.57
O1A ATP J . -6.57 -39.41 -9.36
O2A ATP J . -7.94 -40.78 -10.99
O3A ATP J . -8.67 -40.59 -8.63
O5' ATP J . -6.67 -41.93 -9.16
C5' ATP J . -5.43 -41.88 -8.41
C4' ATP J . -4.70 -43.18 -8.61
O4' ATP J . -5.65 -44.26 -8.74
C3' ATP J . -3.82 -43.24 -9.86
O3' ATP J . -2.65 -44.00 -9.63
C2' ATP J . -4.74 -43.90 -10.88
O2' ATP J . -3.99 -44.60 -11.87
C1' ATP J . -5.50 -44.89 -10.01
N9 ATP J . -6.83 -45.22 -10.50
C8 ATP J . -8.03 -44.80 -10.00
N7 ATP J . -9.07 -45.26 -10.66
C5 ATP J . -8.51 -46.05 -11.65
C6 ATP J . -9.08 -46.81 -12.68
N6 ATP J . -10.40 -46.92 -12.89
N1 ATP J . -8.24 -47.47 -13.50
C2 ATP J . -6.93 -47.37 -13.30
N3 ATP J . -6.28 -46.68 -12.37
C4 ATP J . -7.13 -46.03 -11.57
MG MG K . -9.19 -35.46 -8.93
PG ATP L . 8.65 -34.53 15.75
O1G ATP L . 8.07 -33.51 16.68
O2G ATP L . 9.97 -34.10 15.10
O3G ATP L . 7.69 -34.97 14.64
PB ATP L . 9.54 -37.31 16.25
O1B ATP L . 8.66 -38.35 16.81
O2B ATP L . 9.80 -37.40 14.75
O3B ATP L . 8.99 -35.86 16.53
PA ATP L . 12.45 -37.00 16.52
O1A ATP L . 12.63 -35.60 16.11
O2A ATP L . 12.80 -38.04 15.47
O3A ATP L . 10.96 -37.28 16.96
O5' ATP L . 13.27 -37.32 17.84
C5' ATP L . 13.82 -36.27 18.64
C4' ATP L . 14.93 -36.84 19.48
O4' ATP L . 14.61 -38.19 19.85
C3' ATP L . 16.30 -36.90 18.80
O3' ATP L . 17.35 -36.66 19.74
C2' ATP L . 16.34 -38.33 18.25
O2' ATP L . 17.66 -38.82 18.14
C1' ATP L . 15.58 -39.08 19.35
N9 ATP L . 14.92 -40.29 18.89
C8 ATP L . 13.57 -40.47 18.72
N7 ATP L . 13.24 -41.67 18.29
C5 ATP L . 14.46 -42.32 18.16
C6 ATP L . 14.80 -43.61 17.74
N6 ATP L . 13.91 -44.53 17.36
N1 ATP L . 16.12 -43.94 17.73
C2 ATP L . 17.01 -43.03 18.12
N3 ATP L . 16.81 -41.78 18.53
C4 ATP L . 15.50 -41.48 18.53
MG MG M . 9.04 -34.10 13.42
PG ATP N . 10.16 -12.91 35.30
O1G ATP N . 8.90 -12.12 35.22
O2G ATP N . 11.41 -12.13 34.85
O3G ATP N . 10.12 -14.23 34.56
PB ATP N . 11.51 -14.16 37.63
O1B ATP N . 10.84 -15.14 38.50
O2B ATP N . 12.50 -14.73 36.63
O3B ATP N . 10.48 -13.31 36.81
PA ATP N . 13.58 -12.19 38.26
O1A ATP N . 13.45 -11.26 37.11
O2A ATP N . 14.75 -13.16 38.17
O3A ATP N . 12.28 -13.04 38.44
O5' ATP N . 13.69 -11.39 39.62
C5' ATP N . 13.35 -9.99 39.70
C4' ATP N . 13.98 -9.41 40.93
O4' ATP N . 13.98 -10.39 41.99
C3' ATP N . 15.42 -8.96 40.77
O3' ATP N . 15.70 -7.81 41.56
C2' ATP N . 16.21 -10.18 41.28
O2' ATP N . 17.48 -9.80 41.80
C1' ATP N . 15.30 -10.68 42.39
N9 ATP N . 15.41 -12.10 42.65
C8 ATP N . 14.49 -13.07 42.32
N7 ATP N . 14.84 -14.28 42.67
C5 ATP N . 16.08 -14.10 43.27
C6 ATP N . 17.00 -15.00 43.85
N6 ATP N . 16.79 -16.31 43.93
N1 ATP N . 18.14 -14.50 44.35
C2 ATP N . 18.35 -13.19 44.28
N3 ATP N . 17.56 -12.24 43.76
C4 ATP N . 16.44 -12.76 43.26
MG MG O . 11.49 -13.35 33.35
PG ATP P . -5.85 11.50 36.71
O1G ATP P . -7.08 11.30 35.88
O2G ATP P . -4.89 12.56 36.18
O3G ATP P . -5.07 10.21 36.96
PB ATP P . -5.56 12.34 39.54
O1B ATP P . -6.20 11.64 40.67
O2B ATP P . -4.07 12.08 39.36
O3B ATP P . -6.23 12.01 38.17
PA ATP P . -4.90 15.19 39.25
O1A ATP P . -4.71 15.30 37.79
O2A ATP P . -3.61 15.12 40.06
O3A ATP P . -5.74 13.91 39.62
O5' ATP P . -5.77 16.38 39.81
C5' ATP P . -6.54 17.21 38.92
C4' ATP P . -6.87 18.51 39.62
O4' ATP P . -7.07 18.24 41.03
C3' ATP P . -5.77 19.57 39.56
O3' ATP P . -6.35 20.87 39.49
C2' ATP P . -5.01 19.36 40.86
O2' ATP P . -4.38 20.56 41.31
C1' ATP P . -6.14 18.96 41.81
N9 ATP P . -5.72 18.12 42.92
C8 ATP P . -5.97 16.78 43.08
N7 ATP P . -5.47 16.27 44.18
C5 ATP P . -4.83 17.35 44.78
C6 ATP P . -4.12 17.48 45.98
N6 ATP P . -3.89 16.46 46.82
N1 ATP P . -3.63 18.69 46.29
C2 ATP P . -3.85 19.71 45.46
N3 ATP P . -4.51 19.71 44.30
C4 ATP P . -4.98 18.49 44.02
MG MG Q . -3.64 11.13 35.88
PG ATP R . -27.27 20.27 18.97
O1G ATP R . -27.74 19.09 18.19
O2G ATP R . -26.61 21.36 18.13
O3G ATP R . -26.34 19.90 20.13
PB ATP R . -28.79 22.23 20.61
O1B ATP R . -29.65 21.87 21.75
O2B ATP R . -27.45 22.84 20.96
O3B ATP R . -28.50 20.99 19.68
PA ATP R . -29.07 24.46 18.72
O1A ATP R . -28.21 24.04 17.61
O2A ATP R . -28.46 25.49 19.66
O3A ATP R . -29.51 23.23 19.61
O5' ATP R . -30.45 25.02 18.20
C5' ATP R . -30.86 24.84 16.83
C4' ATP R . -31.91 25.88 16.50
O4' ATP R . -32.71 26.16 17.68
C3' ATP R . -31.36 27.23 16.04
O3' ATP R . -32.21 27.80 15.05
C2' ATP R . -31.36 28.04 17.32
O2' ATP R . -31.48 29.43 17.07
C1' ATP R . -32.60 27.52 18.02
N9 ATP R . -32.56 27.62 19.47
C8 ATP R . -32.40 26.60 20.37
N7 ATP R . -32.40 26.97 21.62
C5 ATP R . -32.56 28.35 21.55
C6 ATP R . -32.65 29.35 22.54
N6 ATP R . -32.57 29.11 23.84
N1 ATP R . -32.83 30.62 22.12
C2 ATP R . -32.91 30.87 20.81
N3 ATP R . -32.85 30.01 19.80
C4 ATP R . -32.67 28.76 20.23
MG MG S . -24.97 20.89 19.02
PG ATP T . -38.03 6.80 -4.61
O1G ATP T . -37.62 5.37 -4.55
O2G ATP T . -37.41 7.58 -5.78
O3G ATP T . -37.75 7.57 -3.32
PB ATP T . -40.70 8.05 -4.94
O1B ATP T . -41.84 7.79 -4.04
O2B ATP T . -39.99 9.39 -4.77
O3B ATP T . -39.59 6.94 -4.82
PA ATP T . -40.72 8.69 -7.81
O1A ATP T . -39.33 8.43 -8.19
O2A ATP T . -41.07 10.16 -7.61
O3A ATP T . -41.10 7.95 -6.47
O5' ATP T . -41.73 8.08 -8.86
C5' ATP T . -41.29 7.13 -9.85
C4' ATP T . -42.28 7.12 -10.98
O4' ATP T . -43.61 7.37 -10.46
C3' ATP T . -42.05 8.18 -12.05
O3' ATP T . -42.40 7.68 -13.33
C2' ATP T . -42.97 9.32 -11.61
O2' ATP T . -43.40 10.10 -12.72
C1' ATP T . -44.15 8.53 -11.04
N9 ATP T . -44.90 9.24 -10.02
C8 ATP T . -44.90 9.00 -8.67
N7 ATP T . -45.67 9.80 -7.99
C5 ATP T . -46.22 10.63 -8.95
C6 ATP T . -47.13 11.70 -8.87
N6 ATP T . -47.67 12.14 -7.72
N1 ATP T . -47.47 12.33 -10.01
C2 ATP T . -46.94 11.90 -11.16
N3 ATP T . -46.08 10.90 -11.36
C4 ATP T . -45.76 10.30 -10.21
MG MG U . -36.48 8.62 -4.46
#